data_3N80
#
_entry.id   3N80
#
_cell.length_a   141.662
_cell.length_b   152.291
_cell.length_c   177.282
_cell.angle_alpha   90.000
_cell.angle_beta   90.000
_cell.angle_gamma   90.000
#
_symmetry.space_group_name_H-M   'P 21 21 21'
#
loop_
_entity.id
_entity.type
_entity.pdbx_description
1 polymer 'Aldehyde dehydrogenase, mitochondrial'
2 non-polymer GUANIDINE
3 non-polymer 1,2-ETHANEDIOL
4 non-polymer 'SODIUM ION'
5 non-polymer 'MAGNESIUM ION'
6 water water
#
_entity_poly.entity_id   1
_entity_poly.type   'polypeptide(L)'
_entity_poly.pdbx_seq_one_letter_code
;SAAATQAVPAPNQQPEVFCNQIFINNEWHDAVSRKTFPTVNPSTGEVICQVAEGDKEDVDKAVKAARAAFQLGSPWRRMD
ASHRGRLLNRLADLIERDRTYLAALETLDNGKPYVISYLVDLDMVLKCLRYYAGWADKYHGKTIPIDGDFFSYTRHEPVG
VCGQIIPWNFPLLMQAWKLGPALATGNVVVMKVAEQTPLTALYVANLIKEAGFPPGVVNIVPGFGPTAGAAIASHEDVDK
VAFTGSTEIGRVIQVAAGSSNLKRVTLELGGKSPNIIMSDADMDWAVEQAHFALFFNQGQC(CSO)CAGSRTFVQEDIYD
EFVERSVARAKSRVVGNPFDSKTEQGPQVDETQFKKILGYINTGKQEGAKLLCGGGIAADRGYFIQPTVFGDVQDGMTIA
KEEIFGPVMQILKFKTIEEVVGRANNSTYGLAAAVFTKDLDKANYLSQALQAGTVWVNCYDVFGAQSPFGGYKMSGSGRE
LGEYGLQAYTEVKTVTVKVPQKNS
;
_entity_poly.pdbx_strand_id   A,B,C,D,E,F,G,H
#
loop_
_chem_comp.id
_chem_comp.type
_chem_comp.name
_chem_comp.formula
EDO non-polymer 1,2-ETHANEDIOL 'C2 H6 O2'
GAI non-polymer GUANIDINE 'C H5 N3'
MG non-polymer 'MAGNESIUM ION' 'Mg 2'
NA non-polymer 'SODIUM ION' 'Na 1'
#
# COMPACT_ATOMS: atom_id res chain seq x y z
N ALA A 7 -0.18 -19.33 -11.31
CA ALA A 7 -1.07 -20.49 -11.55
C ALA A 7 -2.43 -19.99 -11.99
N VAL A 8 -2.50 -18.75 -12.52
CA VAL A 8 -3.77 -18.28 -13.05
C VAL A 8 -3.63 -17.91 -14.53
N PRO A 9 -4.49 -18.47 -15.39
CA PRO A 9 -4.47 -18.06 -16.81
C PRO A 9 -4.83 -16.59 -16.97
N ALA A 10 -4.16 -15.88 -17.87
CA ALA A 10 -4.47 -14.48 -18.09
C ALA A 10 -5.92 -14.28 -18.51
N PRO A 11 -6.59 -13.27 -17.94
CA PRO A 11 -8.00 -13.08 -18.23
C PRO A 11 -8.21 -12.40 -19.58
N ASN A 12 -9.36 -12.68 -20.20
CA ASN A 12 -9.90 -11.78 -21.21
C ASN A 12 -10.64 -10.68 -20.45
N GLN A 13 -10.15 -9.45 -20.54
CA GLN A 13 -10.69 -8.38 -19.72
C GLN A 13 -11.96 -7.79 -20.30
N GLN A 14 -12.35 -8.23 -21.49
CA GLN A 14 -13.60 -7.78 -22.09
C GLN A 14 -14.29 -9.00 -22.69
N PRO A 15 -14.67 -9.96 -21.82
CA PRO A 15 -15.30 -11.17 -22.33
C PRO A 15 -16.62 -10.90 -23.03
N GLU A 16 -16.91 -11.67 -24.09
CA GLU A 16 -18.14 -11.52 -24.85
C GLU A 16 -19.30 -12.13 -24.06
N VAL A 17 -20.48 -11.53 -24.17
CA VAL A 17 -21.71 -12.04 -23.57
C VAL A 17 -22.50 -12.78 -24.62
N PHE A 18 -22.85 -14.03 -24.34
CA PHE A 18 -23.59 -14.87 -25.26
C PHE A 18 -25.03 -15.11 -24.84
N CYS A 19 -25.33 -14.91 -23.55
CA CYS A 19 -26.63 -15.28 -22.98
C CYS A 19 -27.15 -14.11 -22.14
N ASN A 20 -28.31 -13.59 -22.53
CA ASN A 20 -28.92 -12.43 -21.87
C ASN A 20 -30.43 -12.42 -21.90
N GLN A 21 -31.03 -13.61 -22.03
CA GLN A 21 -32.46 -13.74 -22.09
C GLN A 21 -32.98 -14.65 -20.95
N ILE A 22 -34.27 -14.93 -20.98
CA ILE A 22 -34.92 -15.86 -20.03
C ILE A 22 -34.72 -17.29 -20.56
N PHE A 23 -34.37 -18.21 -19.64
CA PHE A 23 -34.09 -19.60 -20.01
C PHE A 23 -35.23 -20.51 -19.54
N ILE A 24 -36.02 -21.05 -20.47
CA ILE A 24 -37.14 -21.92 -20.11
C ILE A 24 -37.13 -23.06 -21.13
N ASN A 25 -37.27 -24.30 -20.66
CA ASN A 25 -37.26 -25.46 -21.55
C ASN A 25 -36.05 -25.53 -22.48
N ASN A 26 -34.90 -25.20 -21.92
CA ASN A 26 -33.62 -25.22 -22.62
C ASN A 26 -33.61 -24.34 -23.87
N GLU A 27 -34.46 -23.33 -23.86
CA GLU A 27 -34.47 -22.35 -24.97
C GLU A 27 -34.42 -20.96 -24.37
N TRP A 28 -33.99 -20.01 -25.21
CA TRP A 28 -33.84 -18.61 -24.80
C TRP A 28 -35.06 -17.80 -25.28
N HIS A 29 -35.58 -17.00 -24.39
CA HIS A 29 -36.83 -16.25 -24.61
C HIS A 29 -36.63 -14.78 -24.26
N ASP A 30 -37.19 -13.87 -25.07
CA ASP A 30 -37.39 -12.52 -24.55
C ASP A 30 -38.47 -12.51 -23.49
N ALA A 31 -38.50 -11.47 -22.66
CA ALA A 31 -39.61 -11.29 -21.75
C ALA A 31 -40.91 -11.10 -22.55
N VAL A 32 -42.04 -11.50 -21.98
CA VAL A 32 -43.33 -11.35 -22.66
C VAL A 32 -43.49 -9.84 -23.01
N SER A 33 -43.09 -8.96 -22.10
CA SER A 33 -43.21 -7.50 -22.31
C SER A 33 -42.21 -6.95 -23.34
N ARG A 34 -41.24 -7.77 -23.74
CA ARG A 34 -40.05 -7.33 -24.48
C ARG A 34 -39.15 -6.30 -23.81
N LYS A 35 -39.38 -6.02 -22.54
CA LYS A 35 -38.50 -5.10 -21.82
C LYS A 35 -37.15 -5.73 -21.50
N THR A 36 -36.14 -4.89 -21.39
CA THR A 36 -34.81 -5.30 -20.94
C THR A 36 -34.32 -4.31 -19.89
N PHE A 37 -33.30 -4.73 -19.13
CA PHE A 37 -32.64 -3.86 -18.16
C PHE A 37 -31.14 -3.93 -18.32
N PRO A 38 -30.45 -2.83 -17.96
CA PRO A 38 -29.01 -2.86 -18.10
C PRO A 38 -28.36 -3.53 -16.89
N THR A 39 -27.29 -4.26 -17.16
CA THR A 39 -26.36 -4.63 -16.10
C THR A 39 -25.06 -3.89 -16.33
N VAL A 40 -24.52 -3.39 -15.22
CA VAL A 40 -23.40 -2.47 -15.19
C VAL A 40 -22.11 -3.15 -14.68
N ASN A 41 -20.98 -2.75 -15.24
CA ASN A 41 -19.66 -3.09 -14.75
C ASN A 41 -19.31 -2.13 -13.63
N PRO A 42 -19.27 -2.60 -12.38
CA PRO A 42 -19.07 -1.69 -11.23
C PRO A 42 -17.71 -1.05 -11.18
N SER A 43 -16.74 -1.55 -11.93
CA SER A 43 -15.41 -0.95 -11.98
C SER A 43 -15.40 0.35 -12.77
N THR A 44 -16.34 0.48 -13.70
CA THR A 44 -16.42 1.66 -14.59
C THR A 44 -17.69 2.45 -14.53
N GLY A 45 -18.79 1.85 -14.05
CA GLY A 45 -20.08 2.48 -14.06
C GLY A 45 -20.78 2.38 -15.40
N GLU A 46 -20.14 1.72 -16.36
CA GLU A 46 -20.70 1.57 -17.70
C GLU A 46 -21.54 0.29 -17.88
N VAL A 47 -22.54 0.38 -18.75
CA VAL A 47 -23.43 -0.73 -19.07
C VAL A 47 -22.68 -1.79 -19.85
N ILE A 48 -22.80 -3.07 -19.44
CA ILE A 48 -22.19 -4.16 -20.17
C ILE A 48 -23.11 -4.56 -21.33
N CYS A 49 -24.36 -4.80 -21.00
CA CYS A 49 -25.38 -5.18 -21.98
C CYS A 49 -26.75 -5.09 -21.33
N GLN A 50 -27.77 -5.30 -22.15
CA GLN A 50 -29.14 -5.40 -21.68
C GLN A 50 -29.47 -6.88 -21.45
N VAL A 51 -30.41 -7.09 -20.54
CA VAL A 51 -30.84 -8.44 -20.15
C VAL A 51 -32.37 -8.46 -20.12
N ALA A 52 -32.99 -9.55 -20.60
CA ALA A 52 -34.45 -9.65 -20.54
C ALA A 52 -35.03 -9.39 -19.14
N GLU A 53 -36.06 -8.55 -19.05
CA GLU A 53 -36.64 -8.16 -17.75
C GLU A 53 -37.83 -9.04 -17.44
N GLY A 54 -37.58 -10.19 -16.82
CA GLY A 54 -38.66 -11.11 -16.48
C GLY A 54 -39.59 -10.57 -15.42
N ASP A 55 -40.88 -10.88 -15.59
CA ASP A 55 -41.92 -10.51 -14.63
C ASP A 55 -42.83 -11.72 -14.37
N LYS A 56 -43.95 -11.49 -13.70
CA LYS A 56 -44.89 -12.54 -13.37
C LYS A 56 -45.24 -13.47 -14.54
N GLU A 57 -45.50 -12.91 -15.72
CA GLU A 57 -45.89 -13.75 -16.83
C GLU A 57 -44.76 -14.68 -17.26
N ASP A 58 -43.52 -14.23 -17.15
CA ASP A 58 -42.35 -15.08 -17.47
C ASP A 58 -42.13 -16.16 -16.41
N VAL A 59 -42.31 -15.79 -15.15
CA VAL A 59 -42.25 -16.76 -14.04
C VAL A 59 -43.33 -17.85 -14.25
N ASP A 60 -44.53 -17.44 -14.66
CA ASP A 60 -45.61 -18.40 -14.89
C ASP A 60 -45.25 -19.40 -16.00
N LYS A 61 -44.62 -18.93 -17.08
CA LYS A 61 -44.14 -19.82 -18.14
C LYS A 61 -43.12 -20.80 -17.58
N ALA A 62 -42.23 -20.26 -16.75
CA ALA A 62 -41.15 -21.10 -16.18
C ALA A 62 -41.70 -22.17 -15.24
N VAL A 63 -42.64 -21.78 -14.39
CA VAL A 63 -43.25 -22.75 -13.47
C VAL A 63 -44.00 -23.85 -14.22
N LYS A 64 -44.76 -23.49 -15.28
CA LYS A 64 -45.43 -24.52 -16.10
C LYS A 64 -44.43 -25.51 -16.74
N ALA A 65 -43.31 -24.97 -17.21
CA ALA A 65 -42.29 -25.81 -17.82
C ALA A 65 -41.67 -26.75 -16.76
N ALA A 66 -41.46 -26.21 -15.56
CA ALA A 66 -40.88 -27.02 -14.49
C ALA A 66 -41.87 -28.10 -14.06
N ARG A 67 -43.13 -27.72 -13.90
CA ARG A 67 -44.16 -28.68 -13.52
C ARG A 67 -44.30 -29.82 -14.56
N ALA A 68 -44.22 -29.48 -15.84
CA ALA A 68 -44.30 -30.52 -16.86
C ALA A 68 -43.11 -31.47 -16.76
N ALA A 69 -41.92 -30.90 -16.55
CA ALA A 69 -40.70 -31.73 -16.41
C ALA A 69 -40.78 -32.66 -15.21
N PHE A 70 -41.59 -32.30 -14.21
CA PHE A 70 -41.71 -33.05 -12.96
C PHE A 70 -42.83 -34.10 -12.99
N GLN A 71 -43.57 -34.15 -14.09
CA GLN A 71 -44.65 -35.14 -14.17
C GLN A 71 -44.19 -36.57 -14.04
N LEU A 72 -44.94 -37.38 -13.30
CA LEU A 72 -44.64 -38.79 -13.17
C LEU A 72 -44.50 -39.37 -14.56
N GLY A 73 -43.47 -40.20 -14.73
CA GLY A 73 -43.20 -40.80 -16.04
C GLY A 73 -42.36 -39.96 -16.98
N SER A 74 -42.00 -38.73 -16.60
CA SER A 74 -41.17 -37.90 -17.44
C SER A 74 -39.73 -38.39 -17.48
N PRO A 75 -38.93 -37.91 -18.43
CA PRO A 75 -37.53 -38.32 -18.48
C PRO A 75 -36.79 -38.00 -17.18
N TRP A 76 -37.03 -36.84 -16.62
CA TRP A 76 -36.35 -36.48 -15.35
C TRP A 76 -36.82 -37.30 -14.14
N ARG A 77 -38.09 -37.67 -14.10
CA ARG A 77 -38.61 -38.45 -12.99
C ARG A 77 -38.17 -39.90 -13.10
N ARG A 78 -38.05 -40.43 -14.32
CA ARG A 78 -37.65 -41.83 -14.52
C ARG A 78 -36.14 -42.05 -14.47
N MET A 79 -35.36 -40.98 -14.59
CA MET A 79 -33.91 -41.08 -14.69
C MET A 79 -33.36 -41.77 -13.44
N ASP A 80 -32.43 -42.70 -13.63
CA ASP A 80 -31.76 -43.26 -12.45
C ASP A 80 -31.13 -42.16 -11.64
N ALA A 81 -31.23 -42.31 -10.32
CA ALA A 81 -30.57 -41.36 -9.43
C ALA A 81 -29.08 -41.26 -9.75
N SER A 82 -28.42 -42.40 -10.02
CA SER A 82 -26.99 -42.32 -10.38
C SER A 82 -26.76 -41.46 -11.62
N HIS A 83 -27.72 -41.44 -12.53
CA HIS A 83 -27.57 -40.67 -13.75
C HIS A 83 -27.73 -39.17 -13.49
N ARG A 84 -28.60 -38.79 -12.55
CA ARG A 84 -28.57 -37.41 -12.11
C ARG A 84 -27.18 -37.00 -11.64
N GLY A 85 -26.50 -37.91 -10.93
CA GLY A 85 -25.14 -37.66 -10.52
C GLY A 85 -24.21 -37.48 -11.71
N ARG A 86 -24.35 -38.35 -12.73
CA ARG A 86 -23.53 -38.21 -13.93
C ARG A 86 -23.75 -36.85 -14.60
N LEU A 87 -24.99 -36.38 -14.63
CA LEU A 87 -25.28 -35.09 -15.24
C LEU A 87 -24.68 -33.94 -14.46
N LEU A 88 -24.75 -33.99 -13.12
CA LEU A 88 -24.08 -32.96 -12.33
C LEU A 88 -22.56 -32.96 -12.55
N ASN A 89 -21.96 -34.16 -12.64
CA ASN A 89 -20.53 -34.24 -12.94
C ASN A 89 -20.19 -33.70 -14.32
N ARG A 90 -21.10 -33.93 -15.28
CA ARG A 90 -20.86 -33.40 -16.63
C ARG A 90 -20.97 -31.87 -16.61
N LEU A 91 -21.97 -31.33 -15.93
CA LEU A 91 -22.04 -29.87 -15.78
C LEU A 91 -20.78 -29.28 -15.18
N ALA A 92 -20.27 -29.88 -14.09
CA ALA A 92 -18.99 -29.45 -13.50
C ALA A 92 -17.86 -29.51 -14.53
N ASP A 93 -17.77 -30.58 -15.31
CA ASP A 93 -16.71 -30.63 -16.34
C ASP A 93 -16.80 -29.49 -17.35
N LEU A 94 -18.02 -29.13 -17.74
CA LEU A 94 -18.24 -28.05 -18.72
C LEU A 94 -17.83 -26.71 -18.08
N ILE A 95 -18.22 -26.49 -16.82
CA ILE A 95 -17.80 -25.27 -16.12
C ILE A 95 -16.28 -25.19 -16.02
N GLU A 96 -15.64 -26.33 -15.76
CA GLU A 96 -14.19 -26.37 -15.70
C GLU A 96 -13.59 -26.04 -17.08
N ARG A 97 -14.13 -26.61 -18.15
CA ARG A 97 -13.65 -26.27 -19.51
C ARG A 97 -13.71 -24.77 -19.75
N ASP A 98 -14.78 -24.15 -19.26
CA ASP A 98 -15.04 -22.72 -19.47
C ASP A 98 -14.62 -21.83 -18.27
N ARG A 99 -13.69 -22.33 -17.47
CA ARG A 99 -13.40 -21.67 -16.17
C ARG A 99 -12.81 -20.27 -16.37
N THR A 100 -11.86 -20.13 -17.28
CA THR A 100 -11.18 -18.84 -17.46
C THR A 100 -12.17 -17.79 -17.94
N TYR A 101 -13.03 -18.18 -18.87
CA TYR A 101 -14.09 -17.32 -19.31
C TYR A 101 -15.07 -16.94 -18.21
N LEU A 102 -15.57 -17.95 -17.49
CA LEU A 102 -16.54 -17.66 -16.42
C LEU A 102 -15.97 -16.78 -15.33
N ALA A 103 -14.70 -16.99 -15.00
CA ALA A 103 -14.06 -16.19 -13.94
C ALA A 103 -13.95 -14.75 -14.39
N ALA A 104 -13.61 -14.53 -15.67
CA ALA A 104 -13.55 -13.15 -16.18
C ALA A 104 -14.91 -12.49 -16.25
N LEU A 105 -15.94 -13.22 -16.69
CA LEU A 105 -17.27 -12.66 -16.77
C LEU A 105 -17.80 -12.35 -15.35
N GLU A 106 -17.46 -13.22 -14.40
CA GLU A 106 -17.86 -12.96 -13.02
C GLU A 106 -17.27 -11.65 -12.52
N THR A 107 -15.97 -11.45 -12.76
CA THR A 107 -15.30 -10.20 -12.41
C THR A 107 -15.90 -8.98 -13.12
N LEU A 108 -16.17 -9.10 -14.42
CA LEU A 108 -16.75 -7.98 -15.17
C LEU A 108 -18.05 -7.50 -14.56
N ASP A 109 -18.96 -8.42 -14.21
CA ASP A 109 -20.31 -8.05 -13.83
C ASP A 109 -20.39 -7.75 -12.31
N ASN A 110 -19.52 -8.38 -11.51
CA ASN A 110 -19.60 -8.31 -10.04
C ASN A 110 -18.58 -7.38 -9.42
N GLY A 111 -17.38 -7.33 -9.97
CA GLY A 111 -16.31 -6.46 -9.50
C GLY A 111 -15.23 -7.17 -8.71
N LYS A 112 -15.45 -8.42 -8.30
CA LYS A 112 -14.41 -9.08 -7.47
C LYS A 112 -13.13 -9.37 -8.27
N PRO A 113 -11.97 -9.40 -7.63
CA PRO A 113 -10.72 -9.64 -8.36
C PRO A 113 -10.78 -10.93 -9.17
N TYR A 114 -10.31 -10.90 -10.41
CA TYR A 114 -10.26 -12.10 -11.26
C TYR A 114 -9.47 -13.26 -10.66
N VAL A 115 -8.36 -12.98 -9.99
CA VAL A 115 -7.60 -14.07 -9.37
C VAL A 115 -8.49 -14.81 -8.37
N ILE A 116 -9.29 -14.07 -7.61
CA ILE A 116 -10.21 -14.67 -6.63
C ILE A 116 -11.38 -15.35 -7.36
N SER A 117 -11.98 -14.72 -8.37
CA SER A 117 -13.00 -15.41 -9.16
C SER A 117 -12.48 -16.77 -9.65
N TYR A 118 -11.26 -16.78 -10.15
CA TYR A 118 -10.71 -17.98 -10.74
C TYR A 118 -10.35 -19.05 -9.70
N LEU A 119 -9.60 -18.67 -8.67
CA LEU A 119 -9.06 -19.61 -7.70
C LEU A 119 -9.98 -19.96 -6.57
N VAL A 120 -10.93 -19.08 -6.28
CA VAL A 120 -11.84 -19.28 -5.17
C VAL A 120 -13.23 -19.59 -5.69
N ASP A 121 -13.94 -18.63 -6.30
CA ASP A 121 -15.33 -18.85 -6.67
C ASP A 121 -15.47 -20.06 -7.60
N LEU A 122 -14.68 -20.09 -8.68
CA LEU A 122 -14.87 -21.18 -9.65
C LEU A 122 -14.49 -22.53 -9.02
N ASP A 123 -13.43 -22.53 -8.21
CA ASP A 123 -13.02 -23.75 -7.52
C ASP A 123 -14.14 -24.28 -6.62
N MET A 124 -14.74 -23.38 -5.87
N MET A 124 -14.81 -23.39 -5.90
CA MET A 124 -15.82 -23.77 -4.96
CA MET A 124 -15.85 -23.83 -4.97
C MET A 124 -17.03 -24.28 -5.75
C MET A 124 -17.16 -24.19 -5.68
N VAL A 125 -17.36 -23.61 -6.85
CA VAL A 125 -18.47 -24.04 -7.70
C VAL A 125 -18.26 -25.50 -8.11
N LEU A 126 -17.07 -25.80 -8.64
CA LEU A 126 -16.76 -27.15 -9.09
C LEU A 126 -16.90 -28.14 -7.95
N LYS A 127 -16.34 -27.78 -6.81
CA LYS A 127 -16.38 -28.66 -5.65
C LYS A 127 -17.80 -28.88 -5.13
N CYS A 128 -18.63 -27.85 -5.17
CA CYS A 128 -20.02 -28.00 -4.69
C CYS A 128 -20.79 -28.96 -5.61
N LEU A 129 -20.69 -28.74 -6.92
CA LEU A 129 -21.43 -29.58 -7.86
C LEU A 129 -20.95 -31.03 -7.82
N ARG A 130 -19.63 -31.22 -7.74
CA ARG A 130 -19.07 -32.58 -7.69
C ARG A 130 -19.44 -33.27 -6.37
N TYR A 131 -19.49 -32.50 -5.26
CA TYR A 131 -19.94 -33.07 -3.99
C TYR A 131 -21.39 -33.57 -4.11
N TYR A 132 -22.28 -32.72 -4.63
CA TYR A 132 -23.67 -33.10 -4.67
C TYR A 132 -23.96 -34.17 -5.72
N ALA A 133 -23.16 -34.20 -6.80
CA ALA A 133 -23.25 -35.33 -7.76
C ALA A 133 -23.18 -36.66 -7.01
N GLY A 134 -22.30 -36.73 -6.02
CA GLY A 134 -22.11 -37.95 -5.25
C GLY A 134 -23.28 -38.29 -4.34
N TRP A 135 -24.07 -37.31 -3.93
CA TRP A 135 -25.25 -37.59 -3.09
C TRP A 135 -26.43 -38.15 -3.88
N ALA A 136 -26.44 -38.02 -5.20
CA ALA A 136 -27.69 -38.24 -5.94
C ALA A 136 -28.32 -39.59 -5.63
N ASP A 137 -27.51 -40.62 -5.43
CA ASP A 137 -28.03 -41.99 -5.25
C ASP A 137 -27.71 -42.57 -3.87
N LYS A 138 -27.58 -41.66 -2.88
CA LYS A 138 -27.16 -42.08 -1.54
C LYS A 138 -28.04 -41.55 -0.40
N TYR A 139 -29.04 -40.75 -0.67
CA TYR A 139 -29.87 -40.18 0.40
C TYR A 139 -31.08 -41.09 0.70
N HIS A 140 -30.78 -42.16 1.42
CA HIS A 140 -31.70 -43.25 1.58
C HIS A 140 -32.89 -42.88 2.44
N GLY A 141 -34.03 -43.51 2.18
CA GLY A 141 -35.10 -43.53 3.17
C GLY A 141 -34.86 -44.68 4.14
N LYS A 142 -35.87 -45.03 4.90
CA LYS A 142 -35.71 -45.96 6.01
C LYS A 142 -36.68 -47.12 5.91
N THR A 143 -36.27 -48.29 6.41
CA THR A 143 -37.22 -49.33 6.78
C THR A 143 -37.35 -49.33 8.31
N ILE A 144 -38.58 -49.44 8.81
CA ILE A 144 -38.88 -48.98 10.19
C ILE A 144 -39.62 -50.08 10.93
N PRO A 145 -39.14 -50.50 12.11
CA PRO A 145 -39.76 -51.62 12.83
C PRO A 145 -40.94 -51.20 13.67
N ILE A 146 -41.99 -50.76 12.99
CA ILE A 146 -43.25 -50.35 13.60
C ILE A 146 -43.93 -51.50 14.31
N ASP A 147 -44.72 -51.16 15.33
CA ASP A 147 -45.52 -52.14 16.01
C ASP A 147 -46.53 -52.82 15.07
N GLY A 148 -46.85 -54.07 15.39
CA GLY A 148 -47.91 -54.78 14.64
C GLY A 148 -47.43 -55.51 13.40
N ASP A 149 -48.38 -56.17 12.75
CA ASP A 149 -48.12 -56.94 11.55
C ASP A 149 -48.09 -56.06 10.30
N PHE A 150 -47.03 -55.26 10.24
CA PHE A 150 -46.84 -54.28 9.15
C PHE A 150 -45.41 -54.22 8.71
N PHE A 151 -45.22 -53.87 7.45
CA PHE A 151 -43.94 -53.41 6.91
C PHE A 151 -44.08 -51.94 6.66
N SER A 152 -43.21 -51.12 7.23
CA SER A 152 -43.28 -49.67 7.11
C SER A 152 -41.94 -49.16 6.64
N TYR A 153 -41.99 -48.24 5.68
CA TYR A 153 -40.78 -47.64 5.14
C TYR A 153 -41.06 -46.24 4.68
N THR A 154 -39.99 -45.48 4.48
CA THR A 154 -40.11 -44.16 3.87
C THR A 154 -39.44 -44.09 2.52
N ARG A 155 -40.09 -43.36 1.62
CA ARG A 155 -39.47 -42.89 0.38
C ARG A 155 -39.03 -41.44 0.57
N HIS A 156 -37.82 -41.13 0.13
CA HIS A 156 -37.37 -39.76 0.02
C HIS A 156 -37.63 -39.34 -1.43
N GLU A 157 -38.70 -38.55 -1.59
CA GLU A 157 -39.13 -38.08 -2.89
C GLU A 157 -38.68 -36.61 -3.05
N PRO A 158 -38.67 -36.08 -4.27
CA PRO A 158 -38.34 -34.66 -4.43
C PRO A 158 -39.48 -33.81 -3.91
N VAL A 159 -39.16 -32.63 -3.39
CA VAL A 159 -40.18 -31.67 -2.96
CA VAL A 159 -40.19 -31.67 -3.00
C VAL A 159 -41.01 -31.18 -4.17
N GLY A 160 -40.39 -31.06 -5.35
CA GLY A 160 -41.11 -30.70 -6.53
C GLY A 160 -40.53 -29.48 -7.24
N VAL A 161 -41.41 -28.50 -7.48
CA VAL A 161 -40.99 -27.29 -8.19
C VAL A 161 -40.42 -26.34 -7.15
N CYS A 162 -39.13 -26.03 -7.30
CA CYS A 162 -38.40 -25.25 -6.32
C CYS A 162 -38.03 -23.89 -6.88
N GLY A 163 -38.55 -22.84 -6.22
CA GLY A 163 -38.19 -21.48 -6.58
C GLY A 163 -36.92 -21.10 -5.83
N GLN A 164 -35.93 -20.57 -6.51
CA GLN A 164 -34.63 -20.33 -5.89
C GLN A 164 -34.23 -18.91 -6.24
N ILE A 165 -34.04 -18.07 -5.23
CA ILE A 165 -33.75 -16.65 -5.42
C ILE A 165 -32.37 -16.36 -4.88
N ILE A 166 -31.45 -15.96 -5.75
CA ILE A 166 -30.04 -15.82 -5.32
C ILE A 166 -29.53 -14.40 -5.48
N PRO A 167 -28.57 -14.05 -4.63
CA PRO A 167 -28.05 -12.70 -4.55
C PRO A 167 -26.85 -12.46 -5.47
N TRP A 168 -26.31 -11.26 -5.37
CA TRP A 168 -25.24 -10.82 -6.26
C TRP A 168 -23.82 -10.97 -5.73
N ASN A 169 -23.66 -11.37 -4.46
CA ASN A 169 -22.31 -11.31 -3.88
C ASN A 169 -21.35 -12.41 -4.35
N PHE A 170 -21.93 -13.61 -4.54
CA PHE A 170 -21.16 -14.71 -5.12
C PHE A 170 -22.10 -15.34 -6.14
N PRO A 171 -22.22 -14.73 -7.33
CA PRO A 171 -23.27 -15.15 -8.25
C PRO A 171 -23.18 -16.63 -8.67
N LEU A 172 -22.02 -17.05 -9.15
CA LEU A 172 -21.87 -18.47 -9.57
C LEU A 172 -21.92 -19.42 -8.39
N LEU A 173 -21.28 -19.04 -7.29
CA LEU A 173 -21.22 -19.96 -6.13
C LEU A 173 -22.62 -20.17 -5.56
N MET A 174 -23.40 -19.10 -5.41
CA MET A 174 -24.75 -19.22 -4.91
C MET A 174 -25.64 -20.03 -5.83
N GLN A 175 -25.45 -19.86 -7.15
CA GLN A 175 -26.17 -20.72 -8.09
C GLN A 175 -25.89 -22.20 -7.82
N ALA A 176 -24.61 -22.51 -7.59
CA ALA A 176 -24.19 -23.90 -7.34
C ALA A 176 -24.75 -24.44 -6.04
N TRP A 177 -24.69 -23.63 -4.98
CA TRP A 177 -25.23 -24.05 -3.70
C TRP A 177 -26.70 -24.41 -3.76
N LYS A 178 -27.44 -23.76 -4.68
CA LYS A 178 -28.85 -24.05 -4.87
C LYS A 178 -29.10 -25.20 -5.83
N LEU A 179 -28.42 -25.19 -6.98
CA LEU A 179 -28.66 -26.26 -7.96
C LEU A 179 -28.14 -27.64 -7.52
N GLY A 180 -27.01 -27.69 -6.84
CA GLY A 180 -26.43 -28.96 -6.47
C GLY A 180 -27.42 -29.85 -5.69
N PRO A 181 -27.91 -29.38 -4.55
CA PRO A 181 -28.80 -30.26 -3.81
C PRO A 181 -30.18 -30.48 -4.44
N ALA A 182 -30.71 -29.44 -5.09
CA ALA A 182 -32.01 -29.56 -5.70
C ALA A 182 -32.00 -30.62 -6.83
N LEU A 183 -30.99 -30.54 -7.70
CA LEU A 183 -30.85 -31.52 -8.76
C LEU A 183 -30.44 -32.92 -8.29
N ALA A 184 -29.55 -32.99 -7.28
CA ALA A 184 -29.18 -34.28 -6.78
C ALA A 184 -30.36 -35.10 -6.33
N THR A 185 -31.37 -34.42 -5.79
CA THR A 185 -32.57 -35.06 -5.23
C THR A 185 -33.75 -35.12 -6.19
N GLY A 186 -33.52 -34.68 -7.42
CA GLY A 186 -34.53 -34.90 -8.49
C GLY A 186 -35.62 -33.84 -8.57
N ASN A 187 -35.36 -32.66 -8.01
CA ASN A 187 -36.31 -31.53 -8.12
C ASN A 187 -36.15 -30.86 -9.46
N VAL A 188 -37.09 -29.96 -9.73
CA VAL A 188 -36.99 -29.03 -10.85
C VAL A 188 -36.97 -27.61 -10.26
N VAL A 189 -36.38 -26.69 -11.01
CA VAL A 189 -36.01 -25.37 -10.53
C VAL A 189 -36.51 -24.20 -11.39
N VAL A 190 -37.01 -23.16 -10.72
CA VAL A 190 -37.25 -21.86 -11.32
C VAL A 190 -36.40 -20.90 -10.48
N MET A 191 -35.36 -20.37 -11.10
CA MET A 191 -34.36 -19.58 -10.39
C MET A 191 -34.42 -18.16 -10.87
N LYS A 192 -34.39 -17.24 -9.92
CA LYS A 192 -34.35 -15.79 -10.17
C LYS A 192 -32.97 -15.34 -9.73
N VAL A 193 -32.20 -14.73 -10.64
CA VAL A 193 -30.86 -14.28 -10.38
C VAL A 193 -30.86 -12.77 -10.15
N ALA A 194 -29.79 -12.23 -9.57
CA ALA A 194 -29.80 -10.81 -9.16
C ALA A 194 -29.63 -9.92 -10.36
N GLU A 195 -30.38 -8.81 -10.38
CA GLU A 195 -30.27 -7.87 -11.48
C GLU A 195 -28.86 -7.28 -11.61
N GLN A 196 -28.11 -7.20 -10.52
CA GLN A 196 -26.74 -6.70 -10.61
C GLN A 196 -25.77 -7.65 -11.29
N THR A 197 -26.08 -8.97 -11.25
CA THR A 197 -25.14 -9.94 -11.70
C THR A 197 -25.85 -11.15 -12.35
N PRO A 198 -26.63 -10.92 -13.42
CA PRO A 198 -27.34 -12.04 -14.05
C PRO A 198 -26.49 -12.89 -15.00
N LEU A 199 -25.37 -12.37 -15.46
CA LEU A 199 -24.78 -12.90 -16.70
C LEU A 199 -24.14 -14.27 -16.53
N THR A 200 -23.35 -14.48 -15.50
CA THR A 200 -22.68 -15.80 -15.37
C THR A 200 -23.70 -16.95 -15.20
N ALA A 201 -24.77 -16.74 -14.43
CA ALA A 201 -25.82 -17.75 -14.23
C ALA A 201 -26.48 -18.12 -15.54
N LEU A 202 -26.67 -17.14 -16.42
CA LEU A 202 -27.27 -17.43 -17.72
C LEU A 202 -26.33 -18.22 -18.63
N TYR A 203 -25.03 -17.91 -18.61
CA TYR A 203 -24.08 -18.76 -19.32
C TYR A 203 -24.10 -20.20 -18.80
N VAL A 204 -24.15 -20.36 -17.46
CA VAL A 204 -24.28 -21.71 -16.89
C VAL A 204 -25.53 -22.43 -17.41
N ALA A 205 -26.66 -21.72 -17.61
CA ALA A 205 -27.85 -22.35 -18.16
C ALA A 205 -27.55 -22.95 -19.52
N ASN A 206 -26.76 -22.27 -20.36
CA ASN A 206 -26.33 -22.85 -21.63
C ASN A 206 -25.59 -24.16 -21.42
N LEU A 207 -24.79 -24.21 -20.36
CA LEU A 207 -24.02 -25.42 -20.05
C LEU A 207 -24.91 -26.53 -19.50
N ILE A 208 -25.97 -26.15 -18.78
CA ILE A 208 -26.96 -27.13 -18.33
C ILE A 208 -27.62 -27.84 -19.51
N LYS A 209 -27.96 -27.05 -20.53
CA LYS A 209 -28.48 -27.65 -21.77
C LYS A 209 -27.45 -28.57 -22.41
N GLU A 210 -26.23 -28.05 -22.55
CA GLU A 210 -25.14 -28.81 -23.15
C GLU A 210 -24.88 -30.14 -22.40
N ALA A 211 -24.99 -30.11 -21.08
CA ALA A 211 -24.75 -31.30 -20.26
C ALA A 211 -25.80 -32.38 -20.45
N GLY A 212 -26.97 -32.03 -20.94
CA GLY A 212 -28.02 -33.02 -21.17
C GLY A 212 -29.20 -33.02 -20.22
N PHE A 213 -29.32 -32.00 -19.38
CA PHE A 213 -30.48 -31.99 -18.50
C PHE A 213 -31.76 -31.85 -19.33
N PRO A 214 -32.80 -32.62 -18.98
CA PRO A 214 -34.05 -32.48 -19.75
C PRO A 214 -34.62 -31.06 -19.71
N PRO A 215 -35.33 -30.65 -20.77
CA PRO A 215 -35.91 -29.31 -20.78
C PRO A 215 -36.89 -29.15 -19.64
N GLY A 216 -36.83 -27.98 -19.02
CA GLY A 216 -37.73 -27.66 -17.91
C GLY A 216 -37.16 -27.97 -16.54
N VAL A 217 -36.07 -28.73 -16.49
CA VAL A 217 -35.52 -29.12 -15.17
C VAL A 217 -34.89 -27.89 -14.47
N VAL A 218 -34.25 -27.01 -15.24
CA VAL A 218 -33.72 -25.72 -14.72
C VAL A 218 -34.22 -24.61 -15.62
N ASN A 219 -34.91 -23.64 -15.03
CA ASN A 219 -35.39 -22.44 -15.75
C ASN A 219 -34.87 -21.25 -15.02
N ILE A 220 -34.37 -20.24 -15.73
CA ILE A 220 -33.82 -19.05 -15.08
C ILE A 220 -34.53 -17.81 -15.62
N VAL A 221 -35.09 -17.03 -14.70
CA VAL A 221 -35.77 -15.76 -15.03
C VAL A 221 -34.98 -14.62 -14.40
N PRO A 222 -34.17 -13.88 -15.19
CA PRO A 222 -33.64 -12.61 -14.65
C PRO A 222 -34.74 -11.55 -14.59
N GLY A 223 -34.55 -10.55 -13.75
CA GLY A 223 -35.59 -9.54 -13.50
C GLY A 223 -35.40 -8.97 -12.11
N PHE A 224 -36.37 -8.17 -11.65
CA PHE A 224 -36.24 -7.46 -10.38
C PHE A 224 -36.91 -8.22 -9.26
N GLY A 225 -36.71 -7.74 -8.04
CA GLY A 225 -37.22 -8.48 -6.86
C GLY A 225 -38.72 -8.37 -6.69
N PRO A 226 -39.22 -7.13 -6.67
CA PRO A 226 -40.66 -6.94 -6.47
C PRO A 226 -41.53 -7.55 -7.56
N THR A 227 -40.93 -7.92 -8.68
CA THR A 227 -41.72 -8.45 -9.79
C THR A 227 -41.46 -9.96 -9.90
N ALA A 228 -40.30 -10.33 -10.41
CA ALA A 228 -40.01 -11.77 -10.65
C ALA A 228 -39.89 -12.56 -9.33
N GLY A 229 -39.13 -12.01 -8.37
CA GLY A 229 -38.92 -12.71 -7.11
C GLY A 229 -40.21 -12.89 -6.34
N ALA A 230 -41.02 -11.83 -6.29
CA ALA A 230 -42.30 -11.93 -5.61
C ALA A 230 -43.26 -12.88 -6.30
N ALA A 231 -43.19 -12.91 -7.62
CA ALA A 231 -44.01 -13.85 -8.37
C ALA A 231 -43.68 -15.31 -8.01
N ILE A 232 -42.40 -15.60 -7.83
CA ILE A 232 -42.02 -16.95 -7.41
C ILE A 232 -42.52 -17.24 -5.99
N ALA A 233 -42.27 -16.31 -5.07
CA ALA A 233 -42.66 -16.53 -3.68
C ALA A 233 -44.15 -16.75 -3.46
N SER A 234 -44.95 -16.08 -4.28
CA SER A 234 -46.40 -16.15 -4.16
C SER A 234 -47.05 -17.15 -5.11
N HIS A 235 -46.26 -17.89 -5.89
CA HIS A 235 -46.84 -18.71 -6.91
C HIS A 235 -47.59 -19.89 -6.31
N GLU A 236 -48.81 -20.15 -6.81
CA GLU A 236 -49.62 -21.26 -6.31
C GLU A 236 -49.15 -22.65 -6.70
N ASP A 237 -48.19 -22.76 -7.61
CA ASP A 237 -47.72 -24.09 -7.99
C ASP A 237 -46.22 -24.29 -7.78
N VAL A 238 -45.61 -23.39 -7.02
CA VAL A 238 -44.23 -23.61 -6.52
C VAL A 238 -44.31 -24.27 -5.17
N ASP A 239 -43.61 -25.38 -5.00
CA ASP A 239 -43.73 -26.19 -3.78
C ASP A 239 -42.82 -25.78 -2.63
N LYS A 240 -41.71 -25.12 -2.99
CA LYS A 240 -40.64 -24.84 -2.03
C LYS A 240 -39.94 -23.61 -2.56
N VAL A 241 -39.61 -22.67 -1.68
CA VAL A 241 -38.76 -21.56 -2.08
C VAL A 241 -37.51 -21.52 -1.18
N ALA A 242 -36.38 -21.16 -1.77
CA ALA A 242 -35.15 -20.93 -1.02
C ALA A 242 -34.68 -19.55 -1.41
N PHE A 243 -34.45 -18.69 -0.43
CA PHE A 243 -34.10 -17.30 -0.70
C PHE A 243 -32.83 -16.99 0.04
N THR A 244 -31.89 -16.35 -0.63
CA THR A 244 -30.69 -15.82 0.01
C THR A 244 -30.67 -14.31 -0.27
N GLY A 245 -30.51 -13.55 0.80
CA GLY A 245 -30.53 -12.09 0.73
C GLY A 245 -30.76 -11.45 2.07
N SER A 246 -31.41 -10.29 2.09
CA SER A 246 -31.49 -9.54 3.33
C SER A 246 -32.54 -10.14 4.26
N THR A 247 -32.32 -9.93 5.56
CA THR A 247 -33.30 -10.29 6.57
C THR A 247 -34.65 -9.63 6.30
N GLU A 248 -34.64 -8.38 5.86
CA GLU A 248 -35.88 -7.69 5.47
C GLU A 248 -36.71 -8.39 4.40
N ILE A 249 -36.05 -8.84 3.34
CA ILE A 249 -36.77 -9.46 2.24
C ILE A 249 -37.11 -10.91 2.60
N GLY A 250 -36.29 -11.52 3.46
CA GLY A 250 -36.67 -12.82 4.02
C GLY A 250 -38.06 -12.83 4.64
N ARG A 251 -38.40 -11.79 5.40
CA ARG A 251 -39.75 -11.65 5.95
C ARG A 251 -40.83 -11.68 4.89
N VAL A 252 -40.57 -10.93 3.81
CA VAL A 252 -41.51 -10.80 2.71
C VAL A 252 -41.76 -12.17 2.05
N ILE A 253 -40.68 -12.95 1.91
CA ILE A 253 -40.78 -14.30 1.36
C ILE A 253 -41.67 -15.21 2.21
N GLN A 254 -41.42 -15.25 3.53
CA GLN A 254 -42.14 -16.14 4.44
C GLN A 254 -43.61 -15.76 4.49
N VAL A 255 -43.90 -14.46 4.44
CA VAL A 255 -45.28 -13.98 4.42
C VAL A 255 -45.99 -14.37 3.13
N ALA A 256 -45.27 -14.24 2.00
CA ALA A 256 -45.80 -14.68 0.71
C ALA A 256 -46.11 -16.18 0.67
N ALA A 257 -45.27 -16.98 1.31
CA ALA A 257 -45.51 -18.42 1.38
C ALA A 257 -46.78 -18.72 2.18
N GLY A 258 -46.91 -18.08 3.33
CA GLY A 258 -48.09 -18.28 4.17
C GLY A 258 -49.36 -17.79 3.51
N SER A 259 -49.22 -16.71 2.73
CA SER A 259 -50.35 -16.04 2.08
C SER A 259 -50.80 -16.68 0.76
N SER A 260 -50.00 -17.61 0.24
CA SER A 260 -50.31 -18.27 -1.02
C SER A 260 -50.63 -19.74 -0.74
N ASN A 261 -49.70 -20.65 -1.03
CA ASN A 261 -50.01 -22.07 -0.99
C ASN A 261 -49.29 -22.86 0.11
N LEU A 262 -48.77 -22.17 1.12
CA LEU A 262 -48.05 -22.85 2.22
C LEU A 262 -46.82 -23.63 1.73
N LYS A 263 -46.18 -23.12 0.68
CA LYS A 263 -44.92 -23.68 0.22
C LYS A 263 -43.88 -23.71 1.33
N ARG A 264 -42.98 -24.69 1.24
CA ARG A 264 -41.88 -24.83 2.20
C ARG A 264 -40.83 -23.74 1.98
N VAL A 265 -40.23 -23.24 3.06
CA VAL A 265 -39.36 -22.09 2.94
C VAL A 265 -38.05 -22.31 3.69
N THR A 266 -36.94 -22.01 3.02
CA THR A 266 -35.67 -21.82 3.72
C THR A 266 -35.07 -20.48 3.35
N LEU A 267 -34.26 -19.92 4.24
CA LEU A 267 -33.77 -18.55 4.13
C LEU A 267 -32.34 -18.50 4.62
N GLU A 268 -31.48 -17.86 3.83
CA GLU A 268 -30.09 -17.59 4.23
C GLU A 268 -30.00 -16.07 4.19
N LEU A 269 -29.82 -15.43 5.35
CA LEU A 269 -29.98 -13.99 5.45
C LEU A 269 -28.67 -13.33 5.95
N GLY A 270 -28.79 -12.15 6.53
CA GLY A 270 -27.59 -11.38 6.85
C GLY A 270 -26.98 -11.80 8.17
N GLY A 271 -25.95 -11.06 8.56
CA GLY A 271 -25.36 -11.24 9.89
C GLY A 271 -24.65 -10.01 10.41
N LYS A 272 -24.21 -10.12 11.67
CA LYS A 272 -23.23 -9.19 12.18
C LYS A 272 -22.30 -10.03 13.06
N SER A 273 -21.52 -10.85 12.40
CA SER A 273 -20.83 -11.98 13.09
C SER A 273 -19.64 -11.51 13.91
N PRO A 274 -19.57 -12.00 15.15
CA PRO A 274 -18.47 -11.66 16.03
C PRO A 274 -17.24 -12.52 15.83
N ASN A 275 -16.06 -11.90 15.76
CA ASN A 275 -14.79 -12.56 15.66
C ASN A 275 -13.99 -12.22 16.92
N ILE A 276 -13.79 -13.22 17.77
CA ILE A 276 -13.30 -12.99 19.12
C ILE A 276 -11.84 -13.41 19.25
N ILE A 277 -10.98 -12.46 19.58
CA ILE A 277 -9.55 -12.69 19.69
C ILE A 277 -9.15 -12.66 21.17
N MET A 278 -8.82 -13.82 21.72
CA MET A 278 -8.37 -13.93 23.10
C MET A 278 -6.90 -13.53 23.18
N SER A 279 -6.50 -13.13 24.39
CA SER A 279 -5.13 -12.66 24.59
C SER A 279 -4.05 -13.68 24.28
N ASP A 280 -4.40 -14.97 24.30
CA ASP A 280 -3.43 -16.02 24.00
C ASP A 280 -3.41 -16.44 22.54
N ALA A 281 -4.13 -15.71 21.69
CA ALA A 281 -4.09 -16.00 20.24
C ALA A 281 -2.70 -15.80 19.62
N ASP A 282 -2.39 -16.54 18.55
CA ASP A 282 -1.22 -16.22 17.71
C ASP A 282 -1.55 -14.88 17.03
N MET A 283 -0.81 -13.83 17.40
CA MET A 283 -1.16 -12.48 16.98
C MET A 283 -1.11 -12.26 15.45
N ASP A 284 -0.01 -12.67 14.84
CA ASP A 284 0.12 -12.47 13.39
C ASP A 284 -0.97 -13.18 12.58
N TRP A 285 -1.26 -14.43 12.97
CA TRP A 285 -2.32 -15.18 12.30
C TRP A 285 -3.67 -14.54 12.57
N ALA A 286 -3.95 -14.16 13.82
CA ALA A 286 -5.22 -13.51 14.17
C ALA A 286 -5.49 -12.20 13.40
N VAL A 287 -4.45 -11.37 13.28
CA VAL A 287 -4.59 -10.11 12.54
C VAL A 287 -4.91 -10.34 11.07
N GLU A 288 -4.20 -11.28 10.45
CA GLU A 288 -4.40 -11.56 9.04
C GLU A 288 -5.76 -12.19 8.83
N GLN A 289 -6.13 -13.10 9.71
CA GLN A 289 -7.45 -13.71 9.55
C GLN A 289 -8.60 -12.79 9.85
N ALA A 290 -8.39 -11.83 10.76
CA ALA A 290 -9.46 -10.88 11.07
C ALA A 290 -9.64 -9.91 9.91
N HIS A 291 -8.53 -9.60 9.27
CA HIS A 291 -8.54 -8.78 8.05
C HIS A 291 -9.37 -9.48 6.97
N PHE A 292 -8.99 -10.71 6.69
CA PHE A 292 -9.74 -11.51 5.75
C PHE A 292 -11.22 -11.64 6.10
N ALA A 293 -11.49 -11.92 7.39
CA ALA A 293 -12.85 -12.12 7.90
C ALA A 293 -13.80 -10.99 7.55
N LEU A 294 -13.26 -9.77 7.57
CA LEU A 294 -14.05 -8.58 7.30
C LEU A 294 -14.03 -8.18 5.83
N PHE A 295 -12.82 -8.12 5.28
CA PHE A 295 -12.64 -7.51 3.96
C PHE A 295 -12.88 -8.44 2.76
N PHE A 296 -12.92 -9.75 3.00
CA PHE A 296 -13.08 -10.67 1.89
C PHE A 296 -14.27 -10.23 1.02
N ASN A 297 -14.09 -10.34 -0.30
CA ASN A 297 -15.15 -10.03 -1.22
C ASN A 297 -15.75 -8.61 -1.12
N GLN A 298 -14.86 -7.63 -0.92
CA GLN A 298 -15.25 -6.22 -0.83
C GLN A 298 -16.17 -6.02 0.37
N GLY A 299 -16.02 -6.91 1.36
CA GLY A 299 -16.89 -6.88 2.52
C GLY A 299 -18.28 -7.44 2.32
N GLN A 300 -18.55 -7.96 1.12
CA GLN A 300 -19.87 -8.36 0.71
C GLN A 300 -20.09 -9.84 0.97
N CYS A 301 -20.12 -10.17 2.26
N CYS A 301 -20.01 -10.19 2.26
CA CYS A 301 -20.26 -11.54 2.70
CA CYS A 301 -20.24 -11.56 2.73
C CYS A 301 -21.20 -11.57 3.89
C CYS A 301 -21.25 -11.52 3.86
N CSO A 302 -22.24 -12.37 3.75
CA CSO A 302 -23.25 -12.63 4.76
CA CSO A 302 -23.26 -12.40 4.82
CB CSO A 302 -23.97 -13.93 4.39
CB CSO A 302 -24.39 -13.40 4.53
SG CSO A 302 -22.79 -15.32 4.09
SG CSO A 302 -25.03 -13.22 2.85
C CSO A 302 -22.66 -12.77 6.15
O CSO A 302 -23.14 -12.25 7.15
OD CSO A 302 -22.18 -15.32 2.41
OD CSO A 302 -26.13 -11.91 3.12
N CYS A 303 -21.57 -13.52 6.18
CA CYS A 303 -20.97 -13.96 7.43
C CYS A 303 -19.71 -13.17 7.77
N ALA A 304 -19.56 -11.98 7.20
CA ALA A 304 -18.35 -11.18 7.49
C ALA A 304 -18.16 -10.98 8.99
N GLY A 305 -16.89 -11.03 9.41
CA GLY A 305 -16.55 -10.82 10.82
C GLY A 305 -16.51 -9.33 11.13
N SER A 306 -17.70 -8.78 11.24
CA SER A 306 -17.89 -7.33 11.33
C SER A 306 -18.01 -6.80 12.76
N ARG A 307 -17.87 -7.66 13.77
CA ARG A 307 -17.56 -7.20 15.14
C ARG A 307 -16.33 -7.95 15.59
N THR A 308 -15.17 -7.27 15.58
CA THR A 308 -13.90 -7.90 15.93
C THR A 308 -13.67 -7.56 17.40
N PHE A 309 -13.94 -8.51 18.29
CA PHE A 309 -13.75 -8.33 19.73
C PHE A 309 -12.34 -8.74 20.10
N VAL A 310 -11.61 -7.83 20.74
CA VAL A 310 -10.20 -8.04 21.05
C VAL A 310 -9.94 -7.84 22.53
N GLN A 311 -9.30 -8.83 23.15
CA GLN A 311 -9.09 -8.81 24.60
CA GLN A 311 -9.12 -8.80 24.59
C GLN A 311 -8.15 -7.65 24.96
N GLU A 312 -8.44 -7.01 26.08
CA GLU A 312 -7.78 -5.73 26.39
C GLU A 312 -6.26 -5.77 26.42
N ASP A 313 -5.67 -6.88 26.87
CA ASP A 313 -4.23 -6.95 26.95
C ASP A 313 -3.49 -6.88 25.62
N ILE A 314 -4.17 -7.27 24.54
CA ILE A 314 -3.56 -7.28 23.20
C ILE A 314 -4.18 -6.25 22.26
N TYR A 315 -5.14 -5.46 22.75
CA TYR A 315 -5.90 -4.54 21.93
C TYR A 315 -5.01 -3.56 21.15
N ASP A 316 -4.16 -2.82 21.83
CA ASP A 316 -3.34 -1.84 21.10
C ASP A 316 -2.49 -2.44 19.99
N GLU A 317 -1.79 -3.55 20.25
CA GLU A 317 -0.95 -4.17 19.23
C GLU A 317 -1.82 -4.68 18.07
N PHE A 318 -2.91 -5.35 18.42
CA PHE A 318 -3.82 -5.87 17.40
C PHE A 318 -4.31 -4.77 16.47
N VAL A 319 -4.75 -3.66 17.07
CA VAL A 319 -5.23 -2.52 16.30
C VAL A 319 -4.13 -1.90 15.43
N GLU A 320 -2.94 -1.71 15.96
CA GLU A 320 -1.83 -1.16 15.16
C GLU A 320 -1.57 -2.06 13.96
N ARG A 321 -1.53 -3.36 14.19
CA ARG A 321 -1.24 -4.29 13.09
C ARG A 321 -2.40 -4.34 12.09
N SER A 322 -3.62 -4.25 12.59
CA SER A 322 -4.80 -4.26 11.75
C SER A 322 -4.85 -3.04 10.84
N VAL A 323 -4.46 -1.89 11.39
CA VAL A 323 -4.48 -0.67 10.59
C VAL A 323 -3.40 -0.73 9.52
N ALA A 324 -2.23 -1.23 9.88
CA ALA A 324 -1.15 -1.36 8.90
C ALA A 324 -1.64 -2.21 7.74
N ARG A 325 -2.36 -3.30 8.04
CA ARG A 325 -2.78 -4.18 6.96
C ARG A 325 -3.89 -3.55 6.09
N ALA A 326 -4.84 -2.85 6.71
CA ALA A 326 -5.89 -2.16 5.97
C ALA A 326 -5.31 -1.05 5.09
N LYS A 327 -4.30 -0.34 5.62
CA LYS A 327 -3.69 0.73 4.84
C LYS A 327 -2.90 0.22 3.67
N SER A 328 -2.53 -1.05 3.70
CA SER A 328 -1.78 -1.53 2.56
C SER A 328 -2.55 -2.46 1.65
N ARG A 329 -3.83 -2.69 1.92
CA ARG A 329 -4.70 -3.48 1.04
C ARG A 329 -4.95 -2.76 -0.28
N VAL A 330 -4.59 -3.42 -1.39
CA VAL A 330 -4.62 -2.76 -2.69
C VAL A 330 -6.00 -2.73 -3.32
N VAL A 331 -6.52 -1.52 -3.61
CA VAL A 331 -7.86 -1.32 -4.16
C VAL A 331 -7.64 -0.90 -5.60
N GLY A 332 -8.31 -1.54 -6.54
CA GLY A 332 -7.95 -1.29 -7.92
C GLY A 332 -8.74 -2.11 -8.93
N ASN A 333 -8.30 -1.99 -10.19
CA ASN A 333 -8.88 -2.74 -11.32
C ASN A 333 -8.86 -4.22 -10.97
N PRO A 334 -10.07 -4.84 -10.91
CA PRO A 334 -10.05 -6.26 -10.49
C PRO A 334 -9.35 -7.25 -11.43
N PHE A 335 -9.08 -6.81 -12.68
CA PHE A 335 -8.31 -7.62 -13.61
C PHE A 335 -6.80 -7.55 -13.42
N ASP A 336 -6.32 -6.63 -12.58
CA ASP A 336 -4.90 -6.49 -12.28
C ASP A 336 -4.55 -7.49 -11.17
N SER A 337 -3.55 -8.35 -11.38
CA SER A 337 -3.25 -9.37 -10.39
C SER A 337 -2.86 -8.85 -9.00
N LYS A 338 -2.41 -7.59 -8.93
CA LYS A 338 -2.03 -7.00 -7.66
C LYS A 338 -3.24 -6.56 -6.82
N THR A 339 -4.41 -6.52 -7.44
CA THR A 339 -5.58 -5.95 -6.79
C THR A 339 -6.13 -6.92 -5.73
N GLU A 340 -6.28 -6.42 -4.51
CA GLU A 340 -6.93 -7.22 -3.46
C GLU A 340 -8.41 -6.95 -3.32
N GLN A 341 -8.85 -5.74 -3.68
CA GLN A 341 -10.19 -5.29 -3.44
C GLN A 341 -10.68 -4.56 -4.68
N GLY A 342 -11.78 -5.03 -5.22
CA GLY A 342 -12.40 -4.39 -6.37
C GLY A 342 -13.42 -3.38 -5.90
N PRO A 343 -14.31 -2.94 -6.80
CA PRO A 343 -15.37 -2.01 -6.38
C PRO A 343 -16.52 -2.73 -5.67
N GLN A 344 -17.39 -1.98 -5.02
CA GLN A 344 -18.66 -2.48 -4.52
C GLN A 344 -19.58 -2.73 -5.71
N VAL A 345 -20.68 -3.45 -5.51
CA VAL A 345 -21.37 -4.03 -6.66
C VAL A 345 -22.15 -2.98 -7.47
N ASP A 346 -22.61 -1.91 -6.82
CA ASP A 346 -23.46 -0.95 -7.52
C ASP A 346 -23.49 0.37 -6.76
N GLU A 347 -24.11 1.37 -7.38
CA GLU A 347 -24.14 2.71 -6.78
C GLU A 347 -24.94 2.77 -5.48
N THR A 348 -26.03 2.03 -5.42
CA THR A 348 -26.83 1.92 -4.22
C THR A 348 -26.02 1.46 -3.01
N GLN A 349 -25.27 0.38 -3.19
CA GLN A 349 -24.42 -0.13 -2.12
C GLN A 349 -23.31 0.86 -1.78
N PHE A 350 -22.67 1.42 -2.79
CA PHE A 350 -21.62 2.42 -2.63
C PHE A 350 -22.10 3.53 -1.70
N LYS A 351 -23.27 4.09 -1.98
CA LYS A 351 -23.79 5.21 -1.18
C LYS A 351 -24.13 4.75 0.23
N LYS A 352 -24.74 3.58 0.36
CA LYS A 352 -25.12 3.03 1.64
C LYS A 352 -23.91 2.86 2.56
N ILE A 353 -22.82 2.35 2.02
CA ILE A 353 -21.62 2.11 2.78
C ILE A 353 -21.02 3.44 3.23
N LEU A 354 -20.96 4.39 2.31
CA LEU A 354 -20.44 5.71 2.68
C LEU A 354 -21.31 6.34 3.77
N GLY A 355 -22.61 6.11 3.72
CA GLY A 355 -23.54 6.55 4.78
C GLY A 355 -23.23 5.93 6.13
N TYR A 356 -22.90 4.64 6.12
CA TYR A 356 -22.53 3.99 7.37
C TYR A 356 -21.23 4.53 7.97
N ILE A 357 -20.28 4.84 7.09
CA ILE A 357 -19.02 5.45 7.53
C ILE A 357 -19.31 6.80 8.18
N ASN A 358 -20.19 7.58 7.56
CA ASN A 358 -20.61 8.86 8.14
C ASN A 358 -21.21 8.66 9.51
N THR A 359 -22.11 7.69 9.64
CA THR A 359 -22.74 7.37 10.93
C THR A 359 -21.71 6.95 11.99
N GLY A 360 -20.76 6.10 11.60
CA GLY A 360 -19.69 5.68 12.49
C GLY A 360 -18.91 6.83 13.09
N LYS A 361 -18.55 7.80 12.24
CA LYS A 361 -17.85 8.98 12.71
C LYS A 361 -18.75 9.83 13.61
N GLN A 362 -20.01 10.03 13.23
CA GLN A 362 -20.93 10.87 14.01
C GLN A 362 -21.16 10.32 15.40
N GLU A 363 -21.21 9.00 15.50
CA GLU A 363 -21.52 8.34 16.77
C GLU A 363 -20.33 8.09 17.69
N GLY A 364 -19.16 8.57 17.28
CA GLY A 364 -17.99 8.59 18.15
C GLY A 364 -17.04 7.42 18.12
N ALA A 365 -17.15 6.57 17.08
CA ALA A 365 -16.12 5.56 16.88
C ALA A 365 -14.87 6.24 16.32
N LYS A 366 -13.70 5.67 16.60
CA LYS A 366 -12.45 6.29 16.22
C LYS A 366 -12.10 5.83 14.81
N LEU A 367 -12.11 6.75 13.85
CA LEU A 367 -11.68 6.43 12.49
C LEU A 367 -10.18 6.30 12.44
N LEU A 368 -9.68 5.09 12.19
CA LEU A 368 -8.24 4.85 12.22
C LEU A 368 -7.56 4.86 10.86
N CYS A 369 -8.33 4.59 9.80
CA CYS A 369 -7.83 4.71 8.44
C CYS A 369 -8.99 4.64 7.48
N GLY A 370 -8.72 5.02 6.23
CA GLY A 370 -9.74 5.03 5.19
C GLY A 370 -10.84 6.04 5.45
N GLY A 371 -12.06 5.70 5.08
CA GLY A 371 -13.22 6.53 5.42
C GLY A 371 -13.82 7.22 4.20
N GLY A 372 -13.23 7.02 3.03
CA GLY A 372 -13.72 7.73 1.87
C GLY A 372 -13.64 6.92 0.58
N ILE A 373 -13.97 7.60 -0.50
CA ILE A 373 -13.94 7.04 -1.84
C ILE A 373 -12.50 6.78 -2.26
N ALA A 374 -12.27 5.69 -2.99
CA ALA A 374 -10.92 5.29 -3.38
C ALA A 374 -10.57 5.56 -4.85
N ALA A 375 -11.54 5.97 -5.64
CA ALA A 375 -11.22 6.28 -7.04
C ALA A 375 -12.30 7.16 -7.61
N ASP A 376 -11.99 7.74 -8.75
CA ASP A 376 -12.86 8.79 -9.29
C ASP A 376 -13.95 8.17 -10.16
N ARG A 377 -13.75 6.93 -10.60
CA ARG A 377 -14.84 6.24 -11.30
C ARG A 377 -14.97 4.79 -10.82
N GLY A 378 -16.17 4.25 -10.96
CA GLY A 378 -16.46 2.93 -10.38
C GLY A 378 -16.72 3.09 -8.89
N TYR A 379 -17.15 2.02 -8.24
CA TYR A 379 -17.67 2.15 -6.89
C TYR A 379 -16.64 1.69 -5.84
N PHE A 380 -15.48 2.31 -5.85
CA PHE A 380 -14.36 1.92 -4.99
C PHE A 380 -14.33 2.68 -3.67
N ILE A 381 -14.20 1.95 -2.56
CA ILE A 381 -14.20 2.55 -1.23
C ILE A 381 -12.91 2.16 -0.52
N GLN A 382 -12.30 3.11 0.17
CA GLN A 382 -11.08 2.82 0.90
C GLN A 382 -11.34 1.81 2.03
N PRO A 383 -10.41 0.87 2.23
CA PRO A 383 -10.53 0.00 3.43
C PRO A 383 -10.54 0.83 4.70
N THR A 384 -11.58 0.67 5.50
CA THR A 384 -11.87 1.58 6.62
C THR A 384 -11.89 0.80 7.92
N VAL A 385 -11.17 1.30 8.93
CA VAL A 385 -11.18 0.64 10.25
C VAL A 385 -11.64 1.65 11.30
N PHE A 386 -12.62 1.24 12.11
CA PHE A 386 -13.06 2.00 13.29
C PHE A 386 -12.60 1.28 14.55
N GLY A 387 -12.03 2.04 15.48
CA GLY A 387 -11.64 1.50 16.78
C GLY A 387 -12.51 2.05 17.89
N ASP A 388 -12.35 1.46 19.09
CA ASP A 388 -13.16 1.84 20.23
C ASP A 388 -14.66 1.82 19.93
N VAL A 389 -15.07 0.84 19.14
CA VAL A 389 -16.48 0.68 18.87
C VAL A 389 -17.22 0.11 20.09
N GLN A 390 -18.42 0.61 20.31
CA GLN A 390 -19.28 0.16 21.43
C GLN A 390 -20.53 -0.50 20.91
N ASP A 391 -21.12 -1.33 21.75
CA ASP A 391 -22.18 -2.25 21.30
C ASP A 391 -23.42 -1.54 20.77
N GLY A 392 -23.69 -0.36 21.31
CA GLY A 392 -24.90 0.35 21.00
C GLY A 392 -24.77 1.19 19.74
N MET A 393 -23.57 1.27 19.14
CA MET A 393 -23.41 2.08 17.94
C MET A 393 -24.07 1.40 16.74
N THR A 394 -24.64 2.20 15.84
CA THR A 394 -25.23 1.69 14.62
C THR A 394 -24.23 0.79 13.88
N ILE A 395 -22.97 1.19 13.76
CA ILE A 395 -22.03 0.35 13.01
C ILE A 395 -21.67 -0.94 13.71
N ALA A 396 -21.99 -1.06 14.98
CA ALA A 396 -21.84 -2.33 15.69
C ALA A 396 -23.08 -3.19 15.61
N LYS A 397 -24.18 -2.67 15.07
CA LYS A 397 -25.46 -3.39 15.07
C LYS A 397 -25.93 -3.81 13.67
N GLU A 398 -25.81 -2.90 12.73
CA GLU A 398 -26.34 -3.09 11.37
C GLU A 398 -25.27 -3.61 10.41
N GLU A 399 -25.71 -4.53 9.54
CA GLU A 399 -24.87 -5.09 8.49
C GLU A 399 -24.54 -4.01 7.48
N ILE A 400 -23.26 -3.73 7.34
CA ILE A 400 -22.75 -2.70 6.43
C ILE A 400 -22.50 -3.24 5.04
N PHE A 401 -21.96 -4.44 4.96
CA PHE A 401 -21.74 -5.12 3.68
C PHE A 401 -20.72 -4.40 2.81
N GLY A 402 -19.70 -3.83 3.44
CA GLY A 402 -18.63 -3.15 2.70
C GLY A 402 -17.36 -3.22 3.51
N PRO A 403 -16.30 -2.57 3.03
CA PRO A 403 -14.96 -2.69 3.64
C PRO A 403 -14.78 -1.79 4.86
N VAL A 404 -15.58 -2.06 5.88
CA VAL A 404 -15.64 -1.23 7.07
C VAL A 404 -15.55 -2.17 8.30
N MET A 405 -14.42 -2.08 9.00
CA MET A 405 -14.09 -2.96 10.13
C MET A 405 -14.35 -2.28 11.46
N GLN A 406 -14.99 -3.02 12.38
CA GLN A 406 -15.31 -2.53 13.73
C GLN A 406 -14.45 -3.30 14.72
N ILE A 407 -13.65 -2.62 15.55
CA ILE A 407 -12.87 -3.28 16.61
C ILE A 407 -13.38 -2.83 17.98
N LEU A 408 -13.72 -3.82 18.80
CA LEU A 408 -14.32 -3.62 20.12
C LEU A 408 -13.38 -4.27 21.14
N LYS A 409 -13.24 -3.65 22.30
CA LYS A 409 -12.38 -4.15 23.36
C LYS A 409 -13.24 -4.88 24.41
N PHE A 410 -12.69 -5.95 24.97
CA PHE A 410 -13.36 -6.68 26.06
C PHE A 410 -12.35 -7.15 27.06
N LYS A 411 -12.86 -7.52 28.24
CA LYS A 411 -12.03 -8.01 29.33
C LYS A 411 -12.09 -9.52 29.55
N THR A 412 -13.29 -10.08 29.74
CA THR A 412 -13.38 -11.49 30.16
C THR A 412 -14.17 -12.32 29.16
N ILE A 413 -13.94 -13.63 29.24
CA ILE A 413 -14.58 -14.57 28.35
C ILE A 413 -16.08 -14.63 28.58
N GLU A 414 -16.51 -14.50 29.83
CA GLU A 414 -17.91 -14.44 30.13
C GLU A 414 -18.58 -13.18 29.58
N GLU A 415 -17.89 -12.07 29.68
CA GLU A 415 -18.40 -10.82 29.14
C GLU A 415 -18.60 -10.93 27.62
N VAL A 416 -17.56 -11.45 26.97
CA VAL A 416 -17.61 -11.45 25.50
C VAL A 416 -18.68 -12.37 24.93
N VAL A 417 -18.97 -13.50 25.59
CA VAL A 417 -20.10 -14.38 25.17
C VAL A 417 -21.38 -13.60 25.13
N GLY A 418 -21.63 -12.86 26.20
CA GLY A 418 -22.88 -12.13 26.29
C GLY A 418 -22.97 -11.04 25.23
N ARG A 419 -21.88 -10.31 25.01
CA ARG A 419 -21.89 -9.25 24.03
C ARG A 419 -21.99 -9.82 22.62
N ALA A 420 -21.24 -10.88 22.34
CA ALA A 420 -21.32 -11.52 21.01
C ALA A 420 -22.74 -12.02 20.69
N ASN A 421 -23.39 -12.61 21.68
CA ASN A 421 -24.73 -13.18 21.51
C ASN A 421 -25.86 -12.17 21.59
N ASN A 422 -25.54 -10.93 21.99
CA ASN A 422 -26.58 -9.89 22.07
C ASN A 422 -26.79 -9.25 20.71
N SER A 423 -27.46 -10.01 19.85
CA SER A 423 -27.71 -9.68 18.45
C SER A 423 -28.94 -10.48 18.03
N THR A 424 -29.78 -9.89 17.17
CA THR A 424 -30.82 -10.67 16.50
C THR A 424 -30.29 -11.49 15.31
N TYR A 425 -29.01 -11.30 14.97
CA TYR A 425 -28.35 -12.13 13.96
C TYR A 425 -27.62 -13.28 14.63
N GLY A 426 -27.28 -14.30 13.85
CA GLY A 426 -26.55 -15.46 14.36
C GLY A 426 -26.04 -16.36 13.24
N LEU A 427 -25.44 -15.77 12.20
CA LEU A 427 -25.01 -16.59 11.06
C LEU A 427 -23.71 -17.30 11.35
N ALA A 428 -22.71 -16.58 11.84
CA ALA A 428 -21.40 -17.17 12.11
C ALA A 428 -20.72 -16.46 13.27
N ALA A 429 -19.60 -17.04 13.68
CA ALA A 429 -18.77 -16.45 14.74
C ALA A 429 -17.42 -17.12 14.66
N ALA A 430 -16.40 -16.53 15.29
CA ALA A 430 -15.12 -17.16 15.35
C ALA A 430 -14.42 -16.84 16.67
N VAL A 431 -13.49 -17.74 17.01
CA VAL A 431 -12.70 -17.68 18.24
CA VAL A 431 -12.67 -17.57 18.22
C VAL A 431 -11.23 -17.93 17.88
N PHE A 432 -10.31 -17.03 18.29
CA PHE A 432 -8.88 -17.22 18.13
C PHE A 432 -8.26 -17.35 19.52
N THR A 433 -7.69 -18.53 19.76
CA THR A 433 -7.11 -18.84 21.09
C THR A 433 -6.27 -20.08 20.92
N LYS A 434 -5.28 -20.24 21.78
CA LYS A 434 -4.50 -21.46 21.83
C LYS A 434 -5.03 -22.45 22.85
N ASP A 435 -5.98 -22.01 23.68
CA ASP A 435 -6.41 -22.81 24.83
C ASP A 435 -7.58 -23.74 24.48
N LEU A 436 -7.43 -25.02 24.75
CA LEU A 436 -8.49 -26.02 24.47
C LEU A 436 -9.81 -25.66 25.16
N ASP A 437 -9.78 -25.36 26.46
CA ASP A 437 -11.01 -25.09 27.18
C ASP A 437 -11.67 -23.80 26.72
N LYS A 438 -10.91 -22.74 26.39
CA LYS A 438 -11.54 -21.49 25.94
C LYS A 438 -12.22 -21.76 24.61
N ALA A 439 -11.58 -22.56 23.74
CA ALA A 439 -12.18 -22.86 22.44
C ALA A 439 -13.48 -23.63 22.58
N ASN A 440 -13.49 -24.62 23.48
CA ASN A 440 -14.69 -25.45 23.65
C ASN A 440 -15.79 -24.66 24.37
N TYR A 441 -15.42 -23.87 25.37
CA TYR A 441 -16.37 -23.01 26.05
C TYR A 441 -17.09 -22.09 25.05
N LEU A 442 -16.32 -21.40 24.21
CA LEU A 442 -16.91 -20.42 23.32
C LEU A 442 -17.66 -21.06 22.15
N SER A 443 -17.12 -22.14 21.58
CA SER A 443 -17.86 -22.77 20.49
C SER A 443 -19.21 -23.31 20.88
N GLN A 444 -19.31 -23.82 22.11
CA GLN A 444 -20.60 -24.23 22.66
C GLN A 444 -21.52 -23.02 22.94
N ALA A 445 -20.97 -21.96 23.53
CA ALA A 445 -21.81 -20.85 23.99
C ALA A 445 -22.30 -19.93 22.93
N LEU A 446 -21.58 -19.82 21.82
CA LEU A 446 -21.92 -18.83 20.80
C LEU A 446 -23.13 -19.28 20.02
N GLN A 447 -24.10 -18.37 19.88
CA GLN A 447 -25.38 -18.68 19.23
C GLN A 447 -25.28 -18.33 17.75
N ALA A 448 -24.59 -19.20 17.01
CA ALA A 448 -24.32 -19.00 15.61
C ALA A 448 -24.27 -20.31 14.85
N GLY A 449 -24.65 -20.27 13.58
CA GLY A 449 -24.70 -21.48 12.78
C GLY A 449 -23.37 -22.10 12.43
N THR A 450 -22.33 -21.28 12.31
CA THR A 450 -20.95 -21.77 12.14
C THR A 450 -20.08 -21.07 13.16
N VAL A 451 -19.26 -21.82 13.89
CA VAL A 451 -18.21 -21.23 14.72
C VAL A 451 -16.89 -21.74 14.18
N TRP A 452 -16.06 -20.81 13.71
CA TRP A 452 -14.69 -21.12 13.29
C TRP A 452 -13.72 -20.93 14.45
N VAL A 453 -12.76 -21.83 14.56
CA VAL A 453 -11.75 -21.74 15.61
C VAL A 453 -10.39 -21.62 14.95
N ASN A 454 -9.75 -20.47 15.21
CA ASN A 454 -8.45 -20.15 14.62
C ASN A 454 -8.47 -20.13 13.10
N CYS A 455 -9.63 -19.76 12.54
CA CYS A 455 -9.77 -19.61 11.07
C CYS A 455 -11.03 -18.80 10.85
N TYR A 456 -11.35 -18.52 9.58
CA TYR A 456 -12.56 -17.75 9.25
C TYR A 456 -12.91 -18.06 7.79
N ASP A 457 -14.19 -18.04 7.47
CA ASP A 457 -14.66 -18.22 6.10
C ASP A 457 -14.11 -19.50 5.49
N VAL A 458 -14.08 -20.57 6.29
CA VAL A 458 -13.72 -21.90 5.79
C VAL A 458 -15.03 -22.58 5.46
N PHE A 459 -15.34 -22.65 4.18
CA PHE A 459 -16.50 -23.29 3.66
C PHE A 459 -16.03 -24.59 3.05
N GLY A 460 -16.82 -25.60 3.23
CA GLY A 460 -16.53 -26.83 2.49
C GLY A 460 -17.89 -27.34 2.13
N ALA A 461 -17.95 -27.95 0.96
CA ALA A 461 -19.19 -28.50 0.49
C ALA A 461 -19.74 -29.54 1.47
N GLN A 462 -18.86 -30.12 2.30
CA GLN A 462 -19.26 -31.19 3.19
C GLN A 462 -19.93 -30.70 4.47
N SER A 463 -19.73 -29.42 4.82
CA SER A 463 -20.17 -28.94 6.14
C SER A 463 -21.29 -27.93 5.98
N PRO A 464 -22.36 -28.07 6.75
CA PRO A 464 -23.54 -27.21 6.57
C PRO A 464 -23.27 -25.80 7.04
N PHE A 465 -24.09 -24.90 6.50
CA PHE A 465 -23.96 -23.45 6.77
C PHE A 465 -25.37 -22.85 6.79
N GLY A 466 -25.63 -21.99 7.75
CA GLY A 466 -26.90 -21.25 7.81
C GLY A 466 -27.08 -20.61 9.17
N GLY A 467 -28.19 -19.88 9.31
CA GLY A 467 -28.38 -18.99 10.45
C GLY A 467 -29.12 -19.52 11.63
N TYR A 468 -28.73 -19.01 12.80
CA TYR A 468 -29.59 -18.94 13.98
C TYR A 468 -30.35 -17.63 13.93
N LYS A 469 -31.42 -17.55 14.71
CA LYS A 469 -32.13 -16.30 14.94
C LYS A 469 -32.60 -15.73 13.59
N MET A 470 -32.40 -14.43 13.37
CA MET A 470 -32.94 -13.81 12.15
CA MET A 470 -32.92 -13.76 12.16
C MET A 470 -31.93 -13.81 11.01
N SER A 471 -30.90 -14.63 11.14
CA SER A 471 -29.97 -14.87 10.05
C SER A 471 -30.44 -15.93 9.08
N GLY A 472 -31.59 -16.54 9.36
CA GLY A 472 -32.18 -17.49 8.40
C GLY A 472 -32.70 -18.73 9.11
N SER A 473 -33.11 -19.71 8.32
CA SER A 473 -33.58 -21.00 8.84
C SER A 473 -33.21 -22.01 7.76
N GLY A 474 -32.93 -23.21 8.25
CA GLY A 474 -32.44 -24.25 7.38
C GLY A 474 -30.94 -24.17 7.18
N ARG A 475 -30.42 -25.19 6.53
CA ARG A 475 -28.99 -25.29 6.25
C ARG A 475 -28.72 -25.63 4.81
N GLU A 476 -27.66 -25.05 4.25
CA GLU A 476 -27.17 -25.38 2.93
C GLU A 476 -25.84 -26.09 3.11
N LEU A 477 -25.42 -26.81 2.07
CA LEU A 477 -24.21 -27.64 2.07
C LEU A 477 -24.34 -28.89 2.97
N GLY A 478 -23.43 -29.83 2.76
CA GLY A 478 -23.43 -31.06 3.53
C GLY A 478 -24.63 -31.92 3.19
N GLU A 479 -24.78 -32.98 3.98
CA GLU A 479 -25.96 -33.84 3.87
C GLU A 479 -27.21 -33.07 4.26
N TYR A 480 -27.06 -32.12 5.17
CA TYR A 480 -28.16 -31.29 5.64
C TYR A 480 -28.82 -30.52 4.53
N GLY A 481 -28.03 -30.11 3.54
CA GLY A 481 -28.51 -29.36 2.40
C GLY A 481 -29.53 -30.09 1.55
N LEU A 482 -29.67 -31.40 1.75
CA LEU A 482 -30.66 -32.21 1.04
C LEU A 482 -32.03 -32.24 1.70
N GLN A 483 -32.08 -31.92 3.00
N GLN A 483 -32.10 -31.94 2.99
CA GLN A 483 -33.29 -32.06 3.83
CA GLN A 483 -33.35 -32.11 3.73
C GLN A 483 -34.48 -31.25 3.31
C GLN A 483 -34.49 -31.28 3.15
N ALA A 484 -34.22 -30.01 2.89
CA ALA A 484 -35.25 -29.11 2.44
C ALA A 484 -35.69 -29.41 1.03
N TYR A 485 -34.96 -30.27 0.33
CA TYR A 485 -35.29 -30.66 -1.04
C TYR A 485 -35.96 -32.02 -1.12
N THR A 486 -36.33 -32.58 0.03
CA THR A 486 -36.91 -33.91 0.13
C THR A 486 -38.28 -33.83 0.78
N GLU A 487 -39.24 -34.56 0.19
CA GLU A 487 -40.57 -34.77 0.77
C GLU A 487 -40.62 -36.24 1.16
N VAL A 488 -40.96 -36.48 2.41
CA VAL A 488 -40.91 -37.82 2.98
C VAL A 488 -42.29 -38.46 2.89
N LYS A 489 -42.34 -39.67 2.30
CA LYS A 489 -43.58 -40.43 2.25
C LYS A 489 -43.39 -41.71 3.06
N THR A 490 -44.29 -41.97 3.98
CA THR A 490 -44.37 -43.24 4.69
C THR A 490 -45.28 -44.18 3.96
N VAL A 491 -44.83 -45.40 3.72
CA VAL A 491 -45.71 -46.44 3.17
C VAL A 491 -45.77 -47.52 4.23
N THR A 492 -46.98 -47.88 4.65
CA THR A 492 -47.18 -48.87 5.70
C THR A 492 -48.12 -49.94 5.20
N VAL A 493 -47.59 -51.16 5.12
CA VAL A 493 -48.20 -52.27 4.40
C VAL A 493 -48.55 -53.39 5.36
N LYS A 494 -49.82 -53.82 5.38
CA LYS A 494 -50.23 -55.00 6.13
C LYS A 494 -49.49 -56.22 5.62
N VAL A 495 -48.90 -56.99 6.55
CA VAL A 495 -48.24 -58.26 6.18
C VAL A 495 -48.87 -59.43 6.98
N PRO A 496 -48.71 -60.66 6.46
CA PRO A 496 -49.32 -61.79 7.17
C PRO A 496 -48.85 -61.95 8.62
N GLN A 497 -47.54 -61.87 8.82
CA GLN A 497 -47.01 -61.99 10.20
C GLN A 497 -45.63 -61.37 10.29
N LYS A 498 -45.53 -60.25 10.99
CA LYS A 498 -44.25 -59.56 11.14
C LYS A 498 -43.35 -60.37 12.07
N ASN A 499 -42.10 -60.50 11.65
CA ASN A 499 -41.05 -61.03 12.50
C ASN A 499 -39.83 -60.15 12.44
N SER A 500 -39.03 -60.19 13.49
CA SER A 500 -37.80 -59.41 13.50
C SER A 500 -36.85 -59.84 12.37
N ALA B 7 -58.83 -56.18 28.54
CA ALA B 7 -59.97 -55.77 29.39
C ALA B 7 -59.87 -54.29 29.69
N VAL B 8 -61.01 -53.68 29.97
CA VAL B 8 -61.07 -52.25 30.28
C VAL B 8 -61.61 -52.04 31.67
N PRO B 9 -60.79 -51.43 32.54
CA PRO B 9 -61.28 -51.15 33.89
C PRO B 9 -62.47 -50.23 33.89
N ALA B 10 -63.35 -50.39 34.88
CA ALA B 10 -64.55 -49.53 34.91
C ALA B 10 -64.20 -48.07 35.02
N PRO B 11 -64.94 -47.20 34.31
CA PRO B 11 -64.69 -45.78 34.41
C PRO B 11 -65.30 -45.13 35.64
N ASN B 12 -64.73 -43.98 36.00
CA ASN B 12 -65.51 -43.00 36.78
C ASN B 12 -66.14 -42.09 35.75
N GLN B 13 -67.45 -42.16 35.62
CA GLN B 13 -68.18 -41.41 34.59
C GLN B 13 -68.31 -39.91 34.92
N GLN B 14 -67.88 -39.50 36.10
CA GLN B 14 -67.90 -38.07 36.44
C GLN B 14 -66.60 -37.75 37.21
N PRO B 15 -65.47 -37.83 36.49
CA PRO B 15 -64.18 -37.62 37.17
C PRO B 15 -64.05 -36.19 37.67
N GLU B 16 -63.46 -36.03 38.87
CA GLU B 16 -63.21 -34.68 39.40
C GLU B 16 -62.10 -34.03 38.60
N VAL B 17 -62.18 -32.71 38.47
CA VAL B 17 -61.15 -31.91 37.79
C VAL B 17 -60.29 -31.29 38.88
N PHE B 18 -58.97 -31.48 38.77
CA PHE B 18 -58.01 -30.98 39.74
C PHE B 18 -57.19 -29.81 39.24
N CYS B 19 -57.11 -29.64 37.93
CA CYS B 19 -56.21 -28.67 37.31
C CYS B 19 -57.02 -27.87 36.28
N ASN B 20 -57.13 -26.56 36.46
CA ASN B 20 -57.94 -25.73 35.51
C ASN B 20 -57.39 -24.32 35.38
N GLN B 21 -56.10 -24.19 35.56
CA GLN B 21 -55.43 -22.91 35.51
C GLN B 21 -54.28 -22.90 34.50
N ILE B 22 -53.57 -21.80 34.45
CA ILE B 22 -52.37 -21.64 33.57
C ILE B 22 -51.16 -22.24 34.31
N PHE B 23 -50.33 -23.01 33.61
CA PHE B 23 -49.21 -23.74 34.26
C PHE B 23 -47.91 -23.09 33.78
N ILE B 24 -47.21 -22.41 34.69
CA ILE B 24 -45.97 -21.70 34.37
C ILE B 24 -45.04 -21.95 35.53
N ASN B 25 -43.80 -22.35 35.22
CA ASN B 25 -42.80 -22.63 36.29
C ASN B 25 -43.27 -23.64 37.33
N ASN B 26 -43.98 -24.67 36.86
CA ASN B 26 -44.45 -25.77 37.69
C ASN B 26 -45.41 -25.28 38.76
N GLU B 27 -46.08 -24.15 38.50
CA GLU B 27 -47.10 -23.64 39.42
C GLU B 27 -48.34 -23.25 38.63
N TRP B 28 -49.46 -23.18 39.34
CA TRP B 28 -50.76 -22.89 38.75
C TRP B 28 -51.11 -21.42 38.99
N HIS B 29 -51.54 -20.76 37.93
CA HIS B 29 -51.84 -19.31 37.93
C HIS B 29 -53.20 -19.03 37.36
N ASP B 30 -53.92 -18.08 37.96
CA ASP B 30 -55.04 -17.51 37.26
C ASP B 30 -54.50 -16.68 36.10
N ALA B 31 -55.34 -16.43 35.11
CA ALA B 31 -55.00 -15.44 34.08
C ALA B 31 -54.79 -14.08 34.73
N VAL B 32 -53.91 -13.28 34.18
CA VAL B 32 -53.71 -11.91 34.65
C VAL B 32 -55.04 -11.16 34.76
N SER B 33 -55.89 -11.32 33.75
CA SER B 33 -57.24 -10.70 33.73
C SER B 33 -58.24 -11.29 34.72
N ARG B 34 -57.89 -12.45 35.28
CA ARG B 34 -58.81 -13.26 36.09
C ARG B 34 -59.99 -13.84 35.33
N LYS B 35 -60.03 -13.71 34.01
CA LYS B 35 -61.09 -14.29 33.20
C LYS B 35 -61.00 -15.82 33.19
N THR B 36 -62.16 -16.44 33.06
CA THR B 36 -62.24 -17.88 32.81
C THR B 36 -63.26 -18.17 31.72
N PHE B 37 -63.14 -19.35 31.10
CA PHE B 37 -64.10 -19.80 30.12
C PHE B 37 -64.62 -21.20 30.51
N PRO B 38 -65.84 -21.53 30.09
CA PRO B 38 -66.37 -22.88 30.36
C PRO B 38 -65.88 -23.92 29.36
N THR B 39 -65.60 -25.13 29.85
CA THR B 39 -65.50 -26.25 28.94
C THR B 39 -66.68 -27.18 29.20
N VAL B 40 -67.22 -27.71 28.12
CA VAL B 40 -68.51 -28.38 28.11
C VAL B 40 -68.32 -29.86 27.79
N ASN B 41 -69.19 -30.67 28.37
CA ASN B 41 -69.29 -32.08 28.05
C ASN B 41 -70.19 -32.19 26.83
N PRO B 42 -69.65 -32.60 25.68
CA PRO B 42 -70.45 -32.65 24.45
C PRO B 42 -71.57 -33.69 24.41
N SER B 43 -71.57 -34.65 25.34
CA SER B 43 -72.60 -35.66 25.41
C SER B 43 -73.85 -35.10 26.04
N THR B 44 -73.70 -34.05 26.83
CA THR B 44 -74.85 -33.49 27.60
C THR B 44 -75.09 -32.03 27.29
N GLY B 45 -74.06 -31.35 26.80
CA GLY B 45 -74.14 -29.92 26.60
C GLY B 45 -73.89 -29.14 27.88
N GLU B 46 -73.58 -29.81 28.99
CA GLU B 46 -73.40 -29.13 30.26
C GLU B 46 -71.95 -28.72 30.54
N VAL B 47 -71.77 -27.64 31.29
CA VAL B 47 -70.44 -27.17 31.67
C VAL B 47 -69.78 -28.12 32.67
N ILE B 48 -68.53 -28.48 32.40
CA ILE B 48 -67.75 -29.30 33.31
C ILE B 48 -67.14 -28.42 34.42
N CYS B 49 -66.46 -27.37 33.99
CA CYS B 49 -65.83 -26.42 34.92
C CYS B 49 -65.39 -25.20 34.14
N GLN B 50 -64.92 -24.18 34.87
CA GLN B 50 -64.27 -23.03 34.29
C GLN B 50 -62.80 -23.28 34.20
N VAL B 51 -62.16 -22.62 33.25
CA VAL B 51 -60.73 -22.78 32.98
C VAL B 51 -60.15 -21.39 32.76
N ALA B 52 -58.98 -21.11 33.34
CA ALA B 52 -58.32 -19.85 33.13
C ALA B 52 -58.19 -19.48 31.68
N GLU B 53 -58.57 -18.25 31.36
CA GLU B 53 -58.59 -17.79 29.98
C GLU B 53 -57.33 -16.99 29.72
N GLY B 54 -56.28 -17.67 29.27
CA GLY B 54 -55.01 -17.00 28.98
C GLY B 54 -55.03 -16.14 27.73
N ASP B 55 -54.26 -15.08 27.76
CA ASP B 55 -54.16 -14.12 26.65
C ASP B 55 -52.69 -13.73 26.49
N LYS B 56 -52.43 -12.67 25.72
CA LYS B 56 -51.05 -12.24 25.43
C LYS B 56 -50.18 -12.11 26.69
N GLU B 57 -50.71 -11.48 27.74
CA GLU B 57 -49.90 -11.25 28.92
C GLU B 57 -49.49 -12.55 29.63
N ASP B 58 -50.39 -13.54 29.60
CA ASP B 58 -50.06 -14.87 30.13
C ASP B 58 -49.04 -15.63 29.26
N VAL B 59 -49.19 -15.53 27.94
CA VAL B 59 -48.17 -16.09 27.03
C VAL B 59 -46.83 -15.43 27.29
N ASP B 60 -46.79 -14.11 27.51
CA ASP B 60 -45.52 -13.44 27.74
C ASP B 60 -44.86 -13.93 29.04
N LYS B 61 -45.66 -14.16 30.07
CA LYS B 61 -45.14 -14.78 31.30
C LYS B 61 -44.56 -16.17 31.03
N ALA B 62 -45.27 -16.97 30.25
CA ALA B 62 -44.81 -18.32 29.94
C ALA B 62 -43.52 -18.35 29.11
N VAL B 63 -43.45 -17.48 28.10
CA VAL B 63 -42.23 -17.35 27.29
C VAL B 63 -41.05 -16.92 28.16
N LYS B 64 -41.25 -15.98 29.07
CA LYS B 64 -40.12 -15.59 29.88
C LYS B 64 -39.65 -16.72 30.77
N ALA B 65 -40.58 -17.51 31.30
CA ALA B 65 -40.22 -18.66 32.12
C ALA B 65 -39.47 -19.70 31.29
N ALA B 66 -39.98 -19.96 30.08
CA ALA B 66 -39.29 -20.90 29.21
C ALA B 66 -37.86 -20.44 28.86
N ARG B 67 -37.74 -19.16 28.54
CA ARG B 67 -36.44 -18.60 28.16
C ARG B 67 -35.47 -18.72 29.35
N ALA B 68 -35.94 -18.45 30.56
CA ALA B 68 -35.05 -18.61 31.69
C ALA B 68 -34.61 -20.05 31.90
N ALA B 69 -35.53 -21.00 31.70
CA ALA B 69 -35.19 -22.41 31.84
C ALA B 69 -34.22 -22.91 30.77
N PHE B 70 -34.12 -22.17 29.68
CA PHE B 70 -33.23 -22.50 28.55
C PHE B 70 -31.85 -21.84 28.62
N GLN B 71 -31.64 -21.01 29.64
CA GLN B 71 -30.36 -20.31 29.73
C GLN B 71 -29.20 -21.27 29.87
N LEU B 72 -28.11 -20.97 29.16
CA LEU B 72 -26.92 -21.80 29.29
C LEU B 72 -26.57 -21.93 30.77
N GLY B 73 -26.23 -23.13 31.24
CA GLY B 73 -25.92 -23.33 32.64
C GLY B 73 -27.12 -23.69 33.50
N SER B 74 -28.33 -23.65 32.95
CA SER B 74 -29.52 -24.01 33.75
C SER B 74 -29.58 -25.51 34.02
N PRO B 75 -30.40 -25.93 34.98
CA PRO B 75 -30.52 -27.36 35.20
C PRO B 75 -30.95 -28.11 33.94
N TRP B 76 -31.89 -27.57 33.16
CA TRP B 76 -32.34 -28.27 31.95
C TRP B 76 -31.28 -28.33 30.86
N ARG B 77 -30.50 -27.26 30.71
CA ARG B 77 -29.44 -27.25 29.71
C ARG B 77 -28.26 -28.14 30.11
N ARG B 78 -27.97 -28.24 31.42
CA ARG B 78 -26.84 -29.07 31.88
C ARG B 78 -27.15 -30.57 32.03
N MET B 79 -28.43 -30.89 32.10
CA MET B 79 -28.87 -32.25 32.32
C MET B 79 -28.33 -33.17 31.26
N ASP B 80 -27.86 -34.34 31.67
CA ASP B 80 -27.46 -35.36 30.69
C ASP B 80 -28.61 -35.68 29.74
N ALA B 81 -28.29 -35.85 28.46
CA ALA B 81 -29.35 -36.24 27.51
C ALA B 81 -30.02 -37.53 27.98
N SER B 82 -29.28 -38.49 28.49
CA SER B 82 -29.89 -39.73 28.96
C SER B 82 -30.91 -39.46 30.07
N HIS B 83 -30.66 -38.41 30.89
CA HIS B 83 -31.57 -38.08 31.97
C HIS B 83 -32.86 -37.45 31.47
N ARG B 84 -32.80 -36.67 30.41
CA ARG B 84 -34.06 -36.24 29.77
C ARG B 84 -34.88 -37.48 29.41
N GLY B 85 -34.22 -38.53 28.94
CA GLY B 85 -34.92 -39.77 28.61
C GLY B 85 -35.54 -40.38 29.84
N ARG B 86 -34.80 -40.37 30.95
CA ARG B 86 -35.37 -40.87 32.20
C ARG B 86 -36.60 -40.10 32.63
N LEU B 87 -36.58 -38.78 32.47
CA LEU B 87 -37.72 -37.95 32.86
C LEU B 87 -38.92 -38.26 31.94
N LEU B 88 -38.70 -38.46 30.64
CA LEU B 88 -39.83 -38.81 29.77
C LEU B 88 -40.41 -40.16 30.13
N ASN B 89 -39.55 -41.13 30.46
CA ASN B 89 -40.01 -42.44 30.92
C ASN B 89 -40.78 -42.34 32.24
N ARG B 90 -40.33 -41.44 33.14
CA ARG B 90 -41.07 -41.29 34.39
C ARG B 90 -42.44 -40.67 34.12
N LEU B 91 -42.51 -39.67 33.26
CA LEU B 91 -43.80 -39.10 32.85
C LEU B 91 -44.74 -40.18 32.32
N ALA B 92 -44.25 -41.01 31.41
CA ALA B 92 -45.07 -42.08 30.90
C ALA B 92 -45.56 -43.01 32.02
N ASP B 93 -44.68 -43.38 32.95
CA ASP B 93 -45.14 -44.22 34.05
C ASP B 93 -46.24 -43.56 34.89
N LEU B 94 -46.16 -42.25 35.10
CA LEU B 94 -47.20 -41.54 35.87
C LEU B 94 -48.50 -41.51 35.08
N ILE B 95 -48.43 -41.31 33.77
CA ILE B 95 -49.63 -41.35 32.94
C ILE B 95 -50.25 -42.74 32.99
N GLU B 96 -49.41 -43.79 32.96
CA GLU B 96 -49.89 -45.16 33.05
C GLU B 96 -50.57 -45.41 34.43
N ARG B 97 -49.96 -44.90 35.49
CA ARG B 97 -50.58 -45.01 36.81
C ARG B 97 -51.99 -44.43 36.79
N ASP B 98 -52.15 -43.28 36.14
CA ASP B 98 -53.41 -42.52 36.13
C ASP B 98 -54.23 -42.77 34.83
N ARG B 99 -53.98 -43.91 34.19
CA ARG B 99 -54.58 -44.19 32.86
C ARG B 99 -56.11 -44.16 32.85
N THR B 100 -56.77 -44.76 33.85
CA THR B 100 -58.24 -44.75 33.82
C THR B 100 -58.82 -43.37 34.05
N TYR B 101 -58.19 -42.58 34.90
CA TYR B 101 -58.61 -41.21 35.16
C TYR B 101 -58.48 -40.38 33.92
N LEU B 102 -57.30 -40.45 33.30
CA LEU B 102 -57.09 -39.66 32.09
C LEU B 102 -57.98 -40.09 30.94
N ALA B 103 -58.21 -41.40 30.78
CA ALA B 103 -59.17 -41.89 29.80
C ALA B 103 -60.58 -41.34 30.01
N ALA B 104 -61.04 -41.36 31.27
CA ALA B 104 -62.38 -40.89 31.56
C ALA B 104 -62.52 -39.40 31.40
N LEU B 105 -61.48 -38.65 31.80
CA LEU B 105 -61.46 -37.19 31.62
C LEU B 105 -61.47 -36.84 30.13
N GLU B 106 -60.68 -37.59 29.36
CA GLU B 106 -60.64 -37.36 27.93
C GLU B 106 -62.02 -37.55 27.33
N THR B 107 -62.68 -38.65 27.69
CA THR B 107 -64.05 -38.89 27.21
C THR B 107 -65.03 -37.80 27.66
N LEU B 108 -64.95 -37.39 28.92
CA LEU B 108 -65.88 -36.39 29.45
C LEU B 108 -65.79 -35.07 28.66
N ASP B 109 -64.56 -34.63 28.38
CA ASP B 109 -64.33 -33.33 27.77
C ASP B 109 -64.42 -33.35 26.23
N ASN B 110 -64.08 -34.48 25.60
CA ASN B 110 -64.00 -34.56 24.13
C ASN B 110 -65.18 -35.31 23.49
N GLY B 111 -65.69 -36.33 24.18
CA GLY B 111 -66.81 -37.11 23.68
C GLY B 111 -66.49 -38.52 23.19
N LYS B 112 -65.22 -38.84 22.99
CA LYS B 112 -64.87 -40.13 22.40
C LYS B 112 -65.19 -41.27 23.36
N PRO B 113 -65.47 -42.47 22.83
CA PRO B 113 -65.82 -43.55 23.79
C PRO B 113 -64.69 -43.84 24.77
N TYR B 114 -65.07 -44.10 26.02
CA TYR B 114 -64.09 -44.43 27.05
C TYR B 114 -63.26 -45.64 26.72
N VAL B 115 -63.86 -46.67 26.12
CA VAL B 115 -63.10 -47.85 25.74
C VAL B 115 -61.97 -47.46 24.77
N ILE B 116 -62.24 -46.54 23.85
CA ILE B 116 -61.22 -46.09 22.88
C ILE B 116 -60.23 -45.15 23.54
N SER B 117 -60.68 -44.22 24.37
CA SER B 117 -59.73 -43.39 25.11
C SER B 117 -58.73 -44.26 25.85
N TYR B 118 -59.22 -45.32 26.47
CA TYR B 118 -58.39 -46.18 27.31
C TYR B 118 -57.44 -47.06 26.49
N LEU B 119 -58.01 -47.79 25.54
CA LEU B 119 -57.24 -48.78 24.79
C LEU B 119 -56.43 -48.19 23.63
N VAL B 120 -56.89 -47.07 23.09
CA VAL B 120 -56.21 -46.47 21.95
C VAL B 120 -55.47 -45.20 22.33
N ASP B 121 -56.19 -44.12 22.68
CA ASP B 121 -55.50 -42.87 22.93
C ASP B 121 -54.43 -43.01 24.00
N LEU B 122 -54.77 -43.55 25.17
CA LEU B 122 -53.77 -43.59 26.25
C LEU B 122 -52.62 -44.54 25.91
N ASP B 123 -52.89 -45.64 25.22
CA ASP B 123 -51.81 -46.55 24.80
C ASP B 123 -50.86 -45.81 23.84
N MET B 124 -51.41 -45.07 22.89
N MET B 124 -51.41 -45.02 22.92
CA MET B 124 -50.58 -44.33 21.92
CA MET B 124 -50.56 -44.34 21.94
C MET B 124 -49.76 -43.24 22.60
C MET B 124 -49.79 -43.17 22.55
N VAL B 125 -50.34 -42.58 23.60
CA VAL B 125 -49.60 -41.58 24.38
C VAL B 125 -48.38 -42.23 25.02
N LEU B 126 -48.60 -43.34 25.72
CA LEU B 126 -47.51 -44.04 26.43
C LEU B 126 -46.43 -44.46 25.43
N LYS B 127 -46.85 -45.01 24.30
CA LYS B 127 -45.90 -45.46 23.30
C LYS B 127 -45.10 -44.32 22.69
N CYS B 128 -45.74 -43.17 22.48
CA CYS B 128 -45.06 -42.03 21.90
C CYS B 128 -44.02 -41.50 22.90
N LEU B 129 -44.40 -41.29 24.15
CA LEU B 129 -43.44 -40.76 25.12
C LEU B 129 -42.29 -41.73 25.33
N ARG B 130 -42.60 -43.02 25.43
CA ARG B 130 -41.54 -44.03 25.61
C ARG B 130 -40.62 -44.14 24.41
N TYR B 131 -41.17 -43.98 23.20
CA TYR B 131 -40.36 -43.97 22.00
C TYR B 131 -39.38 -42.81 22.05
N TYR B 132 -39.89 -41.60 22.29
CA TYR B 132 -39.02 -40.42 22.29
C TYR B 132 -38.04 -40.39 23.45
N ALA B 133 -38.40 -40.99 24.59
CA ALA B 133 -37.43 -41.10 25.68
C ALA B 133 -36.15 -41.75 25.17
N GLY B 134 -36.30 -42.77 24.33
CA GLY B 134 -35.18 -43.50 23.71
C GLY B 134 -34.33 -42.66 22.79
N TRP B 135 -34.90 -41.62 22.18
CA TRP B 135 -34.11 -40.79 21.26
C TRP B 135 -33.25 -39.79 22.00
N ALA B 136 -33.52 -39.54 23.29
CA ALA B 136 -32.93 -38.37 23.92
C ALA B 136 -31.41 -38.27 23.78
N ASP B 137 -30.72 -39.41 23.81
CA ASP B 137 -29.26 -39.45 23.79
C ASP B 137 -28.71 -40.15 22.56
N LYS B 138 -29.49 -40.16 21.46
CA LYS B 138 -29.07 -40.86 20.24
C LYS B 138 -29.13 -40.03 18.98
N TYR B 139 -29.50 -38.76 19.04
CA TYR B 139 -29.62 -38.00 17.80
C TYR B 139 -28.32 -37.25 17.52
N HIS B 140 -27.37 -38.01 17.04
CA HIS B 140 -25.98 -37.55 16.90
C HIS B 140 -25.78 -36.48 15.84
N GLY B 141 -24.84 -35.57 16.09
CA GLY B 141 -24.25 -34.76 15.03
C GLY B 141 -23.23 -35.56 14.29
N LYS B 142 -22.45 -34.84 13.46
CA LYS B 142 -21.53 -35.50 12.53
C LYS B 142 -20.10 -35.00 12.71
N THR B 143 -19.13 -35.87 12.40
CA THR B 143 -17.78 -35.41 12.13
C THR B 143 -17.57 -35.52 10.62
N ILE B 144 -17.00 -34.49 10.01
CA ILE B 144 -17.15 -34.27 8.57
C ILE B 144 -15.78 -34.11 7.94
N PRO B 145 -15.46 -34.89 6.91
CA PRO B 145 -14.13 -34.82 6.31
C PRO B 145 -13.95 -33.70 5.30
N ILE B 146 -14.08 -32.48 5.77
CA ILE B 146 -13.89 -31.26 4.97
C ILE B 146 -12.47 -31.17 4.40
N ASP B 147 -12.35 -30.47 3.27
CA ASP B 147 -11.07 -30.22 2.63
C ASP B 147 -10.19 -29.36 3.55
N GLY B 148 -8.89 -29.55 3.41
CA GLY B 148 -7.89 -28.75 4.10
C GLY B 148 -7.59 -29.19 5.52
N ASP B 149 -6.76 -28.39 6.17
CA ASP B 149 -6.24 -28.77 7.47
C ASP B 149 -7.20 -28.28 8.58
N PHE B 150 -8.34 -28.98 8.66
CA PHE B 150 -9.41 -28.62 9.59
C PHE B 150 -10.03 -29.87 10.16
N PHE B 151 -10.57 -29.70 11.36
CA PHE B 151 -11.50 -30.65 12.01
C PHE B 151 -12.85 -29.95 11.98
N SER B 152 -13.85 -30.54 11.33
CA SER B 152 -15.18 -29.91 11.25
C SER B 152 -16.22 -30.92 11.78
N TYR B 153 -17.15 -30.42 12.56
CA TYR B 153 -18.21 -31.27 13.12
C TYR B 153 -19.46 -30.46 13.32
N THR B 154 -20.58 -31.17 13.52
CA THR B 154 -21.81 -30.49 13.86
C THR B 154 -22.27 -30.86 15.26
N ARG B 155 -22.80 -29.85 15.94
CA ARG B 155 -23.60 -30.05 17.16
C ARG B 155 -25.06 -29.98 16.81
N HIS B 156 -25.85 -30.94 17.28
CA HIS B 156 -27.30 -30.86 17.22
C HIS B 156 -27.75 -30.25 18.55
N GLU B 157 -28.12 -28.97 18.49
CA GLU B 157 -28.53 -28.22 19.65
C GLU B 157 -30.06 -28.09 19.63
N PRO B 158 -30.67 -27.72 20.75
CA PRO B 158 -32.12 -27.51 20.72
C PRO B 158 -32.43 -26.21 19.99
N VAL B 159 -33.55 -26.19 19.29
N VAL B 159 -33.55 -26.15 19.28
CA VAL B 159 -33.99 -24.97 18.61
CA VAL B 159 -33.97 -24.88 18.67
C VAL B 159 -34.36 -23.85 19.58
C VAL B 159 -34.18 -23.79 19.69
N GLY B 160 -34.78 -24.17 20.82
CA GLY B 160 -34.99 -23.21 21.89
C GLY B 160 -36.40 -23.22 22.49
N VAL B 161 -37.01 -22.03 22.52
CA VAL B 161 -38.36 -21.86 23.04
C VAL B 161 -39.36 -22.21 21.93
N CYS B 162 -40.12 -23.27 22.17
CA CYS B 162 -41.00 -23.83 21.14
C CYS B 162 -42.45 -23.61 21.52
N GLY B 163 -43.16 -22.87 20.67
CA GLY B 163 -44.60 -22.67 20.84
C GLY B 163 -45.30 -23.82 20.18
N GLN B 164 -46.22 -24.46 20.88
CA GLN B 164 -46.90 -25.65 20.34
C GLN B 164 -48.39 -25.45 20.54
N ILE B 165 -49.14 -25.47 19.44
CA ILE B 165 -50.57 -25.22 19.48
C ILE B 165 -51.27 -26.48 19.01
N ILE B 166 -52.08 -27.08 19.89
CA ILE B 166 -52.64 -28.41 19.60
C ILE B 166 -54.17 -28.38 19.57
N PRO B 167 -54.76 -29.26 18.79
CA PRO B 167 -56.19 -29.27 18.56
C PRO B 167 -56.95 -30.16 19.54
N TRP B 168 -58.26 -30.28 19.30
CA TRP B 168 -59.14 -30.93 20.23
C TRP B 168 -59.52 -32.37 19.88
N ASN B 169 -59.08 -32.86 18.72
CA ASN B 169 -59.55 -34.17 18.28
C ASN B 169 -58.93 -35.35 19.03
N PHE B 170 -57.64 -35.24 19.34
CA PHE B 170 -56.93 -36.24 20.14
C PHE B 170 -56.13 -35.42 21.15
N PRO B 171 -56.78 -34.91 22.20
CA PRO B 171 -56.07 -33.93 23.04
C PRO B 171 -54.78 -34.46 23.70
N LEU B 172 -54.87 -35.58 24.39
CA LEU B 172 -53.67 -36.17 25.01
C LEU B 172 -52.63 -36.64 24.00
N LEU B 173 -53.09 -37.27 22.93
CA LEU B 173 -52.14 -37.82 21.96
C LEU B 173 -51.39 -36.69 21.26
N MET B 174 -52.10 -35.64 20.86
CA MET B 174 -51.44 -34.49 20.24
C MET B 174 -50.47 -33.82 21.19
N GLN B 175 -50.83 -33.73 22.46
CA GLN B 175 -49.86 -33.22 23.45
C GLN B 175 -48.57 -34.05 23.45
N ALA B 176 -48.72 -35.37 23.43
CA ALA B 176 -47.55 -36.27 23.46
C ALA B 176 -46.73 -36.19 22.17
N TRP B 177 -47.39 -36.10 21.02
CA TRP B 177 -46.67 -35.99 19.75
C TRP B 177 -45.80 -34.75 19.72
N LYS B 178 -46.21 -33.70 20.43
CA LYS B 178 -45.44 -32.44 20.49
C LYS B 178 -44.39 -32.49 21.59
N LEU B 179 -44.76 -32.93 22.80
CA LEU B 179 -43.80 -32.91 23.92
C LEU B 179 -42.68 -33.94 23.74
N GLY B 180 -43.01 -35.12 23.25
CA GLY B 180 -42.01 -36.19 23.08
C GLY B 180 -40.73 -35.71 22.39
N PRO B 181 -40.84 -35.26 21.13
CA PRO B 181 -39.62 -34.82 20.42
C PRO B 181 -39.00 -33.53 20.94
N ALA B 182 -39.82 -32.59 21.35
CA ALA B 182 -39.28 -31.33 21.88
C ALA B 182 -38.44 -31.57 23.14
N LEU B 183 -38.96 -32.35 24.06
CA LEU B 183 -38.23 -32.59 25.32
C LEU B 183 -37.06 -33.55 25.11
N ALA B 184 -37.22 -34.54 24.24
CA ALA B 184 -36.11 -35.46 23.99
C ALA B 184 -34.85 -34.70 23.52
N THR B 185 -35.04 -33.63 22.74
CA THR B 185 -33.96 -32.81 22.15
C THR B 185 -33.60 -31.61 23.01
N GLY B 186 -34.19 -31.48 24.19
CA GLY B 186 -33.73 -30.44 25.13
C GLY B 186 -34.30 -29.06 24.94
N ASN B 187 -35.42 -28.97 24.22
CA ASN B 187 -36.12 -27.69 24.07
C ASN B 187 -36.97 -27.39 25.32
N VAL B 188 -37.51 -26.16 25.33
CA VAL B 188 -38.52 -25.75 26.33
C VAL B 188 -39.78 -25.37 25.55
N VAL B 189 -40.93 -25.45 26.21
CA VAL B 189 -42.23 -25.41 25.54
C VAL B 189 -43.21 -24.43 26.18
N VAL B 190 -43.89 -23.70 25.32
CA VAL B 190 -45.08 -22.94 25.68
C VAL B 190 -46.20 -23.50 24.78
N MET B 191 -47.12 -24.22 25.42
CA MET B 191 -48.17 -24.97 24.72
C MET B 191 -49.52 -24.33 24.93
N LYS B 192 -50.24 -24.15 23.83
CA LYS B 192 -51.62 -23.66 23.86
C LYS B 192 -52.51 -24.85 23.52
N VAL B 193 -53.37 -25.24 24.46
CA VAL B 193 -54.31 -26.33 24.28
C VAL B 193 -55.66 -25.82 23.80
N ALA B 194 -56.46 -26.70 23.21
CA ALA B 194 -57.75 -26.28 22.60
C ALA B 194 -58.77 -25.94 23.66
N GLU B 195 -59.51 -24.85 23.45
CA GLU B 195 -60.57 -24.48 24.40
C GLU B 195 -61.67 -25.51 24.58
N GLN B 196 -61.87 -26.36 23.58
CA GLN B 196 -62.85 -27.43 23.71
C GLN B 196 -62.38 -28.57 24.63
N THR B 197 -61.08 -28.77 24.73
CA THR B 197 -60.53 -29.93 25.45
C THR B 197 -59.25 -29.58 26.20
N PRO B 198 -59.31 -28.62 27.12
CA PRO B 198 -58.10 -28.22 27.85
C PRO B 198 -57.73 -29.13 29.01
N LEU B 199 -58.67 -29.89 29.55
CA LEU B 199 -58.48 -30.46 30.89
C LEU B 199 -57.41 -31.56 30.98
N THR B 200 -57.41 -32.52 30.04
CA THR B 200 -56.44 -33.62 30.19
C THR B 200 -55.01 -33.13 30.09
N ALA B 201 -54.75 -32.14 29.23
CA ALA B 201 -53.38 -31.61 29.11
C ALA B 201 -52.89 -30.91 30.36
N LEU B 202 -53.82 -30.25 31.09
CA LEU B 202 -53.48 -29.59 32.31
C LEU B 202 -53.18 -30.61 33.40
N TYR B 203 -53.92 -31.72 33.47
CA TYR B 203 -53.58 -32.76 34.42
C TYR B 203 -52.20 -33.32 34.09
N VAL B 204 -51.90 -33.55 32.81
CA VAL B 204 -50.56 -33.99 32.46
C VAL B 204 -49.48 -33.00 32.91
N ALA B 205 -49.76 -31.69 32.88
CA ALA B 205 -48.78 -30.73 33.43
C ALA B 205 -48.49 -31.03 34.90
N ASN B 206 -49.52 -31.37 35.68
CA ASN B 206 -49.27 -31.76 37.05
C ASN B 206 -48.32 -32.96 37.15
N LEU B 207 -48.47 -33.90 36.23
CA LEU B 207 -47.58 -35.07 36.16
C LEU B 207 -46.15 -34.72 35.71
N ILE B 208 -46.01 -33.71 34.85
CA ILE B 208 -44.71 -33.19 34.45
C ILE B 208 -43.98 -32.67 35.67
N LYS B 209 -44.67 -31.91 36.51
CA LYS B 209 -44.08 -31.43 37.79
C LYS B 209 -43.72 -32.65 38.64
N GLU B 210 -44.65 -33.58 38.80
CA GLU B 210 -44.38 -34.76 39.62
C GLU B 210 -43.18 -35.57 39.14
N ALA B 211 -43.01 -35.68 37.82
CA ALA B 211 -41.91 -36.41 37.23
C ALA B 211 -40.56 -35.77 37.51
N GLY B 212 -40.55 -34.48 37.80
CA GLY B 212 -39.34 -33.75 38.18
C GLY B 212 -38.72 -32.94 37.04
N PHE B 213 -39.49 -32.63 36.00
CA PHE B 213 -38.95 -31.68 35.03
C PHE B 213 -38.70 -30.30 35.67
N PRO B 214 -37.59 -29.65 35.34
CA PRO B 214 -37.32 -28.33 35.91
C PRO B 214 -38.41 -27.32 35.62
N PRO B 215 -38.68 -26.40 36.57
CA PRO B 215 -39.65 -25.38 36.23
C PRO B 215 -39.36 -24.59 34.98
N GLY B 216 -40.40 -24.33 34.20
CA GLY B 216 -40.27 -23.53 33.00
C GLY B 216 -40.00 -24.36 31.77
N VAL B 217 -39.69 -25.65 31.95
CA VAL B 217 -39.43 -26.51 30.77
C VAL B 217 -40.70 -26.77 29.97
N VAL B 218 -41.85 -26.95 30.64
CA VAL B 218 -43.14 -27.03 29.97
C VAL B 218 -44.08 -26.05 30.64
N ASN B 219 -44.67 -25.18 29.86
CA ASN B 219 -45.64 -24.19 30.35
C ASN B 219 -46.87 -24.35 29.47
N ILE B 220 -48.06 -24.30 30.07
CA ILE B 220 -49.29 -24.50 29.28
C ILE B 220 -50.24 -23.36 29.56
N VAL B 221 -50.70 -22.76 28.47
CA VAL B 221 -51.62 -21.62 28.50
C VAL B 221 -52.93 -21.98 27.77
N PRO B 222 -53.97 -22.37 28.54
CA PRO B 222 -55.27 -22.45 27.91
C PRO B 222 -55.80 -21.07 27.58
N GLY B 223 -56.69 -21.05 26.59
CA GLY B 223 -57.29 -19.82 26.08
C GLY B 223 -57.71 -20.02 24.65
N PHE B 224 -57.99 -18.92 23.96
CA PHE B 224 -58.56 -18.97 22.63
CA PHE B 224 -58.56 -18.93 22.62
C PHE B 224 -57.50 -18.71 21.57
N GLY B 225 -57.86 -18.91 20.33
CA GLY B 225 -56.85 -18.88 19.25
C GLY B 225 -56.44 -17.46 18.89
N PRO B 226 -57.44 -16.61 18.66
CA PRO B 226 -57.08 -15.27 18.20
C PRO B 226 -56.32 -14.49 19.29
N THR B 227 -56.31 -15.02 20.51
CA THR B 227 -55.68 -14.33 21.61
C THR B 227 -54.38 -15.06 21.96
N ALA B 228 -54.50 -16.22 22.61
CA ALA B 228 -53.30 -16.92 23.12
C ALA B 228 -52.48 -17.55 21.99
N GLY B 229 -53.14 -18.19 21.04
CA GLY B 229 -52.44 -18.78 19.91
C GLY B 229 -51.69 -17.76 19.07
N ALA B 230 -52.37 -16.65 18.79
CA ALA B 230 -51.79 -15.61 18.00
C ALA B 230 -50.59 -15.00 18.72
N ALA B 231 -50.68 -14.89 20.04
CA ALA B 231 -49.59 -14.31 20.84
C ALA B 231 -48.32 -15.18 20.72
N ILE B 232 -48.52 -16.49 20.73
CA ILE B 232 -47.41 -17.44 20.55
C ILE B 232 -46.81 -17.28 19.15
N ALA B 233 -47.68 -17.28 18.14
CA ALA B 233 -47.21 -17.24 16.75
C ALA B 233 -46.45 -15.95 16.41
N SER B 234 -46.82 -14.85 17.05
CA SER B 234 -46.19 -13.57 16.79
CA SER B 234 -46.20 -13.57 16.79
C SER B 234 -45.11 -13.20 17.80
N HIS B 235 -44.81 -14.08 18.75
CA HIS B 235 -43.94 -13.65 19.83
C HIS B 235 -42.50 -13.45 19.37
N GLU B 236 -41.86 -12.36 19.79
CA GLU B 236 -40.51 -12.08 19.34
C GLU B 236 -39.42 -12.94 19.97
N ASP B 237 -39.77 -13.77 20.94
CA ASP B 237 -38.75 -14.57 21.60
C ASP B 237 -39.07 -16.07 21.59
N VAL B 238 -40.02 -16.44 20.76
CA VAL B 238 -40.34 -17.83 20.46
C VAL B 238 -39.55 -18.21 19.22
N ASP B 239 -38.76 -19.29 19.32
CA ASP B 239 -37.85 -19.66 18.24
C ASP B 239 -38.50 -20.53 17.16
N LYS B 240 -39.54 -21.25 17.52
CA LYS B 240 -40.11 -22.28 16.64
C LYS B 240 -41.56 -22.42 17.04
N VAL B 241 -42.45 -22.54 16.05
CA VAL B 241 -43.85 -22.85 16.34
C VAL B 241 -44.24 -24.13 15.58
N ALA B 242 -45.02 -24.98 16.23
CA ALA B 242 -45.63 -26.17 15.62
C ALA B 242 -47.13 -26.04 15.87
N PHE B 243 -47.90 -26.12 14.78
CA PHE B 243 -49.34 -25.93 14.82
C PHE B 243 -50.01 -27.10 14.13
N THR B 244 -51.01 -27.66 14.81
CA THR B 244 -51.87 -28.67 14.21
C THR B 244 -53.28 -28.07 14.28
N GLY B 245 -53.95 -28.03 13.14
CA GLY B 245 -55.26 -27.40 13.04
C GLY B 245 -55.65 -27.29 11.58
N SER B 246 -56.54 -26.36 11.29
CA SER B 246 -57.07 -26.23 9.93
C SER B 246 -56.04 -25.60 9.01
N THR B 247 -56.17 -25.91 7.73
CA THR B 247 -55.34 -25.30 6.69
C THR B 247 -55.45 -23.78 6.70
N GLU B 248 -56.66 -23.29 6.94
CA GLU B 248 -56.92 -21.85 7.03
C GLU B 248 -56.10 -21.17 8.15
N ILE B 249 -56.10 -21.76 9.34
CA ILE B 249 -55.33 -21.16 10.44
C ILE B 249 -53.82 -21.37 10.28
N GLY B 250 -53.45 -22.46 9.62
CA GLY B 250 -52.07 -22.66 9.21
C GLY B 250 -51.50 -21.46 8.48
N ARG B 251 -52.27 -20.92 7.54
CA ARG B 251 -51.84 -19.72 6.82
CA ARG B 251 -51.85 -19.72 6.82
C ARG B 251 -51.55 -18.58 7.78
N VAL B 252 -52.45 -18.40 8.76
CA VAL B 252 -52.29 -17.34 9.74
C VAL B 252 -50.95 -17.53 10.49
N ILE B 253 -50.60 -18.77 10.80
CA ILE B 253 -49.41 -19.04 11.58
C ILE B 253 -48.14 -18.66 10.81
N GLN B 254 -48.10 -19.05 9.52
CA GLN B 254 -46.90 -18.84 8.72
C GLN B 254 -46.72 -17.35 8.48
N VAL B 255 -47.83 -16.65 8.25
CA VAL B 255 -47.75 -15.20 8.09
C VAL B 255 -47.25 -14.50 9.37
N ALA B 256 -47.71 -14.95 10.53
CA ALA B 256 -47.24 -14.37 11.79
C ALA B 256 -45.76 -14.61 12.08
N ALA B 257 -45.27 -15.79 11.73
CA ALA B 257 -43.84 -16.08 11.80
C ALA B 257 -43.01 -15.15 10.92
N GLY B 258 -43.44 -14.95 9.67
CA GLY B 258 -42.71 -14.08 8.76
C GLY B 258 -42.75 -12.62 9.18
N SER B 259 -43.85 -12.23 9.83
CA SER B 259 -44.11 -10.83 10.18
C SER B 259 -43.53 -10.47 11.54
N SER B 260 -43.07 -11.47 12.29
CA SER B 260 -42.46 -11.23 13.60
C SER B 260 -40.96 -11.50 13.51
N ASN B 261 -40.48 -12.66 13.97
CA ASN B 261 -39.05 -12.87 14.14
C ASN B 261 -38.47 -13.99 13.28
N LEU B 262 -39.21 -14.40 12.23
CA LEU B 262 -38.77 -15.50 11.36
C LEU B 262 -38.54 -16.80 12.14
N LYS B 263 -39.29 -17.00 13.20
CA LYS B 263 -39.33 -18.32 13.83
C LYS B 263 -39.61 -19.44 12.81
N ARG B 264 -39.08 -20.63 13.12
CA ARG B 264 -39.22 -21.81 12.28
C ARG B 264 -40.61 -22.35 12.51
N VAL B 265 -41.21 -22.90 11.46
CA VAL B 265 -42.62 -23.26 11.47
C VAL B 265 -42.77 -24.67 10.90
N THR B 266 -43.56 -25.50 11.59
CA THR B 266 -44.07 -26.74 11.03
C THR B 266 -45.58 -26.75 11.24
N LEU B 267 -46.28 -27.41 10.31
CA LEU B 267 -47.76 -27.39 10.28
C LEU B 267 -48.28 -28.79 9.96
N GLU B 268 -49.30 -29.20 10.70
CA GLU B 268 -50.03 -30.45 10.44
C GLU B 268 -51.48 -29.99 10.27
N LEU B 269 -52.01 -30.09 9.05
CA LEU B 269 -53.26 -29.44 8.68
C LEU B 269 -54.30 -30.52 8.28
N GLY B 270 -55.28 -30.15 7.49
CA GLY B 270 -56.36 -31.10 7.19
C GLY B 270 -56.05 -31.96 5.99
N GLY B 271 -57.07 -32.71 5.62
CA GLY B 271 -56.97 -33.59 4.45
C GLY B 271 -58.32 -33.86 3.81
N LYS B 272 -58.24 -34.49 2.64
CA LYS B 272 -59.40 -35.14 2.03
C LYS B 272 -58.92 -36.44 1.41
N SER B 273 -58.51 -37.35 2.27
CA SER B 273 -57.64 -38.44 1.88
C SER B 273 -58.43 -39.51 1.13
N PRO B 274 -57.85 -40.01 0.03
CA PRO B 274 -58.50 -41.04 -0.79
C PRO B 274 -58.18 -42.43 -0.31
N ASN B 275 -59.18 -43.29 -0.26
CA ASN B 275 -59.04 -44.67 0.13
C ASN B 275 -59.51 -45.50 -1.06
N ILE B 276 -58.59 -46.16 -1.75
CA ILE B 276 -58.85 -46.73 -3.09
C ILE B 276 -59.00 -48.24 -2.98
N ILE B 277 -60.15 -48.76 -3.38
CA ILE B 277 -60.46 -50.18 -3.26
C ILE B 277 -60.46 -50.76 -4.66
N MET B 278 -59.44 -51.54 -4.96
CA MET B 278 -59.34 -52.20 -6.27
C MET B 278 -60.25 -53.42 -6.30
N SER B 279 -60.60 -53.86 -7.52
CA SER B 279 -61.54 -54.98 -7.65
C SER B 279 -61.06 -56.30 -7.06
N ASP B 280 -59.75 -56.45 -6.89
CA ASP B 280 -59.23 -57.67 -6.28
C ASP B 280 -59.02 -57.64 -4.77
N ALA B 281 -59.44 -56.55 -4.14
CA ALA B 281 -59.36 -56.43 -2.69
C ALA B 281 -60.13 -57.52 -2.00
N ASP B 282 -59.70 -57.86 -0.78
CA ASP B 282 -60.47 -58.72 0.13
C ASP B 282 -61.67 -57.86 0.57
N MET B 283 -62.86 -58.28 0.17
CA MET B 283 -64.05 -57.45 0.37
C MET B 283 -64.43 -57.21 1.83
N ASP B 284 -64.54 -58.27 2.63
CA ASP B 284 -64.87 -58.14 4.05
C ASP B 284 -63.87 -57.14 4.73
N TRP B 285 -62.57 -57.35 4.48
CA TRP B 285 -61.57 -56.50 5.14
C TRP B 285 -61.66 -55.05 4.60
N ALA B 286 -61.80 -54.87 3.30
CA ALA B 286 -61.86 -53.54 2.75
C ALA B 286 -63.07 -52.78 3.26
N VAL B 287 -64.22 -53.46 3.35
CA VAL B 287 -65.40 -52.78 3.90
C VAL B 287 -65.18 -52.34 5.34
N GLU B 288 -64.65 -53.23 6.16
CA GLU B 288 -64.45 -52.88 7.59
C GLU B 288 -63.41 -51.77 7.76
N GLN B 289 -62.34 -51.85 6.98
CA GLN B 289 -61.31 -50.85 7.08
C GLN B 289 -61.73 -49.50 6.53
N ALA B 290 -62.57 -49.50 5.49
CA ALA B 290 -63.06 -48.23 4.93
C ALA B 290 -64.01 -47.57 5.90
N HIS B 291 -64.77 -48.39 6.62
CA HIS B 291 -65.63 -47.87 7.69
C HIS B 291 -64.78 -47.20 8.79
N PHE B 292 -63.80 -47.93 9.31
CA PHE B 292 -62.87 -47.38 10.28
C PHE B 292 -62.20 -46.11 9.79
N ALA B 293 -61.70 -46.18 8.55
CA ALA B 293 -60.97 -45.08 7.92
C ALA B 293 -61.75 -43.77 7.96
N LEU B 294 -63.08 -43.86 7.77
CA LEU B 294 -63.90 -42.64 7.77
C LEU B 294 -64.41 -42.29 9.16
N PHE B 295 -64.95 -43.29 9.86
CA PHE B 295 -65.73 -43.04 11.08
C PHE B 295 -64.89 -42.99 12.36
N PHE B 296 -63.62 -43.39 12.31
CA PHE B 296 -62.82 -43.34 13.55
C PHE B 296 -62.91 -41.98 14.23
N ASN B 297 -63.02 -42.00 15.56
CA ASN B 297 -63.03 -40.75 16.31
C ASN B 297 -64.10 -39.75 15.88
N GLN B 298 -65.30 -40.25 15.68
CA GLN B 298 -66.48 -39.41 15.31
C GLN B 298 -66.21 -38.71 13.97
N GLY B 299 -65.34 -39.30 13.12
CA GLY B 299 -64.92 -38.64 11.90
C GLY B 299 -63.92 -37.50 12.01
N GLN B 300 -63.46 -37.28 13.25
CA GLN B 300 -62.64 -36.11 13.59
C GLN B 300 -61.17 -36.50 13.53
N CYS B 301 -60.71 -36.79 12.33
N CYS B 301 -60.75 -37.00 12.37
CA CYS B 301 -59.33 -37.20 12.15
CA CYS B 301 -59.33 -37.29 12.11
C CYS B 301 -58.82 -36.58 10.86
C CYS B 301 -58.88 -36.48 10.89
N CSO B 302 -57.72 -35.84 10.99
CA CSO B 302 -57.02 -35.12 9.93
CA CSO B 302 -57.22 -35.07 9.84
CB CSO B 302 -55.57 -34.87 10.44
CB CSO B 302 -55.90 -34.33 10.14
SG CSO B 302 -54.69 -36.34 11.15
SG CSO B 302 -56.01 -33.42 11.69
C CSO B 302 -56.98 -35.95 8.63
O CSO B 302 -57.22 -35.51 7.52
OD CSO B 302 -55.39 -36.68 12.79
OD CSO B 302 -56.97 -32.12 11.12
N CYS B 303 -56.60 -37.20 8.84
CA CYS B 303 -56.32 -38.14 7.75
C CYS B 303 -57.50 -39.09 7.44
N ALA B 304 -58.72 -38.73 7.84
CA ALA B 304 -59.90 -39.58 7.56
C ALA B 304 -59.95 -39.93 6.08
N GLY B 305 -60.30 -41.17 5.81
CA GLY B 305 -60.49 -41.61 4.41
C GLY B 305 -61.85 -41.20 3.89
N SER B 306 -61.91 -39.94 3.51
CA SER B 306 -63.20 -39.28 3.24
C SER B 306 -63.52 -39.22 1.75
N ARG B 307 -62.68 -39.79 0.91
CA ARG B 307 -63.04 -40.15 -0.48
C ARG B 307 -62.77 -41.61 -0.68
N THR B 308 -63.80 -42.43 -0.62
CA THR B 308 -63.67 -43.88 -0.78
C THR B 308 -63.92 -44.21 -2.24
N PHE B 309 -62.85 -44.48 -2.99
CA PHE B 309 -62.93 -44.77 -4.44
C PHE B 309 -63.04 -46.27 -4.59
N VAL B 310 -64.10 -46.72 -5.26
CA VAL B 310 -64.36 -48.15 -5.37
C VAL B 310 -64.48 -48.53 -6.83
N GLN B 311 -63.73 -49.56 -7.23
CA GLN B 311 -63.72 -50.01 -8.62
CA GLN B 311 -63.71 -49.94 -8.63
C GLN B 311 -65.10 -50.48 -9.06
N GLU B 312 -65.50 -50.15 -10.28
CA GLU B 312 -66.89 -50.36 -10.66
C GLU B 312 -67.41 -51.78 -10.59
N ASP B 313 -66.59 -52.80 -10.83
CA ASP B 313 -67.08 -54.16 -10.72
C ASP B 313 -67.46 -54.61 -9.31
N ILE B 314 -66.96 -53.94 -8.26
CA ILE B 314 -67.31 -54.32 -6.89
C ILE B 314 -68.10 -53.21 -6.20
N TYR B 315 -68.41 -52.14 -6.91
CA TYR B 315 -69.08 -50.98 -6.30
C TYR B 315 -70.41 -51.32 -5.62
N ASP B 316 -71.30 -52.03 -6.32
CA ASP B 316 -72.62 -52.22 -5.73
C ASP B 316 -72.56 -53.05 -4.44
N GLU B 317 -71.75 -54.11 -4.45
CA GLU B 317 -71.61 -54.95 -3.27
C GLU B 317 -70.94 -54.16 -2.14
N PHE B 318 -69.86 -53.45 -2.48
CA PHE B 318 -69.15 -52.65 -1.46
C PHE B 318 -70.09 -51.65 -0.81
N VAL B 319 -70.92 -50.97 -1.62
CA VAL B 319 -71.85 -49.99 -1.07
C VAL B 319 -72.88 -50.64 -0.16
N GLU B 320 -73.46 -51.75 -0.60
CA GLU B 320 -74.41 -52.47 0.23
C GLU B 320 -73.84 -52.88 1.58
N ARG B 321 -72.61 -53.40 1.57
CA ARG B 321 -72.02 -53.83 2.82
C ARG B 321 -71.65 -52.64 3.69
N SER B 322 -71.23 -51.56 3.04
CA SER B 322 -70.83 -50.38 3.79
C SER B 322 -72.02 -49.73 4.48
N VAL B 323 -73.16 -49.72 3.78
CA VAL B 323 -74.35 -49.16 4.35
C VAL B 323 -74.81 -50.01 5.54
N ALA B 324 -74.77 -51.34 5.40
CA ALA B 324 -75.13 -52.22 6.50
C ALA B 324 -74.24 -51.95 7.69
N ARG B 325 -72.93 -51.77 7.46
CA ARG B 325 -72.04 -51.53 8.58
C ARG B 325 -72.27 -50.16 9.25
N ALA B 326 -72.56 -49.14 8.45
CA ALA B 326 -72.89 -47.83 9.03
C ALA B 326 -74.19 -47.86 9.83
N LYS B 327 -75.19 -48.59 9.33
CA LYS B 327 -76.46 -48.67 10.04
C LYS B 327 -76.31 -49.41 11.38
N SER B 328 -75.31 -50.29 11.48
CA SER B 328 -75.10 -51.05 12.71
C SER B 328 -74.27 -50.31 13.76
N ARG B 329 -73.60 -49.25 13.33
CA ARG B 329 -72.70 -48.52 14.20
C ARG B 329 -73.46 -47.89 15.38
N VAL B 330 -73.05 -48.22 16.60
CA VAL B 330 -73.83 -47.77 17.77
C VAL B 330 -73.37 -46.38 18.23
N VAL B 331 -74.30 -45.44 18.23
CA VAL B 331 -74.10 -44.09 18.68
C VAL B 331 -74.76 -43.96 20.03
N GLY B 332 -74.07 -43.33 20.97
CA GLY B 332 -74.60 -43.34 22.34
C GLY B 332 -73.68 -42.72 23.37
N ASN B 333 -74.07 -42.86 24.64
CA ASN B 333 -73.24 -42.38 25.75
C ASN B 333 -71.84 -43.02 25.63
N PRO B 334 -70.82 -42.16 25.56
CA PRO B 334 -69.49 -42.71 25.34
C PRO B 334 -68.91 -43.51 26.51
N PHE B 335 -69.54 -43.45 27.69
CA PHE B 335 -69.16 -44.35 28.77
C PHE B 335 -69.81 -45.72 28.73
N ASP B 336 -70.78 -45.95 27.85
CA ASP B 336 -71.38 -47.28 27.72
C ASP B 336 -70.46 -48.16 26.89
N SER B 337 -70.14 -49.37 27.35
CA SER B 337 -69.20 -50.21 26.63
C SER B 337 -69.62 -50.54 25.21
N LYS B 338 -70.92 -50.51 24.91
CA LYS B 338 -71.41 -50.86 23.57
C LYS B 338 -71.24 -49.70 22.56
N THR B 339 -70.98 -48.50 23.04
CA THR B 339 -70.99 -47.31 22.17
C THR B 339 -69.74 -47.34 21.28
N GLU B 340 -69.98 -47.20 19.98
CA GLU B 340 -68.90 -47.04 19.02
C GLU B 340 -68.59 -45.62 18.68
N GLN B 341 -69.59 -44.74 18.84
CA GLN B 341 -69.48 -43.36 18.39
C GLN B 341 -70.10 -42.44 19.42
N GLY B 342 -69.32 -41.51 19.92
CA GLY B 342 -69.84 -40.50 20.84
C GLY B 342 -70.33 -39.27 20.08
N PRO B 343 -70.54 -38.13 20.76
CA PRO B 343 -70.95 -36.90 20.11
C PRO B 343 -69.79 -36.24 19.44
N GLN B 344 -70.09 -35.32 18.55
CA GLN B 344 -69.10 -34.40 18.01
C GLN B 344 -68.64 -33.44 19.11
N VAL B 345 -67.54 -32.75 18.88
CA VAL B 345 -66.87 -32.10 20.01
C VAL B 345 -67.61 -30.88 20.58
N ASP B 346 -68.37 -30.17 19.74
CA ASP B 346 -69.02 -28.96 20.20
C ASP B 346 -70.12 -28.54 19.24
N GLU B 347 -70.82 -27.48 19.61
CA GLU B 347 -71.93 -27.01 18.77
C GLU B 347 -71.49 -26.54 17.40
N THR B 348 -70.34 -25.87 17.33
CA THR B 348 -69.89 -25.29 16.09
C THR B 348 -69.68 -26.44 15.09
N GLN B 349 -69.06 -27.51 15.57
CA GLN B 349 -68.80 -28.64 14.70
C GLN B 349 -70.07 -29.36 14.30
N PHE B 350 -70.95 -29.54 15.30
CA PHE B 350 -72.25 -30.17 15.07
C PHE B 350 -72.96 -29.46 13.92
N LYS B 351 -73.04 -28.14 14.03
CA LYS B 351 -73.72 -27.36 12.99
C LYS B 351 -73.03 -27.43 11.65
N LYS B 352 -71.69 -27.40 11.63
CA LYS B 352 -70.96 -27.47 10.37
C LYS B 352 -71.21 -28.79 9.66
N ILE B 353 -71.20 -29.87 10.41
CA ILE B 353 -71.43 -31.19 9.82
C ILE B 353 -72.86 -31.30 9.25
N LEU B 354 -73.87 -30.85 9.98
CA LEU B 354 -75.25 -30.87 9.48
C LEU B 354 -75.32 -30.02 8.20
N GLY B 355 -74.56 -28.93 8.13
CA GLY B 355 -74.49 -28.08 6.93
C GLY B 355 -73.93 -28.83 5.73
N TYR B 356 -72.84 -29.55 5.98
CA TYR B 356 -72.26 -30.37 4.93
C TYR B 356 -73.23 -31.46 4.45
N ILE B 357 -73.93 -32.13 5.37
CA ILE B 357 -74.92 -33.13 4.97
C ILE B 357 -75.97 -32.45 4.09
N ASN B 358 -76.40 -31.25 4.46
CA ASN B 358 -77.36 -30.55 3.60
C ASN B 358 -76.81 -30.31 2.22
N THR B 359 -75.56 -29.90 2.12
CA THR B 359 -74.97 -29.63 0.82
CA THR B 359 -74.98 -29.65 0.78
C THR B 359 -74.89 -30.93 0.00
N GLY B 360 -74.58 -32.04 0.66
CA GLY B 360 -74.51 -33.31 -0.06
C GLY B 360 -75.86 -33.66 -0.69
N LYS B 361 -76.92 -33.45 0.09
CA LYS B 361 -78.26 -33.70 -0.41
C LYS B 361 -78.60 -32.73 -1.56
N GLN B 362 -78.31 -31.45 -1.40
CA GLN B 362 -78.63 -30.41 -2.41
C GLN B 362 -77.97 -30.63 -3.74
N GLU B 363 -76.73 -31.15 -3.68
CA GLU B 363 -75.89 -31.31 -4.87
C GLU B 363 -76.08 -32.67 -5.52
N GLY B 364 -76.98 -33.49 -4.98
CA GLY B 364 -77.42 -34.68 -5.72
C GLY B 364 -76.59 -35.93 -5.44
N ALA B 365 -75.82 -35.94 -4.35
CA ALA B 365 -75.22 -37.20 -3.93
C ALA B 365 -76.31 -38.12 -3.38
N LYS B 366 -76.14 -39.44 -3.45
CA LYS B 366 -77.21 -40.34 -3.01
C LYS B 366 -77.12 -40.62 -1.52
N LEU B 367 -78.00 -40.02 -0.72
CA LEU B 367 -78.04 -40.38 0.69
C LEU B 367 -78.52 -41.79 0.88
N LEU B 368 -77.68 -42.64 1.48
CA LEU B 368 -77.98 -44.07 1.65
C LEU B 368 -78.33 -44.48 3.07
N CYS B 369 -77.90 -43.70 4.05
CA CYS B 369 -78.31 -43.91 5.44
C CYS B 369 -77.90 -42.68 6.24
N GLY B 370 -78.48 -42.56 7.44
CA GLY B 370 -78.25 -41.44 8.34
C GLY B 370 -78.74 -40.12 7.78
N GLY B 371 -77.95 -39.05 8.00
CA GLY B 371 -78.24 -37.74 7.50
C GLY B 371 -78.78 -36.75 8.50
N GLY B 372 -78.98 -37.19 9.74
CA GLY B 372 -79.57 -36.30 10.73
C GLY B 372 -78.98 -36.45 12.10
N ILE B 373 -79.59 -35.74 13.05
CA ILE B 373 -79.17 -35.86 14.42
C ILE B 373 -79.53 -37.21 14.96
N ALA B 374 -78.72 -37.67 15.91
CA ALA B 374 -78.84 -39.04 16.43
C ALA B 374 -79.44 -39.10 17.83
N ALA B 375 -79.61 -37.95 18.47
CA ALA B 375 -80.17 -37.91 19.83
C ALA B 375 -80.74 -36.54 20.09
N ASP B 376 -81.63 -36.46 21.08
CA ASP B 376 -82.27 -35.19 21.41
C ASP B 376 -81.45 -34.32 22.36
N ARG B 377 -80.34 -34.84 22.90
CA ARG B 377 -79.45 -34.08 23.77
C ARG B 377 -78.02 -34.51 23.43
N GLY B 378 -77.11 -33.57 23.40
CA GLY B 378 -75.73 -33.89 23.04
C GLY B 378 -75.56 -33.71 21.55
N TYR B 379 -74.32 -33.57 21.14
CA TYR B 379 -73.99 -33.23 19.74
C TYR B 379 -73.83 -34.49 18.88
N PHE B 380 -74.82 -35.39 18.90
CA PHE B 380 -74.70 -36.69 18.24
C PHE B 380 -75.27 -36.63 16.83
N ILE B 381 -74.53 -37.19 15.86
CA ILE B 381 -74.94 -37.19 14.43
C ILE B 381 -74.95 -38.63 13.95
N GLN B 382 -75.97 -38.99 13.19
CA GLN B 382 -76.08 -40.34 12.66
C GLN B 382 -74.94 -40.66 11.69
N PRO B 383 -74.40 -41.90 11.76
CA PRO B 383 -73.46 -42.28 10.71
C PRO B 383 -74.13 -42.18 9.33
N THR B 384 -73.53 -41.40 8.43
CA THR B 384 -74.16 -40.99 7.18
C THR B 384 -73.29 -41.45 6.03
N VAL B 385 -73.91 -42.06 5.00
CA VAL B 385 -73.16 -42.51 3.80
C VAL B 385 -73.83 -41.92 2.59
N PHE B 386 -73.02 -41.29 1.75
CA PHE B 386 -73.43 -40.84 0.43
C PHE B 386 -72.77 -41.67 -0.62
N GLY B 387 -73.58 -42.14 -1.54
CA GLY B 387 -73.07 -42.90 -2.70
C GLY B 387 -73.10 -42.06 -3.96
N ASP B 388 -72.50 -42.58 -5.01
CA ASP B 388 -72.47 -41.85 -6.30
C ASP B 388 -71.96 -40.42 -6.18
N VAL B 389 -70.96 -40.26 -5.31
CA VAL B 389 -70.33 -38.98 -5.18
C VAL B 389 -69.43 -38.67 -6.37
N GLN B 390 -69.44 -37.39 -6.79
CA GLN B 390 -68.66 -36.95 -7.92
C GLN B 390 -67.63 -35.96 -7.46
N ASP B 391 -66.55 -35.86 -8.22
CA ASP B 391 -65.37 -35.13 -7.74
C ASP B 391 -65.63 -33.64 -7.52
N GLY B 392 -66.54 -33.05 -8.29
CA GLY B 392 -66.85 -31.63 -8.15
C GLY B 392 -67.79 -31.25 -7.01
N MET B 393 -68.36 -32.23 -6.32
CA MET B 393 -69.25 -31.96 -5.19
C MET B 393 -68.51 -31.41 -3.99
N THR B 394 -69.17 -30.52 -3.26
CA THR B 394 -68.60 -29.96 -2.05
C THR B 394 -68.16 -31.04 -1.10
N ILE B 395 -69.00 -32.07 -0.91
CA ILE B 395 -68.64 -33.14 0.00
C ILE B 395 -67.49 -34.01 -0.47
N ALA B 396 -67.11 -33.90 -1.75
CA ALA B 396 -65.92 -34.59 -2.26
C ALA B 396 -64.67 -33.71 -2.15
N LYS B 397 -64.80 -32.43 -1.80
CA LYS B 397 -63.67 -31.49 -1.88
C LYS B 397 -63.27 -31.00 -0.51
N GLU B 398 -64.24 -30.63 0.31
CA GLU B 398 -64.00 -30.01 1.61
C GLU B 398 -64.00 -31.02 2.75
N GLU B 399 -63.10 -30.81 3.72
CA GLU B 399 -62.99 -31.66 4.91
C GLU B 399 -64.23 -31.39 5.77
N ILE B 400 -64.97 -32.47 6.03
CA ILE B 400 -66.19 -32.36 6.82
C ILE B 400 -65.93 -32.62 8.31
N PHE B 401 -65.01 -33.52 8.64
CA PHE B 401 -64.60 -33.75 10.03
C PHE B 401 -65.75 -34.27 10.86
N GLY B 402 -66.55 -35.16 10.25
CA GLY B 402 -67.66 -35.79 10.97
C GLY B 402 -67.98 -37.12 10.33
N PRO B 403 -69.04 -37.80 10.82
CA PRO B 403 -69.36 -39.16 10.42
C PRO B 403 -70.13 -39.19 9.11
N VAL B 404 -69.47 -38.74 8.05
CA VAL B 404 -70.10 -38.57 6.72
C VAL B 404 -69.13 -39.15 5.67
N MET B 405 -69.56 -40.30 5.14
CA MET B 405 -68.76 -41.08 4.18
C MET B 405 -69.15 -40.80 2.74
N GLN B 406 -68.15 -40.64 1.86
CA GLN B 406 -68.34 -40.43 0.41
C GLN B 406 -67.81 -41.63 -0.33
N ILE B 407 -68.66 -42.25 -1.15
CA ILE B 407 -68.27 -43.38 -2.01
C ILE B 407 -68.34 -42.96 -3.47
N LEU B 408 -67.22 -43.12 -4.18
CA LEU B 408 -67.08 -42.70 -5.56
C LEU B 408 -66.69 -43.90 -6.39
N LYS B 409 -67.21 -44.00 -7.60
CA LYS B 409 -66.95 -45.12 -8.47
C LYS B 409 -65.84 -44.75 -9.46
N PHE B 410 -64.98 -45.74 -9.79
CA PHE B 410 -63.97 -45.54 -10.84
C PHE B 410 -63.79 -46.80 -11.67
N LYS B 411 -63.15 -46.61 -12.83
CA LYS B 411 -62.91 -47.78 -13.72
C LYS B 411 -61.45 -48.24 -13.72
N THR B 412 -60.51 -47.33 -13.98
CA THR B 412 -59.12 -47.78 -14.20
C THR B 412 -58.16 -47.25 -13.14
N ILE B 413 -57.04 -47.94 -13.04
CA ILE B 413 -55.97 -47.53 -12.11
C ILE B 413 -55.38 -46.18 -12.47
N GLU B 414 -55.19 -45.90 -13.77
CA GLU B 414 -54.67 -44.61 -14.22
C GLU B 414 -55.66 -43.49 -13.88
N GLU B 415 -56.94 -43.79 -14.04
CA GLU B 415 -57.97 -42.80 -13.77
C GLU B 415 -57.94 -42.42 -12.28
N VAL B 416 -57.90 -43.43 -11.44
CA VAL B 416 -58.05 -43.18 -10.01
C VAL B 416 -56.85 -42.43 -9.45
N VAL B 417 -55.65 -42.67 -9.97
CA VAL B 417 -54.49 -41.88 -9.54
C VAL B 417 -54.73 -40.40 -9.76
N GLY B 418 -55.20 -40.05 -10.95
CA GLY B 418 -55.40 -38.66 -11.29
C GLY B 418 -56.46 -38.02 -10.40
N ARG B 419 -57.53 -38.77 -10.16
CA ARG B 419 -58.62 -38.26 -9.33
C ARG B 419 -58.21 -38.15 -7.88
N ALA B 420 -57.51 -39.15 -7.39
CA ALA B 420 -57.03 -39.13 -5.99
C ALA B 420 -56.10 -37.94 -5.76
N ASN B 421 -55.24 -37.67 -6.73
CA ASN B 421 -54.23 -36.64 -6.59
C ASN B 421 -54.75 -35.23 -6.92
N ASN B 422 -55.97 -35.15 -7.46
CA ASN B 422 -56.52 -33.84 -7.86
C ASN B 422 -57.19 -33.19 -6.67
N SER B 423 -56.32 -32.70 -5.78
CA SER B 423 -56.72 -32.17 -4.46
C SER B 423 -55.59 -31.24 -4.06
N THR B 424 -55.91 -30.17 -3.34
CA THR B 424 -54.85 -29.37 -2.72
C THR B 424 -54.40 -29.93 -1.38
N TYR B 425 -55.07 -31.00 -0.95
CA TYR B 425 -54.67 -31.73 0.23
C TYR B 425 -53.79 -32.91 -0.17
N GLY B 426 -53.03 -33.44 0.78
CA GLY B 426 -52.16 -34.60 0.56
C GLY B 426 -51.65 -35.23 1.84
N LEU B 427 -52.52 -35.41 2.84
CA LEU B 427 -52.06 -35.93 4.12
C LEU B 427 -51.83 -37.43 4.12
N ALA B 428 -52.78 -38.19 3.60
CA ALA B 428 -52.71 -39.62 3.62
C ALA B 428 -53.50 -40.14 2.43
N ALA B 429 -53.35 -41.45 2.19
CA ALA B 429 -54.10 -42.19 1.20
C ALA B 429 -53.99 -43.65 1.52
N ALA B 430 -54.82 -44.47 0.88
CA ALA B 430 -54.68 -45.91 1.08
C ALA B 430 -55.09 -46.66 -0.16
N VAL B 431 -54.59 -47.88 -0.28
CA VAL B 431 -54.83 -48.76 -1.39
CA VAL B 431 -54.99 -48.76 -1.36
C VAL B 431 -55.18 -50.16 -0.85
N PHE B 432 -56.27 -50.77 -1.30
CA PHE B 432 -56.65 -52.11 -0.99
C PHE B 432 -56.61 -52.95 -2.25
N THR B 433 -55.71 -53.94 -2.26
CA THR B 433 -55.48 -54.79 -3.44
C THR B 433 -54.64 -55.97 -2.99
N LYS B 434 -54.79 -57.08 -3.69
CA LYS B 434 -53.93 -58.25 -3.46
C LYS B 434 -52.72 -58.26 -4.34
N ASP B 435 -52.66 -57.36 -5.31
CA ASP B 435 -51.68 -57.43 -6.38
C ASP B 435 -50.45 -56.60 -6.04
N LEU B 436 -49.29 -57.26 -6.07
CA LEU B 436 -47.99 -56.62 -5.79
C LEU B 436 -47.78 -55.38 -6.64
N ASP B 437 -47.93 -55.51 -7.95
CA ASP B 437 -47.64 -54.40 -8.85
C ASP B 437 -48.62 -53.23 -8.68
N LYS B 438 -49.91 -53.53 -8.49
CA LYS B 438 -50.87 -52.44 -8.26
C LYS B 438 -50.51 -51.70 -6.99
N ALA B 439 -50.12 -52.41 -5.93
CA ALA B 439 -49.76 -51.78 -4.67
C ALA B 439 -48.57 -50.88 -4.83
N ASN B 440 -47.52 -51.36 -5.51
CA ASN B 440 -46.32 -50.55 -5.72
C ASN B 440 -46.55 -49.38 -6.69
N TYR B 441 -47.36 -49.57 -7.72
CA TYR B 441 -47.72 -48.50 -8.65
C TYR B 441 -48.39 -47.36 -7.88
N LEU B 442 -49.38 -47.73 -7.08
CA LEU B 442 -50.17 -46.70 -6.41
C LEU B 442 -49.42 -46.06 -5.25
N SER B 443 -48.69 -46.84 -4.47
CA SER B 443 -48.01 -46.17 -3.35
C SER B 443 -46.98 -45.17 -3.83
N GLN B 444 -46.31 -45.46 -4.97
CA GLN B 444 -45.41 -44.49 -5.59
C GLN B 444 -46.15 -43.26 -6.12
N ALA B 445 -47.29 -43.49 -6.78
CA ALA B 445 -47.91 -42.41 -7.56
C ALA B 445 -48.74 -41.49 -6.71
N LEU B 446 -49.24 -41.96 -5.57
CA LEU B 446 -50.12 -41.10 -4.77
C LEU B 446 -49.33 -40.00 -4.07
N GLN B 447 -49.83 -38.77 -4.11
CA GLN B 447 -49.14 -37.61 -3.59
C GLN B 447 -49.67 -37.34 -2.18
N ALA B 448 -49.17 -38.14 -1.23
CA ALA B 448 -49.64 -38.12 0.15
C ALA B 448 -48.50 -38.48 1.09
N GLY B 449 -48.52 -37.90 2.30
CA GLY B 449 -47.46 -38.14 3.27
C GLY B 449 -47.40 -39.55 3.82
N THR B 450 -48.55 -40.23 3.89
CA THR B 450 -48.62 -41.63 4.32
C THR B 450 -49.49 -42.34 3.31
N VAL B 451 -49.01 -43.46 2.78
CA VAL B 451 -49.87 -44.37 2.03
C VAL B 451 -49.98 -45.69 2.76
N TRP B 452 -51.19 -46.07 3.16
CA TRP B 452 -51.44 -47.35 3.78
C TRP B 452 -51.84 -48.35 2.72
N VAL B 453 -51.33 -49.57 2.83
CA VAL B 453 -51.68 -50.63 1.89
C VAL B 453 -52.35 -51.76 2.65
N ASN B 454 -53.61 -52.01 2.27
CA ASN B 454 -54.46 -52.99 2.97
C ASN B 454 -54.66 -52.73 4.47
N CYS B 455 -54.58 -51.46 4.81
CA CYS B 455 -54.87 -51.03 6.17
C CYS B 455 -55.17 -49.55 6.16
N TYR B 456 -55.47 -48.97 7.33
CA TYR B 456 -55.75 -47.54 7.46
C TYR B 456 -55.47 -47.08 8.89
N ASP B 457 -55.02 -45.84 9.06
CA ASP B 457 -54.86 -45.20 10.38
C ASP B 457 -53.93 -46.07 11.24
N VAL B 458 -52.89 -46.60 10.60
CA VAL B 458 -51.86 -47.36 11.30
C VAL B 458 -50.78 -46.36 11.59
N PHE B 459 -50.78 -45.90 12.84
CA PHE B 459 -49.80 -44.99 13.34
C PHE B 459 -48.83 -45.76 14.20
N GLY B 460 -47.59 -45.41 14.05
CA GLY B 460 -46.60 -46.02 14.95
C GLY B 460 -45.69 -44.88 15.27
N ALA B 461 -45.25 -44.82 16.53
CA ALA B 461 -44.34 -43.77 16.93
C ALA B 461 -43.07 -43.78 16.11
N GLN B 462 -42.78 -44.92 15.50
CA GLN B 462 -41.55 -45.10 14.76
C GLN B 462 -41.61 -44.50 13.34
N SER B 463 -42.82 -44.33 12.79
CA SER B 463 -42.97 -43.91 11.39
C SER B 463 -43.54 -42.52 11.27
N PRO B 464 -42.92 -41.69 10.43
CA PRO B 464 -43.31 -40.29 10.33
C PRO B 464 -44.67 -40.12 9.72
N PHE B 465 -45.24 -38.95 10.01
CA PHE B 465 -46.56 -38.59 9.52
C PHE B 465 -46.60 -37.10 9.26
N GLY B 466 -47.20 -36.72 8.13
CA GLY B 466 -47.41 -35.31 7.84
C GLY B 466 -47.79 -35.08 6.39
N GLY B 467 -48.03 -33.83 6.03
CA GLY B 467 -48.69 -33.56 4.77
C GLY B 467 -47.80 -33.25 3.59
N TYR B 468 -48.29 -33.62 2.40
CA TYR B 468 -47.91 -32.97 1.16
C TYR B 468 -48.84 -31.78 0.91
N LYS B 469 -48.47 -30.96 -0.05
CA LYS B 469 -49.31 -29.85 -0.51
C LYS B 469 -49.79 -29.01 0.68
N MET B 470 -51.09 -28.68 0.72
CA MET B 470 -51.60 -27.79 1.77
CA MET B 470 -51.64 -27.79 1.75
C MET B 470 -52.11 -28.53 3.01
N SER B 471 -51.70 -29.79 3.15
CA SER B 471 -51.95 -30.55 4.35
C SER B 471 -50.85 -30.34 5.41
N GLY B 472 -49.84 -29.54 5.09
CA GLY B 472 -48.85 -29.20 6.11
C GLY B 472 -47.46 -29.25 5.56
N SER B 473 -46.49 -29.11 6.45
CA SER B 473 -45.10 -29.22 6.10
C SER B 473 -44.38 -29.73 7.34
N GLY B 474 -43.33 -30.46 7.08
CA GLY B 474 -42.60 -31.18 8.14
C GLY B 474 -43.27 -32.48 8.51
N ARG B 475 -42.61 -33.23 9.35
CA ARG B 475 -43.11 -34.52 9.77
C ARG B 475 -43.03 -34.64 11.28
N GLU B 476 -44.02 -35.32 11.86
CA GLU B 476 -44.01 -35.71 13.24
C GLU B 476 -43.83 -37.23 13.32
N LEU B 477 -43.42 -37.71 14.49
CA LEU B 477 -43.13 -39.11 14.76
C LEU B 477 -41.82 -39.59 14.08
N GLY B 478 -41.33 -40.73 14.55
CA GLY B 478 -40.09 -41.26 14.02
C GLY B 478 -38.87 -40.38 14.30
N GLU B 479 -37.75 -40.75 13.68
CA GLU B 479 -36.54 -39.93 13.78
C GLU B 479 -36.79 -38.55 13.17
N TYR B 480 -37.63 -38.52 12.15
CA TYR B 480 -37.90 -37.28 11.42
C TYR B 480 -38.50 -36.20 12.31
N GLY B 481 -39.33 -36.65 13.27
CA GLY B 481 -39.95 -35.73 14.20
C GLY B 481 -38.98 -34.92 15.03
N LEU B 482 -37.68 -35.31 15.07
CA LEU B 482 -36.62 -34.56 15.78
C LEU B 482 -36.05 -33.41 14.98
N GLN B 483 -36.20 -33.46 13.65
N GLN B 483 -36.19 -33.46 13.65
CA GLN B 483 -35.52 -32.51 12.78
CA GLN B 483 -35.47 -32.51 12.83
C GLN B 483 -35.89 -31.07 13.05
C GLN B 483 -35.89 -31.07 13.12
N ALA B 484 -37.18 -30.83 13.26
CA ALA B 484 -37.69 -29.48 13.45
C ALA B 484 -37.39 -28.93 14.82
N TYR B 485 -36.89 -29.79 15.71
CA TYR B 485 -36.57 -29.40 17.10
C TYR B 485 -35.08 -29.27 17.33
N THR B 486 -34.31 -29.32 16.25
CA THR B 486 -32.86 -29.26 16.30
C THR B 486 -32.38 -28.03 15.54
N GLU B 487 -31.42 -27.31 16.09
CA GLU B 487 -30.69 -26.27 15.38
C GLU B 487 -29.27 -26.81 15.22
N VAL B 488 -28.76 -26.77 13.99
CA VAL B 488 -27.47 -27.39 13.67
C VAL B 488 -26.38 -26.32 13.72
N LYS B 489 -25.34 -26.59 14.48
CA LYS B 489 -24.15 -25.72 14.52
C LYS B 489 -22.97 -26.47 13.93
N THR B 490 -22.30 -25.85 12.97
CA THR B 490 -21.02 -26.36 12.49
C THR B 490 -19.89 -25.71 13.25
N VAL B 491 -18.94 -26.52 13.71
CA VAL B 491 -17.71 -25.98 14.33
C VAL B 491 -16.55 -26.48 13.48
N THR B 492 -15.73 -25.55 12.98
CA THR B 492 -14.66 -25.87 12.06
C THR B 492 -13.36 -25.31 12.64
N VAL B 493 -12.43 -26.21 12.92
CA VAL B 493 -11.27 -25.91 13.76
C VAL B 493 -10.01 -26.11 12.95
N LYS B 494 -9.13 -25.11 12.91
CA LYS B 494 -7.80 -25.27 12.28
C LYS B 494 -7.02 -26.31 13.06
N VAL B 495 -6.44 -27.28 12.36
CA VAL B 495 -5.53 -28.27 12.99
C VAL B 495 -4.15 -28.26 12.36
N PRO B 496 -3.14 -28.76 13.05
CA PRO B 496 -1.82 -28.69 12.44
C PRO B 496 -1.66 -29.38 11.06
N GLN B 497 -2.15 -30.61 10.95
CA GLN B 497 -2.09 -31.32 9.67
C GLN B 497 -3.15 -32.39 9.64
N LYS B 498 -4.16 -32.19 8.80
CA LYS B 498 -5.26 -33.15 8.69
C LYS B 498 -4.79 -34.45 8.01
N ASN B 499 -5.14 -35.57 8.60
CA ASN B 499 -4.95 -36.88 7.97
C ASN B 499 -6.23 -37.66 8.03
N SER B 500 -6.37 -38.61 7.11
CA SER B 500 -7.53 -39.49 7.08
C SER B 500 -7.58 -40.33 8.34
N ALA C 7 -25.72 -50.55 -29.19
CA ALA C 7 -24.43 -50.49 -29.94
C ALA C 7 -23.36 -51.24 -29.17
N VAL C 8 -22.73 -52.21 -29.83
CA VAL C 8 -21.46 -52.75 -29.31
C VAL C 8 -20.38 -52.61 -30.38
N PRO C 9 -19.26 -51.93 -30.04
CA PRO C 9 -18.14 -51.79 -30.94
C PRO C 9 -17.54 -53.13 -31.29
N ALA C 10 -17.12 -53.29 -32.54
CA ALA C 10 -16.50 -54.54 -32.97
C ALA C 10 -15.26 -54.80 -32.13
N PRO C 11 -15.10 -56.05 -31.67
CA PRO C 11 -13.96 -56.39 -30.84
C PRO C 11 -12.67 -56.64 -31.60
N ASN C 12 -11.55 -56.40 -30.92
CA ASN C 12 -10.26 -56.97 -31.34
C ASN C 12 -10.24 -58.36 -30.76
N GLN C 13 -10.31 -59.36 -31.63
CA GLN C 13 -10.37 -60.74 -31.19
C GLN C 13 -9.04 -61.32 -30.70
N GLN C 14 -7.94 -60.60 -30.93
CA GLN C 14 -6.63 -60.98 -30.38
C GLN C 14 -5.97 -59.76 -29.78
N PRO C 15 -6.55 -59.26 -28.67
CA PRO C 15 -5.97 -58.05 -28.08
C PRO C 15 -4.54 -58.27 -27.60
N GLU C 16 -3.69 -57.25 -27.77
CA GLU C 16 -2.32 -57.27 -27.27
C GLU C 16 -2.30 -57.21 -25.75
N VAL C 17 -1.38 -57.95 -25.14
CA VAL C 17 -1.16 -57.88 -23.68
C VAL C 17 0.01 -56.96 -23.38
N PHE C 18 -0.25 -55.95 -22.53
CA PHE C 18 0.75 -54.95 -22.18
C PHE C 18 1.32 -55.12 -20.79
N CYS C 19 0.56 -55.78 -19.91
CA CYS C 19 0.88 -55.82 -18.46
C CYS C 19 0.80 -57.28 -18.01
N ASN C 20 1.90 -57.79 -17.47
CA ASN C 20 1.98 -59.19 -17.09
C ASN C 20 2.97 -59.44 -15.98
N GLN C 21 3.17 -58.42 -15.13
CA GLN C 21 4.13 -58.51 -14.03
C GLN C 21 3.45 -58.18 -12.70
N ILE C 22 4.24 -58.03 -11.63
CA ILE C 22 3.74 -57.64 -10.32
C ILE C 22 3.76 -56.11 -10.23
N PHE C 23 2.69 -55.52 -9.68
CA PHE C 23 2.59 -54.04 -9.64
C PHE C 23 2.80 -53.60 -8.21
N ILE C 24 3.91 -52.91 -7.96
CA ILE C 24 4.21 -52.38 -6.61
C ILE C 24 4.77 -50.98 -6.79
N ASN C 25 4.25 -50.02 -6.02
CA ASN C 25 4.72 -48.63 -6.08
C ASN C 25 4.65 -48.07 -7.50
N ASN C 26 3.54 -48.37 -8.17
CA ASN C 26 3.22 -47.86 -9.50
C ASN C 26 4.21 -48.32 -10.59
N GLU C 27 4.92 -49.41 -10.31
CA GLU C 27 5.89 -49.92 -11.27
C GLU C 27 5.76 -51.44 -11.39
N TRP C 28 6.31 -51.96 -12.49
CA TRP C 28 6.18 -53.37 -12.84
C TRP C 28 7.47 -54.10 -12.49
N HIS C 29 7.30 -55.24 -11.82
CA HIS C 29 8.41 -56.02 -11.32
C HIS C 29 8.25 -57.48 -11.68
N ASP C 30 9.38 -58.12 -11.97
CA ASP C 30 9.36 -59.59 -12.00
C ASP C 30 9.21 -60.12 -10.58
N ALA C 31 8.78 -61.37 -10.47
CA ALA C 31 8.86 -62.07 -9.20
C ALA C 31 10.32 -62.15 -8.77
N VAL C 32 10.59 -62.15 -7.46
CA VAL C 32 11.96 -62.36 -6.99
C VAL C 32 12.56 -63.63 -7.59
N SER C 33 11.77 -64.70 -7.70
CA SER C 33 12.26 -65.97 -8.25
C SER C 33 12.40 -65.94 -9.75
N ARG C 34 11.92 -64.89 -10.40
CA ARG C 34 11.83 -64.80 -11.87
C ARG C 34 10.82 -65.78 -12.50
N LYS C 35 10.04 -66.48 -11.68
CA LYS C 35 9.09 -67.46 -12.21
C LYS C 35 7.93 -66.78 -12.90
N THR C 36 7.43 -67.42 -13.94
CA THR C 36 6.19 -67.03 -14.61
C THR C 36 5.28 -68.25 -14.75
N PHE C 37 3.99 -67.99 -14.94
CA PHE C 37 3.02 -69.06 -15.22
C PHE C 37 2.19 -68.70 -16.44
N PRO C 38 1.75 -69.70 -17.20
CA PRO C 38 0.92 -69.39 -18.36
C PRO C 38 -0.54 -69.12 -18.00
N THR C 39 -1.16 -68.15 -18.67
CA THR C 39 -2.60 -68.03 -18.64
C THR C 39 -3.17 -68.50 -20.00
N VAL C 40 -4.28 -69.21 -19.92
CA VAL C 40 -4.89 -69.91 -21.06
C VAL C 40 -6.18 -69.24 -21.53
N ASN C 41 -6.40 -69.27 -22.85
CA ASN C 41 -7.63 -68.79 -23.44
C ASN C 41 -8.58 -69.97 -23.42
N PRO C 42 -9.63 -69.95 -22.60
CA PRO C 42 -10.48 -71.12 -22.48
C PRO C 42 -11.33 -71.49 -23.69
N SER C 43 -11.40 -70.59 -24.68
CA SER C 43 -12.12 -70.90 -25.89
C SER C 43 -11.29 -71.76 -26.83
N THR C 44 -9.98 -71.68 -26.71
CA THR C 44 -9.11 -72.42 -27.64
C THR C 44 -8.20 -73.41 -26.94
N GLY C 45 -8.05 -73.28 -25.62
CA GLY C 45 -7.10 -74.12 -24.90
C GLY C 45 -5.65 -73.74 -25.10
N GLU C 46 -5.40 -72.59 -25.74
CA GLU C 46 -4.05 -72.13 -26.04
C GLU C 46 -3.56 -71.13 -25.02
N VAL C 47 -2.25 -71.09 -24.81
CA VAL C 47 -1.61 -70.12 -23.93
C VAL C 47 -1.67 -68.74 -24.54
N ILE C 48 -2.13 -67.76 -23.76
CA ILE C 48 -2.14 -66.36 -24.18
C ILE C 48 -0.76 -65.78 -23.98
N CYS C 49 -0.25 -65.86 -22.76
CA CYS C 49 1.08 -65.35 -22.45
C CYS C 49 1.46 -65.89 -21.09
N GLN C 50 2.66 -65.55 -20.61
CA GLN C 50 3.08 -65.86 -19.26
C GLN C 50 2.95 -64.62 -18.39
N VAL C 51 2.84 -64.83 -17.09
CA VAL C 51 2.57 -63.78 -16.09
C VAL C 51 3.49 -64.04 -14.90
N ALA C 52 4.04 -62.98 -14.28
CA ALA C 52 4.90 -63.15 -13.12
C ALA C 52 4.20 -63.91 -12.03
N GLU C 53 4.91 -64.87 -11.44
CA GLU C 53 4.34 -65.74 -10.43
C GLU C 53 4.75 -65.26 -9.06
N GLY C 54 3.94 -64.38 -8.48
CA GLY C 54 4.27 -63.86 -7.15
C GLY C 54 4.11 -64.89 -6.04
N ASP C 55 4.96 -64.78 -5.04
CA ASP C 55 4.95 -65.64 -3.86
C ASP C 55 5.14 -64.77 -2.61
N LYS C 56 5.40 -65.44 -1.48
CA LYS C 56 5.53 -64.78 -0.18
C LYS C 56 6.47 -63.57 -0.23
N GLU C 57 7.62 -63.69 -0.90
CA GLU C 57 8.58 -62.58 -0.84
C GLU C 57 8.05 -61.37 -1.62
N ASP C 58 7.26 -61.65 -2.64
CA ASP C 58 6.68 -60.57 -3.45
C ASP C 58 5.57 -59.88 -2.67
N VAL C 59 4.72 -60.67 -2.01
CA VAL C 59 3.71 -60.12 -1.12
C VAL C 59 4.36 -59.24 -0.03
N ASP C 60 5.47 -59.68 0.56
CA ASP C 60 6.16 -58.91 1.59
CA ASP C 60 6.08 -58.87 1.60
C ASP C 60 6.55 -57.52 1.07
N LYS C 61 7.10 -57.49 -0.13
CA LYS C 61 7.46 -56.21 -0.78
C LYS C 61 6.22 -55.33 -0.95
N ALA C 62 5.13 -55.92 -1.41
CA ALA C 62 3.89 -55.18 -1.62
C ALA C 62 3.33 -54.62 -0.33
N VAL C 63 3.32 -55.43 0.73
CA VAL C 63 2.79 -55.00 2.04
C VAL C 63 3.64 -53.85 2.58
N LYS C 64 4.97 -53.94 2.44
CA LYS C 64 5.82 -52.84 2.88
C LYS C 64 5.53 -51.55 2.13
N ALA C 65 5.30 -51.68 0.83
CA ALA C 65 4.99 -50.51 0.00
C ALA C 65 3.66 -49.88 0.44
N ALA C 66 2.68 -50.73 0.73
CA ALA C 66 1.36 -50.24 1.13
C ALA C 66 1.49 -49.56 2.49
N ARG C 67 2.22 -50.19 3.42
CA ARG C 67 2.38 -49.61 4.72
C ARG C 67 3.05 -48.23 4.64
N ALA C 68 4.05 -48.11 3.77
CA ALA C 68 4.73 -46.81 3.64
C ALA C 68 3.77 -45.75 3.11
N ALA C 69 2.94 -46.14 2.13
CA ALA C 69 1.94 -45.20 1.60
C ALA C 69 0.88 -44.75 2.60
N PHE C 70 0.70 -45.58 3.65
CA PHE C 70 -0.27 -45.30 4.70
C PHE C 70 0.30 -44.53 5.89
N GLN C 71 1.58 -44.16 5.88
CA GLN C 71 2.11 -43.47 7.06
C GLN C 71 1.47 -42.10 7.25
N LEU C 72 1.32 -41.71 8.52
CA LEU C 72 0.80 -40.38 8.86
C LEU C 72 1.65 -39.34 8.12
N GLY C 73 1.00 -38.35 7.49
CA GLY C 73 1.73 -37.32 6.76
C GLY C 73 2.01 -37.65 5.30
N SER C 74 1.68 -38.85 4.83
CA SER C 74 1.98 -39.26 3.44
C SER C 74 0.99 -38.56 2.51
N PRO C 75 1.29 -38.54 1.20
CA PRO C 75 0.35 -37.94 0.26
C PRO C 75 -1.03 -38.54 0.33
N TRP C 76 -1.13 -39.85 0.44
CA TRP C 76 -2.44 -40.49 0.46
C TRP C 76 -3.17 -40.23 1.77
N ARG C 77 -2.43 -40.12 2.90
CA ARG C 77 -3.13 -39.81 4.15
C ARG C 77 -3.57 -38.37 4.30
N ARG C 78 -2.81 -37.45 3.71
CA ARG C 78 -3.14 -36.02 3.76
C ARG C 78 -4.14 -35.58 2.71
N MET C 79 -4.29 -36.39 1.67
CA MET C 79 -5.16 -36.02 0.57
C MET C 79 -6.58 -35.74 1.08
N ASP C 80 -7.18 -34.68 0.58
CA ASP C 80 -8.59 -34.41 0.91
C ASP C 80 -9.43 -35.61 0.50
N ALA C 81 -10.41 -35.95 1.35
CA ALA C 81 -11.34 -37.00 1.00
C ALA C 81 -11.99 -36.73 -0.35
N SER C 82 -12.40 -35.51 -0.63
CA SER C 82 -13.04 -35.19 -1.90
C SER C 82 -12.10 -35.52 -3.05
N HIS C 83 -10.79 -35.36 -2.85
CA HIS C 83 -9.83 -35.66 -3.92
C HIS C 83 -9.64 -37.15 -4.13
N ARG C 84 -9.75 -37.96 -3.09
CA ARG C 84 -9.87 -39.41 -3.30
C ARG C 84 -11.02 -39.68 -4.25
N GLY C 85 -12.14 -39.00 -4.10
CA GLY C 85 -13.28 -39.14 -5.04
C GLY C 85 -12.91 -38.72 -6.46
N ARG C 86 -12.21 -37.61 -6.60
CA ARG C 86 -11.74 -37.18 -7.92
C ARG C 86 -10.87 -38.25 -8.57
N LEU C 87 -9.99 -38.88 -7.79
CA LEU C 87 -9.13 -39.92 -8.41
C LEU C 87 -9.92 -41.15 -8.81
N LEU C 88 -10.90 -41.57 -8.00
CA LEU C 88 -11.76 -42.70 -8.45
C LEU C 88 -12.56 -42.38 -9.72
N ASN C 89 -13.06 -41.16 -9.81
CA ASN C 89 -13.74 -40.74 -11.04
C ASN C 89 -12.80 -40.71 -12.24
N ARG C 90 -11.55 -40.31 -12.04
CA ARG C 90 -10.58 -40.29 -13.13
C ARG C 90 -10.27 -41.70 -13.58
N LEU C 91 -10.08 -42.62 -12.62
CA LEU C 91 -9.88 -44.02 -12.98
C LEU C 91 -11.06 -44.57 -13.77
N ALA C 92 -12.30 -44.28 -13.37
CA ALA C 92 -13.45 -44.72 -14.15
C ALA C 92 -13.39 -44.13 -15.56
N ASP C 93 -13.05 -42.85 -15.71
CA ASP C 93 -12.95 -42.24 -17.06
C ASP C 93 -11.92 -42.95 -17.92
N LEU C 94 -10.82 -43.39 -17.31
CA LEU C 94 -9.78 -44.06 -18.09
C LEU C 94 -10.22 -45.48 -18.48
N ILE C 95 -10.88 -46.20 -17.58
CA ILE C 95 -11.46 -47.49 -17.94
C ILE C 95 -12.50 -47.31 -19.03
N GLU C 96 -13.29 -46.25 -18.99
CA GLU C 96 -14.26 -46.00 -20.07
C GLU C 96 -13.55 -45.73 -21.42
N ARG C 97 -12.48 -44.94 -21.39
CA ARG C 97 -11.66 -44.69 -22.58
C ARG C 97 -11.27 -46.03 -23.19
N ASP C 98 -10.87 -46.96 -22.33
CA ASP C 98 -10.31 -48.23 -22.77
C ASP C 98 -11.28 -49.40 -22.71
N ARG C 99 -12.57 -49.10 -22.76
CA ARG C 99 -13.64 -50.07 -22.57
C ARG C 99 -13.66 -51.20 -23.60
N THR C 100 -13.53 -50.83 -24.87
CA THR C 100 -13.58 -51.86 -25.92
C THR C 100 -12.41 -52.85 -25.81
N TYR C 101 -11.21 -52.33 -25.56
CA TYR C 101 -10.01 -53.14 -25.31
C TYR C 101 -10.21 -54.05 -24.08
N LEU C 102 -10.62 -53.45 -22.97
CA LEU C 102 -10.75 -54.23 -21.75
C LEU C 102 -11.81 -55.31 -21.84
N ALA C 103 -12.91 -55.04 -22.54
CA ALA C 103 -13.96 -56.05 -22.71
C ALA C 103 -13.45 -57.25 -23.52
N ALA C 104 -12.66 -56.97 -24.55
CA ALA C 104 -12.12 -58.01 -25.37
C ALA C 104 -11.08 -58.84 -24.61
N LEU C 105 -10.22 -58.15 -23.85
CA LEU C 105 -9.21 -58.86 -23.05
C LEU C 105 -9.90 -59.73 -21.97
N GLU C 106 -10.97 -59.22 -21.39
CA GLU C 106 -11.74 -59.98 -20.40
C GLU C 106 -12.27 -61.27 -21.03
N THR C 107 -12.87 -61.15 -22.22
CA THR C 107 -13.37 -62.32 -22.96
C THR C 107 -12.25 -63.29 -23.36
N LEU C 108 -11.11 -62.76 -23.77
CA LEU C 108 -10.00 -63.64 -24.17
C LEU C 108 -9.51 -64.52 -23.03
N ASP C 109 -9.38 -63.90 -21.84
CA ASP C 109 -8.79 -64.60 -20.68
C ASP C 109 -9.84 -65.41 -19.89
N ASN C 110 -11.12 -65.01 -19.93
CA ASN C 110 -12.12 -65.62 -19.03
C ASN C 110 -13.10 -66.48 -19.80
N GLY C 111 -13.39 -66.12 -21.05
CA GLY C 111 -14.36 -66.90 -21.85
C GLY C 111 -15.75 -66.31 -22.03
N LYS C 112 -16.16 -65.34 -21.22
CA LYS C 112 -17.54 -64.90 -21.32
C LYS C 112 -17.75 -64.13 -22.64
N PRO C 113 -19.00 -64.13 -23.13
CA PRO C 113 -19.25 -63.45 -24.42
C PRO C 113 -18.84 -61.98 -24.39
N TYR C 114 -18.18 -61.52 -25.45
CA TYR C 114 -17.72 -60.13 -25.56
C TYR C 114 -18.87 -59.12 -25.43
N VAL C 115 -20.03 -59.42 -26.02
CA VAL C 115 -21.15 -58.50 -25.88
C VAL C 115 -21.47 -58.28 -24.38
N ILE C 116 -21.39 -59.35 -23.58
CA ILE C 116 -21.68 -59.29 -22.16
C ILE C 116 -20.53 -58.60 -21.39
N SER C 117 -19.29 -58.93 -21.71
CA SER C 117 -18.15 -58.17 -21.13
C SER C 117 -18.33 -56.68 -21.34
N TYR C 118 -18.75 -56.32 -22.55
CA TYR C 118 -18.85 -54.92 -22.90
C TYR C 118 -20.03 -54.22 -22.23
N LEU C 119 -21.21 -54.80 -22.38
CA LEU C 119 -22.44 -54.14 -21.95
C LEU C 119 -22.76 -54.36 -20.50
N VAL C 120 -22.23 -55.43 -19.90
CA VAL C 120 -22.57 -55.77 -18.52
C VAL C 120 -21.35 -55.54 -17.63
N ASP C 121 -20.31 -56.37 -17.74
CA ASP C 121 -19.19 -56.23 -16.80
C ASP C 121 -18.58 -54.83 -16.80
N LEU C 122 -18.25 -54.27 -17.97
CA LEU C 122 -17.56 -52.99 -17.96
C LEU C 122 -18.50 -51.88 -17.48
N ASP C 123 -19.78 -51.96 -17.83
CA ASP C 123 -20.74 -50.97 -17.38
C ASP C 123 -20.81 -51.01 -15.87
N MET C 124 -20.86 -52.21 -15.29
N MET C 124 -20.83 -52.21 -15.29
CA MET C 124 -20.96 -52.33 -13.84
CA MET C 124 -20.96 -52.33 -13.85
C MET C 124 -19.68 -51.83 -13.14
C MET C 124 -19.69 -51.95 -13.09
N VAL C 125 -18.53 -52.09 -13.75
CA VAL C 125 -17.26 -51.57 -13.19
C VAL C 125 -17.35 -50.06 -13.08
N LEU C 126 -17.76 -49.42 -14.17
CA LEU C 126 -17.81 -47.95 -14.23
C LEU C 126 -18.78 -47.44 -13.14
N LYS C 127 -19.96 -48.06 -13.07
CA LYS C 127 -20.95 -47.64 -12.10
C LYS C 127 -20.49 -47.88 -10.66
N CYS C 128 -19.75 -48.97 -10.40
CA CYS C 128 -19.27 -49.23 -9.03
C CYS C 128 -18.25 -48.16 -8.63
N LEU C 129 -17.26 -47.87 -9.49
CA LEU C 129 -16.25 -46.88 -9.16
C LEU C 129 -16.84 -45.51 -9.00
N ARG C 130 -17.76 -45.13 -9.90
CA ARG C 130 -18.36 -43.82 -9.80
C ARG C 130 -19.25 -43.67 -8.55
N TYR C 131 -19.92 -44.76 -8.18
CA TYR C 131 -20.72 -44.76 -6.97
C TYR C 131 -19.81 -44.49 -5.76
N TYR C 132 -18.74 -45.29 -5.63
CA TYR C 132 -17.85 -45.14 -4.49
C TYR C 132 -17.07 -43.84 -4.49
N ALA C 133 -16.77 -43.27 -5.65
CA ALA C 133 -16.16 -41.94 -5.71
C ALA C 133 -17.00 -40.97 -4.89
N GLY C 134 -18.31 -41.05 -5.02
CA GLY C 134 -19.21 -40.18 -4.29
C GLY C 134 -19.27 -40.37 -2.80
N TRP C 135 -18.86 -41.54 -2.29
CA TRP C 135 -18.81 -41.79 -0.83
C TRP C 135 -17.58 -41.20 -0.18
N ALA C 136 -16.55 -40.85 -0.95
CA ALA C 136 -15.25 -40.60 -0.34
C ALA C 136 -15.29 -39.57 0.76
N ASP C 137 -16.13 -38.55 0.60
CA ASP C 137 -16.23 -37.43 1.56
C ASP C 137 -17.58 -37.32 2.28
N LYS C 138 -18.26 -38.45 2.45
CA LYS C 138 -19.62 -38.45 3.00
C LYS C 138 -19.83 -39.50 4.11
N TYR C 139 -18.81 -40.28 4.47
CA TYR C 139 -19.02 -41.32 5.49
C TYR C 139 -18.66 -40.77 6.88
N HIS C 140 -19.56 -39.97 7.41
CA HIS C 140 -19.32 -39.18 8.61
C HIS C 140 -19.19 -40.01 9.89
N GLY C 141 -18.34 -39.57 10.81
CA GLY C 141 -18.43 -40.06 12.20
C GLY C 141 -19.49 -39.27 12.91
N LYS C 142 -19.52 -39.38 14.24
CA LYS C 142 -20.62 -38.85 15.02
C LYS C 142 -20.16 -37.90 16.12
N THR C 143 -21.00 -36.94 16.48
CA THR C 143 -20.84 -36.25 17.76
C THR C 143 -21.92 -36.78 18.68
N ILE C 144 -21.54 -37.08 19.92
CA ILE C 144 -22.31 -38.00 20.77
C ILE C 144 -22.63 -37.35 22.10
N PRO C 145 -23.90 -37.31 22.53
CA PRO C 145 -24.28 -36.64 23.77
C PRO C 145 -24.06 -37.47 25.02
N ILE C 146 -22.81 -37.80 25.26
CA ILE C 146 -22.43 -38.61 26.40
C ILE C 146 -22.77 -37.91 27.74
N ASP C 147 -23.00 -38.73 28.77
CA ASP C 147 -23.16 -38.22 30.13
C ASP C 147 -21.93 -37.42 30.59
N GLY C 148 -22.15 -36.44 31.43
CA GLY C 148 -21.04 -35.73 32.07
C GLY C 148 -20.53 -34.54 31.31
N ASP C 149 -19.55 -33.88 31.90
CA ASP C 149 -18.96 -32.71 31.29
C ASP C 149 -17.89 -33.07 30.27
N PHE C 150 -18.36 -33.61 29.15
CA PHE C 150 -17.47 -34.03 28.08
C PHE C 150 -18.07 -33.75 26.73
N PHE C 151 -17.15 -33.61 25.77
CA PHE C 151 -17.43 -33.61 24.31
C PHE C 151 -16.87 -34.94 23.79
N SER C 152 -17.74 -35.76 23.21
CA SER C 152 -17.33 -37.02 22.68
C SER C 152 -17.73 -37.12 21.21
N TYR C 153 -16.83 -37.69 20.41
CA TYR C 153 -17.07 -37.83 18.99
C TYR C 153 -16.30 -39.02 18.47
N THR C 154 -16.69 -39.48 17.27
CA THR C 154 -15.94 -40.51 16.60
C THR C 154 -15.33 -40.01 15.31
N ARG C 155 -14.14 -40.52 15.05
CA ARG C 155 -13.48 -40.42 13.74
C ARG C 155 -13.65 -41.73 13.03
N HIS C 156 -14.00 -41.66 11.75
CA HIS C 156 -13.98 -42.85 10.92
C HIS C 156 -12.64 -42.83 10.20
N GLU C 157 -11.70 -43.66 10.64
CA GLU C 157 -10.37 -43.73 10.05
C GLU C 157 -10.30 -44.94 9.12
N PRO C 158 -9.30 -44.99 8.23
CA PRO C 158 -9.16 -46.21 7.42
C PRO C 158 -8.66 -47.35 8.27
N VAL C 159 -9.07 -48.56 7.93
CA VAL C 159 -8.59 -49.76 8.65
C VAL C 159 -7.08 -49.95 8.42
N GLY C 160 -6.58 -49.62 7.23
CA GLY C 160 -5.16 -49.63 6.97
C GLY C 160 -4.76 -50.43 5.74
N VAL C 161 -3.85 -51.37 5.93
CA VAL C 161 -3.37 -52.18 4.84
C VAL C 161 -4.38 -53.33 4.62
N CYS C 162 -5.02 -53.33 3.46
CA CYS C 162 -6.10 -54.26 3.17
C CYS C 162 -5.65 -55.28 2.13
N GLY C 163 -5.65 -56.54 2.51
CA GLY C 163 -5.36 -57.59 1.53
C GLY C 163 -6.67 -58.01 0.88
N GLN C 164 -6.70 -58.10 -0.44
CA GLN C 164 -7.92 -58.37 -1.17
C GLN C 164 -7.65 -59.48 -2.16
N ILE C 165 -8.43 -60.54 -2.07
CA ILE C 165 -8.21 -61.73 -2.89
C ILE C 165 -9.49 -61.97 -3.71
N ILE C 166 -9.33 -61.92 -5.03
CA ILE C 166 -10.49 -61.95 -5.89
C ILE C 166 -10.47 -63.11 -6.84
N PRO C 167 -11.67 -63.55 -7.24
CA PRO C 167 -11.84 -64.71 -8.08
C PRO C 167 -11.85 -64.41 -9.58
N TRP C 168 -12.08 -65.47 -10.35
CA TRP C 168 -11.95 -65.42 -11.79
C TRP C 168 -13.27 -65.24 -12.53
N ASN C 169 -14.42 -65.27 -11.83
CA ASN C 169 -15.66 -65.32 -12.56
C ASN C 169 -16.07 -64.00 -13.17
N PHE C 170 -15.77 -62.90 -12.45
CA PHE C 170 -15.99 -61.53 -12.94
C PHE C 170 -14.72 -60.74 -12.59
N PRO C 171 -13.67 -60.89 -13.38
CA PRO C 171 -12.37 -60.41 -12.94
C PRO C 171 -12.35 -58.89 -12.75
N LEU C 172 -12.77 -58.13 -13.75
CA LEU C 172 -12.78 -56.66 -13.58
C LEU C 172 -13.80 -56.21 -12.56
N LEU C 173 -14.97 -56.81 -12.53
CA LEU C 173 -16.01 -56.33 -11.63
C LEU C 173 -15.62 -56.59 -10.17
N MET C 174 -15.03 -57.75 -9.92
CA MET C 174 -14.61 -58.05 -8.55
C MET C 174 -13.49 -57.14 -8.14
N GLN C 175 -12.59 -56.80 -9.06
CA GLN C 175 -11.57 -55.82 -8.74
C GLN C 175 -12.21 -54.48 -8.31
N ALA C 176 -13.21 -54.03 -9.05
CA ALA C 176 -13.89 -52.77 -8.72
C ALA C 176 -14.66 -52.82 -7.39
N TRP C 177 -15.34 -53.92 -7.12
CA TRP C 177 -16.10 -54.06 -5.89
C TRP C 177 -15.19 -53.98 -4.68
N LYS C 178 -13.92 -54.38 -4.87
CA LYS C 178 -12.94 -54.28 -3.76
C LYS C 178 -12.28 -52.92 -3.72
N LEU C 179 -11.83 -52.38 -4.86
CA LEU C 179 -11.06 -51.13 -4.82
C LEU C 179 -11.96 -49.95 -4.49
N GLY C 180 -13.19 -49.96 -4.97
CA GLY C 180 -14.05 -48.81 -4.74
C GLY C 180 -14.19 -48.40 -3.27
N PRO C 181 -14.68 -49.29 -2.42
CA PRO C 181 -14.86 -48.89 -1.00
C PRO C 181 -13.55 -48.72 -0.27
N ALA C 182 -12.55 -49.54 -0.60
CA ALA C 182 -11.29 -49.46 0.14
C ALA C 182 -10.63 -48.09 -0.13
N LEU C 183 -10.58 -47.67 -1.39
CA LEU C 183 -9.98 -46.39 -1.74
C LEU C 183 -10.84 -45.20 -1.34
N ALA C 184 -12.15 -45.32 -1.45
CA ALA C 184 -13.05 -44.22 -1.02
C ALA C 184 -12.80 -43.82 0.43
N THR C 185 -12.47 -44.81 1.26
CA THR C 185 -12.25 -44.62 2.69
C THR C 185 -10.77 -44.46 3.05
N GLY C 186 -9.87 -44.38 2.06
CA GLY C 186 -8.49 -43.95 2.34
C GLY C 186 -7.58 -45.09 2.79
N ASN C 187 -7.96 -46.33 2.50
CA ASN C 187 -7.10 -47.47 2.76
C ASN C 187 -6.05 -47.66 1.65
N VAL C 188 -5.15 -48.58 1.90
CA VAL C 188 -4.19 -49.03 0.88
C VAL C 188 -4.37 -50.52 0.71
N VAL C 189 -4.00 -51.02 -0.47
CA VAL C 189 -4.40 -52.36 -0.92
C VAL C 189 -3.24 -53.20 -1.43
N VAL C 190 -3.23 -54.48 -1.04
CA VAL C 190 -2.43 -55.52 -1.67
C VAL C 190 -3.44 -56.53 -2.19
N MET C 191 -3.56 -56.63 -3.52
CA MET C 191 -4.58 -57.43 -4.17
C MET C 191 -3.95 -58.60 -4.86
N LYS C 192 -4.54 -59.78 -4.67
CA LYS C 192 -4.13 -61.00 -5.33
C LYS C 192 -5.25 -61.32 -6.31
N VAL C 193 -4.89 -61.38 -7.58
CA VAL C 193 -5.85 -61.69 -8.65
C VAL C 193 -5.77 -63.16 -9.04
N ALA C 194 -6.81 -63.69 -9.65
CA ALA C 194 -6.89 -65.12 -9.93
C ALA C 194 -5.92 -65.55 -11.00
N GLU C 195 -5.25 -66.68 -10.78
CA GLU C 195 -4.29 -67.13 -11.77
CA GLU C 195 -4.30 -67.24 -11.75
C GLU C 195 -4.92 -67.47 -13.13
N GLN C 196 -6.22 -67.81 -13.13
CA GLN C 196 -6.95 -68.07 -14.36
C GLN C 196 -7.22 -66.85 -15.21
N THR C 197 -7.32 -65.69 -14.56
CA THR C 197 -7.72 -64.44 -15.23
C THR C 197 -6.98 -63.21 -14.68
N PRO C 198 -5.66 -63.16 -14.80
CA PRO C 198 -4.90 -62.07 -14.17
C PRO C 198 -4.87 -60.81 -15.02
N LEU C 199 -5.09 -60.95 -16.33
CA LEU C 199 -4.64 -59.91 -17.27
C LEU C 199 -5.38 -58.57 -17.17
N THR C 200 -6.72 -58.60 -17.08
CA THR C 200 -7.45 -57.33 -17.09
C THR C 200 -7.16 -56.48 -15.85
N ALA C 201 -7.00 -57.13 -14.68
CA ALA C 201 -6.68 -56.40 -13.45
C ALA C 201 -5.33 -55.75 -13.51
N LEU C 202 -4.37 -56.41 -14.15
CA LEU C 202 -3.06 -55.81 -14.33
C LEU C 202 -3.11 -54.62 -15.27
N TYR C 203 -3.90 -54.70 -16.34
CA TYR C 203 -4.03 -53.51 -17.20
C TYR C 203 -4.65 -52.36 -16.40
N VAL C 204 -5.66 -52.64 -15.59
CA VAL C 204 -6.25 -51.60 -14.74
C VAL C 204 -5.21 -50.97 -13.82
N ALA C 205 -4.21 -51.73 -13.32
CA ALA C 205 -3.13 -51.07 -12.57
C ALA C 205 -2.41 -50.01 -13.33
N ASN C 206 -2.14 -50.21 -14.63
CA ASN C 206 -1.60 -49.11 -15.44
C ASN C 206 -2.47 -47.86 -15.37
N LEU C 207 -3.78 -48.07 -15.42
CA LEU C 207 -4.72 -46.95 -15.34
C LEU C 207 -4.75 -46.29 -13.94
N ILE C 208 -4.52 -47.08 -12.88
CA ILE C 208 -4.42 -46.53 -11.51
C ILE C 208 -3.23 -45.55 -11.45
N LYS C 209 -2.10 -45.95 -12.02
CA LYS C 209 -0.96 -45.04 -12.11
C LYS C 209 -1.32 -43.78 -12.93
N GLU C 210 -1.90 -44.02 -14.09
CA GLU C 210 -2.23 -42.91 -14.98
C GLU C 210 -3.25 -41.94 -14.35
N ALA C 211 -4.16 -42.46 -13.53
CA ALA C 211 -5.16 -41.63 -12.81
C ALA C 211 -4.53 -40.70 -11.78
N GLY C 212 -3.34 -41.05 -11.31
CA GLY C 212 -2.66 -40.21 -10.32
C GLY C 212 -2.59 -40.72 -8.90
N PHE C 213 -2.96 -41.98 -8.69
CA PHE C 213 -2.87 -42.52 -7.33
C PHE C 213 -1.42 -42.57 -6.88
N PRO C 214 -1.15 -42.19 -5.61
CA PRO C 214 0.23 -42.24 -5.16
C PRO C 214 0.78 -43.66 -5.16
N PRO C 215 2.10 -43.79 -5.34
CA PRO C 215 2.68 -45.12 -5.30
C PRO C 215 2.45 -45.86 -3.98
N GLY C 216 2.12 -47.13 -4.11
CA GLY C 216 1.88 -47.99 -2.96
C GLY C 216 0.47 -48.01 -2.47
N VAL C 217 -0.40 -47.16 -3.02
CA VAL C 217 -1.78 -47.19 -2.60
C VAL C 217 -2.50 -48.44 -3.10
N VAL C 218 -2.21 -48.88 -4.33
CA VAL C 218 -2.70 -50.16 -4.86
C VAL C 218 -1.51 -50.94 -5.37
N ASN C 219 -1.37 -52.17 -4.91
CA ASN C 219 -0.30 -53.08 -5.34
C ASN C 219 -0.98 -54.39 -5.71
N ILE C 220 -0.60 -55.00 -6.84
CA ILE C 220 -1.27 -56.21 -7.33
C ILE C 220 -0.23 -57.29 -7.53
N VAL C 221 -0.46 -58.44 -6.90
CA VAL C 221 0.42 -59.59 -7.02
C VAL C 221 -0.33 -60.74 -7.67
N PRO C 222 -0.09 -61.01 -8.95
CA PRO C 222 -0.60 -62.22 -9.57
C PRO C 222 0.18 -63.42 -9.00
N GLY C 223 -0.47 -64.57 -9.00
CA GLY C 223 0.17 -65.83 -8.54
C GLY C 223 -0.92 -66.76 -8.05
N PHE C 224 -0.52 -67.78 -7.31
CA PHE C 224 -1.42 -68.84 -6.89
C PHE C 224 -1.94 -68.68 -5.48
N GLY C 225 -2.90 -69.53 -5.11
CA GLY C 225 -3.61 -69.33 -3.82
C GLY C 225 -2.80 -69.73 -2.60
N PRO C 226 -2.28 -70.95 -2.61
CA PRO C 226 -1.56 -71.42 -1.42
C PRO C 226 -0.24 -70.71 -1.20
N THR C 227 0.19 -69.93 -2.20
CA THR C 227 1.43 -69.19 -2.06
C THR C 227 1.10 -67.72 -1.79
N ALA C 228 0.72 -66.99 -2.84
CA ALA C 228 0.49 -65.54 -2.69
C ALA C 228 -0.74 -65.22 -1.83
N GLY C 229 -1.84 -65.91 -2.04
CA GLY C 229 -3.05 -65.67 -1.23
C GLY C 229 -2.82 -65.96 0.24
N ALA C 230 -2.21 -67.11 0.51
CA ALA C 230 -1.92 -67.46 1.89
C ALA C 230 -0.98 -66.47 2.56
N ALA C 231 0.00 -65.98 1.82
CA ALA C 231 0.92 -65.00 2.37
C ALA C 231 0.20 -63.72 2.78
N ILE C 232 -0.77 -63.26 2.00
CA ILE C 232 -1.58 -62.11 2.42
C ILE C 232 -2.39 -62.41 3.67
N ALA C 233 -3.09 -63.53 3.66
CA ALA C 233 -3.94 -63.91 4.79
C ALA C 233 -3.21 -64.04 6.12
N SER C 234 -1.99 -64.52 6.07
CA SER C 234 -1.18 -64.77 7.27
CA SER C 234 -1.20 -64.77 7.29
C SER C 234 -0.23 -63.63 7.61
N HIS C 235 -0.22 -62.56 6.78
CA HIS C 235 0.74 -61.50 6.97
C HIS C 235 0.55 -60.75 8.27
N GLU C 236 1.66 -60.57 9.00
CA GLU C 236 1.60 -59.89 10.29
C GLU C 236 1.37 -58.39 10.23
N ASP C 237 1.49 -57.79 9.04
CA ASP C 237 1.27 -56.32 8.89
C ASP C 237 0.12 -55.96 7.95
N VAL C 238 -0.74 -56.93 7.63
CA VAL C 238 -2.00 -56.67 6.91
C VAL C 238 -3.09 -56.52 7.97
N ASP C 239 -3.84 -55.44 7.88
CA ASP C 239 -4.84 -55.13 8.92
C ASP C 239 -6.21 -55.77 8.71
N LYS C 240 -6.50 -56.10 7.44
CA LYS C 240 -7.86 -56.50 7.05
C LYS C 240 -7.68 -57.31 5.80
N VAL C 241 -8.43 -58.40 5.71
CA VAL C 241 -8.51 -59.20 4.49
C VAL C 241 -9.96 -59.33 4.04
N ALA C 242 -10.16 -59.19 2.74
CA ALA C 242 -11.45 -59.43 2.10
C ALA C 242 -11.23 -60.50 1.05
N PHE C 243 -11.95 -61.60 1.15
CA PHE C 243 -11.77 -62.74 0.25
C PHE C 243 -13.09 -63.07 -0.43
N THR C 244 -13.07 -63.27 -1.74
CA THR C 244 -14.22 -63.82 -2.49
C THR C 244 -13.74 -65.09 -3.18
N GLY C 245 -14.48 -66.18 -2.96
CA GLY C 245 -14.09 -67.50 -3.44
C GLY C 245 -14.92 -68.59 -2.79
N SER C 246 -14.41 -69.81 -2.82
CA SER C 246 -15.10 -70.96 -2.23
C SER C 246 -15.32 -70.87 -0.72
N THR C 247 -16.38 -71.50 -0.22
CA THR C 247 -16.57 -71.66 1.23
C THR C 247 -15.37 -72.34 1.94
N GLU C 248 -14.84 -73.37 1.30
CA GLU C 248 -13.66 -74.08 1.82
C GLU C 248 -12.42 -73.20 2.08
N ILE C 249 -12.09 -72.32 1.14
CA ILE C 249 -10.97 -71.42 1.32
C ILE C 249 -11.26 -70.28 2.29
N GLY C 250 -12.53 -69.82 2.30
CA GLY C 250 -12.96 -68.88 3.32
C GLY C 250 -12.60 -69.33 4.72
N ARG C 251 -12.84 -70.60 5.04
CA ARG C 251 -12.44 -71.16 6.33
C ARG C 251 -10.92 -71.04 6.56
N VAL C 252 -10.15 -71.32 5.50
CA VAL C 252 -8.69 -71.19 5.55
C VAL C 252 -8.26 -69.74 5.90
N ILE C 253 -8.93 -68.76 5.29
CA ILE C 253 -8.64 -67.36 5.53
C ILE C 253 -8.94 -66.96 6.96
N GLN C 254 -10.10 -67.39 7.49
CA GLN C 254 -10.48 -66.97 8.84
C GLN C 254 -9.54 -67.58 9.88
N VAL C 255 -9.16 -68.84 9.67
CA VAL C 255 -8.16 -69.48 10.53
C VAL C 255 -6.79 -68.78 10.46
N ALA C 256 -6.36 -68.42 9.24
CA ALA C 256 -5.11 -67.66 9.08
C ALA C 256 -5.10 -66.33 9.84
N ALA C 257 -6.24 -65.64 9.85
CA ALA C 257 -6.36 -64.35 10.50
C ALA C 257 -6.15 -64.55 12.01
N GLY C 258 -6.82 -65.56 12.54
CA GLY C 258 -6.80 -65.81 13.98
C GLY C 258 -5.44 -66.28 14.44
N SER C 259 -4.76 -67.04 13.57
CA SER C 259 -3.42 -67.56 13.89
CA SER C 259 -3.43 -67.56 13.89
C SER C 259 -2.29 -66.57 13.68
N SER C 260 -2.57 -65.44 13.03
CA SER C 260 -1.56 -64.44 12.75
C SER C 260 -1.79 -63.23 13.67
N ASN C 261 -2.28 -62.13 13.12
CA ASN C 261 -2.38 -60.90 13.90
C ASN C 261 -3.79 -60.43 14.19
N LEU C 262 -4.79 -61.31 14.10
CA LEU C 262 -6.16 -60.89 14.37
C LEU C 262 -6.70 -59.80 13.42
N LYS C 263 -6.23 -59.84 12.19
CA LYS C 263 -6.76 -58.96 11.15
C LYS C 263 -8.27 -59.15 11.03
N ARG C 264 -8.94 -58.10 10.60
CA ARG C 264 -10.38 -58.15 10.39
C ARG C 264 -10.65 -58.86 9.06
N VAL C 265 -11.75 -59.61 8.97
CA VAL C 265 -12.01 -60.49 7.83
C VAL C 265 -13.43 -60.32 7.34
N THR C 266 -13.57 -60.17 6.02
CA THR C 266 -14.86 -60.36 5.38
C THR C 266 -14.72 -61.38 4.26
N LEU C 267 -15.82 -62.09 3.99
CA LEU C 267 -15.83 -63.25 3.11
C LEU C 267 -17.10 -63.21 2.25
N GLU C 268 -16.92 -63.40 0.95
CA GLU C 268 -18.03 -63.56 0.01
C GLU C 268 -17.82 -64.93 -0.63
N LEU C 269 -18.70 -65.89 -0.35
CA LEU C 269 -18.45 -67.27 -0.67
C LEU C 269 -19.53 -67.82 -1.62
N GLY C 270 -19.70 -69.13 -1.62
CA GLY C 270 -20.62 -69.71 -2.60
C GLY C 270 -22.06 -69.72 -2.14
N GLY C 271 -22.88 -70.38 -2.96
CA GLY C 271 -24.27 -70.54 -2.64
C GLY C 271 -24.89 -71.76 -3.31
N LYS C 272 -26.13 -72.01 -2.92
CA LYS C 272 -27.01 -72.92 -3.68
C LYS C 272 -28.41 -72.29 -3.65
N SER C 273 -28.49 -71.17 -4.35
CA SER C 273 -29.59 -70.25 -4.09
C SER C 273 -30.91 -70.73 -4.69
N PRO C 274 -31.99 -70.62 -3.93
CA PRO C 274 -33.29 -71.08 -4.40
C PRO C 274 -34.06 -70.00 -5.18
N ASN C 275 -34.67 -70.40 -6.28
CA ASN C 275 -35.49 -69.52 -7.11
C ASN C 275 -36.87 -70.11 -7.11
N ILE C 276 -37.82 -69.44 -6.46
CA ILE C 276 -39.12 -70.04 -6.14
C ILE C 276 -40.18 -69.46 -7.07
N ILE C 277 -40.79 -70.34 -7.86
CA ILE C 277 -41.82 -69.95 -8.85
C ILE C 277 -43.19 -70.37 -8.33
N MET C 278 -43.99 -69.42 -7.84
CA MET C 278 -45.34 -69.69 -7.42
C MET C 278 -46.26 -69.87 -8.62
N SER C 279 -47.38 -70.54 -8.38
CA SER C 279 -48.27 -70.86 -9.48
C SER C 279 -48.91 -69.65 -10.13
N ASP C 280 -48.92 -68.51 -9.43
CA ASP C 280 -49.44 -67.29 -10.00
C ASP C 280 -48.42 -66.40 -10.70
N ALA C 281 -47.20 -66.88 -10.84
CA ALA C 281 -46.18 -66.13 -11.53
C ALA C 281 -46.55 -65.91 -12.98
N ASP C 282 -45.97 -64.87 -13.57
CA ASP C 282 -46.02 -64.65 -15.01
C ASP C 282 -45.13 -65.71 -15.65
N MET C 283 -45.73 -66.65 -16.37
CA MET C 283 -44.97 -67.83 -16.83
C MET C 283 -43.83 -67.46 -17.75
N ASP C 284 -44.10 -66.66 -18.77
CA ASP C 284 -43.05 -66.37 -19.74
C ASP C 284 -41.88 -65.66 -19.06
N TRP C 285 -42.16 -64.69 -18.20
CA TRP C 285 -41.09 -63.96 -17.54
C TRP C 285 -40.37 -64.90 -16.56
N ALA C 286 -41.08 -65.73 -15.82
CA ALA C 286 -40.44 -66.62 -14.85
C ALA C 286 -39.53 -67.63 -15.55
N VAL C 287 -39.92 -68.15 -16.72
CA VAL C 287 -39.06 -69.10 -17.42
C VAL C 287 -37.79 -68.42 -17.89
N GLU C 288 -37.92 -67.25 -18.52
CA GLU C 288 -36.76 -66.52 -19.00
C GLU C 288 -35.82 -66.10 -17.87
N GLN C 289 -36.39 -65.61 -16.78
CA GLN C 289 -35.56 -65.21 -15.67
C GLN C 289 -34.93 -66.39 -14.92
N ALA C 290 -35.62 -67.52 -14.84
CA ALA C 290 -35.01 -68.72 -14.20
C ALA C 290 -33.86 -69.24 -15.03
N HIS C 291 -33.98 -69.11 -16.35
CA HIS C 291 -32.91 -69.47 -17.29
C HIS C 291 -31.70 -68.59 -17.06
N PHE C 292 -31.91 -67.27 -17.12
CA PHE C 292 -30.85 -66.33 -16.77
C PHE C 292 -30.22 -66.60 -15.39
N ALA C 293 -31.06 -66.83 -14.37
CA ALA C 293 -30.63 -66.96 -12.99
C ALA C 293 -29.62 -68.08 -12.89
N LEU C 294 -29.82 -69.12 -13.69
CA LEU C 294 -28.91 -70.29 -13.62
C LEU C 294 -27.74 -70.14 -14.58
N PHE C 295 -28.03 -69.77 -15.82
CA PHE C 295 -27.04 -69.95 -16.91
C PHE C 295 -26.15 -68.73 -17.09
N PHE C 296 -26.53 -67.59 -16.49
CA PHE C 296 -25.71 -66.39 -16.63
C PHE C 296 -24.22 -66.67 -16.38
N ASN C 297 -23.35 -66.14 -17.23
CA ASN C 297 -21.90 -66.28 -17.01
C ASN C 297 -21.40 -67.71 -16.98
N GLN C 298 -21.93 -68.52 -17.89
CA GLN C 298 -21.56 -69.94 -17.99
C GLN C 298 -21.84 -70.65 -16.67
N GLY C 299 -22.84 -70.17 -15.93
CA GLY C 299 -23.19 -70.73 -14.61
C GLY C 299 -22.26 -70.37 -13.46
N GLN C 300 -21.25 -69.53 -13.76
CA GLN C 300 -20.16 -69.22 -12.81
C GLN C 300 -20.49 -67.95 -12.06
N CYS C 301 -21.52 -68.07 -11.24
N CYS C 301 -21.60 -68.02 -11.31
CA CYS C 301 -22.00 -66.97 -10.45
CA CYS C 301 -22.04 -66.94 -10.42
C CYS C 301 -22.30 -67.52 -9.06
C CYS C 301 -22.26 -67.53 -9.06
N CSO C 302 -21.68 -66.90 -8.06
CA CSO C 302 -21.89 -67.25 -6.65
CA CSO C 302 -21.87 -67.40 -6.65
CB CSO C 302 -21.31 -66.10 -5.80
CB CSO C 302 -21.11 -66.56 -5.62
SG CSO C 302 -22.09 -64.50 -6.25
SG CSO C 302 -19.39 -66.20 -6.11
C CSO C 302 -23.34 -67.44 -6.26
O CSO C 302 -23.73 -68.33 -5.50
OD CSO C 302 -21.34 -63.77 -7.70
OD CSO C 302 -18.88 -67.77 -5.75
N CYS C 303 -24.15 -66.55 -6.79
CA CYS C 303 -25.58 -66.45 -6.47
C CYS C 303 -26.48 -67.09 -7.50
N ALA C 304 -25.96 -67.99 -8.32
CA ALA C 304 -26.77 -68.64 -9.36
C ALA C 304 -28.00 -69.28 -8.73
N GLY C 305 -29.14 -69.20 -9.45
CA GLY C 305 -30.40 -69.78 -9.02
C GLY C 305 -30.40 -71.26 -9.37
N SER C 306 -29.67 -72.03 -8.56
CA SER C 306 -29.37 -73.43 -8.87
C SER C 306 -30.29 -74.45 -8.19
N ARG C 307 -31.30 -74.01 -7.46
CA ARG C 307 -32.45 -74.82 -7.04
C ARG C 307 -33.69 -74.05 -7.51
N THR C 308 -34.25 -74.48 -8.63
CA THR C 308 -35.44 -73.82 -9.19
C THR C 308 -36.64 -74.63 -8.65
N PHE C 309 -37.31 -74.07 -7.65
CA PHE C 309 -38.50 -74.70 -7.06
C PHE C 309 -39.73 -74.20 -7.82
N VAL C 310 -40.55 -75.14 -8.29
CA VAL C 310 -41.69 -74.77 -9.12
C VAL C 310 -42.95 -75.43 -8.55
N GLN C 311 -43.99 -74.62 -8.35
CA GLN C 311 -45.23 -75.13 -7.79
CA GLN C 311 -45.22 -75.14 -7.77
C GLN C 311 -45.86 -76.18 -8.70
N GLU C 312 -46.38 -77.23 -8.08
CA GLU C 312 -46.78 -78.44 -8.82
C GLU C 312 -47.79 -78.18 -9.93
N ASP C 313 -48.71 -77.24 -9.77
CA ASP C 313 -49.72 -77.04 -10.85
C ASP C 313 -49.16 -76.44 -12.14
N ILE C 314 -48.00 -75.77 -12.05
CA ILE C 314 -47.33 -75.23 -13.22
C ILE C 314 -46.02 -75.92 -13.60
N TYR C 315 -45.68 -77.00 -12.89
CA TYR C 315 -44.41 -77.70 -13.08
C TYR C 315 -44.20 -78.21 -14.51
N ASP C 316 -45.16 -78.97 -15.02
CA ASP C 316 -44.92 -79.56 -16.34
C ASP C 316 -44.73 -78.52 -17.42
N GLU C 317 -45.54 -77.47 -17.42
CA GLU C 317 -45.40 -76.45 -18.42
C GLU C 317 -44.09 -75.67 -18.26
N PHE C 318 -43.77 -75.35 -17.01
CA PHE C 318 -42.53 -74.63 -16.74
C PHE C 318 -41.31 -75.42 -17.23
N VAL C 319 -41.31 -76.71 -16.95
CA VAL C 319 -40.20 -77.58 -17.35
C VAL C 319 -40.12 -77.68 -18.88
N GLU C 320 -41.26 -77.84 -19.56
CA GLU C 320 -41.24 -77.91 -21.02
C GLU C 320 -40.63 -76.65 -21.61
N ARG C 321 -41.04 -75.50 -21.09
CA ARG C 321 -40.53 -74.24 -21.59
C ARG C 321 -39.05 -74.01 -21.26
N SER C 322 -38.65 -74.49 -20.08
CA SER C 322 -37.26 -74.36 -19.64
C SER C 322 -36.34 -75.23 -20.48
N VAL C 323 -36.79 -76.43 -20.83
CA VAL C 323 -35.99 -77.34 -21.66
C VAL C 323 -35.88 -76.74 -23.05
N ALA C 324 -36.98 -76.18 -23.57
CA ALA C 324 -36.87 -75.56 -24.88
C ALA C 324 -35.85 -74.40 -24.92
N ARG C 325 -35.88 -73.58 -23.88
CA ARG C 325 -34.99 -72.43 -23.81
C ARG C 325 -33.53 -72.88 -23.64
N ALA C 326 -33.27 -73.90 -22.83
CA ALA C 326 -31.91 -74.42 -22.70
C ALA C 326 -31.41 -75.00 -24.01
N LYS C 327 -32.30 -75.66 -24.75
CA LYS C 327 -31.85 -76.27 -26.00
C LYS C 327 -31.54 -75.21 -27.06
N SER C 328 -32.19 -74.04 -26.96
CA SER C 328 -32.00 -72.97 -27.91
C SER C 328 -30.78 -72.10 -27.59
N ARG C 329 -30.24 -72.26 -26.38
CA ARG C 329 -29.14 -71.41 -25.94
C ARG C 329 -27.89 -71.66 -26.77
N VAL C 330 -27.33 -70.61 -27.38
CA VAL C 330 -26.24 -70.76 -28.34
C VAL C 330 -24.87 -70.78 -27.67
N VAL C 331 -24.17 -71.89 -27.83
CA VAL C 331 -22.85 -72.08 -27.24
C VAL C 331 -21.84 -71.92 -28.35
N GLY C 332 -20.77 -71.16 -28.13
CA GLY C 332 -19.80 -70.93 -29.19
C GLY C 332 -18.72 -69.92 -28.90
N ASN C 333 -18.05 -69.49 -29.97
CA ASN C 333 -16.96 -68.51 -29.85
C ASN C 333 -17.51 -67.25 -29.17
N PRO C 334 -16.95 -66.88 -28.01
CA PRO C 334 -17.52 -65.77 -27.32
C PRO C 334 -17.36 -64.42 -28.02
N PHE C 335 -16.53 -64.34 -29.05
CA PHE C 335 -16.44 -63.10 -29.84
C PHE C 335 -17.51 -63.00 -30.94
N ASP C 336 -18.22 -64.07 -31.20
CA ASP C 336 -19.34 -64.05 -32.19
C ASP C 336 -20.55 -63.48 -31.49
N SER C 337 -21.17 -62.47 -32.10
CA SER C 337 -22.30 -61.78 -31.49
C SER C 337 -23.51 -62.67 -31.21
N LYS C 338 -23.64 -63.80 -31.91
CA LYS C 338 -24.72 -64.75 -31.69
C LYS C 338 -24.54 -65.63 -30.45
N THR C 339 -23.33 -65.66 -29.89
CA THR C 339 -23.05 -66.57 -28.80
C THR C 339 -23.68 -66.09 -27.51
N GLU C 340 -24.42 -66.99 -26.85
CA GLU C 340 -24.94 -66.69 -25.51
C GLU C 340 -24.09 -67.28 -24.38
N GLN C 341 -23.36 -68.35 -24.67
CA GLN C 341 -22.55 -69.08 -23.68
C GLN C 341 -21.19 -69.41 -24.25
N GLY C 342 -20.15 -68.89 -23.58
CA GLY C 342 -18.78 -69.28 -23.89
C GLY C 342 -18.35 -70.53 -23.18
N PRO C 343 -17.03 -70.78 -23.16
CA PRO C 343 -16.53 -71.96 -22.45
C PRO C 343 -16.52 -71.71 -20.95
N GLN C 344 -16.35 -72.80 -20.21
CA GLN C 344 -16.01 -72.71 -18.77
C GLN C 344 -14.59 -72.17 -18.64
N VAL C 345 -14.22 -71.70 -17.45
CA VAL C 345 -12.99 -70.87 -17.38
C VAL C 345 -11.68 -71.63 -17.62
N ASP C 346 -11.73 -72.92 -17.30
CA ASP C 346 -10.52 -73.76 -17.32
C ASP C 346 -10.80 -75.24 -17.30
N GLU C 347 -9.73 -76.02 -17.51
CA GLU C 347 -9.86 -77.46 -17.54
C GLU C 347 -10.33 -78.02 -16.21
N THR C 348 -9.84 -77.46 -15.13
CA THR C 348 -10.24 -77.96 -13.82
C THR C 348 -11.75 -77.84 -13.62
N GLN C 349 -12.29 -76.67 -13.96
CA GLN C 349 -13.73 -76.48 -13.83
C GLN C 349 -14.53 -77.34 -14.82
N PHE C 350 -14.05 -77.40 -16.04
CA PHE C 350 -14.64 -78.27 -17.07
C PHE C 350 -14.85 -79.71 -16.51
N LYS C 351 -13.77 -80.30 -15.98
CA LYS C 351 -13.86 -81.63 -15.42
C LYS C 351 -14.78 -81.72 -14.23
N LYS C 352 -14.76 -80.73 -13.34
CA LYS C 352 -15.62 -80.76 -12.18
CA LYS C 352 -15.65 -80.77 -12.18
C LYS C 352 -17.11 -80.74 -12.60
N ILE C 353 -17.41 -79.96 -13.64
CA ILE C 353 -18.80 -79.90 -14.08
C ILE C 353 -19.22 -81.21 -14.76
N LEU C 354 -18.35 -81.80 -15.55
CA LEU C 354 -18.64 -83.12 -16.10
C LEU C 354 -18.86 -84.14 -14.99
N GLY C 355 -18.10 -84.03 -13.90
CA GLY C 355 -18.32 -84.92 -12.76
C GLY C 355 -19.67 -84.72 -12.10
N TYR C 356 -20.09 -83.46 -11.92
CA TYR C 356 -21.42 -83.20 -11.34
C TYR C 356 -22.57 -83.63 -12.26
N ILE C 357 -22.39 -83.51 -13.58
CA ILE C 357 -23.43 -84.00 -14.48
C ILE C 357 -23.56 -85.51 -14.32
N ASN C 358 -22.42 -86.21 -14.30
CA ASN C 358 -22.51 -87.65 -14.08
C ASN C 358 -23.10 -88.01 -12.75
N THR C 359 -22.78 -87.24 -11.71
CA THR C 359 -23.36 -87.45 -10.37
C THR C 359 -24.89 -87.38 -10.44
N GLY C 360 -25.42 -86.34 -11.09
CA GLY C 360 -26.87 -86.19 -11.18
C GLY C 360 -27.51 -87.38 -11.88
N LYS C 361 -26.86 -87.85 -12.95
CA LYS C 361 -27.35 -89.04 -13.70
C LYS C 361 -27.32 -90.27 -12.77
N GLN C 362 -26.22 -90.45 -12.06
CA GLN C 362 -26.04 -91.60 -11.18
C GLN C 362 -27.09 -91.63 -10.05
N GLU C 363 -27.42 -90.46 -9.50
CA GLU C 363 -28.32 -90.41 -8.35
C GLU C 363 -29.82 -90.33 -8.71
N GLY C 364 -30.09 -90.33 -10.00
CA GLY C 364 -31.45 -90.52 -10.52
C GLY C 364 -32.20 -89.25 -10.85
N ALA C 365 -31.50 -88.10 -10.92
CA ALA C 365 -32.18 -86.92 -11.47
C ALA C 365 -32.51 -87.18 -12.93
N LYS C 366 -33.60 -86.59 -13.43
CA LYS C 366 -34.00 -86.85 -14.82
C LYS C 366 -33.28 -85.90 -15.76
N LEU C 367 -32.41 -86.44 -16.59
CA LEU C 367 -31.70 -85.61 -17.54
C LEU C 367 -32.61 -85.23 -18.69
N LEU C 368 -32.96 -83.96 -18.76
CA LEU C 368 -33.97 -83.52 -19.73
C LEU C 368 -33.37 -82.94 -20.99
N CYS C 369 -32.16 -82.39 -20.89
CA CYS C 369 -31.40 -81.98 -22.05
C CYS C 369 -29.92 -81.79 -21.71
N GLY C 370 -29.09 -81.74 -22.74
CA GLY C 370 -27.66 -81.53 -22.58
C GLY C 370 -26.97 -82.71 -21.95
N GLY C 371 -26.01 -82.42 -21.07
CA GLY C 371 -25.36 -83.49 -20.33
C GLY C 371 -23.98 -83.85 -20.83
N GLY C 372 -23.55 -83.19 -21.88
CA GLY C 372 -22.28 -83.58 -22.50
C GLY C 372 -21.42 -82.38 -22.87
N ILE C 373 -20.29 -82.68 -23.50
CA ILE C 373 -19.36 -81.70 -24.02
C ILE C 373 -19.91 -81.10 -25.31
N ALA C 374 -19.76 -79.78 -25.45
CA ALA C 374 -20.41 -79.05 -26.53
C ALA C 374 -19.51 -78.75 -27.73
N ALA C 375 -18.21 -78.97 -27.57
CA ALA C 375 -17.30 -78.70 -28.68
C ALA C 375 -15.99 -79.41 -28.46
N ASP C 376 -15.20 -79.51 -29.53
CA ASP C 376 -13.88 -80.12 -29.48
C ASP C 376 -12.90 -79.23 -28.68
N ARG C 377 -12.52 -78.09 -29.22
CA ARG C 377 -11.49 -77.29 -28.59
C ARG C 377 -12.08 -76.46 -27.45
N GLY C 378 -11.23 -76.07 -26.51
CA GLY C 378 -11.68 -75.27 -25.38
C GLY C 378 -12.42 -76.10 -24.34
N TYR C 379 -13.24 -75.42 -23.53
CA TYR C 379 -13.90 -76.07 -22.40
C TYR C 379 -15.41 -75.79 -22.42
N PHE C 380 -16.08 -76.23 -23.48
CA PHE C 380 -17.49 -75.94 -23.65
C PHE C 380 -18.39 -77.10 -23.21
N ILE C 381 -19.43 -76.79 -22.44
CA ILE C 381 -20.36 -77.78 -21.89
C ILE C 381 -21.77 -77.43 -22.38
N GLN C 382 -22.54 -78.45 -22.76
CA GLN C 382 -23.94 -78.22 -23.17
C GLN C 382 -24.75 -77.72 -21.99
N PRO C 383 -25.64 -76.73 -22.24
CA PRO C 383 -26.64 -76.36 -21.25
C PRO C 383 -27.47 -77.60 -20.84
N THR C 384 -27.48 -77.91 -19.55
CA THR C 384 -27.97 -79.17 -19.03
C THR C 384 -29.08 -78.88 -18.04
N VAL C 385 -30.20 -79.60 -18.14
CA VAL C 385 -31.32 -79.40 -17.22
C VAL C 385 -31.68 -80.75 -16.63
N PHE C 386 -31.74 -80.80 -15.31
CA PHE C 386 -32.24 -81.94 -14.56
C PHE C 386 -33.61 -81.63 -13.96
N GLY C 387 -34.54 -82.57 -14.16
CA GLY C 387 -35.85 -82.48 -13.55
C GLY C 387 -36.09 -83.47 -12.42
N ASP C 388 -37.17 -83.24 -11.70
CA ASP C 388 -37.56 -84.07 -10.54
C ASP C 388 -36.38 -84.23 -9.59
N VAL C 389 -35.69 -83.11 -9.39
CA VAL C 389 -34.58 -83.15 -8.44
C VAL C 389 -35.16 -83.19 -7.02
N GLN C 390 -34.48 -83.91 -6.13
CA GLN C 390 -34.88 -84.08 -4.76
C GLN C 390 -33.86 -83.46 -3.81
N ASP C 391 -34.33 -82.98 -2.66
CA ASP C 391 -33.48 -82.17 -1.79
C ASP C 391 -32.20 -82.91 -1.34
N GLY C 392 -32.30 -84.24 -1.15
CA GLY C 392 -31.13 -85.01 -0.66
C GLY C 392 -30.09 -85.35 -1.72
N MET C 393 -30.37 -85.01 -2.97
CA MET C 393 -29.42 -85.27 -4.03
C MET C 393 -28.19 -84.35 -3.95
N THR C 394 -27.03 -84.92 -4.24
CA THR C 394 -25.81 -84.08 -4.25
C THR C 394 -25.93 -82.90 -5.20
N ILE C 395 -26.56 -83.07 -6.36
CA ILE C 395 -26.69 -81.94 -7.27
C ILE C 395 -27.69 -80.89 -6.74
N ALA C 396 -28.49 -81.23 -5.72
CA ALA C 396 -29.37 -80.22 -5.09
C ALA C 396 -28.68 -79.57 -3.90
N LYS C 397 -27.51 -80.06 -3.48
CA LYS C 397 -26.86 -79.53 -2.29
C LYS C 397 -25.60 -78.75 -2.59
N GLU C 398 -24.80 -79.23 -3.54
CA GLU C 398 -23.47 -78.70 -3.75
C GLU C 398 -23.44 -77.73 -4.93
N GLU C 399 -22.66 -76.67 -4.78
CA GLU C 399 -22.49 -75.69 -5.83
C GLU C 399 -21.73 -76.30 -7.02
N ILE C 400 -22.32 -76.28 -8.21
CA ILE C 400 -21.78 -76.88 -9.42
C ILE C 400 -20.97 -75.85 -10.22
N PHE C 401 -21.44 -74.59 -10.26
CA PHE C 401 -20.72 -73.50 -10.90
C PHE C 401 -20.55 -73.71 -12.42
N GLY C 402 -21.60 -74.28 -13.03
CA GLY C 402 -21.61 -74.50 -14.47
C GLY C 402 -23.04 -74.50 -14.96
N PRO C 403 -23.20 -74.76 -16.27
CA PRO C 403 -24.53 -74.62 -16.90
C PRO C 403 -25.41 -75.85 -16.67
N VAL C 404 -25.74 -76.07 -15.40
CA VAL C 404 -26.45 -77.28 -14.98
C VAL C 404 -27.57 -76.82 -14.02
N MET C 405 -28.82 -76.96 -14.50
CA MET C 405 -30.03 -76.46 -13.85
C MET C 405 -30.75 -77.61 -13.16
N GLN C 406 -31.22 -77.34 -11.94
CA GLN C 406 -31.99 -78.28 -11.12
C GLN C 406 -33.38 -77.76 -10.95
N ILE C 407 -34.40 -78.54 -11.33
CA ILE C 407 -35.78 -78.15 -11.15
C ILE C 407 -36.44 -79.09 -10.14
N LEU C 408 -37.03 -78.52 -9.10
CA LEU C 408 -37.66 -79.24 -8.01
C LEU C 408 -39.13 -78.86 -7.97
N LYS C 409 -40.00 -79.78 -7.58
CA LYS C 409 -41.43 -79.53 -7.44
C LYS C 409 -41.81 -79.35 -5.99
N PHE C 410 -42.76 -78.44 -5.72
CA PHE C 410 -43.29 -78.29 -4.37
C PHE C 410 -44.78 -78.00 -4.42
N LYS C 411 -45.43 -78.16 -3.28
CA LYS C 411 -46.87 -77.90 -3.19
C LYS C 411 -47.23 -76.57 -2.52
N THR C 412 -46.75 -76.36 -1.30
CA THR C 412 -47.22 -75.23 -0.48
C THR C 412 -46.12 -74.22 -0.19
N ILE C 413 -46.56 -73.01 0.13
CA ILE C 413 -45.64 -71.93 0.42
C ILE C 413 -44.88 -72.20 1.72
N GLU C 414 -45.53 -72.83 2.69
CA GLU C 414 -44.89 -73.19 3.94
C GLU C 414 -43.82 -74.26 3.73
N GLU C 415 -44.13 -75.24 2.89
CA GLU C 415 -43.20 -76.29 2.56
C GLU C 415 -41.95 -75.70 1.88
N VAL C 416 -42.16 -74.88 0.87
CA VAL C 416 -41.02 -74.38 0.10
C VAL C 416 -40.09 -73.50 0.93
N VAL C 417 -40.59 -72.75 1.91
CA VAL C 417 -39.71 -71.97 2.81
C VAL C 417 -38.73 -72.87 3.53
N GLY C 418 -39.23 -73.95 4.09
CA GLY C 418 -38.41 -74.86 4.85
C GLY C 418 -37.38 -75.53 3.94
N ARG C 419 -37.78 -75.94 2.75
CA ARG C 419 -36.85 -76.60 1.85
C ARG C 419 -35.81 -75.60 1.33
N ALA C 420 -36.23 -74.39 0.96
CA ALA C 420 -35.29 -73.37 0.48
C ALA C 420 -34.26 -73.04 1.57
N ASN C 421 -34.69 -72.98 2.82
CA ASN C 421 -33.81 -72.59 3.93
C ASN C 421 -32.95 -73.74 4.46
N ASN C 422 -33.27 -74.97 4.04
CA ASN C 422 -32.53 -76.13 4.54
C ASN C 422 -31.27 -76.30 3.71
N SER C 423 -30.30 -75.42 4.00
CA SER C 423 -29.04 -75.33 3.26
C SER C 423 -28.07 -74.67 4.24
N THR C 424 -26.80 -75.06 4.16
CA THR C 424 -25.80 -74.31 4.88
C THR C 424 -25.37 -73.06 4.11
N TYR C 425 -25.86 -72.88 2.89
CA TYR C 425 -25.66 -71.64 2.16
C TYR C 425 -26.83 -70.67 2.36
N GLY C 426 -26.60 -69.42 1.98
CA GLY C 426 -27.60 -68.36 2.18
C GLY C 426 -27.21 -67.07 1.48
N LEU C 427 -26.76 -67.16 0.22
CA LEU C 427 -26.26 -65.99 -0.46
C LEU C 427 -27.42 -65.16 -1.05
N ALA C 428 -28.31 -65.84 -1.75
CA ALA C 428 -29.41 -65.16 -2.43
C ALA C 428 -30.59 -66.12 -2.53
N ALA C 429 -31.72 -65.55 -2.94
CA ALA C 429 -32.95 -66.29 -3.19
C ALA C 429 -33.82 -65.42 -4.05
N ALA C 430 -34.82 -66.01 -4.68
CA ALA C 430 -35.80 -65.22 -5.43
C ALA C 430 -37.17 -65.83 -5.33
N VAL C 431 -38.18 -64.97 -5.58
CA VAL C 431 -39.59 -65.32 -5.54
CA VAL C 431 -39.57 -65.44 -5.63
C VAL C 431 -40.28 -64.72 -6.76
N PHE C 432 -41.03 -65.53 -7.52
CA PHE C 432 -41.83 -65.08 -8.65
C PHE C 432 -43.28 -65.32 -8.31
N THR C 433 -44.00 -64.21 -8.17
CA THR C 433 -45.42 -64.26 -7.81
C THR C 433 -46.03 -62.92 -8.17
N LYS C 434 -47.34 -62.89 -8.39
CA LYS C 434 -48.04 -61.60 -8.52
C LYS C 434 -48.67 -61.14 -7.22
N ASP C 435 -48.64 -61.98 -6.19
CA ASP C 435 -49.38 -61.72 -4.96
C ASP C 435 -48.55 -60.96 -3.91
N LEU C 436 -49.06 -59.81 -3.47
CA LEU C 436 -48.37 -58.96 -2.46
C LEU C 436 -48.01 -59.75 -1.22
N ASP C 437 -48.96 -60.47 -0.64
CA ASP C 437 -48.71 -61.15 0.60
C ASP C 437 -47.74 -62.32 0.42
N LYS C 438 -47.81 -63.07 -0.67
CA LYS C 438 -46.84 -64.16 -0.87
C LYS C 438 -45.44 -63.56 -0.98
N ALA C 439 -45.30 -62.45 -1.69
CA ALA C 439 -44.00 -61.81 -1.85
C ALA C 439 -43.44 -61.39 -0.50
N ASN C 440 -44.24 -60.73 0.34
CA ASN C 440 -43.73 -60.26 1.64
C ASN C 440 -43.49 -61.41 2.58
N TYR C 441 -44.35 -62.43 2.52
CA TYR C 441 -44.15 -63.62 3.38
C TYR C 441 -42.76 -64.24 3.10
N LEU C 442 -42.47 -64.45 1.83
CA LEU C 442 -41.27 -65.18 1.42
C LEU C 442 -40.05 -64.29 1.58
N SER C 443 -40.12 -63.00 1.27
CA SER C 443 -38.90 -62.20 1.40
C SER C 443 -38.48 -62.09 2.84
N GLN C 444 -39.44 -62.06 3.77
CA GLN C 444 -39.11 -62.08 5.18
C GLN C 444 -38.54 -63.42 5.64
N ALA C 445 -39.16 -64.51 5.20
CA ALA C 445 -38.81 -65.82 5.72
C ALA C 445 -37.55 -66.44 5.16
N LEU C 446 -37.15 -66.08 3.96
CA LEU C 446 -35.97 -66.66 3.31
C LEU C 446 -34.69 -66.18 4.01
N GLN C 447 -33.83 -67.13 4.32
CA GLN C 447 -32.59 -66.85 5.05
C GLN C 447 -31.46 -66.65 4.04
N ALA C 448 -31.44 -65.47 3.42
CA ALA C 448 -30.55 -65.17 2.31
C ALA C 448 -30.20 -63.70 2.36
N GLY C 449 -28.99 -63.34 1.92
CA GLY C 449 -28.53 -61.98 1.98
C GLY C 449 -29.22 -61.05 0.99
N THR C 450 -29.62 -61.61 -0.16
CA THR C 450 -30.44 -60.85 -1.13
C THR C 450 -31.64 -61.69 -1.51
N VAL C 451 -32.83 -61.10 -1.50
CA VAL C 451 -34.02 -61.76 -2.04
C VAL C 451 -34.52 -60.88 -3.17
N TRP C 452 -34.52 -61.46 -4.37
CA TRP C 452 -35.14 -60.81 -5.55
C TRP C 452 -36.59 -61.21 -5.68
N VAL C 453 -37.44 -60.23 -6.03
CA VAL C 453 -38.87 -60.51 -6.26
C VAL C 453 -39.18 -60.17 -7.71
N ASN C 454 -39.56 -61.19 -8.45
CA ASN C 454 -39.86 -61.07 -9.88
C ASN C 454 -38.70 -60.59 -10.72
N CYS C 455 -37.49 -60.91 -10.26
CA CYS C 455 -36.30 -60.62 -11.03
C CYS C 455 -35.18 -61.50 -10.47
N TYR C 456 -33.99 -61.36 -11.04
CA TYR C 456 -32.83 -62.16 -10.55
C TYR C 456 -31.54 -61.47 -10.95
N ASP C 457 -30.51 -61.60 -10.13
CA ASP C 457 -29.19 -61.03 -10.49
C ASP C 457 -29.27 -59.53 -10.80
N VAL C 458 -30.08 -58.83 -10.00
CA VAL C 458 -30.13 -57.39 -10.10
C VAL C 458 -29.21 -56.83 -9.05
N PHE C 459 -28.05 -56.39 -9.51
CA PHE C 459 -27.04 -55.81 -8.68
C PHE C 459 -27.08 -54.33 -8.93
N GLY C 460 -26.89 -53.60 -7.85
CA GLY C 460 -26.80 -52.16 -8.01
C GLY C 460 -25.69 -51.78 -7.08
N ALA C 461 -24.86 -50.82 -7.48
CA ALA C 461 -23.79 -50.39 -6.59
C ALA C 461 -24.35 -49.85 -5.30
N GLN C 462 -25.62 -49.44 -5.34
CA GLN C 462 -26.25 -48.84 -4.16
C GLN C 462 -26.75 -49.81 -3.12
N SER C 463 -26.94 -51.08 -3.51
CA SER C 463 -27.58 -52.03 -2.57
C SER C 463 -26.60 -53.12 -2.18
N PRO C 464 -26.55 -53.45 -0.89
CA PRO C 464 -25.53 -54.40 -0.42
C PRO C 464 -25.80 -55.83 -0.85
N PHE C 465 -24.72 -56.61 -0.84
CA PHE C 465 -24.76 -57.99 -1.28
C PHE C 465 -23.81 -58.79 -0.37
N GLY C 466 -24.26 -59.95 0.08
CA GLY C 466 -23.39 -60.87 0.81
C GLY C 466 -24.18 -61.95 1.50
N GLY C 467 -23.45 -62.83 2.18
CA GLY C 467 -24.07 -64.09 2.61
C GLY C 467 -24.58 -64.16 4.02
N TYR C 468 -25.64 -64.93 4.18
CA TYR C 468 -25.99 -65.56 5.47
C TYR C 468 -25.24 -66.89 5.55
N LYS C 469 -25.19 -67.43 6.75
CA LYS C 469 -24.69 -68.78 6.98
C LYS C 469 -23.27 -68.94 6.41
N MET C 470 -23.01 -70.04 5.72
CA MET C 470 -21.70 -70.38 5.16
CA MET C 470 -21.65 -70.24 5.24
C MET C 470 -21.42 -69.69 3.83
N SER C 471 -22.30 -68.76 3.44
CA SER C 471 -22.11 -68.04 2.19
C SER C 471 -21.27 -66.77 2.37
N GLY C 472 -20.88 -66.45 3.60
CA GLY C 472 -20.03 -65.27 3.77
C GLY C 472 -20.31 -64.55 5.05
N SER C 473 -19.55 -63.49 5.30
CA SER C 473 -19.86 -62.54 6.35
C SER C 473 -19.46 -61.17 5.88
N GLY C 474 -20.25 -60.19 6.30
CA GLY C 474 -20.05 -58.83 5.85
C GLY C 474 -20.82 -58.63 4.57
N ARG C 475 -20.84 -57.37 4.18
CA ARG C 475 -21.52 -56.98 2.95
C ARG C 475 -20.63 -56.11 2.10
N GLU C 476 -20.80 -56.28 0.80
CA GLU C 476 -20.20 -55.43 -0.23
C GLU C 476 -21.28 -54.61 -0.90
N LEU C 477 -20.87 -53.49 -1.50
CA LEU C 477 -21.75 -52.54 -2.20
C LEU C 477 -22.55 -51.71 -1.19
N GLY C 478 -23.13 -50.64 -1.69
CA GLY C 478 -23.87 -49.75 -0.83
C GLY C 478 -23.01 -49.04 0.20
N GLU C 479 -23.71 -48.34 1.07
CA GLU C 479 -23.06 -47.69 2.20
C GLU C 479 -22.43 -48.75 3.11
N TYR C 480 -23.07 -49.91 3.18
CA TYR C 480 -22.60 -51.05 4.00
C TYR C 480 -21.21 -51.50 3.63
N GLY C 481 -20.88 -51.44 2.35
CA GLY C 481 -19.56 -51.83 1.89
C GLY C 481 -18.39 -51.01 2.43
N LEU C 482 -18.67 -49.87 3.08
CA LEU C 482 -17.67 -49.06 3.73
C LEU C 482 -17.34 -49.50 5.14
N GLN C 483 -18.24 -50.24 5.79
N GLN C 483 -18.23 -50.23 5.80
CA GLN C 483 -18.12 -50.54 7.23
CA GLN C 483 -18.07 -50.48 7.23
C GLN C 483 -16.82 -51.31 7.51
C GLN C 483 -16.84 -51.35 7.55
N ALA C 484 -16.55 -52.32 6.68
CA ALA C 484 -15.37 -53.19 6.88
C ALA C 484 -14.04 -52.49 6.61
N TYR C 485 -14.10 -51.31 5.99
CA TYR C 485 -12.91 -50.55 5.61
C TYR C 485 -12.68 -49.38 6.55
N THR C 486 -13.43 -49.30 7.65
CA THR C 486 -13.34 -48.20 8.61
C THR C 486 -12.95 -48.73 9.98
N GLU C 487 -12.04 -48.03 10.65
CA GLU C 487 -11.73 -48.29 12.04
C GLU C 487 -12.24 -47.08 12.80
N VAL C 488 -13.00 -47.29 13.87
CA VAL C 488 -13.68 -46.21 14.58
C VAL C 488 -12.84 -45.83 15.80
N LYS C 489 -12.56 -44.54 15.94
CA LYS C 489 -11.87 -44.01 17.12
C LYS C 489 -12.83 -43.08 17.82
N THR C 490 -13.02 -43.27 19.12
CA THR C 490 -13.75 -42.34 19.99
C THR C 490 -12.77 -41.38 20.59
N VAL C 491 -13.09 -40.10 20.57
CA VAL C 491 -12.29 -39.11 21.29
C VAL C 491 -13.25 -38.44 22.28
N THR C 492 -12.87 -38.45 23.57
CA THR C 492 -13.75 -37.96 24.62
C THR C 492 -12.95 -36.94 25.42
N VAL C 493 -13.40 -35.70 25.38
CA VAL C 493 -12.66 -34.52 25.85
C VAL C 493 -13.38 -33.90 27.05
N LYS C 494 -12.68 -33.71 28.17
CA LYS C 494 -13.24 -32.96 29.28
C LYS C 494 -13.49 -31.53 28.85
N VAL C 495 -14.68 -31.00 29.17
CA VAL C 495 -15.00 -29.60 28.90
C VAL C 495 -15.43 -28.90 30.19
N PRO C 496 -15.34 -27.55 30.23
CA PRO C 496 -15.71 -26.85 31.47
C PRO C 496 -17.11 -27.11 31.96
N GLN C 497 -18.08 -27.11 31.05
CA GLN C 497 -19.47 -27.33 31.46
C GLN C 497 -20.27 -27.72 30.24
N LYS C 498 -20.66 -28.97 30.17
CA LYS C 498 -21.48 -29.46 29.06
C LYS C 498 -22.89 -28.88 29.14
N ASN C 499 -23.37 -28.41 28.01
CA ASN C 499 -24.77 -27.99 27.84
C ASN C 499 -25.31 -28.61 26.56
N SER C 500 -26.62 -28.77 26.51
CA SER C 500 -27.32 -29.32 25.34
C SER C 500 -27.13 -28.41 24.14
N ALA D 7 -26.90 -41.47 47.92
CA ALA D 7 -26.40 -41.99 49.24
C ALA D 7 -26.20 -43.51 49.14
N VAL D 8 -25.18 -44.04 49.82
CA VAL D 8 -24.88 -45.50 49.71
C VAL D 8 -25.49 -46.29 50.87
N PRO D 9 -26.45 -47.17 50.57
CA PRO D 9 -27.09 -47.95 51.62
C PRO D 9 -26.13 -48.93 52.28
N ALA D 10 -26.41 -49.28 53.54
CA ALA D 10 -25.55 -50.23 54.25
C ALA D 10 -25.59 -51.59 53.57
N PRO D 11 -24.40 -52.20 53.31
CA PRO D 11 -24.32 -53.51 52.66
C PRO D 11 -24.63 -54.64 53.63
N ASN D 12 -25.20 -55.73 53.11
CA ASN D 12 -25.07 -57.03 53.75
C ASN D 12 -23.66 -57.52 53.40
N GLN D 13 -22.78 -57.60 54.39
CA GLN D 13 -21.40 -58.00 54.14
C GLN D 13 -21.19 -59.47 53.85
N GLN D 14 -22.21 -60.29 54.10
CA GLN D 14 -22.17 -61.70 53.77
C GLN D 14 -23.48 -62.09 53.12
N PRO D 15 -23.72 -61.53 51.93
CA PRO D 15 -24.99 -61.79 51.27
C PRO D 15 -25.15 -63.26 50.94
N GLU D 16 -26.41 -63.69 50.98
CA GLU D 16 -26.71 -65.05 50.59
C GLU D 16 -26.73 -65.19 49.07
N VAL D 17 -26.56 -66.43 48.64
CA VAL D 17 -26.58 -66.80 47.23
C VAL D 17 -27.82 -67.64 46.97
N PHE D 18 -28.59 -67.23 45.95
CA PHE D 18 -29.85 -67.89 45.57
C PHE D 18 -29.79 -68.63 44.27
N CYS D 19 -28.81 -68.28 43.43
CA CYS D 19 -28.72 -68.85 42.08
C CYS D 19 -27.30 -69.34 41.82
N ASN D 20 -27.16 -70.64 41.54
CA ASN D 20 -25.82 -71.23 41.37
C ASN D 20 -25.82 -72.40 40.39
N GLN D 21 -26.78 -72.38 39.47
CA GLN D 21 -26.96 -73.47 38.49
C GLN D 21 -26.84 -72.93 37.07
N ILE D 22 -27.12 -73.80 36.10
CA ILE D 22 -27.14 -73.42 34.67
C ILE D 22 -28.53 -72.94 34.34
N PHE D 23 -28.64 -71.84 33.60
CA PHE D 23 -29.93 -71.23 33.31
C PHE D 23 -30.27 -71.46 31.83
N ILE D 24 -31.30 -72.29 31.57
CA ILE D 24 -31.73 -72.57 30.19
C ILE D 24 -33.24 -72.62 30.17
N ASN D 25 -33.85 -71.98 29.19
CA ASN D 25 -35.31 -71.96 29.11
C ASN D 25 -35.98 -71.43 30.37
N ASN D 26 -35.34 -70.43 30.97
CA ASN D 26 -35.85 -69.76 32.18
C ASN D 26 -35.99 -70.72 33.39
N GLU D 27 -35.20 -71.77 33.36
CA GLU D 27 -35.18 -72.76 34.45
C GLU D 27 -33.76 -73.03 34.86
N TRP D 28 -33.59 -73.50 36.10
CA TRP D 28 -32.29 -73.83 36.63
C TRP D 28 -31.98 -75.33 36.55
N HIS D 29 -30.80 -75.65 36.05
CA HIS D 29 -30.39 -77.02 35.79
C HIS D 29 -29.06 -77.29 36.46
N ASP D 30 -28.92 -78.49 37.04
CA ASP D 30 -27.59 -78.97 37.29
C ASP D 30 -26.86 -79.24 35.97
N ALA D 31 -25.53 -79.28 36.01
CA ALA D 31 -24.77 -79.80 34.87
C ALA D 31 -25.17 -81.24 34.55
N VAL D 32 -25.09 -81.62 33.29
CA VAL D 32 -25.43 -83.01 32.94
C VAL D 32 -24.55 -83.95 33.80
N SER D 33 -23.30 -83.57 34.02
CA SER D 33 -22.36 -84.38 34.80
C SER D 33 -22.59 -84.33 36.31
N ARG D 34 -23.47 -83.43 36.76
CA ARG D 34 -23.68 -83.14 38.17
C ARG D 34 -22.48 -82.53 38.90
N LYS D 35 -21.41 -82.20 38.19
CA LYS D 35 -20.24 -81.55 38.80
C LYS D 35 -20.48 -80.09 39.15
N THR D 36 -19.77 -79.65 40.17
CA THR D 36 -19.83 -78.24 40.58
C THR D 36 -18.38 -77.79 40.80
N PHE D 37 -18.19 -76.47 40.82
CA PHE D 37 -16.90 -75.89 41.12
C PHE D 37 -17.09 -74.77 42.15
N PRO D 38 -16.06 -74.52 42.98
CA PRO D 38 -16.13 -73.47 43.99
C PRO D 38 -15.85 -72.09 43.42
N THR D 39 -16.56 -71.08 43.91
CA THR D 39 -16.12 -69.71 43.71
C THR D 39 -15.75 -69.12 45.08
N VAL D 40 -14.69 -68.33 45.06
CA VAL D 40 -13.99 -67.90 46.24
C VAL D 40 -14.18 -66.40 46.44
N ASN D 41 -14.23 -66.00 47.69
CA ASN D 41 -14.19 -64.62 48.12
C ASN D 41 -12.73 -64.20 48.18
N PRO D 42 -12.26 -63.33 47.28
CA PRO D 42 -10.84 -63.02 47.22
C PRO D 42 -10.35 -62.18 48.39
N SER D 43 -11.27 -61.63 49.20
CA SER D 43 -10.86 -60.89 50.37
C SER D 43 -10.44 -61.83 51.50
N THR D 44 -10.90 -63.07 51.43
CA THR D 44 -10.60 -64.04 52.52
C THR D 44 -9.98 -65.35 52.06
N GLY D 45 -10.01 -65.62 50.78
CA GLY D 45 -9.59 -66.91 50.28
C GLY D 45 -10.55 -68.05 50.51
N GLU D 46 -11.74 -67.77 51.03
CA GLU D 46 -12.70 -68.82 51.38
C GLU D 46 -13.77 -69.04 50.33
N VAL D 47 -14.25 -70.27 50.22
CA VAL D 47 -15.31 -70.59 49.28
C VAL D 47 -16.64 -69.99 49.69
N ILE D 48 -17.27 -69.30 48.73
CA ILE D 48 -18.61 -68.77 48.94
C ILE D 48 -19.62 -69.88 48.78
N CYS D 49 -19.59 -70.57 47.63
CA CYS D 49 -20.49 -71.68 47.34
C CYS D 49 -19.96 -72.45 46.15
N GLN D 50 -20.64 -73.56 45.88
CA GLN D 50 -20.45 -74.34 44.68
C GLN D 50 -21.36 -73.84 43.57
N VAL D 51 -20.90 -73.93 42.33
CA VAL D 51 -21.65 -73.53 41.13
C VAL D 51 -21.64 -74.68 40.13
N ALA D 52 -22.76 -74.90 39.44
CA ALA D 52 -22.79 -75.95 38.39
C ALA D 52 -21.70 -75.78 37.36
N GLU D 53 -21.00 -76.86 37.03
CA GLU D 53 -19.85 -76.83 36.14
C GLU D 53 -20.29 -77.22 34.74
N GLY D 54 -20.70 -76.23 33.97
CA GLY D 54 -21.20 -76.49 32.62
C GLY D 54 -20.08 -76.89 31.65
N ASP D 55 -20.41 -77.84 30.76
CA ASP D 55 -19.46 -78.30 29.77
C ASP D 55 -20.18 -78.36 28.41
N LYS D 56 -19.57 -79.01 27.41
CA LYS D 56 -20.13 -79.09 26.06
C LYS D 56 -21.59 -79.59 25.99
N GLU D 57 -21.94 -80.63 26.75
CA GLU D 57 -23.33 -81.08 26.74
C GLU D 57 -24.31 -80.02 27.22
N ASP D 58 -23.90 -79.22 28.20
CA ASP D 58 -24.74 -78.16 28.73
C ASP D 58 -24.85 -77.00 27.73
N VAL D 59 -23.73 -76.66 27.09
CA VAL D 59 -23.77 -75.68 26.00
C VAL D 59 -24.71 -76.16 24.88
N ASP D 60 -24.65 -77.45 24.51
CA ASP D 60 -25.52 -77.93 23.46
C ASP D 60 -26.99 -77.76 23.82
N LYS D 61 -27.37 -78.05 25.06
CA LYS D 61 -28.74 -77.82 25.54
C LYS D 61 -29.13 -76.35 25.41
N ALA D 62 -28.21 -75.46 25.79
CA ALA D 62 -28.49 -74.03 25.78
C ALA D 62 -28.64 -73.54 24.35
N VAL D 63 -27.78 -74.00 23.44
CA VAL D 63 -27.91 -73.61 22.03
C VAL D 63 -29.21 -74.07 21.40
N LYS D 64 -29.60 -75.30 21.68
CA LYS D 64 -30.89 -75.77 21.14
C LYS D 64 -32.06 -74.95 21.68
N ALA D 65 -31.99 -74.57 22.96
CA ALA D 65 -33.02 -73.71 23.55
C ALA D 65 -33.10 -72.32 22.88
N ALA D 66 -31.92 -71.77 22.62
CA ALA D 66 -31.82 -70.46 21.96
C ALA D 66 -32.33 -70.58 20.54
N ARG D 67 -31.91 -71.64 19.84
CA ARG D 67 -32.37 -71.76 18.44
C ARG D 67 -33.89 -71.89 18.38
N ALA D 68 -34.47 -72.62 19.31
CA ALA D 68 -35.93 -72.77 19.32
C ALA D 68 -36.61 -71.42 19.56
N ALA D 69 -36.06 -70.63 20.50
CA ALA D 69 -36.64 -69.32 20.79
C ALA D 69 -36.51 -68.35 19.62
N PHE D 70 -35.57 -68.63 18.72
CA PHE D 70 -35.33 -67.80 17.54
C PHE D 70 -36.12 -68.23 16.30
N GLN D 71 -36.90 -69.30 16.38
CA GLN D 71 -37.63 -69.75 15.18
C GLN D 71 -38.64 -68.71 14.70
N LEU D 72 -38.76 -68.54 13.39
CA LEU D 72 -39.77 -67.65 12.82
C LEU D 72 -41.11 -68.02 13.43
N GLY D 73 -41.83 -66.99 13.87
CA GLY D 73 -43.17 -67.19 14.40
C GLY D 73 -43.17 -67.34 15.92
N SER D 74 -41.98 -67.39 16.54
CA SER D 74 -41.90 -67.53 18.01
C SER D 74 -42.31 -66.27 18.71
N PRO D 75 -42.58 -66.34 20.02
CA PRO D 75 -42.93 -65.12 20.69
C PRO D 75 -41.85 -64.03 20.58
N TRP D 76 -40.60 -64.42 20.76
CA TRP D 76 -39.50 -63.44 20.66
C TRP D 76 -39.31 -62.86 19.26
N ARG D 77 -39.51 -63.67 18.22
CA ARG D 77 -39.43 -63.14 16.86
C ARG D 77 -40.58 -62.24 16.48
N ARG D 78 -41.77 -62.57 16.98
CA ARG D 78 -42.96 -61.79 16.63
C ARG D 78 -43.12 -60.52 17.48
N MET D 79 -42.47 -60.50 18.63
CA MET D 79 -42.58 -59.36 19.57
C MET D 79 -42.27 -58.04 18.87
N ASP D 80 -43.09 -57.03 19.14
CA ASP D 80 -42.78 -55.69 18.64
C ASP D 80 -41.40 -55.27 19.10
N ALA D 81 -40.66 -54.62 18.21
CA ALA D 81 -39.36 -54.06 18.63
C ALA D 81 -39.51 -53.17 19.86
N SER D 82 -40.54 -52.33 19.90
CA SER D 82 -40.75 -51.44 21.06
C SER D 82 -40.90 -52.23 22.36
N HIS D 83 -41.47 -53.43 22.26
CA HIS D 83 -41.67 -54.27 23.44
C HIS D 83 -40.38 -54.90 23.89
N ARG D 84 -39.48 -55.21 22.97
CA ARG D 84 -38.14 -55.59 23.41
C ARG D 84 -37.55 -54.48 24.27
N GLY D 85 -37.76 -53.22 23.90
CA GLY D 85 -37.30 -52.10 24.68
C GLY D 85 -37.96 -52.08 26.05
N ARG D 86 -39.27 -52.35 26.09
CA ARG D 86 -39.99 -52.36 27.37
C ARG D 86 -39.40 -53.43 28.30
N LEU D 87 -39.06 -54.58 27.74
CA LEU D 87 -38.50 -55.70 28.55
C LEU D 87 -37.12 -55.32 29.09
N LEU D 88 -36.27 -54.65 28.29
CA LEU D 88 -34.97 -54.18 28.77
C LEU D 88 -35.15 -53.16 29.87
N ASN D 89 -36.15 -52.27 29.74
CA ASN D 89 -36.39 -51.29 30.79
C ASN D 89 -36.90 -51.96 32.06
N ARG D 90 -37.69 -53.00 31.90
CA ARG D 90 -38.19 -53.74 33.08
C ARG D 90 -37.03 -54.42 33.78
N LEU D 91 -36.13 -55.05 33.00
CA LEU D 91 -34.98 -55.69 33.61
C LEU D 91 -34.16 -54.67 34.39
N ALA D 92 -33.92 -53.50 33.82
CA ALA D 92 -33.20 -52.45 34.52
C ALA D 92 -33.91 -52.07 35.83
N ASP D 93 -35.23 -51.93 35.80
CA ASP D 93 -35.96 -51.60 37.03
C ASP D 93 -35.81 -52.66 38.10
N LEU D 94 -35.78 -53.93 37.71
CA LEU D 94 -35.58 -55.03 38.68
C LEU D 94 -34.19 -55.02 39.25
N ILE D 95 -33.18 -54.76 38.41
CA ILE D 95 -31.81 -54.61 38.91
C ILE D 95 -31.70 -53.46 39.90
N GLU D 96 -32.39 -52.37 39.59
CA GLU D 96 -32.36 -51.21 40.48
C GLU D 96 -33.07 -51.53 41.81
N ARG D 97 -34.17 -52.29 41.74
CA ARG D 97 -34.83 -52.76 42.98
C ARG D 97 -33.83 -53.49 43.85
N ASP D 98 -33.05 -54.34 43.20
CA ASP D 98 -32.12 -55.24 43.88
C ASP D 98 -30.67 -54.71 43.92
N ARG D 99 -30.53 -53.39 43.84
CA ARG D 99 -29.21 -52.79 43.62
C ARG D 99 -28.26 -53.01 44.82
N THR D 100 -28.81 -52.87 46.03
CA THR D 100 -27.97 -52.98 47.24
C THR D 100 -27.44 -54.40 47.40
N TYR D 101 -28.33 -55.38 47.20
CA TYR D 101 -27.97 -56.78 47.18
C TYR D 101 -26.92 -57.07 46.10
N LEU D 102 -27.20 -56.69 44.86
CA LEU D 102 -26.33 -57.05 43.76
C LEU D 102 -24.96 -56.38 43.93
N ALA D 103 -24.90 -55.14 44.44
CA ALA D 103 -23.61 -54.52 44.69
C ALA D 103 -22.78 -55.29 45.74
N ALA D 104 -23.45 -55.73 46.81
CA ALA D 104 -22.71 -56.51 47.82
C ALA D 104 -22.28 -57.86 47.30
N LEU D 105 -23.15 -58.54 46.55
CA LEU D 105 -22.74 -59.79 45.95
C LEU D 105 -21.57 -59.63 44.97
N GLU D 106 -21.60 -58.54 44.20
CA GLU D 106 -20.50 -58.27 43.28
C GLU D 106 -19.18 -58.13 44.07
N THR D 107 -19.21 -57.35 45.15
CA THR D 107 -18.04 -57.18 46.01
C THR D 107 -17.60 -58.51 46.62
N LEU D 108 -18.54 -59.31 47.12
CA LEU D 108 -18.19 -60.58 47.71
C LEU D 108 -17.40 -61.48 46.77
N ASP D 109 -17.88 -61.60 45.53
CA ASP D 109 -17.33 -62.57 44.60
C ASP D 109 -16.10 -62.02 43.85
N ASN D 110 -16.04 -60.70 43.64
CA ASN D 110 -15.01 -60.05 42.81
C ASN D 110 -13.91 -59.36 43.60
N GLY D 111 -14.27 -58.78 44.76
CA GLY D 111 -13.30 -58.04 45.57
C GLY D 111 -13.36 -56.52 45.53
N LYS D 112 -14.01 -55.95 44.51
CA LYS D 112 -13.99 -54.50 44.42
C LYS D 112 -14.75 -53.84 45.56
N PRO D 113 -14.37 -52.60 45.91
CA PRO D 113 -15.04 -51.96 47.02
C PRO D 113 -16.53 -51.83 46.82
N TYR D 114 -17.30 -52.09 47.88
CA TYR D 114 -18.74 -51.97 47.81
C TYR D 114 -19.26 -50.61 47.37
N VAL D 115 -18.65 -49.53 47.84
CA VAL D 115 -19.06 -48.22 47.44
C VAL D 115 -18.95 -48.08 45.91
N ILE D 116 -17.89 -48.65 45.33
CA ILE D 116 -17.69 -48.61 43.85
C ILE D 116 -18.66 -49.53 43.15
N SER D 117 -18.85 -50.73 43.66
CA SER D 117 -19.89 -51.62 43.08
C SER D 117 -21.22 -50.91 43.01
N TYR D 118 -21.57 -50.21 44.09
CA TYR D 118 -22.88 -49.60 44.21
C TYR D 118 -23.00 -48.36 43.29
N LEU D 119 -22.06 -47.44 43.43
CA LEU D 119 -22.16 -46.15 42.75
C LEU D 119 -21.66 -46.16 41.33
N VAL D 120 -20.77 -47.10 40.98
CA VAL D 120 -20.17 -47.11 39.65
C VAL D 120 -20.69 -48.29 38.86
N ASP D 121 -20.34 -49.52 39.23
CA ASP D 121 -20.77 -50.66 38.43
C ASP D 121 -22.27 -50.73 38.26
N LEU D 122 -23.04 -50.72 39.34
CA LEU D 122 -24.49 -50.86 39.18
C LEU D 122 -25.11 -49.68 38.42
N ASP D 123 -24.61 -48.45 38.64
CA ASP D 123 -25.12 -47.29 37.94
C ASP D 123 -24.86 -47.50 36.44
N MET D 124 -23.67 -47.96 36.08
N MET D 124 -23.68 -47.98 36.08
CA MET D 124 -23.36 -48.15 34.67
CA MET D 124 -23.36 -48.15 34.67
C MET D 124 -24.20 -49.30 34.05
C MET D 124 -24.12 -49.33 34.03
N VAL D 125 -24.47 -50.35 34.82
CA VAL D 125 -25.31 -51.44 34.33
C VAL D 125 -26.70 -50.88 33.96
N LEU D 126 -27.29 -50.12 34.89
CA LEU D 126 -28.61 -49.54 34.64
C LEU D 126 -28.58 -48.63 33.41
N LYS D 127 -27.55 -47.82 33.30
CA LYS D 127 -27.46 -46.89 32.19
C LYS D 127 -27.25 -47.61 30.87
N CYS D 128 -26.52 -48.73 30.86
CA CYS D 128 -26.29 -49.44 29.60
C CYS D 128 -27.59 -50.08 29.14
N LEU D 129 -28.28 -50.74 30.05
CA LEU D 129 -29.53 -51.41 29.69
C LEU D 129 -30.60 -50.43 29.25
N ARG D 130 -30.72 -49.32 29.97
CA ARG D 130 -31.68 -48.27 29.58
C ARG D 130 -31.36 -47.61 28.23
N TYR D 131 -30.06 -47.44 27.97
CA TYR D 131 -29.62 -46.89 26.68
C TYR D 131 -30.06 -47.82 25.57
N TYR D 132 -29.70 -49.10 25.68
CA TYR D 132 -30.04 -50.03 24.60
C TYR D 132 -31.53 -50.32 24.47
N ALA D 133 -32.26 -50.21 25.57
CA ALA D 133 -33.74 -50.33 25.46
C ALA D 133 -34.23 -49.33 24.42
N GLY D 134 -33.65 -48.13 24.42
CA GLY D 134 -34.08 -47.07 23.51
C GLY D 134 -33.73 -47.35 22.07
N TRP D 135 -32.73 -48.17 21.82
CA TRP D 135 -32.37 -48.53 20.42
C TRP D 135 -33.28 -49.55 19.79
N ALA D 136 -34.08 -50.26 20.61
CA ALA D 136 -34.74 -51.48 20.13
C ALA D 136 -35.54 -51.27 18.86
N ASP D 137 -36.20 -50.12 18.78
CA ASP D 137 -37.11 -49.79 17.65
C ASP D 137 -36.62 -48.65 16.78
N LYS D 138 -35.31 -48.42 16.77
CA LYS D 138 -34.72 -47.31 16.03
C LYS D 138 -33.57 -47.60 15.07
N TYR D 139 -33.17 -48.88 14.97
CA TYR D 139 -32.03 -49.23 14.09
C TYR D 139 -32.52 -49.58 12.68
N HIS D 140 -32.87 -48.54 11.94
CA HIS D 140 -33.55 -48.69 10.68
C HIS D 140 -32.70 -49.30 9.61
N GLY D 141 -33.34 -50.06 8.71
CA GLY D 141 -32.73 -50.35 7.41
C GLY D 141 -32.97 -49.19 6.46
N LYS D 142 -32.68 -49.43 5.17
CA LYS D 142 -32.68 -48.35 4.19
C LYS D 142 -33.63 -48.66 3.04
N THR D 143 -34.15 -47.59 2.43
CA THR D 143 -34.70 -47.71 1.08
C THR D 143 -33.73 -47.02 0.10
N ILE D 144 -33.47 -47.67 -1.02
CA ILE D 144 -32.25 -47.41 -1.79
C ILE D 144 -32.58 -47.13 -3.25
N PRO D 145 -32.12 -46.00 -3.78
CA PRO D 145 -32.51 -45.61 -5.15
C PRO D 145 -31.67 -46.30 -6.23
N ILE D 146 -31.78 -47.62 -6.27
CA ILE D 146 -31.03 -48.44 -7.23
C ILE D 146 -31.41 -48.08 -8.70
N ASP D 147 -30.50 -48.35 -9.63
CA ASP D 147 -30.80 -48.14 -11.04
C ASP D 147 -31.92 -49.07 -11.50
N GLY D 148 -32.69 -48.64 -12.51
CA GLY D 148 -33.66 -49.53 -13.12
C GLY D 148 -35.01 -49.50 -12.46
N ASP D 149 -35.91 -50.29 -13.03
CA ASP D 149 -37.28 -50.35 -12.57
C ASP D 149 -37.42 -51.34 -11.39
N PHE D 150 -36.87 -50.91 -10.24
CA PHE D 150 -36.87 -51.73 -9.03
C PHE D 150 -37.11 -50.86 -7.84
N PHE D 151 -37.65 -51.49 -6.80
CA PHE D 151 -37.72 -50.97 -5.41
C PHE D 151 -36.75 -51.84 -4.63
N SER D 152 -35.73 -51.25 -4.02
CA SER D 152 -34.73 -52.03 -3.26
C SER D 152 -34.67 -51.44 -1.85
N TYR D 153 -34.61 -52.32 -0.87
CA TYR D 153 -34.53 -51.93 0.52
C TYR D 153 -33.76 -52.96 1.31
N THR D 154 -33.34 -52.57 2.51
CA THR D 154 -32.71 -53.54 3.43
C THR D 154 -33.52 -53.72 4.67
N ARG D 155 -33.54 -54.96 5.14
CA ARG D 155 -34.03 -55.30 6.48
C ARG D 155 -32.81 -55.50 7.37
N HIS D 156 -32.84 -54.93 8.57
CA HIS D 156 -31.86 -55.25 9.59
C HIS D 156 -32.47 -56.34 10.45
N GLU D 157 -32.01 -57.57 10.23
CA GLU D 157 -32.49 -58.74 10.95
C GLU D 157 -31.51 -59.09 12.08
N PRO D 158 -31.90 -59.92 13.04
CA PRO D 158 -30.92 -60.32 14.08
C PRO D 158 -29.96 -61.32 13.46
N VAL D 159 -28.70 -61.30 13.90
CA VAL D 159 -27.74 -62.31 13.47
CA VAL D 159 -27.72 -62.28 13.48
C VAL D 159 -28.13 -63.71 13.90
N GLY D 160 -28.77 -63.86 15.07
CA GLY D 160 -29.31 -65.15 15.46
C GLY D 160 -28.88 -65.59 16.85
N VAL D 161 -28.30 -66.79 16.93
CA VAL D 161 -27.84 -67.33 18.21
C VAL D 161 -26.45 -66.78 18.46
N CYS D 162 -26.34 -65.99 19.53
CA CYS D 162 -25.09 -65.29 19.87
C CYS D 162 -24.44 -65.89 21.12
N GLY D 163 -23.22 -66.37 20.94
CA GLY D 163 -22.39 -66.85 22.06
C GLY D 163 -21.65 -65.68 22.63
N GLN D 164 -21.73 -65.51 23.93
CA GLN D 164 -21.07 -64.35 24.54
C GLN D 164 -20.29 -64.82 25.73
N ILE D 165 -19.00 -64.49 25.75
CA ILE D 165 -18.10 -65.01 26.75
C ILE D 165 -17.54 -63.79 27.47
N ILE D 166 -17.79 -63.68 28.77
CA ILE D 166 -17.40 -62.46 29.48
C ILE D 166 -16.46 -62.72 30.64
N PRO D 167 -15.64 -61.72 30.96
CA PRO D 167 -14.60 -61.84 31.94
C PRO D 167 -15.07 -61.49 33.35
N TRP D 168 -14.10 -61.51 34.27
CA TRP D 168 -14.36 -61.33 35.70
C TRP D 168 -14.09 -59.96 36.26
N ASN D 169 -13.56 -59.02 35.48
CA ASN D 169 -13.17 -57.76 36.07
C ASN D 169 -14.33 -56.83 36.42
N PHE D 170 -15.36 -56.83 35.58
CA PHE D 170 -16.61 -56.08 35.79
C PHE D 170 -17.75 -57.04 35.46
N PRO D 171 -18.06 -57.97 36.36
CA PRO D 171 -18.95 -59.06 35.96
C PRO D 171 -20.33 -58.57 35.52
N LEU D 172 -20.99 -57.73 36.31
CA LEU D 172 -22.35 -57.30 35.94
C LEU D 172 -22.29 -56.33 34.76
N LEU D 173 -21.32 -55.42 34.74
CA LEU D 173 -21.28 -54.43 33.65
C LEU D 173 -20.99 -55.15 32.32
N MET D 174 -20.05 -56.09 32.30
CA MET D 174 -19.76 -56.81 31.04
C MET D 174 -20.98 -57.62 30.58
N GLN D 175 -21.74 -58.19 31.51
CA GLN D 175 -22.98 -58.84 31.13
C GLN D 175 -23.92 -57.87 30.44
N ALA D 176 -24.06 -56.67 30.99
CA ALA D 176 -24.96 -55.65 30.42
C ALA D 176 -24.47 -55.17 29.06
N TRP D 177 -23.16 -54.97 28.91
CA TRP D 177 -22.60 -54.54 27.61
C TRP D 177 -22.92 -55.53 26.49
N LYS D 178 -23.04 -56.81 26.84
CA LYS D 178 -23.36 -57.88 25.90
C LYS D 178 -24.86 -58.02 25.71
N LEU D 179 -25.62 -58.08 26.81
CA LEU D 179 -27.06 -58.34 26.67
C LEU D 179 -27.80 -57.16 26.05
N GLY D 180 -27.41 -55.93 26.38
CA GLY D 180 -28.15 -54.77 25.87
C GLY D 180 -28.28 -54.76 24.34
N PRO D 181 -27.16 -54.76 23.63
CA PRO D 181 -27.30 -54.68 22.17
C PRO D 181 -27.85 -55.94 21.53
N ALA D 182 -27.51 -57.10 22.07
CA ALA D 182 -27.99 -58.35 21.51
C ALA D 182 -29.50 -58.42 21.64
N LEU D 183 -30.05 -58.09 22.80
CA LEU D 183 -31.51 -58.18 23.00
C LEU D 183 -32.25 -57.04 22.30
N ALA D 184 -31.65 -55.86 22.26
CA ALA D 184 -32.30 -54.73 21.59
C ALA D 184 -32.56 -55.06 20.14
N THR D 185 -31.67 -55.82 19.52
CA THR D 185 -31.79 -56.17 18.10
C THR D 185 -32.47 -57.52 17.86
N GLY D 186 -32.99 -58.17 18.90
CA GLY D 186 -33.78 -59.37 18.62
C GLY D 186 -33.06 -60.71 18.57
N ASN D 187 -31.80 -60.72 19.01
CA ASN D 187 -31.03 -61.96 19.04
C ASN D 187 -31.38 -62.78 20.26
N VAL D 188 -30.81 -63.99 20.28
CA VAL D 188 -30.89 -64.85 21.47
C VAL D 188 -29.45 -65.18 21.86
N VAL D 189 -29.28 -65.50 23.13
CA VAL D 189 -27.93 -65.52 23.75
C VAL D 189 -27.67 -66.81 24.49
N VAL D 190 -26.47 -67.33 24.27
CA VAL D 190 -25.86 -68.33 25.17
C VAL D 190 -24.61 -67.69 25.76
N MET D 191 -24.63 -67.38 27.05
CA MET D 191 -23.58 -66.62 27.74
C MET D 191 -22.78 -67.53 28.66
N LYS D 192 -21.46 -67.44 28.55
CA LYS D 192 -20.55 -68.10 29.46
C LYS D 192 -19.93 -67.01 30.35
N VAL D 193 -20.09 -67.18 31.66
CA VAL D 193 -19.64 -66.22 32.65
C VAL D 193 -18.32 -66.74 33.26
N ALA D 194 -17.52 -65.83 33.83
CA ALA D 194 -16.21 -66.27 34.37
C ALA D 194 -16.35 -67.12 35.60
N GLU D 195 -15.50 -68.15 35.71
CA GLU D 195 -15.52 -69.02 36.87
C GLU D 195 -15.16 -68.30 38.15
N GLN D 196 -14.42 -67.19 38.09
CA GLN D 196 -14.11 -66.39 39.26
C GLN D 196 -15.27 -65.57 39.80
N THR D 197 -16.22 -65.24 38.93
CA THR D 197 -17.30 -64.31 39.27
C THR D 197 -18.61 -64.70 38.57
N PRO D 198 -19.12 -65.89 38.87
CA PRO D 198 -20.36 -66.29 38.16
C PRO D 198 -21.67 -65.79 38.81
N LEU D 199 -21.60 -65.45 40.10
CA LEU D 199 -22.83 -65.34 40.91
C LEU D 199 -23.76 -64.19 40.54
N THR D 200 -23.22 -62.99 40.30
CA THR D 200 -24.13 -61.85 40.01
C THR D 200 -24.89 -62.04 38.69
N ALA D 201 -24.19 -62.58 37.69
CA ALA D 201 -24.82 -62.86 36.40
C ALA D 201 -25.95 -63.86 36.51
N LEU D 202 -25.77 -64.88 37.36
CA LEU D 202 -26.82 -65.88 37.57
C LEU D 202 -28.02 -65.27 38.30
N TYR D 203 -27.79 -64.38 39.27
CA TYR D 203 -28.91 -63.67 39.89
C TYR D 203 -29.67 -62.82 38.84
N VAL D 204 -28.93 -62.13 37.98
CA VAL D 204 -29.56 -61.37 36.91
C VAL D 204 -30.40 -62.26 35.99
N ALA D 205 -29.96 -63.49 35.73
CA ALA D 205 -30.83 -64.43 34.99
C ALA D 205 -32.20 -64.61 35.67
N ASN D 206 -32.25 -64.70 36.99
CA ASN D 206 -33.53 -64.75 37.68
C ASN D 206 -34.39 -63.53 37.36
N LEU D 207 -33.73 -62.38 37.29
CA LEU D 207 -34.44 -61.15 36.95
C LEU D 207 -34.90 -61.08 35.48
N ILE D 208 -34.15 -61.69 34.59
CA ILE D 208 -34.55 -61.84 33.18
C ILE D 208 -35.84 -62.63 33.06
N LYS D 209 -35.92 -63.74 33.79
CA LYS D 209 -37.19 -64.49 33.89
C LYS D 209 -38.29 -63.61 34.46
N GLU D 210 -38.02 -62.95 35.58
CA GLU D 210 -39.03 -62.12 36.25
C GLU D 210 -39.55 -61.03 35.34
N ALA D 211 -38.64 -60.47 34.53
CA ALA D 211 -38.98 -59.35 33.66
C ALA D 211 -39.91 -59.77 32.52
N GLY D 212 -39.90 -61.06 32.20
CA GLY D 212 -40.85 -61.58 31.19
C GLY D 212 -40.21 -61.94 29.85
N PHE D 213 -38.89 -62.04 29.77
CA PHE D 213 -38.28 -62.46 28.50
C PHE D 213 -38.69 -63.90 28.20
N PRO D 214 -39.07 -64.20 26.94
CA PRO D 214 -39.43 -65.60 26.66
C PRO D 214 -38.34 -66.59 26.99
N PRO D 215 -38.72 -67.82 27.36
CA PRO D 215 -37.72 -68.84 27.61
C PRO D 215 -36.81 -69.09 26.42
N GLY D 216 -35.51 -69.20 26.70
CA GLY D 216 -34.56 -69.52 25.65
C GLY D 216 -33.88 -68.29 25.06
N VAL D 217 -34.43 -67.11 25.37
CA VAL D 217 -33.85 -65.87 24.82
C VAL D 217 -32.49 -65.57 25.44
N VAL D 218 -32.35 -65.79 26.77
CA VAL D 218 -31.04 -65.71 27.44
C VAL D 218 -30.80 -67.00 28.19
N ASN D 219 -29.67 -67.64 27.93
CA ASN D 219 -29.26 -68.88 28.60
C ASN D 219 -27.85 -68.63 29.13
N ILE D 220 -27.56 -69.05 30.35
CA ILE D 220 -26.27 -68.80 30.92
C ILE D 220 -25.67 -70.10 31.43
N VAL D 221 -24.45 -70.39 31.00
CA VAL D 221 -23.71 -71.61 31.36
C VAL D 221 -22.43 -71.19 32.08
N PRO D 222 -22.43 -71.27 33.42
CA PRO D 222 -21.18 -71.16 34.16
C PRO D 222 -20.33 -72.39 33.89
N GLY D 223 -19.02 -72.22 33.99
CA GLY D 223 -18.08 -73.33 33.83
C GLY D 223 -16.73 -72.79 33.43
N PHE D 224 -15.88 -73.67 32.89
CA PHE D 224 -14.50 -73.31 32.59
CA PHE D 224 -14.50 -73.33 32.60
C PHE D 224 -14.34 -72.90 31.13
N GLY D 225 -13.21 -72.30 30.82
CA GLY D 225 -13.00 -71.78 29.45
C GLY D 225 -12.74 -72.87 28.42
N PRO D 226 -11.78 -73.74 28.71
CA PRO D 226 -11.42 -74.79 27.73
C PRO D 226 -12.57 -75.79 27.48
N THR D 227 -13.59 -75.76 28.34
CA THR D 227 -14.72 -76.65 28.20
C THR D 227 -15.90 -75.86 27.62
N ALA D 228 -16.58 -75.09 28.46
CA ALA D 228 -17.80 -74.40 28.03
C ALA D 228 -17.54 -73.30 27.01
N GLY D 229 -16.53 -72.48 27.25
CA GLY D 229 -16.18 -71.42 26.31
C GLY D 229 -15.83 -71.93 24.92
N ALA D 230 -14.96 -72.95 24.89
CA ALA D 230 -14.56 -73.54 23.62
C ALA D 230 -15.73 -74.15 22.92
N ALA D 231 -16.65 -74.75 23.68
CA ALA D 231 -17.82 -75.39 23.08
C ALA D 231 -18.68 -74.35 22.37
N ILE D 232 -18.84 -73.18 22.99
CA ILE D 232 -19.55 -72.10 22.29
C ILE D 232 -18.87 -71.64 21.02
N ALA D 233 -17.56 -71.38 21.09
CA ALA D 233 -16.80 -70.90 19.95
C ALA D 233 -16.80 -71.84 18.76
N SER D 234 -16.82 -73.15 19.03
CA SER D 234 -16.78 -74.18 18.00
CA SER D 234 -16.79 -74.15 17.97
C SER D 234 -18.15 -74.72 17.58
N HIS D 235 -19.22 -74.19 18.20
CA HIS D 235 -20.52 -74.81 18.00
C HIS D 235 -21.00 -74.58 16.57
N GLU D 236 -21.55 -75.61 15.96
CA GLU D 236 -21.99 -75.51 14.58
C GLU D 236 -23.29 -74.75 14.36
N ASP D 237 -24.01 -74.42 15.43
CA ASP D 237 -25.27 -73.69 15.29
C ASP D 237 -25.28 -72.38 16.04
N VAL D 238 -24.09 -71.90 16.43
CA VAL D 238 -23.95 -70.55 16.98
C VAL D 238 -23.56 -69.62 15.82
N ASP D 239 -24.28 -68.52 15.66
CA ASP D 239 -24.13 -67.65 14.48
C ASP D 239 -23.09 -66.57 14.71
N LYS D 240 -22.84 -66.22 15.96
CA LYS D 240 -21.98 -65.07 16.23
C LYS D 240 -21.38 -65.30 17.59
N VAL D 241 -20.10 -64.93 17.77
CA VAL D 241 -19.49 -65.00 19.10
C VAL D 241 -18.86 -63.64 19.43
N ALA D 242 -19.03 -63.23 20.67
CA ALA D 242 -18.39 -62.02 21.21
C ALA D 242 -17.63 -62.48 22.42
N PHE D 243 -16.35 -62.18 22.44
CA PHE D 243 -15.44 -62.59 23.51
C PHE D 243 -14.70 -61.39 24.06
N THR D 244 -14.67 -61.28 25.38
CA THR D 244 -13.85 -60.29 26.07
C THR D 244 -12.94 -61.06 26.98
N GLY D 245 -11.64 -60.78 26.88
CA GLY D 245 -10.62 -61.55 27.60
C GLY D 245 -9.23 -61.30 27.06
N SER D 246 -8.34 -62.27 27.19
CA SER D 246 -6.93 -62.06 26.79
C SER D 246 -6.79 -62.13 25.29
N THR D 247 -5.81 -61.37 24.76
CA THR D 247 -5.42 -61.50 23.35
C THR D 247 -5.15 -62.95 22.93
N GLU D 248 -4.51 -63.70 23.82
CA GLU D 248 -4.21 -65.11 23.57
C GLU D 248 -5.44 -65.99 23.29
N ILE D 249 -6.47 -65.81 24.11
CA ILE D 249 -7.68 -66.61 23.94
C ILE D 249 -8.51 -66.07 22.77
N GLY D 250 -8.43 -64.76 22.52
CA GLY D 250 -9.03 -64.22 21.28
C GLY D 250 -8.62 -64.96 20.01
N ARG D 251 -7.34 -65.28 19.88
CA ARG D 251 -6.85 -66.07 18.75
C ARG D 251 -7.56 -67.42 18.68
N VAL D 252 -7.64 -68.08 19.84
CA VAL D 252 -8.32 -69.36 19.96
C VAL D 252 -9.77 -69.25 19.44
N ILE D 253 -10.46 -68.18 19.83
CA ILE D 253 -11.84 -67.96 19.42
C ILE D 253 -11.93 -67.80 17.92
N GLN D 254 -11.08 -66.95 17.33
CA GLN D 254 -11.15 -66.69 15.89
CA GLN D 254 -11.16 -66.69 15.89
C GLN D 254 -10.86 -67.97 15.07
N VAL D 255 -9.87 -68.73 15.52
CA VAL D 255 -9.57 -70.01 14.87
C VAL D 255 -10.75 -71.00 14.94
N ALA D 256 -11.39 -71.10 16.11
CA ALA D 256 -12.58 -71.95 16.26
C ALA D 256 -13.71 -71.58 15.31
N ALA D 257 -13.91 -70.28 15.12
CA ALA D 257 -14.99 -69.81 14.26
C ALA D 257 -14.72 -70.21 12.81
N GLY D 258 -13.48 -70.00 12.38
CA GLY D 258 -13.02 -70.37 11.05
C GLY D 258 -13.06 -71.88 10.83
N SER D 259 -12.75 -72.64 11.89
CA SER D 259 -12.67 -74.10 11.80
C SER D 259 -14.03 -74.77 11.93
N SER D 260 -15.03 -74.03 12.38
CA SER D 260 -16.37 -74.60 12.55
C SER D 260 -17.28 -74.10 11.44
N ASN D 261 -18.12 -73.12 11.73
CA ASN D 261 -19.18 -72.73 10.80
C ASN D 261 -19.10 -71.30 10.26
N LEU D 262 -17.92 -70.67 10.34
CA LEU D 262 -17.78 -69.27 9.87
C LEU D 262 -18.66 -68.24 10.61
N LYS D 263 -18.96 -68.54 11.86
CA LYS D 263 -19.66 -67.59 12.71
C LYS D 263 -18.91 -66.28 12.74
N ARG D 264 -19.67 -65.19 12.89
CA ARG D 264 -19.16 -63.84 12.95
C ARG D 264 -18.53 -63.61 14.34
N VAL D 265 -17.40 -62.92 14.37
CA VAL D 265 -16.62 -62.77 15.60
C VAL D 265 -16.34 -61.31 15.90
N THR D 266 -16.52 -60.94 17.16
CA THR D 266 -15.94 -59.70 17.69
C THR D 266 -15.17 -59.99 18.97
N LEU D 267 -14.12 -59.21 19.22
CA LEU D 267 -13.20 -59.49 20.32
C LEU D 267 -12.85 -58.19 21.02
N GLU D 268 -12.83 -58.22 22.35
CA GLU D 268 -12.34 -57.09 23.14
C GLU D 268 -11.26 -57.66 24.00
N LEU D 269 -10.02 -57.23 23.78
CA LEU D 269 -8.87 -57.94 24.32
C LEU D 269 -8.10 -56.97 25.22
N GLY D 270 -6.85 -57.29 25.47
CA GLY D 270 -6.10 -56.48 26.46
C GLY D 270 -5.52 -55.19 25.87
N GLY D 271 -4.74 -54.53 26.71
CA GLY D 271 -4.00 -53.35 26.30
C GLY D 271 -2.76 -53.08 27.11
N LYS D 272 -2.04 -52.04 26.67
CA LYS D 272 -0.97 -51.47 27.47
C LYS D 272 -1.03 -49.98 27.17
N SER D 273 -2.10 -49.36 27.66
CA SER D 273 -2.49 -48.05 27.14
C SER D 273 -1.66 -46.92 27.69
N PRO D 274 -1.26 -45.98 26.80
CA PRO D 274 -0.42 -44.87 27.22
C PRO D 274 -1.23 -43.68 27.70
N ASN D 275 -0.80 -43.07 28.81
CA ASN D 275 -1.41 -41.88 29.37
C ASN D 275 -0.31 -40.82 29.31
N ILE D 276 -0.51 -39.79 28.47
CA ILE D 276 0.57 -38.84 28.16
C ILE D 276 0.31 -37.53 28.88
N ILE D 277 1.25 -37.13 29.74
CA ILE D 277 1.12 -35.91 30.49
C ILE D 277 2.10 -34.88 29.90
N MET D 278 1.56 -33.90 29.17
CA MET D 278 2.39 -32.84 28.61
C MET D 278 2.75 -31.83 29.68
N SER D 279 3.81 -31.05 29.46
CA SER D 279 4.27 -30.15 30.50
C SER D 279 3.28 -29.06 30.85
N ASP D 280 2.35 -28.76 29.95
CA ASP D 280 1.35 -27.76 30.22
C ASP D 280 0.04 -28.30 30.81
N ALA D 281 0.06 -29.56 31.22
CA ALA D 281 -1.13 -30.11 31.88
C ALA D 281 -1.37 -29.42 33.21
N ASP D 282 -2.61 -29.47 33.68
CA ASP D 282 -2.94 -29.13 35.08
C ASP D 282 -2.38 -30.22 35.98
N MET D 283 -1.39 -29.87 36.80
CA MET D 283 -0.65 -30.87 37.54
C MET D 283 -1.49 -31.68 38.51
N ASP D 284 -2.25 -31.01 39.35
CA ASP D 284 -3.04 -31.75 40.32
C ASP D 284 -4.07 -32.66 39.66
N TRP D 285 -4.77 -32.16 38.64
CA TRP D 285 -5.72 -33.01 37.93
C TRP D 285 -5.02 -34.19 37.26
N ALA D 286 -3.90 -33.94 36.59
CA ALA D 286 -3.16 -35.00 35.90
C ALA D 286 -2.67 -36.08 36.86
N VAL D 287 -2.19 -35.66 38.04
CA VAL D 287 -1.73 -36.63 39.04
C VAL D 287 -2.89 -37.53 39.53
N GLU D 288 -4.00 -36.89 39.87
CA GLU D 288 -5.17 -37.63 40.33
C GLU D 288 -5.73 -38.56 39.26
N GLN D 289 -5.86 -38.04 38.04
CA GLN D 289 -6.38 -38.86 36.95
C GLN D 289 -5.43 -39.96 36.50
N ALA D 290 -4.11 -39.76 36.59
CA ALA D 290 -3.15 -40.82 36.24
C ALA D 290 -3.20 -41.94 37.27
N HIS D 291 -3.45 -41.55 38.52
CA HIS D 291 -3.61 -42.54 39.59
C HIS D 291 -4.86 -43.40 39.32
N PHE D 292 -5.98 -42.72 39.08
CA PHE D 292 -7.22 -43.42 38.73
C PHE D 292 -7.01 -44.28 37.49
N ALA D 293 -6.38 -43.71 36.47
CA ALA D 293 -6.20 -44.44 35.22
C ALA D 293 -5.54 -45.80 35.36
N LEU D 294 -4.57 -45.87 36.28
CA LEU D 294 -3.86 -47.12 36.52
C LEU D 294 -4.56 -47.98 37.58
N PHE D 295 -4.85 -47.37 38.73
CA PHE D 295 -5.30 -48.12 39.90
C PHE D 295 -6.78 -48.52 39.91
N PHE D 296 -7.63 -47.89 39.10
CA PHE D 296 -9.06 -48.20 39.16
C PHE D 296 -9.29 -49.72 39.11
N ASN D 297 -10.22 -50.22 39.93
CA ASN D 297 -10.60 -51.60 39.86
C ASN D 297 -9.47 -52.57 40.13
N GLN D 298 -8.64 -52.23 41.12
CA GLN D 298 -7.50 -53.05 41.51
C GLN D 298 -6.52 -53.24 40.35
N GLY D 299 -6.52 -52.26 39.43
CA GLY D 299 -5.72 -52.35 38.21
C GLY D 299 -6.28 -53.27 37.13
N GLN D 300 -7.47 -53.84 37.37
CA GLN D 300 -8.03 -54.89 36.55
C GLN D 300 -8.97 -54.29 35.51
N CYS D 301 -8.37 -53.57 34.58
N CYS D 301 -8.40 -53.44 34.67
CA CYS D 301 -9.14 -52.89 33.54
CA CYS D 301 -9.12 -52.84 33.53
C CYS D 301 -8.34 -52.99 32.25
C CYS D 301 -8.33 -53.07 32.27
N CSO D 302 -9.02 -53.50 31.23
CA CSO D 302 -8.48 -53.69 29.89
CA CSO D 302 -8.30 -53.74 29.95
CB CSO D 302 -9.64 -53.96 28.92
CB CSO D 302 -9.21 -54.32 28.85
SG CSO D 302 -10.90 -52.63 28.91
SG CSO D 302 -10.20 -55.69 29.47
C CSO D 302 -7.71 -52.48 29.40
O CSO D 302 -6.66 -52.56 28.77
OD CSO D 302 -12.06 -52.76 30.27
OD CSO D 302 -8.93 -56.88 29.43
N CYS D 303 -8.27 -51.32 29.71
CA CYS D 303 -7.74 -50.05 29.20
C CYS D 303 -6.94 -49.27 30.22
N ALA D 304 -6.42 -49.94 31.26
CA ALA D 304 -5.67 -49.23 32.31
C ALA D 304 -4.52 -48.43 31.70
N GLY D 305 -4.28 -47.23 32.22
CA GLY D 305 -3.17 -46.38 31.79
C GLY D 305 -1.89 -46.85 32.41
N SER D 306 -1.35 -47.90 31.83
CA SER D 306 -0.20 -48.62 32.39
C SER D 306 1.13 -48.21 31.76
N ARG D 307 1.16 -47.20 30.88
CA ARG D 307 2.40 -46.49 30.52
C ARG D 307 2.11 -45.03 30.73
N THR D 308 2.54 -44.49 31.86
CA THR D 308 2.32 -43.07 32.17
C THR D 308 3.54 -42.32 31.65
N PHE D 309 3.40 -41.68 30.48
CA PHE D 309 4.49 -40.90 29.90
C PHE D 309 4.42 -39.49 30.43
N VAL D 310 5.52 -38.99 31.01
CA VAL D 310 5.52 -37.67 31.64
C VAL D 310 6.64 -36.80 31.07
N GLN D 311 6.29 -35.60 30.63
CA GLN D 311 7.27 -34.70 29.98
CA GLN D 311 7.28 -34.74 29.96
C GLN D 311 8.37 -34.34 30.98
N GLU D 312 9.61 -34.32 30.49
CA GLU D 312 10.75 -34.25 31.38
C GLU D 312 10.77 -33.05 32.31
N ASP D 313 10.28 -31.89 31.87
CA ASP D 313 10.26 -30.69 32.70
C ASP D 313 9.37 -30.79 33.94
N ILE D 314 8.36 -31.67 33.94
CA ILE D 314 7.46 -31.83 35.07
C ILE D 314 7.63 -33.22 35.71
N TYR D 315 8.55 -34.02 35.20
CA TYR D 315 8.71 -35.39 35.68
C TYR D 315 8.92 -35.51 37.20
N ASP D 316 9.88 -34.75 37.75
CA ASP D 316 10.21 -34.98 39.15
C ASP D 316 9.05 -34.65 40.06
N GLU D 317 8.37 -33.54 39.79
CA GLU D 317 7.24 -33.13 40.57
C GLU D 317 6.07 -34.11 40.43
N PHE D 318 5.78 -34.53 39.19
CA PHE D 318 4.68 -35.44 38.97
C PHE D 318 4.92 -36.76 39.72
N VAL D 319 6.15 -37.25 39.66
CA VAL D 319 6.49 -38.51 40.34
C VAL D 319 6.36 -38.36 41.86
N GLU D 320 6.86 -37.27 42.42
CA GLU D 320 6.77 -37.03 43.87
C GLU D 320 5.31 -37.07 44.32
N ARG D 321 4.47 -36.34 43.60
CA ARG D 321 3.05 -36.31 43.93
C ARG D 321 2.36 -37.64 43.68
N SER D 322 2.72 -38.34 42.61
CA SER D 322 2.14 -39.66 42.34
C SER D 322 2.48 -40.69 43.42
N VAL D 323 3.72 -40.69 43.91
CA VAL D 323 4.13 -41.63 44.92
C VAL D 323 3.39 -41.32 46.21
N ALA D 324 3.31 -40.04 46.57
CA ALA D 324 2.52 -39.68 47.75
C ALA D 324 1.06 -40.15 47.61
N ARG D 325 0.48 -40.03 46.41
CA ARG D 325 -0.90 -40.47 46.28
C ARG D 325 -1.03 -42.00 46.38
N ALA D 326 -0.11 -42.75 45.78
CA ALA D 326 -0.11 -44.22 45.86
C ALA D 326 0.08 -44.67 47.31
N LYS D 327 0.95 -43.99 48.06
CA LYS D 327 1.15 -44.40 49.45
C LYS D 327 -0.07 -44.11 50.32
N SER D 328 -0.89 -43.15 49.92
CA SER D 328 -2.09 -42.79 50.68
C SER D 328 -3.26 -43.73 50.36
N ARG D 329 -3.16 -44.52 49.29
CA ARG D 329 -4.31 -45.29 48.81
C ARG D 329 -4.61 -46.44 49.80
N VAL D 330 -5.84 -46.46 50.30
CA VAL D 330 -6.22 -47.40 51.36
C VAL D 330 -6.60 -48.76 50.81
N VAL D 331 -5.83 -49.78 51.20
CA VAL D 331 -6.05 -51.15 50.78
C VAL D 331 -6.69 -51.86 51.95
N GLY D 332 -7.76 -52.60 51.70
CA GLY D 332 -8.38 -53.34 52.81
C GLY D 332 -9.72 -53.99 52.48
N ASN D 333 -10.46 -54.32 53.52
CA ASN D 333 -11.76 -55.01 53.37
C ASN D 333 -12.66 -54.15 52.49
N PRO D 334 -13.13 -54.71 51.37
CA PRO D 334 -13.87 -53.87 50.41
C PRO D 334 -15.25 -53.45 50.88
N PHE D 335 -15.74 -54.05 51.95
CA PHE D 335 -16.94 -53.58 52.63
C PHE D 335 -16.75 -52.39 53.56
N ASP D 336 -15.50 -52.06 53.91
CA ASP D 336 -15.24 -50.90 54.77
C ASP D 336 -15.31 -49.63 53.91
N SER D 337 -16.00 -48.58 54.37
CA SER D 337 -16.21 -47.41 53.54
C SER D 337 -14.93 -46.66 53.21
N LYS D 338 -13.90 -46.78 54.06
CA LYS D 338 -12.63 -46.11 53.80
C LYS D 338 -11.76 -46.80 52.72
N THR D 339 -12.11 -48.04 52.38
CA THR D 339 -11.29 -48.83 51.45
C THR D 339 -11.34 -48.33 50.00
N GLU D 340 -10.18 -48.01 49.45
CA GLU D 340 -10.11 -47.64 48.02
C GLU D 340 -9.77 -48.79 47.11
N GLN D 341 -9.07 -49.81 47.63
CA GLN D 341 -8.57 -50.92 46.85
C GLN D 341 -8.82 -52.23 47.59
N GLY D 342 -9.52 -53.15 46.92
CA GLY D 342 -9.74 -54.48 47.46
C GLY D 342 -8.67 -55.41 47.02
N PRO D 343 -8.90 -56.72 47.17
CA PRO D 343 -7.94 -57.71 46.70
C PRO D 343 -7.99 -57.90 45.19
N GLN D 344 -7.00 -58.57 44.64
CA GLN D 344 -7.06 -59.06 43.27
C GLN D 344 -8.01 -60.23 43.18
N VAL D 345 -8.42 -60.67 41.99
CA VAL D 345 -9.60 -61.50 41.88
C VAL D 345 -9.37 -62.93 42.41
N ASP D 346 -8.13 -63.40 42.34
CA ASP D 346 -7.86 -64.81 42.61
C ASP D 346 -6.38 -65.01 42.84
N GLU D 347 -6.04 -66.20 43.32
CA GLU D 347 -4.64 -66.49 43.65
C GLU D 347 -3.74 -66.48 42.43
N THR D 348 -4.25 -66.93 41.29
CA THR D 348 -3.49 -66.98 40.05
C THR D 348 -3.05 -65.58 39.67
N GLN D 349 -3.99 -64.64 39.69
CA GLN D 349 -3.66 -63.27 39.40
C GLN D 349 -2.72 -62.64 40.42
N PHE D 350 -2.99 -62.89 41.70
CA PHE D 350 -2.16 -62.43 42.81
C PHE D 350 -0.70 -62.83 42.54
N LYS D 351 -0.46 -64.10 42.22
CA LYS D 351 0.92 -64.54 42.00
C LYS D 351 1.52 -63.93 40.73
N LYS D 352 0.71 -63.80 39.69
CA LYS D 352 1.20 -63.27 38.43
C LYS D 352 1.64 -61.81 38.58
N ILE D 353 0.87 -61.04 39.34
CA ILE D 353 1.22 -59.64 39.54
C ILE D 353 2.50 -59.52 40.38
N LEU D 354 2.62 -60.34 41.42
CA LEU D 354 3.84 -60.34 42.23
C LEU D 354 5.06 -60.72 41.36
N GLY D 355 4.84 -61.67 40.46
CA GLY D 355 5.83 -62.05 39.42
C GLY D 355 6.29 -60.87 38.57
N TYR D 356 5.33 -60.04 38.16
CA TYR D 356 5.70 -58.88 37.33
C TYR D 356 6.44 -57.85 38.17
N ILE D 357 6.06 -57.68 39.42
CA ILE D 357 6.77 -56.75 40.28
C ILE D 357 8.23 -57.18 40.42
N ASN D 358 8.43 -58.49 40.60
CA ASN D 358 9.80 -58.97 40.70
C ASN D 358 10.58 -58.73 39.42
N THR D 359 9.93 -58.98 38.29
CA THR D 359 10.52 -58.75 36.98
C THR D 359 10.91 -57.28 36.85
N GLY D 360 10.05 -56.36 37.29
CA GLY D 360 10.34 -54.93 37.19
C GLY D 360 11.58 -54.54 37.99
N LYS D 361 11.68 -55.06 39.22
CA LYS D 361 12.83 -54.77 40.08
C LYS D 361 14.11 -55.30 39.43
N GLN D 362 14.03 -56.52 38.90
CA GLN D 362 15.21 -57.17 38.32
C GLN D 362 15.71 -56.57 37.01
N GLU D 363 14.81 -55.94 36.24
CA GLU D 363 15.19 -55.36 34.95
C GLU D 363 15.58 -53.90 35.08
N GLY D 364 15.61 -53.39 36.31
CA GLY D 364 16.18 -52.09 36.59
C GLY D 364 15.25 -50.90 36.62
N ALA D 365 13.94 -51.15 36.65
CA ALA D 365 13.00 -50.06 36.97
C ALA D 365 13.19 -49.64 38.43
N LYS D 366 12.99 -48.37 38.73
CA LYS D 366 13.13 -47.85 40.07
C LYS D 366 11.86 -48.04 40.92
N LEU D 367 11.94 -48.92 41.90
CA LEU D 367 10.80 -49.10 42.81
C LEU D 367 10.64 -47.94 43.75
N LEU D 368 9.57 -47.18 43.61
CA LEU D 368 9.39 -45.98 44.38
C LEU D 368 8.51 -46.15 45.61
N CYS D 369 7.57 -47.10 45.53
CA CYS D 369 6.76 -47.45 46.68
C CYS D 369 6.08 -48.78 46.39
N GLY D 370 5.60 -49.40 47.46
CA GLY D 370 4.93 -50.68 47.37
C GLY D 370 5.87 -51.81 47.10
N GLY D 371 5.45 -52.75 46.25
CA GLY D 371 6.32 -53.81 45.76
C GLY D 371 6.04 -55.18 46.38
N GLY D 372 5.09 -55.24 47.30
CA GLY D 372 4.76 -56.54 47.91
C GLY D 372 3.33 -56.78 48.34
N ILE D 373 3.12 -57.89 49.03
CA ILE D 373 1.80 -58.22 49.59
C ILE D 373 1.35 -57.21 50.63
N ALA D 374 0.05 -56.89 50.66
CA ALA D 374 -0.50 -55.91 51.59
C ALA D 374 -1.25 -56.50 52.78
N ALA D 375 -1.45 -57.82 52.77
CA ALA D 375 -2.15 -58.50 53.86
C ALA D 375 -1.73 -59.95 53.87
N ASP D 376 -1.94 -60.66 54.97
CA ASP D 376 -1.47 -62.02 55.04
C ASP D 376 -2.58 -63.00 54.67
N ARG D 377 -3.74 -62.45 54.31
CA ARG D 377 -4.92 -63.26 54.00
C ARG D 377 -5.75 -62.52 52.96
N GLY D 378 -6.22 -63.25 51.95
CA GLY D 378 -6.84 -62.57 50.80
C GLY D 378 -5.74 -62.05 49.89
N TYR D 379 -6.13 -61.68 48.68
CA TYR D 379 -5.17 -61.46 47.62
C TYR D 379 -4.82 -59.98 47.44
N PHE D 380 -4.32 -59.36 48.51
CA PHE D 380 -4.10 -57.92 48.54
C PHE D 380 -2.67 -57.56 48.20
N ILE D 381 -2.50 -56.62 47.28
CA ILE D 381 -1.15 -56.20 46.83
C ILE D 381 -0.98 -54.70 47.09
N GLN D 382 0.20 -54.31 47.58
CA GLN D 382 0.46 -52.88 47.86
C GLN D 382 0.39 -52.09 46.52
N PRO D 383 -0.21 -50.88 46.51
CA PRO D 383 -0.03 -49.96 45.36
C PRO D 383 1.46 -49.73 45.06
N THR D 384 1.89 -50.04 43.84
CA THR D 384 3.32 -50.13 43.51
C THR D 384 3.56 -49.16 42.34
N VAL D 385 4.62 -48.37 42.42
CA VAL D 385 4.97 -47.37 41.39
C VAL D 385 6.43 -47.61 41.02
N PHE D 386 6.68 -47.81 39.73
CA PHE D 386 8.02 -47.90 39.17
C PHE D 386 8.31 -46.64 38.37
N GLY D 387 9.47 -46.05 38.63
CA GLY D 387 9.97 -44.90 37.90
C GLY D 387 11.08 -45.24 36.94
N ASP D 388 11.42 -44.28 36.08
CA ASP D 388 12.47 -44.47 35.08
C ASP D 388 12.28 -45.74 34.28
N VAL D 389 11.02 -46.02 33.94
CA VAL D 389 10.73 -47.18 33.12
C VAL D 389 11.11 -46.92 31.67
N GLN D 390 11.62 -47.96 30.99
CA GLN D 390 12.06 -47.87 29.60
C GLN D 390 11.23 -48.80 28.73
N ASP D 391 11.14 -48.47 27.44
CA ASP D 391 10.19 -49.11 26.55
C ASP D 391 10.40 -50.61 26.41
N GLY D 392 11.64 -51.07 26.56
CA GLY D 392 11.94 -52.46 26.28
C GLY D 392 11.70 -53.34 27.49
N MET D 393 11.40 -52.74 28.65
CA MET D 393 11.18 -53.53 29.87
C MET D 393 9.90 -54.35 29.79
N THR D 394 9.93 -55.55 30.37
CA THR D 394 8.73 -56.36 30.41
C THR D 394 7.54 -55.60 30.99
N ILE D 395 7.76 -54.86 32.07
CA ILE D 395 6.66 -54.15 32.71
C ILE D 395 6.13 -52.98 31.86
N ALA D 396 6.89 -52.59 30.83
CA ALA D 396 6.42 -51.57 29.87
C ALA D 396 5.72 -52.18 28.67
N LYS D 397 5.69 -53.49 28.58
CA LYS D 397 5.18 -54.16 27.39
C LYS D 397 4.01 -55.08 27.67
N GLU D 398 4.08 -55.82 28.77
CA GLU D 398 3.07 -56.83 29.04
C GLU D 398 2.01 -56.29 29.98
N GLU D 399 0.75 -56.66 29.73
CA GLU D 399 -0.37 -56.25 30.60
C GLU D 399 -0.25 -56.96 31.95
N ILE D 400 -0.12 -56.18 33.02
CA ILE D 400 0.05 -56.70 34.38
C ILE D 400 -1.31 -56.93 35.06
N PHE D 401 -2.27 -56.03 34.84
CA PHE D 401 -3.64 -56.20 35.34
C PHE D 401 -3.68 -56.17 36.87
N GLY D 402 -2.82 -55.34 37.44
CA GLY D 402 -2.75 -55.16 38.89
C GLY D 402 -2.31 -53.76 39.22
N PRO D 403 -2.17 -53.43 40.50
CA PRO D 403 -1.88 -52.10 41.01
C PRO D 403 -0.39 -51.75 40.92
N VAL D 404 0.09 -51.72 39.68
CA VAL D 404 1.53 -51.57 39.36
C VAL D 404 1.59 -50.49 38.26
N MET D 405 2.11 -49.34 38.63
CA MET D 405 2.17 -48.15 37.75
C MET D 405 3.58 -47.97 37.18
N GLN D 406 3.66 -47.67 35.89
CA GLN D 406 4.92 -47.46 35.15
C GLN D 406 4.98 -45.99 34.78
N ILE D 407 6.04 -45.29 35.18
CA ILE D 407 6.24 -43.91 34.81
C ILE D 407 7.47 -43.83 33.91
N LEU D 408 7.25 -43.27 32.71
CA LEU D 408 8.29 -43.12 31.67
C LEU D 408 8.50 -41.66 31.35
N LYS D 409 9.73 -41.23 31.14
CA LYS D 409 10.02 -39.83 30.86
C LYS D 409 10.16 -39.62 29.36
N PHE D 410 9.71 -38.47 28.86
CA PHE D 410 9.91 -38.14 27.44
C PHE D 410 10.21 -36.66 27.31
N LYS D 411 10.77 -36.29 26.15
CA LYS D 411 11.06 -34.88 25.86
C LYS D 411 10.06 -34.26 24.90
N THR D 412 9.84 -34.86 23.73
CA THR D 412 9.09 -34.14 22.70
C THR D 412 7.76 -34.80 22.37
N ILE D 413 6.89 -34.01 21.74
CA ILE D 413 5.57 -34.51 21.31
C ILE D 413 5.68 -35.58 20.21
N GLU D 414 6.64 -35.44 19.30
CA GLU D 414 6.81 -36.46 18.29
C GLU D 414 7.37 -37.76 18.89
N GLU D 415 8.27 -37.61 19.85
CA GLU D 415 8.80 -38.76 20.54
C GLU D 415 7.67 -39.56 21.19
N VAL D 416 6.82 -38.85 21.95
CA VAL D 416 5.83 -39.55 22.75
C VAL D 416 4.77 -40.23 21.87
N VAL D 417 4.40 -39.59 20.76
CA VAL D 417 3.47 -40.22 19.82
C VAL D 417 4.03 -41.55 19.34
N GLY D 418 5.30 -41.53 18.94
CA GLY D 418 5.90 -42.70 18.36
C GLY D 418 6.05 -43.81 19.38
N ARG D 419 6.41 -43.43 20.61
CA ARG D 419 6.61 -44.42 21.68
C ARG D 419 5.28 -44.99 22.16
N ALA D 420 4.27 -44.12 22.26
CA ALA D 420 2.92 -44.60 22.55
C ALA D 420 2.40 -45.60 21.52
N ASN D 421 2.63 -45.31 20.24
CA ASN D 421 2.14 -46.15 19.15
C ASN D 421 2.98 -47.37 18.87
N ASN D 422 4.16 -47.44 19.47
CA ASN D 422 5.02 -48.63 19.25
C ASN D 422 4.64 -49.74 20.19
N SER D 423 3.53 -50.38 19.83
CA SER D 423 2.85 -51.36 20.68
C SER D 423 1.99 -52.20 19.75
N THR D 424 1.82 -53.48 20.03
CA THR D 424 0.90 -54.26 19.24
C THR D 424 -0.51 -54.18 19.84
N TYR D 425 -0.63 -53.44 20.95
CA TYR D 425 -1.92 -53.10 21.55
C TYR D 425 -2.36 -51.70 21.09
N GLY D 426 -3.65 -51.44 21.21
CA GLY D 426 -4.20 -50.12 20.88
C GLY D 426 -5.63 -49.98 21.34
N LEU D 427 -5.90 -50.26 22.60
CA LEU D 427 -7.25 -50.18 23.12
C LEU D 427 -7.65 -48.76 23.43
N ALA D 428 -6.78 -48.06 24.16
CA ALA D 428 -7.07 -46.70 24.61
C ALA D 428 -5.78 -45.91 24.75
N ALA D 429 -5.92 -44.59 24.95
CA ALA D 429 -4.83 -43.69 25.22
C ALA D 429 -5.42 -42.46 25.86
N ALA D 430 -4.59 -41.62 26.47
CA ALA D 430 -5.05 -40.33 26.98
C ALA D 430 -3.95 -39.29 26.83
N VAL D 431 -4.40 -38.03 26.75
CA VAL D 431 -3.52 -36.87 26.66
C VAL D 431 -3.98 -35.82 27.67
N PHE D 432 -3.05 -35.33 28.50
CA PHE D 432 -3.30 -34.22 29.41
C PHE D 432 -2.51 -33.02 28.95
N THR D 433 -3.22 -31.98 28.55
CA THR D 433 -2.61 -30.76 28.00
C THR D 433 -3.66 -29.66 28.03
N LYS D 434 -3.26 -28.40 28.10
CA LYS D 434 -4.19 -27.29 27.96
C LYS D 434 -4.25 -26.75 26.55
N ASP D 435 -3.35 -27.20 25.69
CA ASP D 435 -3.20 -26.66 24.34
C ASP D 435 -4.11 -27.36 23.32
N LEU D 436 -4.88 -26.53 22.63
CA LEU D 436 -5.80 -27.02 21.59
C LEU D 436 -5.07 -27.84 20.54
N ASP D 437 -4.00 -27.26 19.97
CA ASP D 437 -3.32 -27.96 18.86
C ASP D 437 -2.63 -29.23 19.30
N LYS D 438 -2.07 -29.25 20.50
CA LYS D 438 -1.44 -30.50 20.96
C LYS D 438 -2.51 -31.61 21.14
N ALA D 439 -3.65 -31.24 21.68
CA ALA D 439 -4.74 -32.19 21.88
C ALA D 439 -5.21 -32.76 20.56
N ASN D 440 -5.42 -31.90 19.57
CA ASN D 440 -5.87 -32.38 18.27
C ASN D 440 -4.80 -33.17 17.52
N TYR D 441 -3.55 -32.72 17.63
CA TYR D 441 -2.45 -33.47 16.99
C TYR D 441 -2.37 -34.90 17.55
N LEU D 442 -2.42 -34.99 18.88
CA LEU D 442 -2.28 -36.31 19.53
C LEU D 442 -3.49 -37.20 19.33
N SER D 443 -4.71 -36.66 19.45
CA SER D 443 -5.87 -37.52 19.31
C SER D 443 -5.98 -38.08 17.92
N GLN D 444 -5.58 -37.31 16.91
CA GLN D 444 -5.50 -37.86 15.55
C GLN D 444 -4.43 -38.92 15.40
N ALA D 445 -3.24 -38.64 15.93
CA ALA D 445 -2.06 -39.48 15.67
C ALA D 445 -2.01 -40.77 16.49
N LEU D 446 -2.67 -40.83 17.64
CA LEU D 446 -2.58 -42.03 18.46
C LEU D 446 -3.41 -43.16 17.86
N GLN D 447 -2.82 -44.34 17.78
CA GLN D 447 -3.45 -45.52 17.18
C GLN D 447 -4.15 -46.32 18.29
N ALA D 448 -5.31 -45.82 18.68
CA ALA D 448 -6.08 -46.40 19.78
C ALA D 448 -7.56 -46.20 19.56
N GLY D 449 -8.36 -47.13 20.09
CA GLY D 449 -9.80 -47.09 19.84
C GLY D 449 -10.52 -45.97 20.58
N THR D 450 -9.99 -45.55 21.72
CA THR D 450 -10.50 -44.41 22.50
C THR D 450 -9.31 -43.54 22.87
N VAL D 451 -9.43 -42.25 22.64
CA VAL D 451 -8.48 -41.29 23.14
C VAL D 451 -9.21 -40.36 24.09
N TRP D 452 -8.81 -40.33 25.36
CA TRP D 452 -9.35 -39.37 26.33
C TRP D 452 -8.47 -38.16 26.42
N VAL D 453 -9.07 -36.98 26.49
CA VAL D 453 -8.31 -35.74 26.61
C VAL D 453 -8.71 -35.10 27.93
N ASN D 454 -7.69 -34.98 28.81
CA ASN D 454 -7.86 -34.43 30.16
C ASN D 454 -8.85 -35.21 31.03
N CYS D 455 -8.93 -36.51 30.75
CA CYS D 455 -9.75 -37.39 31.56
C CYS D 455 -9.27 -38.82 31.28
N TYR D 456 -9.92 -39.78 31.91
CA TYR D 456 -9.56 -41.19 31.70
C TYR D 456 -10.72 -42.07 32.13
N ASP D 457 -10.85 -43.23 31.48
CA ASP D 457 -11.89 -44.18 31.86
C ASP D 457 -13.27 -43.53 31.86
N VAL D 458 -13.52 -42.69 30.87
CA VAL D 458 -14.85 -42.10 30.74
C VAL D 458 -15.63 -42.95 29.77
N PHE D 459 -16.49 -43.78 30.33
CA PHE D 459 -17.31 -44.67 29.54
C PHE D 459 -18.71 -44.10 29.56
N GLY D 460 -19.31 -44.08 28.39
CA GLY D 460 -20.70 -43.67 28.31
C GLY D 460 -21.30 -44.71 27.42
N ALA D 461 -22.52 -45.13 27.74
CA ALA D 461 -23.18 -46.11 26.90
C ALA D 461 -23.35 -45.55 25.47
N GLN D 462 -23.26 -44.25 25.32
CA GLN D 462 -23.47 -43.59 24.02
C GLN D 462 -22.27 -43.66 23.08
N SER D 463 -21.06 -43.80 23.64
CA SER D 463 -19.85 -43.78 22.81
C SER D 463 -19.21 -45.16 22.70
N PRO D 464 -18.81 -45.54 21.48
CA PRO D 464 -18.24 -46.86 21.25
C PRO D 464 -16.87 -47.03 21.90
N PHE D 465 -16.55 -48.30 22.13
CA PHE D 465 -15.30 -48.66 22.78
C PHE D 465 -14.82 -49.95 22.13
N GLY D 466 -13.53 -50.02 21.85
CA GLY D 466 -12.97 -51.22 21.29
C GLY D 466 -11.55 -50.97 20.83
N GLY D 467 -10.90 -52.04 20.41
CA GLY D 467 -9.48 -51.89 20.11
C GLY D 467 -9.03 -51.82 18.67
N TYR D 468 -7.90 -51.15 18.53
CA TYR D 468 -7.07 -51.23 17.32
C TYR D 468 -6.10 -52.37 17.49
N LYS D 469 -5.46 -52.82 16.40
CA LYS D 469 -4.36 -53.78 16.49
C LYS D 469 -4.78 -55.06 17.22
N MET D 470 -3.95 -55.57 18.12
CA MET D 470 -4.17 -56.83 18.83
CA MET D 470 -4.32 -56.84 18.71
C MET D 470 -5.09 -56.65 20.03
N SER D 471 -5.65 -55.46 20.21
CA SER D 471 -6.55 -55.20 21.35
C SER D 471 -8.00 -55.57 21.03
N GLY D 472 -8.28 -55.95 19.80
CA GLY D 472 -9.63 -56.42 19.51
C GLY D 472 -10.07 -56.05 18.13
N SER D 473 -11.31 -56.38 17.82
CA SER D 473 -11.94 -55.92 16.59
C SER D 473 -13.42 -55.77 16.85
N GLY D 474 -14.03 -54.80 16.19
CA GLY D 474 -15.41 -54.47 16.46
C GLY D 474 -15.48 -53.47 17.60
N ARG D 475 -16.67 -52.93 17.80
CA ARG D 475 -16.89 -51.95 18.84
C ARG D 475 -18.13 -52.35 19.65
N GLU D 476 -18.07 -52.05 20.93
CA GLU D 476 -19.21 -52.18 21.85
C GLU D 476 -19.64 -50.78 22.27
N LEU D 477 -20.86 -50.67 22.75
CA LEU D 477 -21.48 -49.42 23.16
C LEU D 477 -21.85 -48.54 21.95
N GLY D 478 -22.70 -47.55 22.21
CA GLY D 478 -23.20 -46.67 21.16
C GLY D 478 -24.04 -47.37 20.12
N GLU D 479 -24.35 -46.64 19.05
CA GLU D 479 -25.02 -47.20 17.89
C GLU D 479 -24.14 -48.30 17.28
N TYR D 480 -22.82 -48.10 17.32
CA TYR D 480 -21.88 -49.06 16.73
C TYR D 480 -21.99 -50.46 17.31
N GLY D 481 -22.32 -50.54 18.61
CA GLY D 481 -22.51 -51.83 19.27
C GLY D 481 -23.62 -52.68 18.71
N LEU D 482 -24.47 -52.11 17.86
CA LEU D 482 -25.55 -52.87 17.23
C LEU D 482 -25.13 -53.57 15.95
N GLN D 483 -24.03 -53.12 15.34
N GLN D 483 -24.04 -53.11 15.33
CA GLN D 483 -23.67 -53.56 13.98
CA GLN D 483 -23.71 -53.56 13.98
C GLN D 483 -23.39 -55.05 13.98
C GLN D 483 -23.35 -55.04 13.95
N ALA D 484 -22.66 -55.52 14.99
CA ALA D 484 -22.25 -56.94 15.04
C ALA D 484 -23.40 -57.87 15.35
N TYR D 485 -24.54 -57.30 15.73
CA TYR D 485 -25.73 -58.06 16.13
C TYR D 485 -26.82 -58.04 15.06
N THR D 486 -26.50 -57.46 13.90
CA THR D 486 -27.43 -57.29 12.77
C THR D 486 -26.93 -58.09 11.56
N GLU D 487 -27.83 -58.81 10.92
CA GLU D 487 -27.59 -59.43 9.61
C GLU D 487 -28.46 -58.67 8.62
N VAL D 488 -27.81 -58.19 7.56
CA VAL D 488 -28.47 -57.31 6.58
C VAL D 488 -29.00 -58.12 5.42
N LYS D 489 -30.29 -57.91 5.13
CA LYS D 489 -30.91 -58.52 3.96
C LYS D 489 -31.32 -57.42 3.00
N THR D 490 -30.93 -57.56 1.75
CA THR D 490 -31.44 -56.75 0.64
C THR D 490 -32.60 -57.43 -0.02
N VAL D 491 -33.68 -56.67 -0.21
CA VAL D 491 -34.83 -57.14 -0.98
C VAL D 491 -34.99 -56.19 -2.16
N THR D 492 -34.95 -56.74 -3.39
CA THR D 492 -35.00 -55.96 -4.62
C THR D 492 -36.14 -56.48 -5.51
N VAL D 493 -37.13 -55.61 -5.68
CA VAL D 493 -38.44 -55.97 -6.23
C VAL D 493 -38.60 -55.27 -7.60
N LYS D 494 -38.94 -56.04 -8.63
CA LYS D 494 -39.32 -55.44 -9.92
C LYS D 494 -40.61 -54.61 -9.76
N VAL D 495 -40.60 -53.40 -10.30
CA VAL D 495 -41.80 -52.55 -10.27
C VAL D 495 -42.17 -52.09 -11.67
N PRO D 496 -43.44 -51.71 -11.89
CA PRO D 496 -43.81 -51.32 -13.26
C PRO D 496 -42.99 -50.18 -13.88
N GLN D 497 -42.76 -49.13 -13.12
CA GLN D 497 -41.99 -47.98 -13.60
C GLN D 497 -41.50 -47.19 -12.42
N LYS D 498 -40.20 -47.27 -12.20
CA LYS D 498 -39.57 -46.51 -11.14
C LYS D 498 -39.57 -45.00 -11.44
N ASN D 499 -39.96 -44.21 -10.44
CA ASN D 499 -39.82 -42.75 -10.53
C ASN D 499 -39.18 -42.25 -9.26
N SER D 500 -38.56 -41.10 -9.33
CA SER D 500 -37.96 -40.50 -8.16
C SER D 500 -39.01 -40.17 -7.11
N GLN E 6 34.72 47.82 25.49
CA GLN E 6 35.58 48.60 26.40
C GLN E 6 34.74 49.57 27.24
N ALA E 7 35.32 50.05 28.32
CA ALA E 7 34.63 50.99 29.21
C ALA E 7 34.26 52.30 28.53
N VAL E 8 33.17 52.92 28.96
CA VAL E 8 32.76 54.25 28.50
C VAL E 8 33.54 55.31 29.31
N PRO E 9 34.39 56.11 28.65
CA PRO E 9 35.08 57.13 29.44
C PRO E 9 34.14 58.16 30.03
N ALA E 10 34.55 58.79 31.13
CA ALA E 10 33.74 59.82 31.75
C ALA E 10 33.54 60.98 30.79
N PRO E 11 32.32 61.53 30.73
CA PRO E 11 32.06 62.67 29.85
C PRO E 11 32.59 64.01 30.40
N ASN E 12 33.01 64.89 29.49
CA ASN E 12 33.10 66.30 29.83
C ASN E 12 31.70 66.84 29.70
N GLN E 13 31.13 67.28 30.81
CA GLN E 13 29.73 67.71 30.77
C GLN E 13 29.56 69.11 30.21
N GLN E 14 30.66 69.81 29.99
CA GLN E 14 30.62 71.12 29.37
C GLN E 14 31.74 71.25 28.34
N PRO E 15 31.61 70.47 27.25
CA PRO E 15 32.68 70.48 26.26
C PRO E 15 32.86 71.84 25.62
N GLU E 16 34.12 72.22 25.38
CA GLU E 16 34.44 73.44 24.68
C GLU E 16 34.02 73.29 23.20
N VAL E 17 33.55 74.38 22.59
CA VAL E 17 33.23 74.45 21.17
C VAL E 17 34.38 75.14 20.45
N PHE E 18 34.94 74.46 19.45
CA PHE E 18 36.05 75.01 18.67
C PHE E 18 35.67 75.48 17.29
N CYS E 19 34.56 74.95 16.76
CA CYS E 19 34.16 75.18 15.36
C CYS E 19 32.71 75.64 15.30
N ASN E 20 32.50 76.85 14.77
CA ASN E 20 31.16 77.45 14.72
C ASN E 20 30.93 78.35 13.53
N GLN E 21 31.67 78.11 12.45
CA GLN E 21 31.63 78.92 11.27
C GLN E 21 31.27 78.08 10.05
N ILE E 22 31.32 78.70 8.87
CA ILE E 22 31.10 77.99 7.59
C ILE E 22 32.44 77.41 7.12
N PHE E 23 32.44 76.16 6.64
CA PHE E 23 33.65 75.46 6.28
C PHE E 23 33.70 75.35 4.75
N ILE E 24 34.61 76.10 4.12
CA ILE E 24 34.76 76.10 2.65
C ILE E 24 36.24 76.07 2.31
N ASN E 25 36.65 75.20 1.38
CA ASN E 25 38.06 75.09 1.03
C ASN E 25 38.98 74.86 2.24
N ASN E 26 38.53 74.05 3.19
CA ASN E 26 39.28 73.68 4.37
C ASN E 26 39.64 74.87 5.25
N GLU E 27 38.85 75.93 5.15
CA GLU E 27 39.02 77.10 6.00
C GLU E 27 37.69 77.51 6.59
N TRP E 28 37.75 78.26 7.70
CA TRP E 28 36.58 78.72 8.41
C TRP E 28 36.22 80.16 8.05
N HIS E 29 34.96 80.37 7.69
CA HIS E 29 34.44 81.67 7.20
C HIS E 29 33.26 82.12 8.05
N ASP E 30 33.18 83.42 8.37
CA ASP E 30 31.88 83.99 8.74
C ASP E 30 30.94 83.96 7.54
N ALA E 31 29.65 84.12 7.80
CA ALA E 31 28.66 84.30 6.78
C ALA E 31 28.95 85.65 6.11
N VAL E 32 28.67 85.76 4.81
CA VAL E 32 28.86 87.02 4.09
C VAL E 32 28.13 88.15 4.86
N SER E 33 26.94 87.85 5.38
CA SER E 33 26.11 88.81 6.13
C SER E 33 26.66 89.15 7.50
N ARG E 34 27.61 88.37 7.99
CA ARG E 34 28.09 88.39 9.38
C ARG E 34 27.08 88.01 10.47
N LYS E 35 25.92 87.52 10.05
CA LYS E 35 24.91 87.03 10.97
C LYS E 35 25.28 85.70 11.62
N THR E 36 24.79 85.50 12.83
CA THR E 36 24.93 84.23 13.56
C THR E 36 23.58 83.86 14.13
N PHE E 37 23.43 82.60 14.50
CA PHE E 37 22.23 82.15 15.17
C PHE E 37 22.63 81.30 16.38
N PRO E 38 21.80 81.28 17.43
CA PRO E 38 22.11 80.49 18.60
C PRO E 38 21.75 79.02 18.41
N THR E 39 22.59 78.14 18.96
CA THR E 39 22.17 76.76 19.19
C THR E 39 22.06 76.51 20.68
N VAL E 40 20.99 75.82 21.07
CA VAL E 40 20.60 75.68 22.48
C VAL E 40 20.86 74.26 22.96
N ASN E 41 21.14 74.13 24.25
CA ASN E 41 21.20 72.88 24.97
C ASN E 41 19.78 72.53 25.42
N PRO E 42 19.18 71.49 24.82
CA PRO E 42 17.77 71.22 25.14
C PRO E 42 17.54 70.74 26.57
N SER E 43 18.59 70.34 27.28
CA SER E 43 18.42 69.90 28.65
C SER E 43 18.21 71.10 29.60
N THR E 44 18.69 72.26 29.20
CA THR E 44 18.59 73.45 30.06
C THR E 44 17.85 74.61 29.41
N GLY E 45 17.69 74.59 28.09
CA GLY E 45 17.13 75.71 27.36
C GLY E 45 18.08 76.88 27.18
N GLU E 46 19.34 76.72 27.60
CA GLU E 46 20.31 77.81 27.49
CA GLU E 46 20.34 77.80 27.51
C GLU E 46 21.13 77.71 26.20
N VAL E 47 21.52 78.86 25.67
CA VAL E 47 22.37 78.94 24.48
C VAL E 47 23.76 78.39 24.76
N ILE E 48 24.24 77.51 23.89
CA ILE E 48 25.59 76.98 23.95
C ILE E 48 26.55 77.99 23.33
N CYS E 49 26.25 78.41 22.12
CA CYS E 49 27.07 79.35 21.38
C CYS E 49 26.32 79.87 20.17
N GLN E 50 26.92 80.85 19.50
CA GLN E 50 26.43 81.32 18.22
C GLN E 50 27.17 80.57 17.10
N VAL E 51 26.48 80.45 15.98
CA VAL E 51 26.97 79.73 14.78
C VAL E 51 26.74 80.60 13.55
N ALA E 52 27.69 80.62 12.62
CA ALA E 52 27.50 81.42 11.40
C ALA E 52 26.23 81.05 10.67
N GLU E 53 25.45 82.04 10.27
CA GLU E 53 24.15 81.82 9.63
C GLU E 53 24.29 81.89 8.13
N GLY E 54 24.65 80.74 7.55
CA GLY E 54 24.83 80.71 6.08
C GLY E 54 23.54 80.87 5.28
N ASP E 55 23.62 81.54 4.13
CA ASP E 55 22.49 81.77 3.26
C ASP E 55 22.96 81.53 1.82
N LYS E 56 22.18 81.99 0.84
CA LYS E 56 22.44 81.71 -0.57
C LYS E 56 23.85 82.10 -0.99
N GLU E 57 24.32 83.28 -0.57
CA GLU E 57 25.65 83.69 -1.01
C GLU E 57 26.76 82.78 -0.49
N ASP E 58 26.57 82.21 0.72
CA ASP E 58 27.57 81.31 1.30
C ASP E 58 27.50 79.95 0.61
N VAL E 59 26.29 79.51 0.28
CA VAL E 59 26.15 78.29 -0.52
C VAL E 59 26.83 78.46 -1.89
N ASP E 60 26.66 79.62 -2.51
CA ASP E 60 27.31 79.87 -3.80
C ASP E 60 28.83 79.76 -3.70
N LYS E 61 29.43 80.31 -2.65
CA LYS E 61 30.88 80.14 -2.44
C LYS E 61 31.23 78.67 -2.32
N ALA E 62 30.45 77.96 -1.53
CA ALA E 62 30.72 76.53 -1.29
C ALA E 62 30.61 75.71 -2.57
N VAL E 63 29.59 76.00 -3.37
CA VAL E 63 29.41 75.28 -4.64
C VAL E 63 30.57 75.55 -5.58
N LYS E 64 31.05 76.80 -5.66
CA LYS E 64 32.18 77.11 -6.56
C LYS E 64 33.43 76.37 -6.08
N ALA E 65 33.61 76.29 -4.75
CA ALA E 65 34.78 75.60 -4.21
C ALA E 65 34.70 74.10 -4.58
N ALA E 66 33.53 73.52 -4.38
CA ALA E 66 33.34 72.10 -4.74
C ALA E 66 33.58 71.87 -6.23
N ARG E 67 33.03 72.73 -7.08
CA ARG E 67 33.20 72.54 -8.51
C ARG E 67 34.67 72.61 -8.88
N ALA E 68 35.42 73.55 -8.29
CA ALA E 68 36.84 73.61 -8.58
C ALA E 68 37.56 72.32 -8.14
N ALA E 69 37.20 71.75 -6.99
CA ALA E 69 37.86 70.58 -6.46
C ALA E 69 37.58 69.36 -7.38
N PHE E 70 36.49 69.46 -8.14
CA PHE E 70 36.03 68.38 -9.04
C PHE E 70 36.57 68.51 -10.46
N GLN E 71 37.34 69.56 -10.77
CA GLN E 71 37.83 69.67 -12.13
C GLN E 71 38.73 68.53 -12.51
N LEU E 72 38.56 68.05 -13.74
CA LEU E 72 39.44 67.06 -14.32
C LEU E 72 40.87 67.50 -14.08
N GLY E 73 41.69 66.57 -13.61
CA GLY E 73 43.09 66.87 -13.34
C GLY E 73 43.39 67.36 -11.94
N SER E 74 42.35 67.56 -11.13
CA SER E 74 42.57 68.05 -9.75
C SER E 74 43.14 66.97 -8.88
N PRO E 75 43.67 67.33 -7.71
CA PRO E 75 44.11 66.29 -6.80
C PRO E 75 43.05 65.27 -6.41
N TRP E 76 41.81 65.69 -6.17
CA TRP E 76 40.80 64.72 -5.81
C TRP E 76 40.36 63.86 -7.00
N ARG E 77 40.35 64.42 -8.21
CA ARG E 77 39.98 63.59 -9.38
C ARG E 77 41.06 62.58 -9.78
N ARG E 78 42.33 62.98 -9.61
CA ARG E 78 43.45 62.10 -9.96
C ARG E 78 43.81 61.07 -8.90
N MET E 79 43.32 61.27 -7.68
CA MET E 79 43.66 60.41 -6.56
C MET E 79 43.27 58.97 -6.85
N ASP E 80 44.13 58.02 -6.49
CA ASP E 80 43.74 56.60 -6.67
C ASP E 80 42.48 56.33 -5.82
N ALA E 81 41.59 55.52 -6.35
CA ALA E 81 40.39 55.14 -5.61
C ALA E 81 40.79 54.54 -4.24
N SER E 82 41.81 53.68 -4.23
CA SER E 82 42.25 53.08 -2.98
C SER E 82 42.65 54.17 -1.96
N HIS E 83 43.22 55.29 -2.45
CA HIS E 83 43.62 56.34 -1.54
C HIS E 83 42.43 57.10 -0.96
N ARG E 84 41.35 57.21 -1.74
CA ARG E 84 40.11 57.75 -1.14
C ARG E 84 39.71 56.89 0.05
N GLY E 85 39.84 55.57 -0.09
CA GLY E 85 39.58 54.67 1.01
C GLY E 85 40.49 54.90 2.17
N ARG E 86 41.78 55.15 1.89
CA ARG E 86 42.74 55.45 2.96
C ARG E 86 42.35 56.71 3.72
N LEU E 87 41.88 57.73 3.01
CA LEU E 87 41.44 58.98 3.65
C LEU E 87 40.18 58.79 4.48
N LEU E 88 39.22 58.00 4.00
CA LEU E 88 38.05 57.70 4.86
C LEU E 88 38.44 56.94 6.12
N ASN E 89 39.41 56.02 6.02
CA ASN E 89 39.85 55.28 7.18
C ASN E 89 40.63 56.18 8.16
N ARG E 90 41.37 57.15 7.64
CA ARG E 90 42.03 58.12 8.49
C ARG E 90 41.01 59.00 9.19
N LEU E 91 39.99 59.45 8.47
CA LEU E 91 38.91 60.22 9.11
C LEU E 91 38.27 59.46 10.27
N ALA E 92 37.99 58.18 10.00
CA ALA E 92 37.43 57.36 11.08
C ALA E 92 38.39 57.25 12.28
N ASP E 93 39.69 57.08 12.05
CA ASP E 93 40.64 57.00 13.12
C ASP E 93 40.67 58.30 13.93
N LEU E 94 40.52 59.44 13.26
CA LEU E 94 40.54 60.71 13.98
C LEU E 94 39.25 60.89 14.80
N ILE E 95 38.11 60.49 14.24
CA ILE E 95 36.87 60.53 15.02
C ILE E 95 36.99 59.59 16.23
N GLU E 96 37.60 58.41 16.07
CA GLU E 96 37.80 57.51 17.19
C GLU E 96 38.72 58.14 18.25
N ARG E 97 39.78 58.81 17.81
CA ARG E 97 40.65 59.51 18.78
C ARG E 97 39.84 60.49 19.63
N ASP E 98 38.92 61.17 18.96
CA ASP E 98 38.12 62.26 19.56
C ASP E 98 36.73 61.77 19.95
N ARG E 99 36.57 60.48 20.18
CA ARG E 99 35.23 59.88 20.42
C ARG E 99 34.57 60.39 21.70
N THR E 100 35.32 60.47 22.80
CA THR E 100 34.71 60.92 24.06
C THR E 100 34.22 62.36 23.97
N TYR E 101 35.05 63.22 23.40
CA TYR E 101 34.69 64.61 23.15
C TYR E 101 33.43 64.74 22.27
N LEU E 102 33.43 64.06 21.13
CA LEU E 102 32.34 64.14 20.17
C LEU E 102 31.05 63.59 20.77
N ALA E 103 31.14 62.50 21.54
CA ALA E 103 29.93 61.96 22.16
C ALA E 103 29.31 62.96 23.14
N ALA E 104 30.14 63.63 23.94
CA ALA E 104 29.63 64.65 24.84
C ALA E 104 29.09 65.84 24.14
N LEU E 105 29.77 66.32 23.09
CA LEU E 105 29.24 67.46 22.35
C LEU E 105 27.92 67.09 21.67
N GLU E 106 27.80 65.87 21.16
CA GLU E 106 26.53 65.43 20.55
C GLU E 106 25.42 65.51 21.61
N THR E 107 25.66 64.98 22.79
CA THR E 107 24.68 65.06 23.87
C THR E 107 24.34 66.51 24.27
N LEU E 108 25.37 67.34 24.36
CA LEU E 108 25.14 68.73 24.77
C LEU E 108 24.19 69.42 23.81
N ASP E 109 24.38 69.24 22.51
CA ASP E 109 23.67 69.96 21.46
C ASP E 109 22.32 69.32 21.11
N ASN E 110 22.24 68.00 21.24
CA ASN E 110 21.07 67.23 20.79
C ASN E 110 20.15 66.74 21.90
N GLY E 111 20.72 66.39 23.06
CA GLY E 111 19.94 65.93 24.20
C GLY E 111 20.02 64.45 24.48
N LYS E 112 20.45 63.64 23.52
CA LYS E 112 20.47 62.20 23.77
C LYS E 112 21.45 61.77 24.87
N PRO E 113 21.16 60.67 25.57
CA PRO E 113 22.07 60.28 26.67
C PRO E 113 23.50 60.06 26.19
N TYR E 114 24.46 60.53 26.99
CA TYR E 114 25.88 60.42 26.64
C TYR E 114 26.31 58.96 26.47
N VAL E 115 25.84 58.03 27.30
CA VAL E 115 26.27 56.64 27.10
C VAL E 115 25.85 56.13 25.71
N ILE E 116 24.66 56.56 25.27
CA ILE E 116 24.15 56.20 23.96
C ILE E 116 24.92 56.91 22.85
N SER E 117 25.14 58.22 22.95
CA SER E 117 26.01 58.89 22.01
C SER E 117 27.31 58.14 21.83
N TYR E 118 27.93 57.76 22.94
CA TYR E 118 29.23 57.09 22.89
C TYR E 118 29.19 55.66 22.31
N LEU E 119 28.32 54.83 22.88
CA LEU E 119 28.28 53.40 22.51
C LEU E 119 27.51 53.10 21.24
N VAL E 120 26.56 53.96 20.87
CA VAL E 120 25.71 53.70 19.72
C VAL E 120 26.11 54.68 18.61
N ASP E 121 25.81 55.97 18.74
CA ASP E 121 26.00 56.86 17.62
C ASP E 121 27.44 56.87 17.09
N LEU E 122 28.41 57.08 18.00
CA LEU E 122 29.80 57.13 17.55
C LEU E 122 30.27 55.79 17.00
N ASP E 123 29.84 54.68 17.58
CA ASP E 123 30.23 53.37 17.04
C ASP E 123 29.70 53.22 15.60
N MET E 124 28.44 53.60 15.39
N MET E 124 28.46 53.65 15.39
CA MET E 124 27.82 53.52 14.07
CA MET E 124 27.84 53.52 14.07
C MET E 124 28.50 54.43 13.04
C MET E 124 28.41 54.48 13.02
N VAL E 125 28.91 55.64 13.46
CA VAL E 125 29.63 56.54 12.58
C VAL E 125 30.92 55.86 12.12
N LEU E 126 31.68 55.32 13.09
CA LEU E 126 32.96 54.67 12.76
C LEU E 126 32.72 53.51 11.80
N LYS E 127 31.70 52.73 12.08
CA LYS E 127 31.41 51.55 11.24
C LYS E 127 30.96 51.95 9.83
N CYS E 128 30.18 53.02 9.70
CA CYS E 128 29.77 53.47 8.40
C CYS E 128 30.95 53.98 7.60
N LEU E 129 31.81 54.83 8.18
CA LEU E 129 32.95 55.37 7.41
C LEU E 129 33.91 54.25 7.01
N ARG E 130 34.14 53.32 7.92
CA ARG E 130 35.05 52.18 7.63
C ARG E 130 34.48 51.24 6.60
N TYR E 131 33.16 51.05 6.63
CA TYR E 131 32.52 50.26 5.56
C TYR E 131 32.69 50.86 4.20
N TYR E 132 32.38 52.15 4.07
CA TYR E 132 32.46 52.79 2.77
C TYR E 132 33.90 53.00 2.33
N ALA E 133 34.84 53.15 3.27
CA ALA E 133 36.26 53.16 2.86
C ALA E 133 36.61 51.94 1.99
N GLY E 134 36.07 50.81 2.40
CA GLY E 134 36.25 49.54 1.69
C GLY E 134 35.67 49.51 0.28
N TRP E 135 34.61 50.28 0.03
CA TRP E 135 33.99 50.37 -1.30
C TRP E 135 34.76 51.20 -2.33
N ALA E 136 35.66 52.06 -1.88
CA ALA E 136 36.19 53.11 -2.73
C ALA E 136 36.76 52.59 -4.04
N ASP E 137 37.40 51.43 -3.99
CA ASP E 137 38.08 50.85 -5.15
C ASP E 137 37.46 49.54 -5.63
N LYS E 138 36.18 49.33 -5.31
CA LYS E 138 35.50 48.06 -5.62
C LYS E 138 34.18 48.20 -6.40
N TYR E 139 33.75 49.42 -6.70
CA TYR E 139 32.46 49.59 -7.41
C TYR E 139 32.60 49.62 -8.92
N HIS E 140 32.83 48.44 -9.43
CA HIS E 140 33.27 48.26 -10.83
C HIS E 140 32.21 48.62 -11.84
N GLY E 141 32.63 49.14 -12.99
CA GLY E 141 31.76 49.16 -14.18
C GLY E 141 31.86 47.79 -14.84
N LYS E 142 31.38 47.75 -16.08
CA LYS E 142 31.16 46.51 -16.80
C LYS E 142 31.84 46.51 -18.16
N THR E 143 32.27 45.33 -18.59
CA THR E 143 32.56 45.11 -20.01
C THR E 143 31.44 44.24 -20.59
N ILE E 144 30.94 44.64 -21.75
CA ILE E 144 29.61 44.25 -22.19
C ILE E 144 29.66 43.66 -23.58
N PRO E 145 29.12 42.44 -23.74
CA PRO E 145 29.21 41.75 -25.06
C PRO E 145 28.16 42.21 -26.04
N ILE E 146 28.26 43.48 -26.44
CA ILE E 146 27.32 44.07 -27.38
C ILE E 146 27.41 43.41 -28.78
N ASP E 147 26.33 43.48 -29.55
CA ASP E 147 26.34 42.94 -30.93
C ASP E 147 27.33 43.74 -31.80
N GLY E 148 27.89 43.08 -32.80
CA GLY E 148 28.71 43.74 -33.83
C GLY E 148 30.16 43.85 -33.43
N ASP E 149 30.92 44.49 -34.30
CA ASP E 149 32.38 44.61 -34.14
C ASP E 149 32.73 45.82 -33.28
N PHE E 150 32.42 45.68 -31.99
CA PHE E 150 32.62 46.74 -31.01
C PHE E 150 33.10 46.16 -29.70
N PHE E 151 33.86 46.98 -28.98
CA PHE E 151 34.18 46.79 -27.56
C PHE E 151 33.35 47.84 -26.82
N SER E 152 32.49 47.39 -25.92
CA SER E 152 31.65 48.32 -25.15
C SER E 152 31.88 48.09 -23.66
N TYR E 153 31.99 49.18 -22.91
CA TYR E 153 32.18 49.08 -21.45
C TYR E 153 31.56 50.28 -20.78
N THR E 154 31.37 50.19 -19.48
CA THR E 154 30.95 51.35 -18.71
C THR E 154 32.00 51.80 -17.72
N ARG E 155 32.09 53.11 -17.55
CA ARG E 155 32.80 53.77 -16.46
C ARG E 155 31.78 54.16 -15.42
N HIS E 156 32.09 53.88 -14.16
CA HIS E 156 31.32 54.42 -13.01
C HIS E 156 32.05 55.68 -12.58
N GLU E 157 31.52 56.83 -12.97
CA GLU E 157 32.12 58.10 -12.65
C GLU E 157 31.38 58.74 -11.47
N PRO E 158 31.95 59.75 -10.80
CA PRO E 158 31.17 60.40 -9.75
C PRO E 158 30.09 61.26 -10.37
N VAL E 159 28.98 61.41 -9.64
CA VAL E 159 27.91 62.28 -10.11
CA VAL E 159 27.95 62.32 -10.12
C VAL E 159 28.34 63.78 -10.14
N GLY E 160 29.21 64.20 -9.19
CA GLY E 160 29.81 65.53 -9.21
C GLY E 160 29.59 66.26 -7.89
N VAL E 161 29.03 67.45 -8.00
CA VAL E 161 28.80 68.29 -6.85
C VAL E 161 27.48 67.85 -6.21
N CYS E 162 27.58 67.35 -4.98
CA CYS E 162 26.44 66.75 -4.28
C CYS E 162 26.04 67.62 -3.08
N GLY E 163 24.80 68.09 -3.12
CA GLY E 163 24.23 68.82 -2.00
C GLY E 163 23.62 67.82 -1.05
N GLN E 164 23.93 67.93 0.25
CA GLN E 164 23.48 66.96 1.25
C GLN E 164 22.89 67.73 2.39
N ILE E 165 21.61 67.48 2.70
CA ILE E 165 20.89 68.21 3.73
C ILE E 165 20.51 67.21 4.79
N ILE E 166 21.00 67.40 6.01
CA ILE E 166 20.80 66.40 7.04
C ILE E 166 20.09 66.97 8.25
N PRO E 167 19.36 66.10 8.95
CA PRO E 167 18.55 66.50 10.07
C PRO E 167 19.26 66.47 11.43
N TRP E 168 18.50 66.71 12.51
CA TRP E 168 19.05 66.87 13.83
C TRP E 168 18.93 65.65 14.73
N ASN E 169 18.24 64.59 14.30
CA ASN E 169 17.99 63.47 15.21
C ASN E 169 19.23 62.62 15.55
N PHE E 170 20.09 62.42 14.53
CA PHE E 170 21.36 61.69 14.68
C PHE E 170 22.39 62.51 13.93
N PRO E 171 22.82 63.62 14.50
CA PRO E 171 23.65 64.54 13.72
C PRO E 171 24.92 63.94 13.10
N LEU E 172 25.76 63.31 13.90
CA LEU E 172 27.00 62.71 13.41
C LEU E 172 26.70 61.52 12.51
N LEU E 173 25.76 60.68 12.89
CA LEU E 173 25.51 59.48 12.07
C LEU E 173 24.95 59.84 10.70
N MET E 174 24.01 60.79 10.64
CA MET E 174 23.52 61.26 9.37
C MET E 174 24.60 61.89 8.47
N GLN E 175 25.53 62.59 9.08
CA GLN E 175 26.67 63.12 8.35
C GLN E 175 27.48 61.95 7.74
N ALA E 176 27.75 60.92 8.52
CA ALA E 176 28.52 59.75 8.03
C ALA E 176 27.78 59.03 6.91
N TRP E 177 26.47 58.86 7.09
CA TRP E 177 25.69 58.14 6.08
C TRP E 177 25.72 58.83 4.72
N LYS E 178 25.91 60.16 4.73
CA LYS E 178 26.03 60.95 3.52
C LYS E 178 27.49 61.02 2.99
N LEU E 179 28.43 61.29 3.87
CA LEU E 179 29.81 61.48 3.41
C LEU E 179 30.44 60.17 2.97
N GLY E 180 30.13 59.06 3.64
CA GLY E 180 30.74 57.74 3.30
C GLY E 180 30.62 57.43 1.81
N PRO E 181 29.39 57.29 1.31
CA PRO E 181 29.24 56.87 -0.09
C PRO E 181 29.63 57.93 -1.07
N ALA E 182 29.40 59.20 -0.73
CA ALA E 182 29.76 60.27 -1.65
C ALA E 182 31.27 60.36 -1.85
N LEU E 183 32.02 60.30 -0.76
CA LEU E 183 33.48 60.36 -0.88
C LEU E 183 34.07 59.06 -1.40
N ALA E 184 33.52 57.92 -1.02
CA ALA E 184 34.05 56.64 -1.55
C ALA E 184 34.05 56.62 -3.06
N THR E 185 33.07 57.27 -3.65
CA THR E 185 32.89 57.29 -5.09
C THR E 185 33.49 58.54 -5.77
N GLY E 186 34.15 59.42 -5.02
CA GLY E 186 34.91 60.51 -5.67
C GLY E 186 34.12 61.76 -5.94
N ASN E 187 32.94 61.91 -5.33
CA ASN E 187 32.18 63.16 -5.45
C ASN E 187 32.77 64.25 -4.55
N VAL E 188 32.18 65.44 -4.67
CA VAL E 188 32.47 66.54 -3.78
C VAL E 188 31.14 66.98 -3.19
N VAL E 189 31.19 67.61 -2.01
CA VAL E 189 30.00 67.80 -1.17
C VAL E 189 29.83 69.23 -0.72
N VAL E 190 28.58 69.70 -0.78
CA VAL E 190 28.16 70.92 -0.07
C VAL E 190 27.04 70.44 0.87
N MET E 191 27.33 70.46 2.15
CA MET E 191 26.47 69.91 3.18
C MET E 191 25.82 71.00 4.03
N LYS E 192 24.51 70.90 4.22
CA LYS E 192 23.76 71.79 5.14
C LYS E 192 23.37 70.97 6.35
N VAL E 193 23.81 71.40 7.53
CA VAL E 193 23.53 70.73 8.79
C VAL E 193 22.37 71.43 9.49
N ALA E 194 21.74 70.74 10.42
CA ALA E 194 20.51 71.26 11.01
C ALA E 194 20.89 72.37 12.00
N GLU E 195 20.06 73.42 12.01
CA GLU E 195 20.31 74.54 12.93
C GLU E 195 20.22 74.14 14.40
N GLN E 196 19.47 73.09 14.71
CA GLN E 196 19.37 72.61 16.07
C GLN E 196 20.61 71.91 16.57
N THR E 197 21.41 71.37 15.64
CA THR E 197 22.52 70.49 16.00
C THR E 197 23.68 70.66 15.04
N PRO E 198 24.22 71.89 14.90
CA PRO E 198 25.29 72.04 13.92
C PRO E 198 26.70 71.67 14.37
N LEU E 199 26.90 71.65 15.68
CA LEU E 199 28.26 71.67 16.20
C LEU E 199 29.10 70.44 15.95
N THR E 200 28.58 69.23 16.13
CA THR E 200 29.43 68.05 15.96
C THR E 200 29.90 67.92 14.50
N ALA E 201 29.04 68.24 13.53
CA ALA E 201 29.41 68.15 12.12
C ALA E 201 30.51 69.13 11.77
N LEU E 202 30.46 70.32 12.40
CA LEU E 202 31.51 71.31 12.16
C LEU E 202 32.84 70.86 12.74
N TYR E 203 32.84 70.22 13.91
CA TYR E 203 34.08 69.67 14.47
C TYR E 203 34.61 68.61 13.52
N VAL E 204 33.72 67.77 12.97
CA VAL E 204 34.18 66.73 12.02
C VAL E 204 34.83 67.36 10.80
N ALA E 205 34.35 68.53 10.37
CA ALA E 205 35.01 69.23 9.24
C ALA E 205 36.48 69.47 9.56
N ASN E 206 36.78 69.88 10.79
CA ASN E 206 38.18 70.04 11.21
C ASN E 206 38.98 68.75 11.01
N LEU E 207 38.36 67.61 11.33
CA LEU E 207 39.01 66.32 11.17
C LEU E 207 39.15 65.91 9.71
N ILE E 208 38.22 66.34 8.85
CA ILE E 208 38.32 66.11 7.41
C ILE E 208 39.57 66.81 6.90
N LYS E 209 39.79 68.06 7.31
CA LYS E 209 41.02 68.78 6.96
C LYS E 209 42.23 68.05 7.49
N GLU E 210 42.19 67.68 8.77
CA GLU E 210 43.30 66.96 9.39
C GLU E 210 43.64 65.67 8.69
N ALA E 211 42.63 64.96 8.21
CA ALA E 211 42.81 63.69 7.52
C ALA E 211 43.50 63.82 6.17
N GLY E 212 43.44 65.00 5.57
CA GLY E 212 44.11 65.24 4.29
C GLY E 212 43.22 65.29 3.09
N PHE E 213 41.91 65.43 3.27
CA PHE E 213 41.07 65.62 2.09
C PHE E 213 41.41 66.96 1.42
N PRO E 214 41.51 67.00 0.08
CA PRO E 214 41.82 68.25 -0.60
C PRO E 214 40.79 69.33 -0.31
N PRO E 215 41.22 70.60 -0.29
CA PRO E 215 40.25 71.65 -0.08
C PRO E 215 39.12 71.65 -1.11
N GLY E 216 37.90 71.92 -0.65
CA GLY E 216 36.74 71.97 -1.51
C GLY E 216 36.02 70.64 -1.72
N VAL E 217 36.61 69.55 -1.26
CA VAL E 217 35.96 68.23 -1.40
C VAL E 217 34.79 68.11 -0.44
N VAL E 218 34.88 68.65 0.77
CA VAL E 218 33.72 68.73 1.71
C VAL E 218 33.60 70.18 2.18
N ASN E 219 32.43 70.77 2.01
CA ASN E 219 32.15 72.15 2.43
C ASN E 219 30.86 72.03 3.24
N ILE E 220 30.84 72.72 4.37
CA ILE E 220 29.67 72.68 5.26
C ILE E 220 29.13 74.07 5.53
N VAL E 221 27.84 74.25 5.29
CA VAL E 221 27.18 75.54 5.51
C VAL E 221 26.07 75.36 6.53
N PRO E 222 26.34 75.75 7.80
CA PRO E 222 25.24 75.81 8.76
C PRO E 222 24.32 77.00 8.41
N GLY E 223 23.05 76.86 8.77
CA GLY E 223 22.05 77.88 8.41
C GLY E 223 20.66 77.29 8.48
N PHE E 224 19.68 78.08 8.04
CA PHE E 224 18.29 77.65 8.07
CA PHE E 224 18.29 77.67 8.06
C PHE E 224 17.87 76.94 6.80
N GLY E 225 16.71 76.32 6.83
CA GLY E 225 16.23 75.51 5.71
C GLY E 225 15.78 76.33 4.51
N PRO E 226 14.89 77.31 4.76
CA PRO E 226 14.38 78.11 3.63
C PRO E 226 15.42 79.01 2.94
N THR E 227 16.57 79.13 3.59
CA THR E 227 17.62 79.99 3.07
C THR E 227 18.71 79.06 2.49
N ALA E 228 19.53 78.47 3.36
CA ALA E 228 20.68 77.69 2.88
C ALA E 228 20.25 76.38 2.19
N GLY E 229 19.32 75.66 2.81
CA GLY E 229 18.83 74.42 2.19
C GLY E 229 18.19 74.64 0.84
N ALA E 230 17.30 75.62 0.76
CA ALA E 230 16.69 75.93 -0.51
C ALA E 230 17.68 76.36 -1.60
N ALA E 231 18.71 77.11 -1.18
CA ALA E 231 19.76 77.52 -2.13
C ALA E 231 20.47 76.28 -2.73
N ILE E 232 20.73 75.28 -1.90
CA ILE E 232 21.34 74.03 -2.42
C ILE E 232 20.41 73.35 -3.42
N ALA E 233 19.16 73.19 -3.02
CA ALA E 233 18.19 72.46 -3.84
C ALA E 233 17.92 73.13 -5.18
N SER E 234 17.97 74.46 -5.23
CA SER E 234 17.71 75.17 -6.47
CA SER E 234 17.71 75.20 -6.46
C SER E 234 19.00 75.54 -7.23
N HIS E 235 20.16 75.12 -6.74
CA HIS E 235 21.38 75.65 -7.35
C HIS E 235 21.58 75.10 -8.74
N GLU E 236 22.01 75.95 -9.67
CA GLU E 236 22.15 75.54 -11.06
C GLU E 236 23.40 74.71 -11.33
N ASP E 237 24.32 74.64 -10.36
CA ASP E 237 25.57 73.89 -10.59
C ASP E 237 25.79 72.77 -9.57
N VAL E 238 24.72 72.42 -8.87
CA VAL E 238 24.71 71.22 -8.01
C VAL E 238 24.11 70.08 -8.82
N ASP E 239 24.84 68.98 -8.94
CA ASP E 239 24.40 67.86 -9.79
C ASP E 239 23.42 66.90 -9.18
N LYS E 240 23.45 66.83 -7.84
CA LYS E 240 22.66 65.82 -7.11
C LYS E 240 22.36 66.37 -5.74
N VAL E 241 21.15 66.10 -5.26
CA VAL E 241 20.82 66.45 -3.87
C VAL E 241 20.28 65.22 -3.15
N ALA E 242 20.73 65.06 -1.91
CA ALA E 242 20.20 64.01 -1.02
C ALA E 242 19.67 64.74 0.18
N PHE E 243 18.42 64.49 0.51
CA PHE E 243 17.76 65.16 1.63
C PHE E 243 17.18 64.15 2.61
N THR E 244 17.43 64.35 3.89
CA THR E 244 16.78 63.57 4.95
C THR E 244 16.02 64.57 5.80
N GLY E 245 14.73 64.28 5.99
CA GLY E 245 13.85 65.18 6.75
C GLY E 245 12.39 64.80 6.56
N SER E 246 11.50 65.76 6.78
CA SER E 246 10.08 65.49 6.69
C SER E 246 9.65 65.26 5.24
N THR E 247 8.59 64.48 5.10
CA THR E 247 7.96 64.27 3.79
C THR E 247 7.56 65.60 3.14
N GLU E 248 7.03 66.53 3.92
CA GLU E 248 6.64 67.82 3.32
C GLU E 248 7.80 68.60 2.73
N ILE E 249 8.94 68.65 3.42
CA ILE E 249 10.07 69.36 2.84
C ILE E 249 10.69 68.53 1.69
N GLY E 250 10.56 67.21 1.73
CA GLY E 250 10.97 66.38 0.59
C GLY E 250 10.32 66.83 -0.71
N ARG E 251 9.04 67.18 -0.63
CA ARG E 251 8.28 67.64 -1.79
C ARG E 251 8.90 68.94 -2.32
N VAL E 252 9.24 69.84 -1.42
CA VAL E 252 9.89 71.09 -1.81
C VAL E 252 11.24 70.86 -2.51
N ILE E 253 12.03 69.93 -1.96
CA ILE E 253 13.27 69.55 -2.63
C ILE E 253 13.05 69.05 -4.06
N GLN E 254 12.10 68.13 -4.27
CA GLN E 254 11.90 67.53 -5.59
CA GLN E 254 11.90 67.55 -5.59
C GLN E 254 11.39 68.59 -6.57
N VAL E 255 10.50 69.46 -6.11
CA VAL E 255 10.05 70.55 -6.95
C VAL E 255 11.20 71.50 -7.31
N ALA E 256 12.06 71.83 -6.34
CA ALA E 256 13.20 72.74 -6.60
C ALA E 256 14.16 72.12 -7.63
N ALA E 257 14.35 70.81 -7.57
CA ALA E 257 15.26 70.14 -8.51
C ALA E 257 14.69 70.18 -9.92
N GLY E 258 13.38 69.94 -10.05
CA GLY E 258 12.74 69.95 -11.35
C GLY E 258 12.66 71.36 -11.93
N SER E 259 12.51 72.34 -11.03
CA SER E 259 12.38 73.74 -11.44
C SER E 259 13.71 74.41 -11.78
N SER E 260 14.82 73.79 -11.40
CA SER E 260 16.14 74.40 -11.62
C SER E 260 16.84 73.63 -12.72
N ASN E 261 17.77 72.74 -12.38
CA ASN E 261 18.63 72.13 -13.39
C ASN E 261 18.47 70.63 -13.57
N LEU E 262 17.34 70.10 -13.11
CA LEU E 262 17.11 68.64 -13.19
C LEU E 262 18.16 67.79 -12.48
N LYS E 263 18.70 68.33 -11.39
CA LYS E 263 19.60 67.59 -10.54
C LYS E 263 18.97 66.28 -10.07
N ARG E 264 19.79 65.27 -9.84
CA ARG E 264 19.29 63.97 -9.38
C ARG E 264 18.94 64.10 -7.88
N VAL E 265 17.88 63.42 -7.46
CA VAL E 265 17.33 63.55 -6.10
C VAL E 265 17.16 62.20 -5.43
N THR E 266 17.61 62.07 -4.18
CA THR E 266 17.16 61.00 -3.30
C THR E 266 16.67 61.63 -2.02
N LEU E 267 15.75 60.93 -1.39
CA LEU E 267 15.01 61.43 -0.24
C LEU E 267 14.83 60.32 0.79
N GLU E 268 15.13 60.62 2.06
CA GLU E 268 14.84 59.74 3.19
C GLU E 268 13.91 60.58 4.04
N LEU E 269 12.66 60.14 4.17
CA LEU E 269 11.62 60.97 4.76
C LEU E 269 11.06 60.29 6.02
N GLY E 270 9.85 60.68 6.36
CA GLY E 270 9.26 60.17 7.62
C GLY E 270 8.65 58.78 7.52
N GLY E 271 8.04 58.38 8.62
CA GLY E 271 7.32 57.12 8.65
C GLY E 271 6.24 57.06 9.70
N LYS E 272 5.45 55.98 9.61
CA LYS E 272 4.51 55.62 10.68
C LYS E 272 4.56 54.10 10.75
N SER E 273 5.70 53.58 11.14
CA SER E 273 6.04 52.18 10.85
C SER E 273 5.31 51.25 11.83
N PRO E 274 4.76 50.17 11.29
CA PRO E 274 4.05 49.20 12.07
C PRO E 274 4.98 48.15 12.66
N ASN E 275 4.73 47.80 13.92
CA ASN E 275 5.47 46.77 14.64
C ASN E 275 4.41 45.77 15.07
N ILE E 276 4.46 44.59 14.46
CA ILE E 276 3.35 43.62 14.53
C ILE E 276 3.74 42.48 15.47
N ILE E 277 2.96 42.31 16.54
CA ILE E 277 3.23 41.29 17.56
C ILE E 277 2.17 40.19 17.41
N MET E 278 2.58 39.06 16.86
CA MET E 278 1.67 37.91 16.66
C MET E 278 1.53 37.19 17.98
N SER E 279 0.46 36.41 18.12
CA SER E 279 0.20 35.78 19.38
C SER E 279 1.25 34.78 19.84
N ASP E 280 2.05 34.28 18.90
CA ASP E 280 3.09 33.33 19.25
C ASP E 280 4.44 33.99 19.48
N ALA E 281 4.47 35.32 19.53
CA ALA E 281 5.75 35.97 19.85
C ALA E 281 6.25 35.60 21.25
N ASP E 282 7.55 35.77 21.46
CA ASP E 282 8.13 35.65 22.81
C ASP E 282 7.71 36.96 23.50
N MET E 283 6.91 36.85 24.56
CA MET E 283 6.31 38.03 25.16
C MET E 283 7.34 38.98 25.74
N ASP E 284 8.26 38.49 26.57
CA ASP E 284 9.19 39.40 27.21
C ASP E 284 10.06 40.12 26.18
N TRP E 285 10.53 39.38 25.19
CA TRP E 285 11.35 39.97 24.13
C TRP E 285 10.52 41.00 23.33
N ALA E 286 9.29 40.64 22.98
CA ALA E 286 8.45 41.56 22.22
C ALA E 286 8.14 42.85 22.96
N VAL E 287 7.87 42.74 24.27
CA VAL E 287 7.59 43.96 25.06
C VAL E 287 8.83 44.87 25.08
N GLU E 288 9.99 44.29 25.34
CA GLU E 288 11.21 45.11 25.39
C GLU E 288 11.58 45.72 24.06
N GLN E 289 11.47 44.92 22.99
CA GLN E 289 11.79 45.45 21.68
C GLN E 289 10.76 46.47 21.20
N ALA E 290 9.50 46.31 21.59
CA ALA E 290 8.48 47.31 21.16
C ALA E 290 8.69 48.63 21.85
N HIS E 291 9.18 48.55 23.08
CA HIS E 291 9.50 49.72 23.85
C HIS E 291 10.68 50.44 23.18
N PHE E 292 11.75 49.70 22.94
CA PHE E 292 12.89 50.26 22.19
C PHE E 292 12.45 50.85 20.84
N ALA E 293 11.68 50.07 20.08
CA ALA E 293 11.24 50.46 18.74
C ALA E 293 10.59 51.82 18.70
N LEU E 294 9.83 52.15 19.76
CA LEU E 294 9.15 53.43 19.85
C LEU E 294 10.01 54.53 20.50
N PHE E 295 10.59 54.19 21.67
CA PHE E 295 11.20 55.19 22.54
C PHE E 295 12.64 55.49 22.20
N PHE E 296 13.31 54.71 21.36
CA PHE E 296 14.72 54.97 21.06
C PHE E 296 14.91 56.42 20.64
N ASN E 297 15.99 57.02 21.14
CA ASN E 297 16.34 58.38 20.76
C ASN E 297 15.25 59.42 20.99
N GLN E 298 14.61 59.34 22.17
CA GLN E 298 13.55 60.31 22.54
C GLN E 298 12.41 60.22 21.56
N GLY E 299 12.25 59.07 20.91
CA GLY E 299 11.19 58.91 19.90
C GLY E 299 11.51 59.53 18.55
N GLN E 300 12.70 60.13 18.40
CA GLN E 300 13.07 60.95 17.25
C GLN E 300 13.80 60.08 16.25
N CYS E 301 13.06 59.15 15.67
N CYS E 301 13.09 59.06 15.78
CA CYS E 301 13.66 58.23 14.72
CA CYS E 301 13.59 58.15 14.73
C CYS E 301 12.64 58.03 13.61
C CYS E 301 12.60 58.15 13.60
N CSO E 302 13.09 58.29 12.37
CA CSO E 302 12.36 58.18 11.12
CA CSO E 302 12.18 58.25 11.23
CB CSO E 302 13.41 58.14 9.98
CB CSO E 302 12.83 58.54 9.88
SG CSO E 302 14.70 56.82 10.03
SG CSO E 302 13.95 59.95 9.95
C CSO E 302 11.50 56.90 11.11
O CSO E 302 10.34 56.88 10.70
OD CSO E 302 16.01 57.22 11.20
OD CSO E 302 12.76 61.19 9.91
N CYS E 303 12.16 55.82 11.52
CA CYS E 303 11.56 54.50 11.44
C CYS E 303 10.98 54.04 12.77
N ALA E 304 10.66 54.95 13.69
CA ALA E 304 10.09 54.52 14.95
C ALA E 304 8.87 53.60 14.76
N GLY E 305 8.76 52.60 15.63
CA GLY E 305 7.62 51.66 15.62
C GLY E 305 6.42 52.26 16.30
N SER E 306 5.77 53.16 15.59
CA SER E 306 4.76 54.04 16.14
C SER E 306 3.35 53.57 15.92
N ARG E 307 3.18 52.40 15.30
CA ARG E 307 1.89 51.67 15.34
C ARG E 307 2.23 50.26 15.83
N THR E 308 1.99 49.98 17.11
CA THR E 308 2.32 48.70 17.70
C THR E 308 1.02 47.88 17.63
N PHE E 309 0.97 46.98 16.65
CA PHE E 309 -0.20 46.13 16.44
C PHE E 309 -0.05 44.86 17.26
N VAL E 310 -1.01 44.57 18.12
CA VAL E 310 -0.89 43.43 19.04
C VAL E 310 -2.10 42.50 18.93
N GLN E 311 -1.83 41.21 18.73
CA GLN E 311 -2.91 40.25 18.49
CA GLN E 311 -2.91 40.24 18.48
C GLN E 311 -3.77 40.16 19.75
N GLU E 312 -5.09 40.05 19.55
CA GLU E 312 -6.05 40.21 20.66
C GLU E 312 -5.87 39.23 21.82
N ASP E 313 -5.39 38.04 21.55
CA ASP E 313 -5.26 37.05 22.63
C ASP E 313 -4.15 37.40 23.60
N ILE E 314 -3.18 38.22 23.18
CA ILE E 314 -2.05 38.66 24.05
C ILE E 314 -2.07 40.14 24.40
N TYR E 315 -3.09 40.87 23.94
CA TYR E 315 -3.15 42.32 24.07
C TYR E 315 -3.13 42.77 25.53
N ASP E 316 -3.94 42.15 26.39
CA ASP E 316 -4.03 42.70 27.76
C ASP E 316 -2.71 42.57 28.48
N GLU E 317 -2.08 41.44 28.32
CA GLU E 317 -0.79 41.20 28.99
C GLU E 317 0.28 42.10 28.41
N PHE E 318 0.33 42.19 27.07
CA PHE E 318 1.34 43.03 26.45
C PHE E 318 1.20 44.47 26.87
N VAL E 319 -0.03 44.98 26.93
CA VAL E 319 -0.28 46.38 27.32
C VAL E 319 0.15 46.59 28.79
N GLU E 320 -0.20 45.66 29.68
CA GLU E 320 0.17 45.83 31.11
C GLU E 320 1.68 45.90 31.22
N ARG E 321 2.35 45.00 30.53
CA ARG E 321 3.81 44.99 30.62
CA ARG E 321 3.82 44.97 30.59
C ARG E 321 4.44 46.20 29.93
N SER E 322 3.83 46.68 28.85
CA SER E 322 4.35 47.86 28.17
C SER E 322 4.21 49.15 28.97
N VAL E 323 3.08 49.28 29.68
CA VAL E 323 2.85 50.45 30.53
C VAL E 323 3.85 50.40 31.70
N ALA E 324 4.05 49.24 32.30
CA ALA E 324 5.05 49.13 33.39
C ALA E 324 6.42 49.61 32.90
N ARG E 325 6.79 49.17 31.69
CA ARG E 325 8.12 49.51 31.14
C ARG E 325 8.22 50.98 30.81
N ALA E 326 7.17 51.59 30.29
CA ALA E 326 7.19 53.02 30.06
C ALA E 326 7.28 53.81 31.36
N LYS E 327 6.54 53.38 32.39
CA LYS E 327 6.64 54.07 33.67
C LYS E 327 8.00 53.93 34.34
N SER E 328 8.75 52.88 34.04
CA SER E 328 10.07 52.67 34.64
C SER E 328 11.17 53.43 33.89
N ARG E 329 10.91 53.88 32.67
CA ARG E 329 11.94 54.49 31.84
C ARG E 329 12.40 55.80 32.44
N VAL E 330 13.70 55.92 32.67
CA VAL E 330 14.26 57.06 33.40
C VAL E 330 14.51 58.24 32.49
N VAL E 331 13.85 59.35 32.79
CA VAL E 331 13.97 60.59 32.02
C VAL E 331 14.78 61.56 32.88
N GLY E 332 15.79 62.20 32.32
CA GLY E 332 16.60 63.09 33.14
C GLY E 332 17.84 63.59 32.42
N ASN E 333 18.80 64.06 33.22
CA ASN E 333 20.01 64.67 32.69
C ASN E 333 20.72 63.66 31.82
N PRO E 334 20.96 63.99 30.53
CA PRO E 334 21.58 62.96 29.67
C PRO E 334 23.03 62.59 30.00
N PHE E 335 23.69 63.41 30.82
CA PHE E 335 25.01 63.04 31.32
C PHE E 335 24.99 62.14 32.56
N ASP E 336 23.84 61.88 33.16
CA ASP E 336 23.72 60.92 34.25
C ASP E 336 23.54 59.53 33.62
N SER E 337 24.40 58.57 33.97
CA SER E 337 24.36 57.30 33.31
C SER E 337 23.04 56.53 33.47
N LYS E 338 22.26 56.83 34.50
CA LYS E 338 20.98 56.14 34.68
C LYS E 338 19.94 56.63 33.71
N THR E 339 20.17 57.75 33.05
CA THR E 339 19.15 58.34 32.14
C THR E 339 18.98 57.53 30.89
N GLU E 340 17.76 57.09 30.64
CA GLU E 340 17.42 56.42 29.39
C GLU E 340 16.89 57.36 28.32
N GLN E 341 16.30 58.47 28.73
CA GLN E 341 15.62 59.42 27.87
C GLN E 341 16.04 60.83 28.25
N GLY E 342 16.62 61.55 27.28
CA GLY E 342 16.94 62.96 27.43
C GLY E 342 15.75 63.81 27.04
N PRO E 343 15.97 65.11 26.84
CA PRO E 343 14.94 66.01 26.39
C PRO E 343 14.70 65.85 24.89
N GLN E 344 13.60 66.39 24.40
CA GLN E 344 13.40 66.56 22.96
C GLN E 344 14.30 67.68 22.46
N VAL E 345 14.46 67.78 21.16
CA VAL E 345 15.57 68.59 20.63
C VAL E 345 15.44 70.09 20.83
N ASP E 346 14.21 70.60 20.85
CA ASP E 346 13.97 72.03 20.91
C ASP E 346 12.54 72.30 21.34
N GLU E 347 12.25 73.57 21.54
CA GLU E 347 10.94 73.95 22.05
C GLU E 347 9.82 73.71 21.09
N THR E 348 10.12 73.88 19.81
CA THR E 348 9.12 73.66 18.74
C THR E 348 8.68 72.19 18.76
N GLN E 349 9.63 71.27 18.84
CA GLN E 349 9.26 69.87 18.91
C GLN E 349 8.56 69.49 20.21
N PHE E 350 9.04 70.02 21.34
CA PHE E 350 8.39 69.84 22.65
C PHE E 350 6.89 70.18 22.56
N LYS E 351 6.58 71.38 22.05
CA LYS E 351 5.18 71.80 21.97
C LYS E 351 4.38 70.99 20.97
N LYS E 352 5.00 70.59 19.86
CA LYS E 352 4.32 69.76 18.87
C LYS E 352 3.93 68.39 19.43
N ILE E 353 4.83 67.78 20.19
CA ILE E 353 4.54 66.50 20.80
C ILE E 353 3.45 66.63 21.83
N LEU E 354 3.53 67.63 22.71
CA LEU E 354 2.44 67.84 23.67
C LEU E 354 1.08 68.06 22.96
N GLY E 355 1.11 68.75 21.83
CA GLY E 355 -0.07 68.92 20.98
C GLY E 355 -0.63 67.61 20.45
N TYR E 356 0.25 66.72 19.99
CA TYR E 356 -0.22 65.43 19.60
C TYR E 356 -0.81 64.62 20.74
N ILE E 357 -0.22 64.68 21.93
CA ILE E 357 -0.79 64.00 23.07
C ILE E 357 -2.21 64.50 23.33
N ASN E 358 -2.39 65.81 23.34
CA ASN E 358 -3.73 66.37 23.51
C ASN E 358 -4.69 65.91 22.43
N THR E 359 -4.23 65.87 21.17
CA THR E 359 -5.05 65.36 20.08
C THR E 359 -5.47 63.91 20.33
N GLY E 360 -4.53 63.09 20.82
CA GLY E 360 -4.84 61.67 21.04
C GLY E 360 -5.90 61.50 22.08
N LYS E 361 -5.79 62.28 23.14
CA LYS E 361 -6.81 62.24 24.19
C LYS E 361 -8.16 62.68 23.65
N GLN E 362 -8.16 63.78 22.91
CA GLN E 362 -9.41 64.34 22.38
C GLN E 362 -10.14 63.35 21.48
N GLU E 363 -9.38 62.59 20.68
CA GLU E 363 -10.01 61.71 19.69
CA GLU E 363 -9.99 61.70 19.69
C GLU E 363 -10.32 60.32 20.27
N GLY E 364 -10.10 60.14 21.56
CA GLY E 364 -10.62 58.99 22.26
C GLY E 364 -9.67 57.81 22.43
N ALA E 365 -8.38 58.01 22.15
CA ALA E 365 -7.40 56.98 22.46
C ALA E 365 -7.30 56.90 23.99
N LYS E 366 -6.99 55.74 24.51
CA LYS E 366 -6.96 55.58 25.97
C LYS E 366 -5.56 55.94 26.50
N LEU E 367 -5.46 57.05 27.23
CA LEU E 367 -4.17 57.45 27.81
C LEU E 367 -3.85 56.56 28.99
N LEU E 368 -2.83 55.70 28.87
CA LEU E 368 -2.55 54.70 29.88
C LEU E 368 -1.49 55.15 30.90
N CYS E 369 -0.56 56.00 30.48
CA CYS E 369 0.45 56.58 31.35
C CYS E 369 1.09 57.77 30.67
N GLY E 370 1.79 58.57 31.45
CA GLY E 370 2.45 59.74 30.90
C GLY E 370 1.50 60.85 30.50
N GLY E 371 1.86 61.56 29.44
CA GLY E 371 0.97 62.52 28.82
C GLY E 371 1.34 63.96 29.11
N GLY E 372 2.36 64.18 29.92
CA GLY E 372 2.70 65.54 30.27
C GLY E 372 4.19 65.82 30.33
N ILE E 373 4.53 66.96 30.91
CA ILE E 373 5.92 67.39 31.05
C ILE E 373 6.60 66.61 32.14
N ALA E 374 7.88 66.26 31.94
CA ALA E 374 8.60 65.41 32.87
C ALA E 374 9.57 66.24 33.74
N ALA E 375 9.66 67.53 33.49
CA ALA E 375 10.56 68.39 34.28
C ALA E 375 10.24 69.86 34.19
N ASP E 376 10.74 70.61 35.17
CA ASP E 376 10.58 72.07 35.24
C ASP E 376 11.40 72.85 34.20
N ARG E 377 12.50 72.25 33.78
CA ARG E 377 13.47 72.94 32.93
C ARG E 377 13.92 71.99 31.82
N GLY E 378 14.11 72.52 30.62
CA GLY E 378 14.46 71.69 29.46
C GLY E 378 13.24 71.00 28.88
N TYR E 379 13.44 70.32 27.77
CA TYR E 379 12.28 69.94 26.94
C TYR E 379 11.95 68.46 27.18
N PHE E 380 11.69 68.09 28.43
CA PHE E 380 11.49 66.72 28.81
C PHE E 380 9.99 66.34 28.83
N ILE E 381 9.65 65.24 28.19
CA ILE E 381 8.28 64.74 28.08
C ILE E 381 8.19 63.35 28.70
N GLN E 382 7.14 63.11 29.51
CA GLN E 382 6.95 61.77 30.08
C GLN E 382 6.75 60.69 29.01
N PRO E 383 7.36 59.50 29.16
CA PRO E 383 7.00 58.39 28.28
C PRO E 383 5.49 58.14 28.32
N THR E 384 4.85 58.16 27.14
CA THR E 384 3.41 58.20 27.04
C THR E 384 2.93 57.00 26.23
N VAL E 385 1.92 56.30 26.73
CA VAL E 385 1.35 55.14 26.03
C VAL E 385 -0.16 55.31 25.87
N PHE E 386 -0.63 55.17 24.62
CA PHE E 386 -2.05 55.15 24.29
C PHE E 386 -2.45 53.75 23.87
N GLY E 387 -3.55 53.27 24.44
CA GLY E 387 -4.11 52.01 24.06
C GLY E 387 -5.41 52.19 23.31
N ASP E 388 -5.88 51.08 22.77
CA ASP E 388 -7.13 51.04 22.00
C ASP E 388 -7.12 52.10 20.90
N VAL E 389 -5.95 52.27 20.28
CA VAL E 389 -5.84 53.20 19.18
C VAL E 389 -6.49 52.61 17.91
N GLN E 390 -7.11 53.49 17.12
CA GLN E 390 -7.83 53.10 15.92
C GLN E 390 -7.18 53.77 14.73
N ASP E 391 -7.32 53.12 13.56
CA ASP E 391 -6.52 53.52 12.38
C ASP E 391 -6.79 54.92 11.88
N GLY E 392 -8.02 55.41 12.05
CA GLY E 392 -8.33 56.76 11.59
C GLY E 392 -7.95 57.90 12.51
N MET E 393 -7.42 57.58 13.69
CA MET E 393 -6.98 58.64 14.62
C MET E 393 -5.75 59.37 14.11
N THR E 394 -5.70 60.66 14.36
CA THR E 394 -4.51 61.44 14.02
C THR E 394 -3.24 60.82 14.55
N ILE E 395 -3.24 60.36 15.80
CA ILE E 395 -2.03 59.75 16.41
C ILE E 395 -1.67 58.40 15.78
N ALA E 396 -2.57 57.79 15.02
CA ALA E 396 -2.28 56.57 14.28
C ALA E 396 -1.81 56.86 12.85
N LYS E 397 -1.88 58.11 12.44
CA LYS E 397 -1.57 58.49 11.04
C LYS E 397 -0.33 59.36 10.91
N GLU E 398 -0.23 60.38 11.75
CA GLU E 398 0.84 61.40 11.61
C GLU E 398 2.06 61.07 12.47
N GLU E 399 3.25 61.35 11.94
CA GLU E 399 4.47 61.09 12.65
C GLU E 399 4.60 62.08 13.79
N ILE E 400 4.71 61.55 15.01
CA ILE E 400 4.75 62.37 16.23
C ILE E 400 6.21 62.73 16.56
N PHE E 401 7.14 61.79 16.38
CA PHE E 401 8.58 62.06 16.61
C PHE E 401 8.90 62.38 18.07
N GLY E 402 8.20 61.69 18.96
CA GLY E 402 8.38 61.88 20.39
C GLY E 402 8.04 60.61 21.12
N PRO E 403 8.13 60.60 22.44
CA PRO E 403 7.96 59.41 23.26
C PRO E 403 6.49 59.12 23.51
N VAL E 404 5.79 58.80 22.43
CA VAL E 404 4.33 58.59 22.47
C VAL E 404 4.06 57.32 21.67
N MET E 405 3.63 56.28 22.39
CA MET E 405 3.41 54.94 21.84
C MET E 405 1.92 54.69 21.59
N GLN E 406 1.62 54.10 20.44
CA GLN E 406 0.25 53.77 20.04
C GLN E 406 0.16 52.24 20.01
N ILE E 407 -0.82 51.68 20.73
CA ILE E 407 -1.05 50.23 20.72
C ILE E 407 -2.44 49.99 20.12
N LEU E 408 -2.44 49.20 19.07
CA LEU E 408 -3.66 48.82 18.31
C LEU E 408 -3.87 47.33 18.38
N LYS E 409 -5.11 46.91 18.53
CA LYS E 409 -5.48 45.51 18.64
C LYS E 409 -5.90 44.98 17.26
N PHE E 410 -5.54 43.73 17.01
CA PHE E 410 -6.00 43.05 15.79
C PHE E 410 -6.30 41.59 16.06
N LYS E 411 -7.08 40.98 15.16
CA LYS E 411 -7.39 39.56 15.22
C LYS E 411 -6.58 38.67 14.28
N THR E 412 -6.59 38.99 12.99
CA THR E 412 -6.03 38.05 12.04
C THR E 412 -4.81 38.59 11.27
N ILE E 413 -4.06 37.64 10.70
CA ILE E 413 -2.88 37.97 9.90
C ILE E 413 -3.23 38.77 8.65
N GLU E 414 -4.34 38.43 8.00
CA GLU E 414 -4.75 39.20 6.82
C GLU E 414 -5.17 40.62 7.21
N GLU E 415 -5.88 40.77 8.32
CA GLU E 415 -6.25 42.08 8.80
C GLU E 415 -4.99 42.94 9.05
N VAL E 416 -4.01 42.38 9.75
CA VAL E 416 -2.87 43.21 10.19
C VAL E 416 -2.01 43.64 9.00
N VAL E 417 -1.89 42.77 8.01
CA VAL E 417 -1.15 43.12 6.78
C VAL E 417 -1.82 44.32 6.13
N GLY E 418 -3.13 44.27 5.97
CA GLY E 418 -3.85 45.32 5.30
C GLY E 418 -3.85 46.63 6.06
N ARG E 419 -3.96 46.53 7.37
CA ARG E 419 -3.92 47.73 8.16
C ARG E 419 -2.50 48.35 8.23
N ALA E 420 -1.50 47.49 8.38
CA ALA E 420 -0.11 47.97 8.34
C ALA E 420 0.17 48.69 7.02
N ASN E 421 -0.32 48.14 5.93
CA ASN E 421 0.00 48.70 4.61
C ASN E 421 -0.89 49.87 4.21
N ASN E 422 -2.00 50.08 4.92
CA ASN E 422 -2.87 51.20 4.58
C ASN E 422 -2.32 52.49 5.17
N SER E 423 -1.30 53.00 4.49
CA SER E 423 -0.50 54.13 4.94
C SER E 423 0.17 54.69 3.69
N THR E 424 0.35 56.01 3.66
CA THR E 424 1.17 56.57 2.61
C THR E 424 2.62 56.57 2.97
N TYR E 425 2.96 56.08 4.16
CA TYR E 425 4.35 55.90 4.57
C TYR E 425 4.74 54.44 4.34
N GLY E 426 6.04 54.14 4.33
CA GLY E 426 6.51 52.78 4.07
C GLY E 426 8.00 52.67 4.37
N LEU E 427 8.47 53.25 5.49
CA LEU E 427 9.90 53.25 5.75
C LEU E 427 10.37 51.92 6.30
N ALA E 428 9.65 51.41 7.31
CA ALA E 428 10.07 50.19 7.96
C ALA E 428 8.83 49.52 8.53
N ALA E 429 9.04 48.29 8.99
CA ALA E 429 8.01 47.49 9.66
C ALA E 429 8.72 46.38 10.42
N ALA E 430 8.01 45.71 11.32
CA ALA E 430 8.60 44.56 12.00
C ALA E 430 7.51 43.56 12.35
N VAL E 431 7.96 42.33 12.50
CA VAL E 431 7.09 41.19 12.83
C VAL E 431 7.74 40.41 13.92
N PHE E 432 6.97 40.11 14.97
CA PHE E 432 7.44 39.26 16.05
C PHE E 432 6.57 38.00 16.07
N THR E 433 7.20 36.85 15.84
CA THR E 433 6.55 35.56 15.70
C THR E 433 7.61 34.47 15.79
N LYS E 434 7.20 33.28 16.24
CA LYS E 434 8.09 32.13 16.16
C LYS E 434 7.92 31.29 14.92
N ASP E 435 6.88 31.56 14.13
CA ASP E 435 6.51 30.68 13.03
C ASP E 435 7.18 31.08 11.71
N LEU E 436 7.82 30.11 11.07
CA LEU E 436 8.51 30.31 9.81
C LEU E 436 7.57 30.89 8.76
N ASP E 437 6.42 30.25 8.56
CA ASP E 437 5.54 30.71 7.49
C ASP E 437 4.92 32.09 7.73
N LYS E 438 4.55 32.40 8.98
CA LYS E 438 4.02 33.73 9.27
C LYS E 438 5.11 34.79 9.00
N ALA E 439 6.35 34.52 9.38
CA ALA E 439 7.44 35.47 9.13
C ALA E 439 7.64 35.71 7.65
N ASN E 440 7.67 34.63 6.88
CA ASN E 440 7.88 34.80 5.43
C ASN E 440 6.66 35.44 4.74
N TYR E 441 5.46 35.05 5.15
CA TYR E 441 4.25 35.68 4.57
C TYR E 441 4.28 37.19 4.82
N LEU E 442 4.54 37.60 6.06
CA LEU E 442 4.49 39.01 6.41
C LEU E 442 5.66 39.80 5.80
N SER E 443 6.88 39.25 5.82
CA SER E 443 7.99 40.02 5.27
C SER E 443 7.81 40.26 3.77
N GLN E 444 7.22 39.29 3.05
CA GLN E 444 6.92 39.51 1.64
C GLN E 444 5.83 40.55 1.47
N ALA E 445 4.78 40.46 2.28
CA ALA E 445 3.57 41.25 2.02
C ALA E 445 3.64 42.71 2.50
N LEU E 446 4.46 43.01 3.49
CA LEU E 446 4.54 44.36 4.01
C LEU E 446 5.21 45.30 3.03
N GLN E 447 4.61 46.45 2.79
CA GLN E 447 5.14 47.42 1.83
C GLN E 447 6.03 48.41 2.59
N ALA E 448 7.25 47.99 2.89
CA ALA E 448 8.19 48.79 3.67
C ALA E 448 9.60 48.51 3.21
N GLY E 449 10.45 49.51 3.32
CA GLY E 449 11.82 49.38 2.86
C GLY E 449 12.70 48.45 3.66
N THR E 450 12.44 48.36 4.97
CA THR E 450 13.09 47.37 5.83
C THR E 450 12.01 46.66 6.59
N VAL E 451 12.08 45.33 6.65
CA VAL E 451 11.22 44.54 7.56
C VAL E 451 12.11 43.82 8.52
N TRP E 452 11.97 44.10 9.83
CA TRP E 452 12.70 43.40 10.86
C TRP E 452 11.86 42.23 11.36
N VAL E 453 12.47 41.08 11.59
CA VAL E 453 11.77 39.92 12.15
C VAL E 453 12.41 39.59 13.49
N ASN E 454 11.59 39.70 14.55
CA ASN E 454 12.00 39.48 15.94
C ASN E 454 13.13 40.42 16.42
N CYS E 455 13.17 41.60 15.82
CA CYS E 455 14.10 42.63 16.25
C CYS E 455 13.56 43.95 15.74
N TYR E 456 14.30 45.04 15.99
CA TYR E 456 13.90 46.36 15.51
C TYR E 456 15.11 47.29 15.52
N ASP E 457 15.14 48.26 14.61
CA ASP E 457 16.22 49.26 14.59
C ASP E 457 17.57 48.56 14.53
N VAL E 458 17.64 47.51 13.71
CA VAL E 458 18.92 46.83 13.49
C VAL E 458 19.46 47.41 12.21
N PHE E 459 20.40 48.32 12.36
CA PHE E 459 21.02 48.96 11.24
C PHE E 459 22.38 48.36 11.07
N GLY E 460 22.75 48.15 9.83
CA GLY E 460 24.08 47.65 9.55
C GLY E 460 24.55 48.43 8.36
N ALA E 461 25.82 48.85 8.39
CA ALA E 461 26.33 49.58 7.26
C ALA E 461 26.22 48.79 5.94
N GLN E 462 26.16 47.46 6.08
CA GLN E 462 26.08 46.52 4.95
C GLN E 462 24.70 46.43 4.29
N SER E 463 23.63 46.75 5.04
CA SER E 463 22.27 46.56 4.53
C SER E 463 21.59 47.88 4.22
N PRO E 464 20.94 47.98 3.06
CA PRO E 464 20.35 49.26 2.68
C PRO E 464 19.12 49.63 3.50
N PHE E 465 18.83 50.92 3.45
CA PHE E 465 17.71 51.46 4.18
C PHE E 465 17.10 52.58 3.40
N GLY E 466 15.77 52.62 3.35
CA GLY E 466 15.06 53.74 2.73
C GLY E 466 13.60 53.42 2.50
N GLY E 467 12.85 54.38 1.96
CA GLY E 467 11.41 54.27 1.98
C GLY E 467 10.75 53.72 0.74
N TYR E 468 9.61 53.06 0.96
CA TYR E 468 8.56 52.92 -0.03
C TYR E 468 7.63 54.11 0.07
N LYS E 469 6.82 54.31 -0.96
CA LYS E 469 5.74 55.29 -0.90
C LYS E 469 6.31 56.67 -0.56
N MET E 470 5.65 57.41 0.32
CA MET E 470 6.09 58.77 0.56
CA MET E 470 6.05 58.77 0.62
C MET E 470 7.09 58.85 1.72
N SER E 471 7.67 57.71 2.08
CA SER E 471 8.84 57.70 2.98
C SER E 471 10.17 57.98 2.31
N GLY E 472 10.17 58.14 0.99
CA GLY E 472 11.40 58.49 0.30
C GLY E 472 11.60 57.70 -0.96
N SER E 473 12.78 57.89 -1.53
CA SER E 473 13.16 57.17 -2.73
C SER E 473 14.66 57.07 -2.70
N GLY E 474 15.14 55.97 -3.26
CA GLY E 474 16.55 55.61 -3.14
C GLY E 474 16.86 54.89 -1.84
N ARG E 475 18.08 54.39 -1.74
CA ARG E 475 18.53 53.68 -0.56
C ARG E 475 19.87 54.22 -0.11
N GLU E 476 20.07 54.27 1.19
CA GLU E 476 21.35 54.54 1.84
C GLU E 476 21.86 53.26 2.48
N LEU E 477 23.17 53.24 2.71
CA LEU E 477 23.88 52.08 3.26
C LEU E 477 23.99 50.94 2.24
N GLY E 478 24.91 50.04 2.53
CA GLY E 478 25.14 48.94 1.61
C GLY E 478 25.77 49.36 0.30
N GLU E 479 25.91 48.37 -0.57
CA GLU E 479 26.30 48.65 -1.96
C GLU E 479 25.33 49.61 -2.65
N TYR E 480 24.05 49.47 -2.30
CA TYR E 480 23.00 50.30 -2.91
C TYR E 480 23.21 51.78 -2.68
N GLY E 481 23.80 52.12 -1.53
CA GLY E 481 24.11 53.52 -1.22
C GLY E 481 25.05 54.20 -2.18
N LEU E 482 25.76 53.42 -3.00
CA LEU E 482 26.64 54.01 -4.01
C LEU E 482 25.95 54.41 -5.30
N GLN E 483 24.77 53.86 -5.55
N GLN E 483 24.77 53.86 -5.55
CA GLN E 483 24.13 54.01 -6.86
CA GLN E 483 24.16 54.01 -6.86
C GLN E 483 23.82 55.46 -7.21
C GLN E 483 23.88 55.48 -7.19
N ALA E 484 23.31 56.19 -6.23
CA ALA E 484 22.90 57.59 -6.43
C ALA E 484 24.08 58.52 -6.53
N TYR E 485 25.29 58.03 -6.22
CA TYR E 485 26.53 58.84 -6.26
C TYR E 485 27.40 58.52 -7.47
N THR E 486 26.83 57.75 -8.41
CA THR E 486 27.52 57.31 -9.61
C THR E 486 26.77 57.78 -10.85
N GLU E 487 27.52 58.28 -11.82
CA GLU E 487 27.03 58.62 -13.15
C GLU E 487 27.68 57.59 -14.09
N VAL E 488 26.87 56.88 -14.87
CA VAL E 488 27.35 55.79 -15.70
C VAL E 488 27.62 56.31 -17.10
N LYS E 489 28.81 56.01 -17.64
CA LYS E 489 29.17 56.38 -18.99
C LYS E 489 29.44 55.10 -19.73
N THR E 490 28.78 54.95 -20.88
CA THR E 490 29.08 53.89 -21.84
C THR E 490 30.12 54.38 -22.85
N VAL E 491 31.16 53.58 -23.05
CA VAL E 491 32.11 53.84 -24.13
C VAL E 491 32.02 52.64 -25.08
N THR E 492 31.75 52.92 -26.35
CA THR E 492 31.55 51.89 -27.36
C THR E 492 32.51 52.17 -28.50
N VAL E 493 33.45 51.23 -28.72
CA VAL E 493 34.61 51.45 -29.60
C VAL E 493 34.57 50.45 -30.75
N LYS E 494 34.68 50.96 -31.97
CA LYS E 494 34.78 50.10 -33.14
C LYS E 494 36.08 49.29 -33.06
N VAL E 495 36.01 47.98 -33.30
CA VAL E 495 37.22 47.13 -33.33
C VAL E 495 37.30 46.40 -34.64
N PRO E 496 38.51 45.95 -35.02
CA PRO E 496 38.58 45.24 -36.32
C PRO E 496 37.69 44.01 -36.48
N GLN E 497 37.67 43.15 -35.48
CA GLN E 497 36.87 41.94 -35.52
C GLN E 497 36.61 41.46 -34.10
N LYS E 498 35.36 41.58 -33.63
CA LYS E 498 34.98 41.08 -32.33
C LYS E 498 34.94 39.55 -32.28
N ASN E 499 35.49 39.01 -31.19
CA ASN E 499 35.43 37.59 -30.89
C ASN E 499 35.04 37.42 -29.44
N SER E 500 34.40 36.29 -29.15
CA SER E 500 34.09 35.94 -27.77
C SER E 500 35.34 35.83 -26.90
N ALA F 7 17.72 41.42 -47.49
CA ALA F 7 16.45 41.42 -48.27
C ALA F 7 15.33 42.13 -47.49
N VAL F 8 14.52 42.90 -48.21
CA VAL F 8 13.40 43.63 -47.59
C VAL F 8 12.12 43.29 -48.35
N PRO F 9 11.15 42.70 -47.66
CA PRO F 9 9.89 42.42 -48.33
C PRO F 9 9.20 43.66 -48.87
N ALA F 10 8.52 43.55 -50.00
CA ALA F 10 7.80 44.70 -50.56
C ALA F 10 6.73 45.18 -49.59
N PRO F 11 6.66 46.52 -49.38
CA PRO F 11 5.71 47.03 -48.40
C PRO F 11 4.28 47.14 -48.91
N ASN F 12 3.34 47.10 -47.96
CA ASN F 12 2.00 47.59 -48.23
C ASN F 12 2.02 49.07 -47.97
N GLN F 13 1.89 49.86 -49.04
CA GLN F 13 2.05 51.30 -48.94
C GLN F 13 0.84 51.99 -48.35
N GLN F 14 -0.25 51.25 -48.16
CA GLN F 14 -1.46 51.78 -47.53
C GLN F 14 -1.96 50.75 -46.52
N PRO F 15 -1.20 50.51 -45.44
CA PRO F 15 -1.58 49.48 -44.48
C PRO F 15 -2.88 49.83 -43.80
N GLU F 16 -3.71 48.81 -43.57
CA GLU F 16 -4.96 49.00 -42.84
C GLU F 16 -4.67 49.24 -41.37
N VAL F 17 -5.48 50.09 -40.76
CA VAL F 17 -5.41 50.35 -39.34
C VAL F 17 -6.47 49.51 -38.65
N PHE F 18 -6.05 48.70 -37.69
CA PHE F 18 -6.95 47.82 -36.94
C PHE F 18 -7.21 48.29 -35.53
N CYS F 19 -6.33 49.12 -35.00
CA CYS F 19 -6.39 49.50 -33.57
C CYS F 19 -6.23 51.00 -33.43
N ASN F 20 -7.24 51.64 -32.85
CA ASN F 20 -7.26 53.12 -32.79
C ASN F 20 -7.99 53.64 -31.57
N GLN F 21 -8.00 52.83 -30.51
CA GLN F 21 -8.72 53.15 -29.29
C GLN F 21 -7.80 53.11 -28.09
N ILE F 22 -8.36 53.31 -26.89
CA ILE F 22 -7.61 53.17 -25.62
C ILE F 22 -7.59 51.70 -25.19
N PHE F 23 -6.43 51.21 -24.73
CA PHE F 23 -6.24 49.81 -24.37
C PHE F 23 -6.14 49.69 -22.85
N ILE F 24 -7.17 49.09 -22.24
CA ILE F 24 -7.19 48.91 -20.78
C ILE F 24 -7.74 47.52 -20.52
N ASN F 25 -7.10 46.76 -19.62
CA ASN F 25 -7.55 45.39 -19.34
C ASN F 25 -7.76 44.53 -20.58
N ASN F 26 -6.83 44.68 -21.52
CA ASN F 26 -6.79 43.86 -22.73
C ASN F 26 -8.03 44.07 -23.61
N GLU F 27 -8.66 45.22 -23.43
CA GLU F 27 -9.83 45.55 -24.22
C GLU F 27 -9.68 46.95 -24.78
N TRP F 28 -10.43 47.20 -25.84
CA TRP F 28 -10.43 48.47 -26.55
C TRP F 28 -11.62 49.32 -26.14
N HIS F 29 -11.32 50.57 -25.79
CA HIS F 29 -12.33 51.50 -25.25
C HIS F 29 -12.26 52.80 -26.01
N ASP F 30 -13.43 53.41 -26.27
CA ASP F 30 -13.45 54.83 -26.57
C ASP F 30 -13.06 55.66 -25.36
N ALA F 31 -12.62 56.91 -25.60
CA ALA F 31 -12.48 57.86 -24.50
C ALA F 31 -13.82 58.08 -23.84
N VAL F 32 -13.83 58.38 -22.54
CA VAL F 32 -15.09 58.62 -21.83
C VAL F 32 -15.84 59.78 -22.52
N SER F 33 -15.09 60.78 -23.01
CA SER F 33 -15.67 61.94 -23.68
C SER F 33 -16.15 61.62 -25.07
N ARG F 34 -15.79 60.44 -25.59
CA ARG F 34 -15.98 60.05 -27.00
C ARG F 34 -15.15 60.83 -28.01
N LYS F 35 -14.25 61.68 -27.53
CA LYS F 35 -13.39 62.48 -28.44
C LYS F 35 -12.36 61.63 -29.16
N THR F 36 -12.07 62.03 -30.39
CA THR F 36 -10.98 61.43 -31.18
C THR F 36 -10.16 62.57 -31.78
N PHE F 37 -8.95 62.24 -32.21
CA PHE F 37 -8.05 63.18 -32.86
C PHE F 37 -7.51 62.53 -34.14
N PRO F 38 -7.28 63.32 -35.19
CA PRO F 38 -6.68 62.78 -36.40
C PRO F 38 -5.18 62.57 -36.26
N THR F 39 -4.65 61.49 -36.82
CA THR F 39 -3.23 61.38 -37.03
C THR F 39 -2.95 61.48 -38.53
N VAL F 40 -1.88 62.19 -38.83
CA VAL F 40 -1.54 62.64 -40.20
C VAL F 40 -0.34 61.85 -40.68
N ASN F 41 -0.37 61.52 -42.00
CA ASN F 41 0.75 60.93 -42.74
C ASN F 41 1.66 62.08 -43.14
N PRO F 42 2.87 62.18 -42.58
CA PRO F 42 3.70 63.35 -42.86
C PRO F 42 4.26 63.43 -44.27
N SER F 43 4.18 62.34 -45.03
CA SER F 43 4.63 62.34 -46.41
C SER F 43 3.62 63.01 -47.34
N THR F 44 2.35 63.02 -46.93
CA THR F 44 1.30 63.56 -47.78
C THR F 44 0.55 64.72 -47.15
N GLY F 45 0.64 64.90 -45.85
CA GLY F 45 -0.18 65.89 -45.16
C GLY F 45 -1.62 65.48 -44.97
N GLU F 46 -1.97 64.24 -45.35
CA GLU F 46 -3.35 63.74 -45.27
C GLU F 46 -3.63 62.97 -43.99
N VAL F 47 -4.88 63.03 -43.54
CA VAL F 47 -5.27 62.26 -42.37
C VAL F 47 -5.32 60.76 -42.64
N ILE F 48 -4.67 59.96 -41.80
CA ILE F 48 -4.75 58.49 -41.87
C ILE F 48 -6.06 57.98 -41.27
N CYS F 49 -6.35 58.39 -40.04
CA CYS F 49 -7.53 57.97 -39.33
C CYS F 49 -7.66 58.80 -38.07
N GLN F 50 -8.76 58.57 -37.34
CA GLN F 50 -8.90 59.18 -36.02
C GLN F 50 -8.57 58.17 -34.92
N VAL F 51 -8.18 58.69 -33.76
CA VAL F 51 -7.72 57.86 -32.66
C VAL F 51 -8.39 58.37 -31.40
N ALA F 52 -8.77 57.47 -30.49
CA ALA F 52 -9.37 57.88 -29.22
C ALA F 52 -8.50 58.87 -28.46
N GLU F 53 -9.12 59.98 -27.98
CA GLU F 53 -8.38 61.04 -27.33
C GLU F 53 -8.49 60.91 -25.82
N GLY F 54 -7.58 60.16 -25.22
CA GLY F 54 -7.61 59.94 -23.77
C GLY F 54 -7.27 61.18 -22.97
N ASP F 55 -7.92 61.30 -21.81
CA ASP F 55 -7.68 62.42 -20.90
C ASP F 55 -7.58 61.84 -19.49
N LYS F 56 -7.68 62.71 -18.48
CA LYS F 56 -7.53 62.32 -17.08
C LYS F 56 -8.45 61.16 -16.66
N GLU F 57 -9.70 61.18 -17.09
CA GLU F 57 -10.63 60.13 -16.69
C GLU F 57 -10.21 58.76 -17.27
N ASP F 58 -9.65 58.77 -18.48
CA ASP F 58 -9.19 57.52 -19.11
C ASP F 58 -7.91 57.03 -18.45
N VAL F 59 -7.02 57.96 -18.11
CA VAL F 59 -5.84 57.61 -17.31
C VAL F 59 -6.26 56.99 -15.97
N ASP F 60 -7.26 57.58 -15.32
CA ASP F 60 -7.69 57.05 -14.03
C ASP F 60 -8.16 55.60 -14.14
N LYS F 61 -8.93 55.29 -15.19
CA LYS F 61 -9.36 53.92 -15.46
C LYS F 61 -8.16 52.99 -15.66
N ALA F 62 -7.16 53.47 -16.41
CA ALA F 62 -5.99 52.68 -16.71
C ALA F 62 -5.18 52.41 -15.44
N VAL F 63 -5.00 53.44 -14.58
CA VAL F 63 -4.26 53.26 -13.35
C VAL F 63 -4.94 52.25 -12.43
N LYS F 64 -6.28 52.33 -12.35
CA LYS F 64 -6.99 51.41 -11.48
C LYS F 64 -6.83 49.96 -11.98
N ALA F 65 -6.89 49.79 -13.30
CA ALA F 65 -6.66 48.47 -13.89
C ALA F 65 -5.26 47.94 -13.60
N ALA F 66 -4.26 48.81 -13.73
CA ALA F 66 -2.88 48.42 -13.46
C ALA F 66 -2.73 48.04 -11.98
N ARG F 67 -3.29 48.88 -11.12
CA ARG F 67 -3.18 48.59 -9.68
C ARG F 67 -3.82 47.24 -9.35
N ALA F 68 -4.98 46.95 -9.94
CA ALA F 68 -5.66 45.66 -9.69
C ALA F 68 -4.77 44.50 -10.16
N ALA F 69 -4.12 44.66 -11.32
CA ALA F 69 -3.25 43.60 -11.83
C ALA F 69 -2.00 43.39 -11.00
N PHE F 70 -1.64 44.41 -10.21
CA PHE F 70 -0.51 44.38 -9.32
C PHE F 70 -0.81 43.89 -7.89
N GLN F 71 -2.07 43.60 -7.57
CA GLN F 71 -2.37 43.14 -6.19
C GLN F 71 -1.67 41.84 -5.84
N LEU F 72 -1.21 41.77 -4.60
CA LEU F 72 -0.60 40.54 -4.10
C LEU F 72 -1.58 39.40 -4.37
N GLY F 73 -1.07 38.28 -4.86
CA GLY F 73 -1.90 37.12 -5.19
C GLY F 73 -2.48 37.13 -6.61
N SER F 74 -2.27 38.20 -7.37
CA SER F 74 -2.78 38.26 -8.73
C SER F 74 -2.01 37.34 -9.65
N PRO F 75 -2.56 37.03 -10.82
CA PRO F 75 -1.81 36.19 -11.73
C PRO F 75 -0.46 36.78 -12.11
N TRP F 76 -0.41 38.09 -12.34
CA TRP F 76 0.89 38.69 -12.69
C TRP F 76 1.89 38.69 -11.53
N ARG F 77 1.42 38.85 -10.28
CA ARG F 77 2.35 38.85 -9.16
C ARG F 77 2.82 37.46 -8.79
N ARG F 78 1.96 36.47 -9.00
CA ARG F 78 2.31 35.08 -8.69
C ARG F 78 3.14 34.37 -9.76
N MET F 79 3.06 34.89 -10.99
CA MET F 79 3.73 34.26 -12.12
C MET F 79 5.21 34.07 -11.84
N ASP F 80 5.76 32.93 -12.24
CA ASP F 80 7.20 32.73 -12.12
C ASP F 80 7.92 33.78 -12.95
N ALA F 81 9.03 34.28 -12.43
CA ALA F 81 9.83 35.26 -13.15
C ALA F 81 10.22 34.69 -14.52
N SER F 82 10.58 33.42 -14.58
CA SER F 82 10.94 32.83 -15.86
C SER F 82 9.78 32.89 -16.85
N HIS F 83 8.54 32.81 -16.34
CA HIS F 83 7.39 32.86 -17.23
C HIS F 83 7.15 34.28 -17.78
N ARG F 84 7.45 35.31 -16.99
CA ARG F 84 7.45 36.66 -17.56
C ARG F 84 8.42 36.74 -18.77
N GLY F 85 9.57 36.07 -18.67
CA GLY F 85 10.51 35.94 -19.80
C GLY F 85 9.87 35.23 -20.97
N ARG F 86 9.17 34.13 -20.71
CA ARG F 86 8.49 33.43 -21.80
C ARG F 86 7.49 34.36 -22.50
N LEU F 87 6.75 35.17 -21.74
CA LEU F 87 5.75 36.03 -22.39
C LEU F 87 6.41 37.13 -23.23
N LEU F 88 7.51 37.72 -22.74
CA LEU F 88 8.23 38.70 -23.52
C LEU F 88 8.78 38.08 -24.81
N ASN F 89 9.27 36.84 -24.74
CA ASN F 89 9.71 36.15 -25.96
C ASN F 89 8.55 35.85 -26.90
N ARG F 90 7.37 35.55 -26.36
CA ARG F 90 6.21 35.32 -27.23
C ARG F 90 5.80 36.63 -27.92
N LEU F 91 5.82 37.75 -27.21
CA LEU F 91 5.49 39.03 -27.79
C LEU F 91 6.47 39.34 -28.92
N ALA F 92 7.76 39.12 -28.69
CA ALA F 92 8.73 39.33 -29.78
C ALA F 92 8.43 38.45 -30.99
N ASP F 93 8.09 37.19 -30.78
CA ASP F 93 7.74 36.31 -31.90
C ASP F 93 6.54 36.81 -32.69
N LEU F 94 5.54 37.37 -32.01
CA LEU F 94 4.39 37.93 -32.70
C LEU F 94 4.73 39.20 -33.45
N ILE F 95 5.50 40.09 -32.87
CA ILE F 95 5.99 41.24 -33.62
C ILE F 95 6.77 40.80 -34.84
N GLU F 96 7.60 39.75 -34.70
CA GLU F 96 8.34 39.22 -35.86
C GLU F 96 7.37 38.69 -36.95
N ARG F 97 6.33 37.99 -36.55
CA ARG F 97 5.34 37.50 -37.51
C ARG F 97 4.78 38.68 -38.31
N ASP F 98 4.51 39.77 -37.60
CA ASP F 98 3.85 40.94 -38.19
C ASP F 98 4.85 42.03 -38.58
N ARG F 99 6.10 41.68 -38.78
CA ARG F 99 7.16 42.68 -39.01
C ARG F 99 6.95 43.53 -40.27
N THR F 100 6.53 42.92 -41.37
CA THR F 100 6.45 43.67 -42.63
C THR F 100 5.30 44.69 -42.50
N TYR F 101 4.14 44.26 -41.95
CA TYR F 101 3.03 45.16 -41.68
C TYR F 101 3.44 46.31 -40.73
N LEU F 102 4.07 45.95 -39.61
CA LEU F 102 4.41 47.00 -38.62
C LEU F 102 5.43 48.01 -39.18
N ALA F 103 6.39 47.53 -39.98
CA ALA F 103 7.37 48.44 -40.57
C ALA F 103 6.70 49.44 -41.49
N ALA F 104 5.72 48.97 -42.26
CA ALA F 104 4.97 49.88 -43.15
C ALA F 104 4.08 50.83 -42.37
N LEU F 105 3.39 50.35 -41.33
CA LEU F 105 2.56 51.25 -40.52
C LEU F 105 3.45 52.32 -39.86
N GLU F 106 4.63 51.92 -39.38
CA GLU F 106 5.57 52.87 -38.76
C GLU F 106 5.94 53.96 -39.75
N THR F 107 6.31 53.59 -40.98
CA THR F 107 6.63 54.57 -42.01
C THR F 107 5.42 55.46 -42.34
N LEU F 108 4.22 54.87 -42.42
CA LEU F 108 3.02 55.68 -42.81
C LEU F 108 2.78 56.78 -41.77
N ASP F 109 2.87 56.46 -40.49
CA ASP F 109 2.51 57.42 -39.43
C ASP F 109 3.68 58.34 -39.04
N ASN F 110 4.92 57.87 -39.19
CA ASN F 110 6.10 58.65 -38.74
C ASN F 110 6.89 59.31 -39.84
N GLY F 111 6.93 58.68 -41.02
CA GLY F 111 7.68 59.24 -42.14
C GLY F 111 9.03 58.63 -42.47
N LYS F 112 9.62 57.85 -41.56
CA LYS F 112 10.95 57.31 -41.83
C LYS F 112 10.91 56.31 -43.00
N PRO F 113 12.04 56.16 -43.70
CA PRO F 113 12.05 55.18 -44.79
C PRO F 113 11.66 53.78 -44.39
N TYR F 114 10.83 53.14 -45.21
CA TYR F 114 10.38 51.78 -44.94
C TYR F 114 11.55 50.78 -44.78
N VAL F 115 12.59 50.90 -45.62
CA VAL F 115 13.76 50.02 -45.47
C VAL F 115 14.35 50.15 -44.09
N ILE F 116 14.37 51.35 -43.55
CA ILE F 116 14.96 51.59 -42.23
C ILE F 116 13.99 51.07 -41.14
N SER F 117 12.70 51.36 -41.27
CA SER F 117 11.73 50.79 -40.32
C SER F 117 11.90 49.29 -40.23
N TYR F 118 12.05 48.64 -41.37
CA TYR F 118 12.09 47.20 -41.41
C TYR F 118 13.40 46.64 -40.88
N LEU F 119 14.55 47.16 -41.37
CA LEU F 119 15.86 46.61 -41.07
C LEU F 119 16.45 47.13 -39.79
N VAL F 120 16.05 48.31 -39.35
CA VAL F 120 16.62 48.93 -38.15
C VAL F 120 15.59 48.90 -37.03
N ASP F 121 14.52 49.68 -37.13
CA ASP F 121 13.65 49.81 -35.98
C ASP F 121 13.06 48.45 -35.55
N LEU F 122 12.48 47.69 -36.48
CA LEU F 122 11.86 46.41 -36.08
C LEU F 122 12.90 45.42 -35.54
N ASP F 123 14.09 45.37 -36.14
CA ASP F 123 15.13 44.51 -35.64
C ASP F 123 15.51 44.90 -34.20
N MET F 124 15.67 46.20 -33.96
N MET F 124 15.65 46.20 -33.95
CA MET F 124 16.00 46.68 -32.61
CA MET F 124 16.01 46.66 -32.60
C MET F 124 14.92 46.37 -31.59
C MET F 124 14.92 46.46 -31.57
N VAL F 125 13.66 46.50 -32.00
CA VAL F 125 12.55 46.18 -31.08
C VAL F 125 12.66 44.70 -30.67
N LEU F 126 12.83 43.81 -31.65
CA LEU F 126 12.93 42.36 -31.38
C LEU F 126 14.11 42.10 -30.44
N LYS F 127 15.26 42.72 -30.74
CA LYS F 127 16.46 42.52 -29.91
C LYS F 127 16.27 43.02 -28.49
N CYS F 128 15.59 44.15 -28.34
CA CYS F 128 15.36 44.73 -27.02
C CYS F 128 14.46 43.79 -26.18
N LEU F 129 13.33 43.36 -26.74
CA LEU F 129 12.42 42.51 -26.00
C LEU F 129 13.05 41.18 -25.65
N ARG F 130 13.80 40.61 -26.59
CA ARG F 130 14.45 39.32 -26.35
C ARG F 130 15.57 39.45 -25.33
N TYR F 131 16.27 40.58 -25.32
CA TYR F 131 17.30 40.81 -24.33
C TYR F 131 16.64 40.85 -22.93
N TYR F 132 15.62 41.69 -22.76
CA TYR F 132 15.01 41.80 -21.44
C TYR F 132 14.25 40.55 -21.01
N ALA F 133 13.73 39.77 -21.97
CA ALA F 133 13.15 38.49 -21.57
C ALA F 133 14.15 37.69 -20.73
N GLY F 134 15.44 37.74 -21.14
CA GLY F 134 16.45 36.99 -20.45
C GLY F 134 16.80 37.50 -19.06
N TRP F 135 16.50 38.76 -18.77
CA TRP F 135 16.72 39.31 -17.43
C TRP F 135 15.66 38.93 -16.41
N ALA F 136 14.50 38.45 -16.85
CA ALA F 136 13.34 38.35 -15.98
C ALA F 136 13.61 37.60 -14.71
N ASP F 137 14.44 36.56 -14.78
CA ASP F 137 14.69 35.66 -13.65
C ASP F 137 16.14 35.69 -13.19
N LYS F 138 16.84 36.82 -13.46
CA LYS F 138 18.25 36.94 -13.17
C LYS F 138 18.66 38.17 -12.36
N TYR F 139 17.71 39.04 -12.00
CA TYR F 139 18.12 40.29 -11.33
C TYR F 139 18.05 40.09 -9.81
N HIS F 140 19.06 39.41 -9.29
CA HIS F 140 19.08 38.91 -7.91
C HIS F 140 19.16 40.03 -6.89
N GLY F 141 18.53 39.77 -5.74
CA GLY F 141 18.89 40.54 -4.55
C GLY F 141 20.10 39.94 -3.87
N LYS F 142 20.35 40.33 -2.65
CA LYS F 142 21.60 40.00 -1.99
C LYS F 142 21.36 39.32 -0.66
N THR F 143 22.28 38.46 -0.27
CA THR F 143 22.39 38.09 1.14
C THR F 143 23.62 38.76 1.72
N ILE F 144 23.47 39.31 2.90
CA ILE F 144 24.37 40.40 3.35
C ILE F 144 24.94 40.07 4.73
N PRO F 145 26.28 40.07 4.90
CA PRO F 145 26.88 39.68 6.18
C PRO F 145 26.88 40.80 7.24
N ILE F 146 25.69 41.23 7.63
CA ILE F 146 25.56 42.29 8.63
C ILE F 146 26.17 41.88 9.99
N ASP F 147 26.58 42.90 10.76
CA ASP F 147 27.02 42.63 12.12
C ASP F 147 25.92 42.02 13.00
N GLY F 148 26.33 41.21 13.96
CA GLY F 148 25.40 40.74 14.98
C GLY F 148 24.73 39.44 14.58
N ASP F 149 23.88 38.96 15.48
CA ASP F 149 23.18 37.68 15.29
C ASP F 149 21.91 37.87 14.46
N PHE F 150 22.13 38.09 13.16
CA PHE F 150 21.08 38.35 12.21
C PHE F 150 21.40 37.70 10.88
N PHE F 151 20.34 37.35 10.16
CA PHE F 151 20.35 37.02 8.72
C PHE F 151 19.69 38.22 8.04
N SER F 152 20.42 38.87 7.13
CA SER F 152 19.90 40.03 6.42
C SER F 152 20.00 39.79 4.91
N TYR F 153 18.94 40.16 4.17
CA TYR F 153 18.92 39.97 2.75
C TYR F 153 18.04 41.02 2.12
N THR F 154 18.18 41.18 0.82
CA THR F 154 17.31 42.07 0.09
C THR F 154 16.44 41.31 -0.89
N ARG F 155 15.19 41.78 -1.02
CA ARG F 155 14.31 41.38 -2.14
C ARG F 155 14.31 42.52 -3.14
N HIS F 156 14.43 42.15 -4.41
CA HIS F 156 14.24 43.09 -5.53
C HIS F 156 12.80 42.92 -5.92
N GLU F 157 11.98 43.90 -5.54
CA GLU F 157 10.54 43.85 -5.82
C GLU F 157 10.25 44.81 -6.97
N PRO F 158 9.09 44.69 -7.63
CA PRO F 158 8.78 45.68 -8.67
C PRO F 158 8.45 47.01 -8.03
N VAL F 159 8.74 48.12 -8.69
CA VAL F 159 8.38 49.43 -8.15
CA VAL F 159 8.33 49.44 -8.17
C VAL F 159 6.83 49.62 -8.13
N GLY F 160 6.10 49.01 -9.06
CA GLY F 160 4.65 49.00 -9.02
C GLY F 160 4.02 49.49 -10.31
N VAL F 161 3.14 50.45 -10.19
CA VAL F 161 2.43 51.05 -11.34
C VAL F 161 3.35 52.09 -11.96
N CYS F 162 3.75 51.82 -13.21
CA CYS F 162 4.74 52.64 -13.91
C CYS F 162 4.07 53.42 -15.02
N GLY F 163 4.12 54.75 -14.95
CA GLY F 163 3.67 55.59 -16.05
C GLY F 163 4.81 55.78 -17.03
N GLN F 164 4.54 55.57 -18.30
CA GLN F 164 5.60 55.63 -19.30
C GLN F 164 5.12 56.50 -20.42
N ILE F 165 5.87 57.56 -20.70
CA ILE F 165 5.47 58.55 -21.69
C ILE F 165 6.55 58.55 -22.78
N ILE F 166 6.16 58.24 -24.01
CA ILE F 166 7.15 58.04 -25.06
C ILE F 166 6.89 58.96 -26.25
N PRO F 167 7.96 59.26 -26.97
CA PRO F 167 7.94 60.23 -28.04
C PRO F 167 7.67 59.60 -29.39
N TRP F 168 7.75 60.43 -30.42
CA TRP F 168 7.33 60.05 -31.75
C TRP F 168 8.48 59.69 -32.69
N ASN F 169 9.73 59.88 -32.28
CA ASN F 169 10.81 59.71 -33.22
C ASN F 169 11.13 58.28 -33.58
N PHE F 170 10.99 57.37 -32.62
CA PHE F 170 11.17 55.91 -32.81
C PHE F 170 10.01 55.27 -32.04
N PRO F 171 8.81 55.30 -32.62
CA PRO F 171 7.62 54.91 -31.84
C PRO F 171 7.67 53.47 -31.31
N LEU F 172 7.89 52.50 -32.18
CA LEU F 172 7.99 51.13 -31.71
C LEU F 172 9.19 50.87 -30.82
N LEU F 173 10.36 51.41 -31.19
CA LEU F 173 11.55 51.13 -30.41
C LEU F 173 11.44 51.75 -29.03
N MET F 174 10.93 52.97 -28.93
CA MET F 174 10.73 53.56 -27.61
C MET F 174 9.75 52.79 -26.76
N GLN F 175 8.70 52.26 -27.35
CA GLN F 175 7.78 51.39 -26.63
C GLN F 175 8.52 50.18 -26.05
N ALA F 176 9.38 49.55 -26.86
CA ALA F 176 10.12 48.36 -26.41
C ALA F 176 11.13 48.67 -25.30
N TRP F 177 11.81 49.80 -25.45
CA TRP F 177 12.78 50.22 -24.45
C TRP F 177 12.14 50.41 -23.08
N LYS F 178 10.86 50.78 -23.07
CA LYS F 178 10.12 50.96 -21.84
C LYS F 178 9.50 49.65 -21.34
N LEU F 179 8.83 48.91 -22.23
CA LEU F 179 8.11 47.71 -21.79
C LEU F 179 9.07 46.59 -21.38
N GLY F 180 10.20 46.46 -22.07
CA GLY F 180 11.14 45.37 -21.80
C GLY F 180 11.56 45.31 -20.33
N PRO F 181 12.18 46.38 -19.80
CA PRO F 181 12.66 46.31 -18.40
C PRO F 181 11.50 46.32 -17.40
N ALA F 182 10.45 47.07 -17.71
CA ALA F 182 9.35 47.13 -16.76
C ALA F 182 8.68 45.77 -16.57
N LEU F 183 8.41 45.08 -17.66
CA LEU F 183 7.75 43.79 -17.61
C LEU F 183 8.71 42.70 -17.10
N ALA F 184 10.00 42.77 -17.48
CA ALA F 184 10.95 41.77 -17.03
C ALA F 184 11.01 41.74 -15.52
N THR F 185 10.84 42.90 -14.87
CA THR F 185 10.91 43.02 -13.40
C THR F 185 9.53 42.95 -12.71
N GLY F 186 8.47 42.65 -13.46
CA GLY F 186 7.16 42.37 -12.84
C GLY F 186 6.29 43.58 -12.53
N ASN F 187 6.59 44.72 -13.15
CA ASN F 187 5.79 45.91 -12.98
C ASN F 187 4.56 45.86 -13.85
N VAL F 188 3.70 46.85 -13.64
CA VAL F 188 2.55 47.07 -14.53
C VAL F 188 2.66 48.47 -15.09
N VAL F 189 2.05 48.73 -16.24
CA VAL F 189 2.33 49.92 -17.04
C VAL F 189 1.07 50.65 -17.48
N VAL F 190 1.12 51.97 -17.35
CA VAL F 190 0.20 52.85 -18.04
C VAL F 190 1.04 53.70 -18.96
N MET F 191 0.92 53.47 -20.27
CA MET F 191 1.77 54.13 -21.26
C MET F 191 0.97 55.17 -22.07
N LYS F 192 1.56 56.36 -22.22
CA LYS F 192 1.00 57.39 -23.07
C LYS F 192 1.89 57.47 -24.30
N VAL F 193 1.32 57.21 -25.47
CA VAL F 193 2.06 57.28 -26.73
C VAL F 193 1.89 58.65 -27.38
N ALA F 194 2.75 58.97 -28.33
CA ALA F 194 2.78 60.32 -28.90
C ALA F 194 1.58 60.50 -29.83
N GLU F 195 0.92 61.66 -29.74
CA GLU F 195 -0.21 61.91 -30.61
CA GLU F 195 -0.18 62.05 -30.62
C GLU F 195 0.15 61.95 -32.10
N GLN F 196 1.42 62.19 -32.43
CA GLN F 196 1.86 62.20 -33.81
C GLN F 196 1.98 60.80 -34.38
N THR F 197 2.20 59.81 -33.50
CA THR F 197 2.52 58.46 -33.94
C THR F 197 1.93 57.41 -33.00
N PRO F 198 0.59 57.37 -32.86
CA PRO F 198 -0.02 56.41 -31.93
C PRO F 198 -0.19 55.00 -32.45
N LEU F 199 -0.22 54.84 -33.78
CA LEU F 199 -0.81 53.63 -34.35
C LEU F 199 -0.03 52.34 -34.09
N THR F 200 1.30 52.38 -34.27
CA THR F 200 2.02 51.11 -34.15
C THR F 200 1.98 50.57 -32.72
N ALA F 201 2.03 51.47 -31.73
CA ALA F 201 2.02 51.05 -30.34
C ALA F 201 0.70 50.43 -29.97
N LEU F 202 -0.38 50.93 -30.57
CA LEU F 202 -1.69 50.33 -30.31
C LEU F 202 -1.80 48.94 -30.96
N TYR F 203 -1.25 48.76 -32.17
CA TYR F 203 -1.24 47.41 -32.76
C TYR F 203 -0.46 46.45 -31.85
N VAL F 204 0.68 46.93 -31.30
CA VAL F 204 1.45 46.09 -30.41
C VAL F 204 0.66 45.71 -29.15
N ALA F 205 -0.21 46.62 -28.69
CA ALA F 205 -1.10 46.24 -27.60
C ALA F 205 -1.96 45.04 -27.96
N ASN F 206 -2.46 44.99 -29.20
CA ASN F 206 -3.20 43.78 -29.63
C ASN F 206 -2.34 42.51 -29.51
N LEU F 207 -1.04 42.66 -29.79
CA LEU F 207 -0.13 41.51 -29.69
C LEU F 207 0.21 41.14 -28.24
N ILE F 208 0.19 42.15 -27.35
CA ILE F 208 0.35 41.92 -25.90
C ILE F 208 -0.80 41.04 -25.39
N LYS F 209 -2.02 41.37 -25.82
CA LYS F 209 -3.18 40.52 -25.50
C LYS F 209 -2.97 39.11 -26.09
N GLU F 210 -2.59 39.04 -27.38
CA GLU F 210 -2.42 37.74 -28.01
C GLU F 210 -1.34 36.89 -27.36
N ALA F 211 -0.29 37.54 -26.86
CA ALA F 211 0.81 36.86 -26.19
C ALA F 211 0.41 36.22 -24.88
N GLY F 212 -0.68 36.71 -24.29
CA GLY F 212 -1.21 36.12 -23.03
C GLY F 212 -0.85 36.89 -21.78
N PHE F 213 -0.40 38.14 -21.86
CA PHE F 213 -0.23 38.95 -20.65
C PHE F 213 -1.56 39.17 -19.92
N PRO F 214 -1.58 39.01 -18.60
CA PRO F 214 -2.82 39.23 -17.86
C PRO F 214 -3.38 40.62 -18.14
N PRO F 215 -4.69 40.77 -18.06
CA PRO F 215 -5.29 42.08 -18.26
C PRO F 215 -4.81 43.08 -17.21
N GLY F 216 -4.53 44.29 -17.66
CA GLY F 216 -4.13 45.37 -16.78
C GLY F 216 -2.62 45.50 -16.61
N VAL F 217 -1.87 44.51 -17.09
CA VAL F 217 -0.43 44.57 -17.01
C VAL F 217 0.14 45.66 -17.92
N VAL F 218 -0.40 45.82 -19.13
CA VAL F 218 -0.02 46.95 -20.00
C VAL F 218 -1.30 47.63 -20.44
N ASN F 219 -1.35 48.94 -20.22
CA ASN F 219 -2.50 49.75 -20.62
C ASN F 219 -1.94 50.92 -21.39
N ILE F 220 -2.59 51.28 -22.50
CA ILE F 220 -2.06 52.35 -23.37
C ILE F 220 -3.16 53.37 -23.63
N VAL F 221 -2.85 54.60 -23.30
CA VAL F 221 -3.78 55.74 -23.44
C VAL F 221 -3.19 56.71 -24.46
N PRO F 222 -3.68 56.66 -25.71
CA PRO F 222 -3.30 57.74 -26.64
C PRO F 222 -3.97 59.04 -26.25
N GLY F 223 -3.36 60.14 -26.63
CA GLY F 223 -3.87 61.48 -26.32
C GLY F 223 -2.73 62.46 -26.31
N PHE F 224 -3.00 63.63 -25.73
CA PHE F 224 -2.05 64.73 -25.74
C PHE F 224 -1.29 64.85 -24.43
N GLY F 225 -0.27 65.70 -24.48
CA GLY F 225 0.68 65.83 -23.37
C GLY F 225 0.09 66.51 -22.14
N PRO F 226 -0.47 67.71 -22.32
CA PRO F 226 -1.00 68.44 -21.17
C PRO F 226 -2.22 67.83 -20.52
N THR F 227 -2.82 66.83 -21.17
CA THR F 227 -4.01 66.18 -20.66
C THR F 227 -3.63 64.78 -20.13
N ALA F 228 -3.43 63.81 -21.03
CA ALA F 228 -3.10 62.45 -20.60
C ALA F 228 -1.73 62.33 -19.96
N GLY F 229 -0.72 62.97 -20.56
CA GLY F 229 0.63 62.94 -19.99
C GLY F 229 0.67 63.51 -18.60
N ALA F 230 0.11 64.69 -18.46
CA ALA F 230 0.07 65.38 -17.18
C ALA F 230 -0.68 64.56 -16.14
N ALA F 231 -1.77 63.92 -16.54
CA ALA F 231 -2.55 63.09 -15.61
C ALA F 231 -1.72 61.93 -15.05
N ILE F 232 -0.88 61.32 -15.89
CA ILE F 232 0.00 60.25 -15.41
C ILE F 232 1.03 60.83 -14.46
N ALA F 233 1.66 61.92 -14.86
CA ALA F 233 2.72 62.49 -14.03
C ALA F 233 2.27 62.94 -12.63
N SER F 234 1.02 63.41 -12.55
CA SER F 234 0.47 63.89 -11.30
CA SER F 234 0.47 63.89 -11.30
C SER F 234 -0.37 62.86 -10.55
N HIS F 235 -0.45 61.62 -11.05
CA HIS F 235 -1.40 60.70 -10.49
C HIS F 235 -0.94 60.25 -9.11
N GLU F 236 -1.88 60.23 -8.15
CA GLU F 236 -1.57 59.84 -6.79
C GLU F 236 -1.33 58.36 -6.56
N ASP F 237 -1.59 57.52 -7.58
CA ASP F 237 -1.39 56.06 -7.42
C ASP F 237 -0.42 55.47 -8.47
N VAL F 238 0.31 56.35 -9.17
CA VAL F 238 1.41 55.92 -10.05
C VAL F 238 2.67 56.00 -9.20
N ASP F 239 3.41 54.88 -9.14
CA ASP F 239 4.61 54.78 -8.28
C ASP F 239 5.87 55.33 -8.95
N LYS F 240 5.91 55.35 -10.28
CA LYS F 240 7.17 55.67 -11.00
C LYS F 240 6.78 56.21 -12.35
N VAL F 241 7.46 57.24 -12.84
CA VAL F 241 7.23 57.76 -14.19
C VAL F 241 8.56 57.73 -14.93
N ALA F 242 8.53 57.30 -16.19
CA ALA F 242 9.66 57.38 -17.11
C ALA F 242 9.20 58.20 -18.29
N PHE F 243 9.93 59.26 -18.61
CA PHE F 243 9.55 60.20 -19.66
C PHE F 243 10.69 60.33 -20.64
N THR F 244 10.40 60.25 -21.93
CA THR F 244 11.39 60.58 -22.95
C THR F 244 10.78 61.70 -23.77
N GLY F 245 11.53 62.78 -23.96
CA GLY F 245 11.02 63.96 -24.64
C GLY F 245 11.94 65.14 -24.43
N SER F 246 11.38 66.33 -24.54
CA SER F 246 12.19 67.55 -24.43
C SER F 246 12.63 67.82 -22.99
N THR F 247 13.79 68.46 -22.85
CA THR F 247 14.26 68.89 -21.55
CA THR F 247 14.24 68.88 -21.53
C THR F 247 13.22 69.77 -20.85
N GLU F 248 12.58 70.66 -21.59
CA GLU F 248 11.50 71.49 -21.04
C GLU F 248 10.37 70.72 -20.34
N ILE F 249 9.87 69.70 -21.01
CA ILE F 249 8.78 68.92 -20.44
CA ILE F 249 8.78 68.89 -20.46
C ILE F 249 9.30 67.99 -19.33
N GLY F 250 10.55 67.60 -19.44
CA GLY F 250 11.20 66.88 -18.34
C GLY F 250 11.07 67.62 -17.02
N ARG F 251 11.23 68.95 -17.02
CA ARG F 251 11.10 69.74 -15.79
C ARG F 251 9.70 69.65 -15.25
N VAL F 252 8.74 69.77 -16.16
CA VAL F 252 7.33 69.61 -15.80
C VAL F 252 7.02 68.26 -15.12
N ILE F 253 7.55 67.18 -15.67
CA ILE F 253 7.40 65.86 -15.07
C ILE F 253 7.96 65.82 -13.63
N GLN F 254 9.17 66.35 -13.46
CA GLN F 254 9.84 66.25 -12.15
CA GLN F 254 9.84 66.27 -12.16
C GLN F 254 9.10 67.11 -11.12
N VAL F 255 8.65 68.28 -11.53
CA VAL F 255 7.83 69.10 -10.64
C VAL F 255 6.50 68.43 -10.29
N ALA F 256 5.84 67.82 -11.27
CA ALA F 256 4.61 67.09 -10.97
C ALA F 256 4.79 65.92 -10.01
N ALA F 257 5.93 65.24 -10.09
CA ALA F 257 6.21 64.17 -9.17
C ALA F 257 6.32 64.67 -7.75
N GLY F 258 7.08 65.74 -7.55
CA GLY F 258 7.25 66.32 -6.23
C GLY F 258 5.98 66.88 -5.65
N SER F 259 5.13 67.43 -6.53
CA SER F 259 3.87 68.06 -6.10
CA SER F 259 3.89 68.05 -6.07
C SER F 259 2.72 67.07 -5.92
N SER F 260 2.91 65.83 -6.32
CA SER F 260 1.86 64.83 -6.11
C SER F 260 2.31 63.86 -5.01
N ASN F 261 2.81 62.68 -5.38
CA ASN F 261 3.02 61.62 -4.41
C ASN F 261 4.45 61.17 -4.29
N LEU F 262 5.37 62.01 -4.76
CA LEU F 262 6.79 61.66 -4.70
C LEU F 262 7.16 60.38 -5.45
N LYS F 263 6.40 60.13 -6.51
CA LYS F 263 6.75 59.05 -7.42
C LYS F 263 8.20 59.17 -7.90
N ARG F 264 8.81 58.03 -8.19
CA ARG F 264 10.19 57.98 -8.69
C ARG F 264 10.19 58.39 -10.13
N VAL F 265 11.25 59.08 -10.57
CA VAL F 265 11.31 59.67 -11.90
C VAL F 265 12.60 59.32 -12.61
N THR F 266 12.48 58.92 -13.87
CA THR F 266 13.63 58.94 -14.77
C THR F 266 13.28 59.68 -16.05
N LEU F 267 14.30 60.26 -16.68
CA LEU F 267 14.11 61.17 -17.82
C LEU F 267 15.18 60.92 -18.88
N GLU F 268 14.75 60.87 -20.14
CA GLU F 268 15.66 60.78 -21.26
C GLU F 268 15.26 61.95 -22.13
N LEU F 269 16.15 62.95 -22.19
CA LEU F 269 15.82 64.20 -22.79
C LEU F 269 16.72 64.41 -24.02
N GLY F 270 16.84 65.66 -24.41
CA GLY F 270 17.52 65.94 -25.69
C GLY F 270 19.01 66.14 -25.50
N GLY F 271 19.63 66.62 -26.55
CA GLY F 271 21.08 66.74 -26.58
C GLY F 271 21.57 67.77 -27.60
N LYS F 272 22.86 68.06 -27.52
CA LYS F 272 23.56 68.79 -28.57
C LYS F 272 24.96 68.15 -28.69
N SER F 273 24.98 66.92 -29.13
CA SER F 273 26.10 66.02 -28.91
C SER F 273 27.24 66.35 -29.87
N PRO F 274 28.45 66.42 -29.34
CA PRO F 274 29.63 66.73 -30.16
C PRO F 274 30.22 65.46 -30.77
N ASN F 275 30.59 65.59 -32.04
CA ASN F 275 31.24 64.52 -32.80
C ASN F 275 32.60 65.11 -33.23
N ILE F 276 33.67 64.61 -32.59
CA ILE F 276 35.00 65.22 -32.69
C ILE F 276 35.86 64.41 -33.67
N ILE F 277 36.28 65.05 -34.75
CA ILE F 277 37.12 64.41 -35.78
C ILE F 277 38.55 64.92 -35.65
N MET F 278 39.44 64.05 -35.17
CA MET F 278 40.86 64.42 -35.05
C MET F 278 41.52 64.33 -36.45
N SER F 279 42.66 65.02 -36.61
CA SER F 279 43.28 65.05 -37.92
C SER F 279 43.82 63.71 -38.35
N ASP F 280 44.01 62.77 -37.43
CA ASP F 280 44.44 61.42 -37.83
C ASP F 280 43.30 60.45 -38.08
N ALA F 281 42.05 60.91 -38.05
CA ALA F 281 40.93 60.03 -38.42
C ALA F 281 41.02 59.50 -39.84
N ASP F 282 40.38 58.35 -40.06
CA ASP F 282 40.15 57.83 -41.42
C ASP F 282 39.13 58.79 -42.03
N MET F 283 39.51 59.53 -43.06
CA MET F 283 38.65 60.59 -43.60
C MET F 283 37.35 60.04 -44.21
N ASP F 284 37.42 59.03 -45.08
CA ASP F 284 36.22 58.54 -45.74
C ASP F 284 35.24 58.04 -44.66
N TRP F 285 35.75 57.29 -43.68
CA TRP F 285 34.87 56.75 -42.63
C TRP F 285 34.31 57.87 -41.76
N ALA F 286 35.12 58.84 -41.41
CA ALA F 286 34.63 59.94 -40.55
C ALA F 286 33.59 60.77 -41.26
N VAL F 287 33.75 61.04 -42.55
CA VAL F 287 32.73 61.82 -43.25
C VAL F 287 31.39 61.05 -43.32
N GLU F 288 31.44 59.77 -43.64
CA GLU F 288 30.19 58.97 -43.76
C GLU F 288 29.54 58.86 -42.41
N GLN F 289 30.33 58.60 -41.38
CA GLN F 289 29.76 58.49 -40.05
CA GLN F 289 29.76 58.48 -40.04
C GLN F 289 29.23 59.80 -39.49
N ALA F 290 29.87 60.93 -39.82
CA ALA F 290 29.38 62.23 -39.32
C ALA F 290 28.09 62.57 -40.02
N HIS F 291 27.95 62.14 -41.28
CA HIS F 291 26.74 62.34 -42.05
C HIS F 291 25.59 61.53 -41.37
N PHE F 292 25.83 60.25 -41.14
CA PHE F 292 24.87 59.42 -40.43
C PHE F 292 24.52 60.00 -39.05
N ALA F 293 25.56 60.38 -38.31
CA ALA F 293 25.41 60.85 -36.94
C ALA F 293 24.43 62.02 -36.87
N LEU F 294 24.41 62.87 -37.89
CA LEU F 294 23.49 63.99 -37.87
C LEU F 294 22.16 63.67 -38.55
N PHE F 295 22.19 63.10 -39.76
CA PHE F 295 20.99 63.01 -40.59
C PHE F 295 20.13 61.79 -40.30
N PHE F 296 20.65 60.80 -39.56
CA PHE F 296 19.83 59.60 -39.31
C PHE F 296 18.43 59.97 -38.82
N ASN F 297 17.40 59.27 -39.31
CA ASN F 297 16.03 59.52 -38.85
C ASN F 297 15.55 60.95 -39.02
N GLN F 298 15.87 61.54 -40.18
CA GLN F 298 15.43 62.92 -40.48
C GLN F 298 16.01 63.89 -39.46
N GLY F 299 17.12 63.54 -38.83
CA GLY F 299 17.69 64.38 -37.80
C GLY F 299 16.99 64.28 -36.45
N GLN F 300 15.98 63.40 -36.37
CA GLN F 300 15.11 63.34 -35.19
C GLN F 300 15.63 62.26 -34.24
N CYS F 301 16.80 62.55 -33.69
N CYS F 301 16.86 62.46 -33.78
CA CYS F 301 17.43 61.66 -32.75
CA CYS F 301 17.46 61.61 -32.74
C CYS F 301 18.00 62.48 -31.60
C CYS F 301 17.95 62.47 -31.62
N CSO F 302 17.62 62.09 -30.38
CA CSO F 302 18.07 62.64 -29.11
CA CSO F 302 18.06 62.85 -29.20
CB CSO F 302 17.74 61.55 -28.04
CB CSO F 302 17.51 62.28 -27.87
SG CSO F 302 18.45 59.88 -28.41
SG CSO F 302 15.72 61.93 -27.96
C CSO F 302 19.58 62.96 -29.13
O CSO F 302 20.08 64.00 -28.69
OD CSO F 302 17.36 58.90 -29.44
OD CSO F 302 15.11 63.54 -27.96
N CYS F 303 20.29 61.96 -29.62
CA CYS F 303 21.75 61.93 -29.53
C CYS F 303 22.41 62.33 -30.85
N ALA F 304 21.70 63.01 -31.74
CA ALA F 304 22.27 63.42 -33.04
C ALA F 304 23.59 64.16 -32.83
N GLY F 305 24.56 63.88 -33.71
CA GLY F 305 25.88 64.54 -33.63
C GLY F 305 25.76 65.89 -34.30
N SER F 306 25.18 66.82 -33.56
CA SER F 306 24.79 68.12 -34.07
C SER F 306 25.83 69.22 -33.86
N ARG F 307 26.97 68.88 -33.26
CA ARG F 307 28.16 69.74 -33.29
C ARG F 307 29.30 68.88 -33.83
N THR F 308 29.62 69.05 -35.10
CA THR F 308 30.70 68.30 -35.73
C THR F 308 31.97 69.11 -35.64
N PHE F 309 32.84 68.76 -34.70
CA PHE F 309 34.09 69.50 -34.46
C PHE F 309 35.17 68.84 -35.31
N VAL F 310 35.84 69.64 -36.16
CA VAL F 310 36.80 69.11 -37.10
C VAL F 310 38.14 69.80 -36.99
N GLN F 311 39.22 69.05 -36.80
CA GLN F 311 40.53 69.67 -36.55
CA GLN F 311 40.53 69.66 -36.54
C GLN F 311 40.95 70.49 -37.77
N GLU F 312 41.57 71.64 -37.52
CA GLU F 312 41.77 72.62 -38.60
C GLU F 312 42.53 72.09 -39.82
N ASP F 313 43.49 71.18 -39.65
CA ASP F 313 44.26 70.72 -40.80
C ASP F 313 43.48 69.89 -41.80
N ILE F 314 42.35 69.31 -41.34
CA ILE F 314 41.48 68.52 -42.21
C ILE F 314 40.12 69.15 -42.47
N TYR F 315 39.91 70.37 -41.99
CA TYR F 315 38.60 71.03 -42.01
C TYR F 315 38.08 71.23 -43.44
N ASP F 316 38.91 71.84 -44.28
CA ASP F 316 38.46 72.14 -45.64
C ASP F 316 38.03 70.91 -46.43
N GLU F 317 38.83 69.85 -46.39
CA GLU F 317 38.52 68.61 -47.08
C GLU F 317 37.29 67.93 -46.50
N PHE F 318 37.26 67.89 -45.17
CA PHE F 318 36.11 67.29 -44.48
C PHE F 318 34.81 67.98 -44.88
N VAL F 319 34.85 69.31 -44.89
CA VAL F 319 33.67 70.09 -45.27
C VAL F 319 33.28 69.84 -46.73
N GLU F 320 34.26 69.83 -47.64
CA GLU F 320 33.92 69.60 -49.05
C GLU F 320 33.23 68.26 -49.22
N ARG F 321 33.79 67.24 -48.58
CA ARG F 321 33.26 65.91 -48.70
C ARG F 321 31.88 65.82 -48.01
N SER F 322 31.72 66.51 -46.88
CA SER F 322 30.44 66.50 -46.22
C SER F 322 29.32 67.17 -46.99
N VAL F 323 29.62 68.28 -47.65
CA VAL F 323 28.65 68.94 -48.49
C VAL F 323 28.28 68.06 -49.68
N ALA F 324 29.26 67.41 -50.31
CA ALA F 324 28.89 66.53 -51.42
C ALA F 324 27.96 65.41 -50.96
N ARG F 325 28.22 64.87 -49.75
CA ARG F 325 27.41 63.77 -49.26
C ARG F 325 25.98 64.25 -48.92
N ALA F 326 25.86 65.43 -48.33
CA ALA F 326 24.54 65.99 -48.07
C ALA F 326 23.78 66.26 -49.36
N LYS F 327 24.47 66.80 -50.36
CA LYS F 327 23.78 67.07 -51.62
C LYS F 327 23.31 65.78 -52.33
N SER F 328 23.99 64.66 -52.10
CA SER F 328 23.64 63.39 -52.74
C SER F 328 22.51 62.65 -52.03
N ARG F 329 22.20 63.10 -50.80
CA ARG F 329 21.24 62.39 -49.98
C ARG F 329 19.82 62.48 -50.57
N VAL F 330 19.21 61.33 -50.82
CA VAL F 330 17.94 61.30 -51.55
C VAL F 330 16.75 61.52 -50.60
N VAL F 331 16.01 62.58 -50.85
CA VAL F 331 14.77 62.94 -50.12
C VAL F 331 13.59 62.54 -50.98
N GLY F 332 12.60 61.89 -50.38
CA GLY F 332 11.41 61.53 -51.17
C GLY F 332 10.49 60.59 -50.42
N ASN F 333 9.66 59.90 -51.19
CA ASN F 333 8.61 59.02 -50.66
C ASN F 333 9.30 57.94 -49.82
N PRO F 334 8.96 57.83 -48.54
CA PRO F 334 9.71 56.85 -47.73
C PRO F 334 9.45 55.38 -48.07
N PHE F 335 8.43 55.10 -48.88
CA PHE F 335 8.23 53.74 -49.36
C PHE F 335 9.05 53.39 -50.60
N ASP F 336 9.68 54.37 -51.22
CA ASP F 336 10.54 54.07 -52.40
C ASP F 336 11.92 53.62 -51.89
N SER F 337 12.43 52.50 -52.40
CA SER F 337 13.69 51.94 -51.88
C SER F 337 14.90 52.87 -51.96
N LYS F 338 14.88 53.82 -52.88
CA LYS F 338 15.98 54.74 -53.10
C LYS F 338 15.99 55.88 -52.10
N THR F 339 14.87 56.06 -51.38
CA THR F 339 14.80 57.19 -50.49
C THR F 339 15.66 57.00 -49.25
N GLU F 340 16.52 57.99 -48.98
CA GLU F 340 17.29 58.02 -47.75
C GLU F 340 16.68 58.84 -46.62
N GLN F 341 15.89 59.85 -46.97
CA GLN F 341 15.29 60.79 -46.01
C GLN F 341 13.84 61.02 -46.34
N GLY F 342 12.98 60.72 -45.36
CA GLY F 342 11.55 61.01 -45.47
C GLY F 342 11.26 62.43 -45.00
N PRO F 343 9.97 62.71 -44.75
CA PRO F 343 9.60 64.03 -44.21
C PRO F 343 9.88 64.08 -42.71
N GLN F 344 9.85 65.30 -42.20
CA GLN F 344 9.77 65.53 -40.74
C GLN F 344 8.41 65.10 -40.22
N VAL F 345 8.27 64.94 -38.91
CA VAL F 345 7.14 64.19 -38.40
C VAL F 345 5.80 64.93 -38.55
N ASP F 346 5.88 66.27 -38.51
CA ASP F 346 4.65 67.07 -38.44
C ASP F 346 4.92 68.50 -38.81
N GLU F 347 3.84 69.26 -38.97
CA GLU F 347 3.92 70.66 -39.34
C GLU F 347 4.65 71.48 -38.29
N THR F 348 4.41 71.19 -37.02
CA THR F 348 5.08 71.94 -35.95
C THR F 348 6.59 71.81 -36.05
N GLN F 349 7.09 70.59 -36.25
CA GLN F 349 8.52 70.38 -36.34
C GLN F 349 9.08 71.00 -37.62
N PHE F 350 8.35 70.84 -38.71
CA PHE F 350 8.73 71.46 -39.99
C PHE F 350 8.98 72.96 -39.83
N LYS F 351 8.07 73.66 -39.16
CA LYS F 351 8.20 75.11 -38.98
C LYS F 351 9.35 75.45 -38.03
N LYS F 352 9.53 74.68 -36.96
CA LYS F 352 10.63 74.92 -36.04
CA LYS F 352 10.64 74.92 -36.05
C LYS F 352 11.98 74.81 -36.75
N ILE F 353 12.12 73.83 -37.62
CA ILE F 353 13.36 73.60 -38.34
C ILE F 353 13.61 74.74 -39.33
N LEU F 354 12.59 75.19 -40.06
CA LEU F 354 12.71 76.35 -40.94
C LEU F 354 13.13 77.58 -40.14
N GLY F 355 12.57 77.72 -38.94
CA GLY F 355 13.01 78.77 -38.05
C GLY F 355 14.49 78.74 -37.69
N TYR F 356 14.97 77.54 -37.32
CA TYR F 356 16.37 77.38 -36.97
C TYR F 356 17.29 77.62 -38.17
N ILE F 357 16.87 77.20 -39.36
CA ILE F 357 17.69 77.45 -40.56
C ILE F 357 17.84 78.97 -40.74
N ASN F 358 16.74 79.69 -40.62
CA ASN F 358 16.84 81.12 -40.80
C ASN F 358 17.70 81.75 -39.70
N THR F 359 17.61 81.23 -38.47
CA THR F 359 18.39 81.72 -37.36
C THR F 359 19.88 81.59 -37.70
N GLY F 360 20.24 80.43 -38.23
CA GLY F 360 21.66 80.14 -38.55
C GLY F 360 22.18 81.12 -39.58
N LYS F 361 21.35 81.41 -40.58
CA LYS F 361 21.71 82.37 -41.63
C LYS F 361 21.91 83.76 -41.03
N GLN F 362 21.01 84.15 -40.16
CA GLN F 362 21.08 85.50 -39.60
C GLN F 362 22.22 85.68 -38.62
N GLU F 363 22.67 84.60 -38.00
CA GLU F 363 23.72 84.76 -37.00
C GLU F 363 25.11 84.51 -37.54
N GLY F 364 25.21 84.32 -38.84
CA GLY F 364 26.51 84.27 -39.49
C GLY F 364 27.13 82.92 -39.76
N ALA F 365 26.37 81.85 -39.53
CA ALA F 365 26.86 80.53 -39.94
C ALA F 365 26.84 80.51 -41.46
N LYS F 366 27.78 79.80 -42.06
CA LYS F 366 27.91 79.78 -43.51
C LYS F 366 27.05 78.67 -44.13
N LEU F 367 26.01 79.04 -44.85
CA LEU F 367 25.13 78.03 -45.47
C LEU F 367 25.82 77.43 -46.65
N LEU F 368 26.11 76.13 -46.57
CA LEU F 368 26.88 75.47 -47.63
C LEU F 368 26.04 74.65 -48.60
N CYS F 369 24.86 74.23 -48.16
CA CYS F 369 23.94 73.54 -49.05
C CYS F 369 22.59 73.46 -48.34
N GLY F 370 21.57 73.15 -49.14
CA GLY F 370 20.21 73.01 -48.61
C GLY F 370 19.68 74.33 -48.13
N GLY F 371 18.91 74.30 -47.04
CA GLY F 371 18.41 75.52 -46.43
C GLY F 371 16.95 75.81 -46.73
N GLY F 372 16.30 74.94 -47.47
CA GLY F 372 14.95 75.17 -47.91
C GLY F 372 14.04 73.94 -47.82
N ILE F 373 12.81 74.19 -48.21
CA ILE F 373 11.80 73.14 -48.33
C ILE F 373 12.10 72.27 -49.55
N ALA F 374 11.96 70.96 -49.36
CA ALA F 374 12.38 69.98 -50.39
C ALA F 374 11.28 69.45 -51.29
N ALA F 375 10.03 69.70 -50.91
CA ALA F 375 8.91 69.18 -51.66
C ALA F 375 7.66 69.97 -51.38
N ASP F 376 6.67 69.81 -52.26
CA ASP F 376 5.39 70.47 -52.11
C ASP F 376 4.60 69.80 -50.95
N ARG F 377 4.13 68.59 -51.16
CA ARG F 377 3.27 67.96 -50.17
C ARG F 377 4.11 67.40 -49.03
N GLY F 378 3.48 67.25 -47.88
CA GLY F 378 4.17 66.68 -46.72
C GLY F 378 5.10 67.69 -46.10
N TYR F 379 6.09 67.22 -45.33
CA TYR F 379 6.93 68.10 -44.50
C TYR F 379 8.41 67.82 -44.74
N PHE F 380 8.83 67.98 -46.01
CA PHE F 380 10.21 67.62 -46.38
C PHE F 380 11.13 68.85 -46.40
N ILE F 381 12.31 68.68 -45.82
CA ILE F 381 13.33 69.74 -45.67
C ILE F 381 14.63 69.25 -46.30
N GLN F 382 15.26 70.12 -47.08
CA GLN F 382 16.52 69.79 -47.71
C GLN F 382 17.60 69.50 -46.68
N PRO F 383 18.42 68.47 -46.90
CA PRO F 383 19.64 68.34 -46.10
C PRO F 383 20.50 69.59 -46.14
N THR F 384 20.79 70.14 -44.97
CA THR F 384 21.36 71.49 -44.84
C THR F 384 22.64 71.40 -44.02
N VAL F 385 23.70 72.06 -44.52
CA VAL F 385 24.97 72.08 -43.81
C VAL F 385 25.43 73.52 -43.60
N PHE F 386 25.71 73.85 -42.36
CA PHE F 386 26.32 75.13 -41.97
C PHE F 386 27.78 74.88 -41.62
N GLY F 387 28.65 75.69 -42.22
CA GLY F 387 30.05 75.70 -41.86
C GLY F 387 30.44 76.90 -41.05
N ASP F 388 31.66 76.90 -40.50
CA ASP F 388 32.17 78.03 -39.71
C ASP F 388 31.24 78.40 -38.57
N VAL F 389 30.63 77.36 -37.99
CA VAL F 389 29.78 77.57 -36.82
C VAL F 389 30.64 77.89 -35.62
N GLN F 390 30.14 78.75 -34.75
CA GLN F 390 30.81 79.18 -33.54
C GLN F 390 30.01 78.81 -32.29
N ASP F 391 30.69 78.62 -31.16
CA ASP F 391 30.06 78.04 -29.97
C ASP F 391 28.89 78.86 -29.44
N GLY F 392 28.91 80.18 -29.65
CA GLY F 392 27.89 81.05 -29.04
C GLY F 392 26.66 81.19 -29.92
N MET F 393 26.69 80.59 -31.12
CA MET F 393 25.54 80.68 -32.01
C MET F 393 24.38 79.85 -31.48
N THR F 394 23.16 80.35 -31.62
CA THR F 394 21.96 79.60 -31.25
C THR F 394 21.95 78.22 -31.93
N ILE F 395 22.32 78.11 -33.20
CA ILE F 395 22.31 76.79 -33.85
C ILE F 395 23.40 75.85 -33.33
N ALA F 396 24.39 76.40 -32.61
CA ALA F 396 25.40 75.57 -31.96
C ALA F 396 24.99 75.13 -30.55
N LYS F 397 23.93 75.71 -30.02
CA LYS F 397 23.51 75.51 -28.62
C LYS F 397 22.23 74.72 -28.47
N GLU F 398 21.26 75.01 -29.32
CA GLU F 398 19.90 74.46 -29.16
C GLU F 398 19.68 73.28 -30.08
N GLU F 399 18.90 72.31 -29.60
CA GLU F 399 18.57 71.12 -30.37
C GLU F 399 17.58 71.46 -31.49
N ILE F 400 18.01 71.22 -32.71
CA ILE F 400 17.21 71.54 -33.89
C ILE F 400 16.28 70.37 -34.26
N PHE F 401 16.77 69.13 -34.08
CA PHE F 401 15.94 67.94 -34.34
C PHE F 401 15.50 67.83 -35.80
N GLY F 402 16.38 68.28 -36.69
CA GLY F 402 16.11 68.20 -38.13
C GLY F 402 17.41 68.00 -38.89
N PRO F 403 17.32 67.97 -40.23
CA PRO F 403 18.48 67.63 -41.07
C PRO F 403 19.36 68.86 -41.32
N VAL F 404 19.95 69.32 -40.22
CA VAL F 404 20.70 70.58 -40.21
C VAL F 404 22.00 70.31 -39.42
N MET F 405 23.11 70.34 -40.16
CA MET F 405 24.43 69.93 -39.67
C MET F 405 25.24 71.18 -39.39
N GLN F 406 25.93 71.18 -38.26
CA GLN F 406 26.82 72.28 -37.85
C GLN F 406 28.26 71.76 -37.84
N ILE F 407 29.15 72.47 -38.55
CA ILE F 407 30.56 72.10 -38.57
C ILE F 407 31.37 73.23 -37.96
N LEU F 408 32.16 72.87 -36.95
CA LEU F 408 32.99 73.80 -36.22
C LEU F 408 34.45 73.39 -36.37
N LYS F 409 35.35 74.36 -36.42
CA LYS F 409 36.79 74.11 -36.51
C LYS F 409 37.46 74.26 -35.17
N PHE F 410 38.44 73.40 -34.88
CA PHE F 410 39.24 73.53 -33.67
C PHE F 410 40.70 73.20 -33.98
N LYS F 411 41.56 73.60 -33.05
CA LYS F 411 43.00 73.35 -33.13
C LYS F 411 43.52 72.23 -32.24
N THR F 412 43.26 72.27 -30.93
CA THR F 412 43.91 71.33 -30.03
C THR F 412 42.92 70.41 -29.30
N ILE F 413 43.44 69.30 -28.82
CA ILE F 413 42.62 68.36 -28.07
C ILE F 413 42.14 68.94 -26.75
N GLU F 414 42.97 69.73 -26.07
CA GLU F 414 42.57 70.37 -24.82
C GLU F 414 41.43 71.39 -25.09
N GLU F 415 41.57 72.16 -26.16
CA GLU F 415 40.58 73.14 -26.59
C GLU F 415 39.25 72.44 -26.86
N VAL F 416 39.28 71.34 -27.64
CA VAL F 416 38.00 70.73 -28.02
C VAL F 416 37.28 70.06 -26.85
N VAL F 417 37.99 69.51 -25.88
CA VAL F 417 37.36 69.01 -24.65
C VAL F 417 36.49 70.10 -24.02
N GLY F 418 37.08 71.26 -23.79
CA GLY F 418 36.40 72.33 -23.13
C GLY F 418 35.19 72.75 -23.95
N ARG F 419 35.35 72.88 -25.25
CA ARG F 419 34.22 73.33 -26.10
C ARG F 419 33.10 72.29 -26.16
N ALA F 420 33.49 71.02 -26.33
CA ALA F 420 32.51 69.94 -26.34
C ALA F 420 31.72 69.90 -25.06
N ASN F 421 32.37 70.11 -23.93
CA ASN F 421 31.74 70.00 -22.62
C ASN F 421 30.95 71.25 -22.23
N ASN F 422 31.13 72.36 -22.97
CA ASN F 422 30.48 73.62 -22.58
C ASN F 422 29.07 73.63 -23.13
N SER F 423 28.22 72.84 -22.46
CA SER F 423 26.84 72.61 -22.86
C SER F 423 26.10 72.20 -21.60
N THR F 424 24.84 72.60 -21.51
CA THR F 424 23.97 72.05 -20.45
C THR F 424 23.41 70.67 -20.81
N TYR F 425 23.73 70.20 -22.02
CA TYR F 425 23.38 68.85 -22.47
C TYR F 425 24.59 67.93 -22.29
N GLY F 426 24.34 66.62 -22.34
CA GLY F 426 25.40 65.62 -22.15
C GLY F 426 24.90 64.23 -22.45
N LEU F 427 24.19 64.05 -23.57
CA LEU F 427 23.61 62.74 -23.84
C LEU F 427 24.64 61.81 -24.46
N ALA F 428 25.35 62.29 -25.46
CA ALA F 428 26.32 61.47 -26.19
C ALA F 428 27.45 62.32 -26.75
N ALA F 429 28.49 61.65 -27.23
CA ALA F 429 29.62 62.32 -27.89
C ALA F 429 30.31 61.21 -28.69
N ALA F 430 31.17 61.64 -29.60
CA ALA F 430 31.98 60.69 -30.36
C ALA F 430 33.34 61.28 -30.65
N VAL F 431 34.29 60.38 -30.86
CA VAL F 431 35.69 60.71 -31.17
CA VAL F 431 35.63 60.78 -31.26
C VAL F 431 36.14 59.84 -32.36
N PHE F 432 36.68 60.46 -33.39
CA PHE F 432 37.26 59.75 -34.52
C PHE F 432 38.75 60.01 -34.54
N THR F 433 39.54 58.93 -34.36
CA THR F 433 40.99 59.02 -34.28
C THR F 433 41.55 57.61 -34.41
N LYS F 434 42.81 57.49 -34.85
CA LYS F 434 43.48 56.20 -34.86
C LYS F 434 44.35 56.00 -33.66
N ASP F 435 44.53 57.03 -32.83
CA ASP F 435 45.50 57.00 -31.77
C ASP F 435 44.90 56.48 -30.47
N LEU F 436 45.53 55.49 -29.87
CA LEU F 436 45.06 54.93 -28.61
C LEU F 436 44.92 56.00 -27.52
N ASP F 437 45.97 56.79 -27.30
CA ASP F 437 45.96 57.74 -26.18
C ASP F 437 44.94 58.86 -26.40
N LYS F 438 44.79 59.35 -27.62
CA LYS F 438 43.75 60.35 -27.89
C LYS F 438 42.37 59.80 -27.58
N ALA F 439 42.12 58.57 -28.00
CA ALA F 439 40.82 57.96 -27.79
C ALA F 439 40.51 57.83 -26.31
N ASN F 440 41.47 57.35 -25.53
CA ASN F 440 41.27 57.18 -24.10
C ASN F 440 41.19 58.52 -23.36
N TYR F 441 42.01 59.50 -23.74
CA TYR F 441 41.95 60.84 -23.15
C TYR F 441 40.55 61.44 -23.34
N LEU F 442 40.05 61.39 -24.57
CA LEU F 442 38.78 62.02 -24.90
C LEU F 442 37.59 61.25 -24.31
N SER F 443 37.59 59.92 -24.35
CA SER F 443 36.46 59.18 -23.78
C SER F 443 36.34 59.38 -22.28
N GLN F 444 37.45 59.50 -21.58
CA GLN F 444 37.37 59.87 -20.17
C GLN F 444 36.88 61.33 -19.97
N ALA F 445 37.39 62.28 -20.76
CA ALA F 445 37.14 63.69 -20.49
C ALA F 445 35.78 64.20 -20.87
N LEU F 446 35.14 63.54 -21.83
CA LEU F 446 33.86 64.04 -22.35
C LEU F 446 32.75 63.75 -21.34
N GLN F 447 31.94 64.77 -21.06
CA GLN F 447 30.86 64.68 -20.10
C GLN F 447 29.57 64.28 -20.79
N ALA F 448 29.45 62.98 -21.11
CA ALA F 448 28.35 62.46 -21.91
C ALA F 448 28.06 61.04 -21.49
N GLY F 449 26.80 60.64 -21.56
CA GLY F 449 26.41 59.31 -21.12
C GLY F 449 26.89 58.19 -22.02
N THR F 450 27.09 58.47 -23.30
CA THR F 450 27.69 57.48 -24.22
C THR F 450 28.75 58.23 -24.99
N VAL F 451 29.96 57.64 -25.04
CA VAL F 451 31.01 58.12 -25.94
C VAL F 451 31.28 57.02 -26.96
N TRP F 452 31.05 57.30 -28.24
CA TRP F 452 31.39 56.39 -29.36
C TRP F 452 32.79 56.72 -29.86
N VAL F 453 33.58 55.69 -30.13
CA VAL F 453 34.93 55.87 -30.69
C VAL F 453 34.97 55.20 -32.07
N ASN F 454 35.19 56.04 -33.09
CA ASN F 454 35.21 55.63 -34.49
C ASN F 454 33.90 54.99 -34.98
N CYS F 455 32.80 55.43 -34.36
CA CYS F 455 31.48 55.00 -34.75
C CYS F 455 30.47 55.99 -34.19
N TYR F 456 29.19 55.78 -34.49
CA TYR F 456 28.12 56.68 -33.99
C TYR F 456 26.81 55.94 -33.98
N ASP F 457 25.95 56.25 -33.00
CA ASP F 457 24.60 55.67 -32.98
C ASP F 457 24.67 54.14 -32.98
N VAL F 458 25.64 53.61 -32.21
CA VAL F 458 25.72 52.18 -32.02
C VAL F 458 25.02 51.89 -30.72
N PHE F 459 23.80 51.38 -30.84
CA PHE F 459 22.98 51.03 -29.72
C PHE F 459 23.00 49.53 -29.59
N GLY F 460 23.07 49.05 -28.37
CA GLY F 460 22.95 47.63 -28.16
C GLY F 460 22.10 47.49 -26.94
N ALA F 461 21.20 46.51 -26.98
CA ALA F 461 20.34 46.30 -25.83
C ALA F 461 21.15 46.01 -24.58
N GLN F 462 22.41 45.59 -24.77
CA GLN F 462 23.27 45.22 -23.65
C GLN F 462 23.91 46.41 -22.98
N SER F 463 24.01 47.54 -23.66
CA SER F 463 24.76 48.69 -23.15
C SER F 463 23.84 49.85 -22.80
N PRO F 464 24.04 50.43 -21.62
CA PRO F 464 23.11 51.47 -21.17
C PRO F 464 23.26 52.76 -21.95
N PHE F 465 22.20 53.56 -21.88
CA PHE F 465 22.11 54.84 -22.58
C PHE F 465 21.36 55.83 -21.72
N GLY F 466 21.86 57.07 -21.66
CA GLY F 466 21.13 58.13 -20.99
C GLY F 466 21.99 59.34 -20.73
N GLY F 467 21.40 60.36 -20.12
CA GLY F 467 22.04 61.67 -20.11
C GLY F 467 22.87 62.02 -18.88
N TYR F 468 23.95 62.79 -19.10
CA TYR F 468 24.52 63.66 -18.06
C TYR F 468 23.77 65.01 -18.11
N LYS F 469 23.94 65.79 -17.05
CA LYS F 469 23.44 67.18 -17.01
C LYS F 469 21.96 67.22 -17.35
N MET F 470 21.53 68.15 -18.20
CA MET F 470 20.10 68.28 -18.44
CA MET F 470 20.10 68.31 -18.45
C MET F 470 19.62 67.46 -19.63
N SER F 471 20.43 66.48 -20.03
CA SER F 471 19.97 65.46 -20.97
C SER F 471 19.20 64.32 -20.32
N GLY F 472 19.04 64.34 -19.01
CA GLY F 472 18.25 63.31 -18.34
C GLY F 472 18.91 62.77 -17.11
N SER F 473 18.26 61.76 -16.54
CA SER F 473 18.77 61.07 -15.37
C SER F 473 18.29 59.66 -15.44
N GLY F 474 19.15 58.78 -14.95
CA GLY F 474 18.88 57.36 -15.05
C GLY F 474 19.39 56.83 -16.38
N ARG F 475 19.38 55.51 -16.51
CA ARG F 475 19.85 54.86 -17.73
C ARG F 475 18.79 53.86 -18.22
N GLU F 476 18.73 53.71 -19.53
CA GLU F 476 17.90 52.68 -20.16
C GLU F 476 18.83 51.70 -20.89
N LEU F 477 18.32 50.51 -21.18
CA LEU F 477 19.10 49.42 -21.74
C LEU F 477 20.11 48.85 -20.74
N GLY F 478 20.57 47.66 -21.08
CA GLY F 478 21.50 46.92 -20.22
C GLY F 478 20.91 46.48 -18.89
N GLU F 479 21.78 46.00 -18.02
CA GLU F 479 21.34 45.66 -16.69
C GLU F 479 20.84 46.91 -15.96
N TYR F 480 21.51 48.03 -16.23
CA TYR F 480 21.18 49.32 -15.61
C TYR F 480 19.75 49.71 -15.82
N GLY F 481 19.18 49.36 -16.97
CA GLY F 481 17.78 49.64 -17.26
C GLY F 481 16.77 49.01 -16.30
N LEU F 482 17.18 48.05 -15.52
CA LEU F 482 16.32 47.42 -14.49
C LEU F 482 16.25 48.19 -13.16
N GLN F 483 17.24 49.04 -12.88
N GLN F 483 17.23 49.06 -12.91
CA GLN F 483 17.38 49.63 -11.54
CA GLN F 483 17.40 49.65 -11.59
C GLN F 483 16.18 50.52 -11.16
C GLN F 483 16.16 50.46 -11.19
N ALA F 484 15.69 51.29 -12.11
CA ALA F 484 14.57 52.22 -11.85
C ALA F 484 13.24 51.52 -11.77
N TYR F 485 13.22 50.24 -12.16
CA TYR F 485 12.00 49.46 -12.09
C TYR F 485 11.97 48.48 -10.90
N THR F 486 12.91 48.68 -9.97
CA THR F 486 13.06 47.82 -8.82
C THR F 486 12.90 48.66 -7.57
N GLU F 487 12.15 48.14 -6.60
CA GLU F 487 12.13 48.68 -5.24
C GLU F 487 12.81 47.66 -4.36
N VAL F 488 13.76 48.14 -3.55
CA VAL F 488 14.58 47.26 -2.72
C VAL F 488 13.99 47.18 -1.31
N LYS F 489 13.81 45.95 -0.81
CA LYS F 489 13.37 45.70 0.55
C LYS F 489 14.45 44.93 1.27
N THR F 490 14.90 45.43 2.40
CA THR F 490 15.77 44.70 3.30
C THR F 490 14.92 43.94 4.29
N VAL F 491 15.25 42.67 4.50
CA VAL F 491 14.65 41.88 5.58
C VAL F 491 15.79 41.43 6.48
N THR F 492 15.68 41.75 7.76
CA THR F 492 16.72 41.47 8.77
C THR F 492 16.10 40.70 9.89
N VAL F 493 16.55 39.47 10.02
CA VAL F 493 15.93 38.45 10.89
C VAL F 493 16.87 38.08 12.03
N LYS F 494 16.39 38.16 13.26
CA LYS F 494 17.18 37.67 14.41
C LYS F 494 17.38 36.16 14.27
N VAL F 495 18.59 35.67 14.52
CA VAL F 495 18.89 34.24 14.45
C VAL F 495 19.56 33.84 15.75
N PRO F 496 19.48 32.56 16.11
CA PRO F 496 20.09 32.14 17.38
C PRO F 496 21.59 32.46 17.52
N GLN F 497 22.39 32.21 16.49
CA GLN F 497 23.85 32.47 16.55
C GLN F 497 24.39 32.56 15.14
N LYS F 498 24.70 33.76 14.70
CA LYS F 498 25.26 33.96 13.37
C LYS F 498 26.68 33.37 13.29
N ASN F 499 26.94 32.61 12.24
CA ASN F 499 28.28 32.14 11.91
C ASN F 499 28.58 32.46 10.44
N SER F 500 29.87 32.61 10.13
CA SER F 500 30.29 32.81 8.72
C SER F 500 29.86 31.66 7.79
N ALA G 7 61.53 58.93 -0.35
CA ALA G 7 62.81 58.69 0.41
C ALA G 7 62.71 57.33 1.10
N VAL G 8 63.86 56.72 1.37
CA VAL G 8 63.92 55.39 1.98
C VAL G 8 64.79 55.44 3.23
N PRO G 9 64.29 54.99 4.38
CA PRO G 9 65.14 54.98 5.56
C PRO G 9 66.25 53.97 5.47
N ALA G 10 67.38 54.28 6.09
CA ALA G 10 68.55 53.42 6.02
C ALA G 10 68.24 52.08 6.61
N PRO G 11 68.62 51.00 5.90
CA PRO G 11 68.42 49.65 6.40
C PRO G 11 69.34 49.32 7.56
N ASN G 12 68.83 48.52 8.50
CA ASN G 12 69.67 47.65 9.28
C ASN G 12 70.15 46.49 8.41
N GLN G 13 71.46 46.41 8.15
CA GLN G 13 71.98 45.42 7.20
C GLN G 13 72.20 44.07 7.82
N GLN G 14 72.03 43.99 9.13
CA GLN G 14 72.11 42.75 9.87
C GLN G 14 70.93 42.63 10.83
N PRO G 15 69.70 42.59 10.28
CA PRO G 15 68.53 42.54 11.15
C PRO G 15 68.51 41.27 11.99
N GLU G 16 68.06 41.36 13.24
CA GLU G 16 68.02 40.21 14.13
C GLU G 16 66.84 39.34 13.73
N VAL G 17 66.96 38.04 13.92
CA VAL G 17 65.86 37.11 13.68
C VAL G 17 65.23 36.75 15.01
N PHE G 18 63.91 36.94 15.08
CA PHE G 18 63.14 36.71 16.28
C PHE G 18 62.29 35.46 16.17
N CYS G 19 61.97 35.05 14.94
CA CYS G 19 61.00 33.95 14.73
C CYS G 19 61.58 32.95 13.74
N ASN G 20 61.71 31.72 14.20
CA ASN G 20 62.36 30.69 13.37
C ASN G 20 61.82 29.30 13.65
N GLN G 21 60.59 29.24 14.12
CA GLN G 21 59.95 28.00 14.50
C GLN G 21 58.63 27.80 13.71
N ILE G 22 57.89 26.77 14.08
CA ILE G 22 56.53 26.53 13.51
C ILE G 22 55.50 27.30 14.32
N PHE G 23 54.54 27.94 13.63
CA PHE G 23 53.54 28.77 14.29
C PHE G 23 52.20 28.07 14.23
N ILE G 24 51.71 27.59 15.36
CA ILE G 24 50.44 26.87 15.47
C ILE G 24 49.72 27.40 16.72
N ASN G 25 48.45 27.78 16.58
CA ASN G 25 47.67 28.25 17.73
C ASN G 25 48.32 29.44 18.39
N ASN G 26 48.87 30.31 17.54
CA ASN G 26 49.52 31.54 17.98
C ASN G 26 50.67 31.32 18.95
N GLU G 27 51.31 30.16 18.82
CA GLU G 27 52.46 29.81 19.64
C GLU G 27 53.52 29.24 18.75
N TRP G 28 54.76 29.31 19.25
CA TRP G 28 55.91 28.86 18.51
C TRP G 28 56.34 27.48 18.98
N HIS G 29 56.54 26.58 18.01
CA HIS G 29 56.85 25.17 18.28
C HIS G 29 58.09 24.74 17.53
N ASP G 30 58.90 23.91 18.18
CA ASP G 30 59.88 23.15 17.43
C ASP G 30 59.16 22.12 16.57
N ALA G 31 59.82 21.65 15.51
CA ALA G 31 59.38 20.44 14.81
C ALA G 31 59.25 19.29 15.79
N VAL G 32 58.28 18.42 15.60
CA VAL G 32 58.17 17.23 16.45
C VAL G 32 59.50 16.45 16.45
N SER G 33 60.21 16.42 15.33
CA SER G 33 61.52 15.72 15.24
C SER G 33 62.69 16.49 15.82
N ARG G 34 62.44 17.75 16.16
CA ARG G 34 63.43 18.71 16.62
C ARG G 34 64.48 19.08 15.58
N LYS G 35 64.29 18.66 14.32
CA LYS G 35 65.22 18.99 13.27
CA LYS G 35 65.23 18.99 13.27
C LYS G 35 65.06 20.46 12.87
N THR G 36 66.14 21.03 12.37
CA THR G 36 66.15 22.37 11.78
C THR G 36 66.89 22.35 10.46
N PHE G 37 66.69 23.40 9.67
CA PHE G 37 67.35 23.54 8.40
C PHE G 37 67.91 24.95 8.30
N PRO G 38 69.01 25.14 7.55
CA PRO G 38 69.59 26.47 7.38
C PRO G 38 68.85 27.28 6.34
N THR G 39 68.70 28.58 6.60
CA THR G 39 68.41 29.49 5.51
C THR G 39 69.61 30.39 5.29
N VAL G 40 69.90 30.67 4.02
CA VAL G 40 71.13 31.31 3.58
C VAL G 40 70.89 32.72 3.03
N ASN G 41 71.85 33.60 3.27
CA ASN G 41 71.92 34.90 2.65
C ASN G 41 72.56 34.74 1.29
N PRO G 42 71.80 34.93 0.22
CA PRO G 42 72.33 34.68 -1.12
C PRO G 42 73.40 35.66 -1.58
N SER G 43 73.60 36.77 -0.85
CA SER G 43 74.60 37.74 -1.23
C SER G 43 75.97 37.22 -0.79
N THR G 44 75.98 36.31 0.18
CA THR G 44 77.23 35.73 0.70
C THR G 44 77.38 34.22 0.66
N GLY G 45 76.28 33.48 0.57
CA GLY G 45 76.40 32.03 0.72
C GLY G 45 76.42 31.54 2.16
N GLU G 46 76.33 32.47 3.09
CA GLU G 46 76.42 32.14 4.51
C GLU G 46 75.08 31.92 5.21
N VAL G 47 75.08 31.08 6.23
CA VAL G 47 73.85 30.75 6.96
C VAL G 47 73.43 31.95 7.81
N ILE G 48 72.16 32.33 7.70
CA ILE G 48 71.60 33.39 8.53
C ILE G 48 71.26 32.77 9.85
N CYS G 49 70.51 31.67 9.81
CA CYS G 49 70.07 30.98 11.00
C CYS G 49 69.45 29.63 10.65
N GLN G 50 69.16 28.86 11.70
CA GLN G 50 68.41 27.61 11.57
C GLN G 50 66.92 27.87 11.76
N VAL G 51 66.10 27.08 11.08
CA VAL G 51 64.63 27.19 11.15
C VAL G 51 64.03 25.79 11.35
N ALA G 52 62.99 25.67 12.17
CA ALA G 52 62.29 24.42 12.44
C ALA G 52 61.92 23.74 11.12
N GLU G 53 62.30 22.47 10.97
CA GLU G 53 62.04 21.71 9.74
C GLU G 53 60.74 20.94 9.89
N GLY G 54 59.63 21.61 9.57
CA GLY G 54 58.33 20.98 9.64
C GLY G 54 58.15 19.86 8.60
N ASP G 55 57.43 18.83 9.03
CA ASP G 55 57.13 17.69 8.15
C ASP G 55 55.67 17.31 8.37
N LYS G 56 55.28 16.12 7.89
CA LYS G 56 53.92 15.65 8.02
C LYS G 56 53.30 15.78 9.41
N GLU G 57 54.01 15.38 10.47
CA GLU G 57 53.45 15.41 11.80
C GLU G 57 53.16 16.86 12.26
N ASP G 58 53.98 17.79 11.81
CA ASP G 58 53.77 19.22 12.12
C ASP G 58 52.59 19.79 11.33
N VAL G 59 52.51 19.43 10.06
CA VAL G 59 51.32 19.77 9.27
C VAL G 59 50.06 19.21 9.94
N ASP G 60 50.11 17.98 10.45
CA ASP G 60 48.93 17.39 11.09
CA ASP G 60 48.93 17.41 11.08
C ASP G 60 48.48 18.21 12.30
N LYS G 61 49.41 18.64 13.17
CA LYS G 61 49.06 19.47 14.29
C LYS G 61 48.45 20.79 13.79
N ALA G 62 49.06 21.37 12.77
CA ALA G 62 48.55 22.66 12.24
C ALA G 62 47.13 22.51 11.69
N VAL G 63 46.88 21.42 10.94
CA VAL G 63 45.52 21.16 10.42
C VAL G 63 44.50 21.00 11.53
N LYS G 64 44.85 20.27 12.60
CA LYS G 64 43.89 20.09 13.66
C LYS G 64 43.61 21.44 14.35
N ALA G 65 44.65 22.28 14.50
CA ALA G 65 44.45 23.59 15.10
C ALA G 65 43.53 24.45 14.24
N ALA G 66 43.75 24.42 12.93
CA ALA G 66 42.90 25.17 12.00
C ALA G 66 41.47 24.64 12.04
N ARG G 67 41.30 23.31 12.01
CA ARG G 67 39.97 22.73 12.07
C ARG G 67 39.25 23.14 13.35
N ALA G 68 39.94 23.13 14.50
CA ALA G 68 39.31 23.58 15.74
C ALA G 68 38.86 25.05 15.65
N ALA G 69 39.69 25.89 15.03
CA ALA G 69 39.37 27.31 14.97
C ALA G 69 38.19 27.57 14.06
N PHE G 70 37.91 26.63 13.15
CA PHE G 70 36.82 26.76 12.19
C PHE G 70 35.51 26.13 12.70
N GLN G 71 35.49 25.54 13.89
CA GLN G 71 34.27 24.89 14.34
C GLN G 71 33.13 25.92 14.47
N LEU G 72 31.93 25.53 14.08
CA LEU G 72 30.74 26.36 14.28
C LEU G 72 30.72 26.79 15.74
N GLY G 73 30.49 28.09 15.98
CA GLY G 73 30.44 28.63 17.29
C GLY G 73 31.76 29.16 17.83
N SER G 74 32.86 28.96 17.11
CA SER G 74 34.17 29.45 17.54
C SER G 74 34.26 30.97 17.45
N PRO G 75 35.23 31.58 18.10
CA PRO G 75 35.34 33.03 17.99
C PRO G 75 35.53 33.47 16.54
N TRP G 76 36.29 32.73 15.74
CA TRP G 76 36.49 33.12 14.34
C TRP G 76 35.26 32.95 13.46
N ARG G 77 34.46 31.93 13.74
CA ARG G 77 33.23 31.71 12.97
C ARG G 77 32.14 32.72 13.34
N ARG G 78 32.10 33.12 14.60
CA ARG G 78 31.09 34.06 15.10
C ARG G 78 31.43 35.51 14.82
N MET G 79 32.68 35.80 14.55
CA MET G 79 33.10 37.20 14.43
C MET G 79 32.38 37.89 13.28
N ASP G 80 31.98 39.12 13.52
CA ASP G 80 31.39 39.89 12.45
C ASP G 80 32.34 39.99 11.26
N ALA G 81 31.79 39.87 10.07
CA ALA G 81 32.61 40.03 8.88
C ALA G 81 33.35 41.36 8.87
N SER G 82 32.67 42.44 9.30
CA SER G 82 33.36 43.72 9.36
C SER G 82 34.54 43.70 10.31
N HIS G 83 34.47 42.89 11.36
CA HIS G 83 35.59 42.80 12.29
C HIS G 83 36.78 42.02 11.69
N ARG G 84 36.51 41.02 10.85
CA ARG G 84 37.63 40.42 10.10
C ARG G 84 38.33 41.51 9.31
N GLY G 85 37.56 42.42 8.71
CA GLY G 85 38.18 43.55 8.03
C GLY G 85 38.99 44.42 8.95
N ARG G 86 38.49 44.71 10.16
CA ARG G 86 39.28 45.48 11.13
C ARG G 86 40.59 44.77 11.46
N LEU G 87 40.55 43.45 11.61
CA LEU G 87 41.78 42.69 11.94
C LEU G 87 42.79 42.75 10.79
N LEU G 88 42.33 42.62 9.54
CA LEU G 88 43.25 42.76 8.45
C LEU G 88 43.88 44.16 8.38
N ASN G 89 43.08 45.19 8.66
CA ASN G 89 43.59 46.56 8.64
C ASN G 89 44.58 46.71 9.77
N ARG G 90 44.32 46.08 10.91
CA ARG G 90 45.28 46.16 12.03
C ARG G 90 46.59 45.48 11.69
N LEU G 91 46.50 44.35 11.00
CA LEU G 91 47.69 43.63 10.54
C LEU G 91 48.51 44.52 9.62
N ALA G 92 47.86 45.15 8.66
CA ALA G 92 48.55 46.05 7.77
C ALA G 92 49.24 47.17 8.56
N ASP G 93 48.56 47.74 9.55
CA ASP G 93 49.19 48.83 10.31
C ASP G 93 50.42 48.33 11.07
N LEU G 94 50.42 47.10 11.53
CA LEU G 94 51.58 46.55 12.26
C LEU G 94 52.74 46.30 11.29
N ILE G 95 52.44 45.79 10.10
CA ILE G 95 53.46 45.63 9.05
C ILE G 95 54.02 46.98 8.68
N GLU G 96 53.19 48.02 8.58
CA GLU G 96 53.68 49.36 8.27
C GLU G 96 54.58 49.87 9.40
N ARG G 97 54.20 49.64 10.66
CA ARG G 97 55.09 50.03 11.76
C ARG G 97 56.48 49.40 11.60
N ASP G 98 56.49 48.14 11.19
CA ASP G 98 57.73 47.35 11.09
C ASP G 98 58.29 47.27 9.67
N ARG G 99 57.95 48.24 8.83
CA ARG G 99 58.27 48.21 7.43
C ARG G 99 59.77 48.18 7.15
N THR G 100 60.53 49.00 7.87
CA THR G 100 61.97 49.07 7.62
CA THR G 100 61.97 49.09 7.57
C THR G 100 62.65 47.77 7.97
N TYR G 101 62.27 47.18 9.09
CA TYR G 101 62.77 45.90 9.53
C TYR G 101 62.40 44.80 8.54
N LEU G 102 61.13 44.75 8.16
CA LEU G 102 60.72 43.66 7.29
C LEU G 102 61.34 43.83 5.90
N ALA G 103 61.47 45.04 5.38
CA ALA G 103 62.16 45.22 4.10
C ALA G 103 63.60 44.72 4.17
N ALA G 104 64.30 45.01 5.27
CA ALA G 104 65.70 44.60 5.37
C ALA G 104 65.82 43.09 5.51
N LEU G 105 64.93 42.49 6.29
CA LEU G 105 64.96 41.05 6.47
C LEU G 105 64.64 40.35 5.15
N GLU G 106 63.71 40.92 4.39
CA GLU G 106 63.36 40.37 3.07
C GLU G 106 64.57 40.38 2.14
N THR G 107 65.30 41.49 2.08
CA THR G 107 66.55 41.55 1.31
C THR G 107 67.61 40.55 1.80
N LEU G 108 67.76 40.46 3.11
CA LEU G 108 68.74 39.54 3.69
C LEU G 108 68.54 38.09 3.27
N ASP G 109 67.28 37.66 3.28
CA ASP G 109 66.94 36.27 3.07
C ASP G 109 66.73 35.96 1.58
N ASN G 110 66.27 36.95 0.81
CA ASN G 110 65.90 36.71 -0.60
C ASN G 110 66.90 37.23 -1.61
N GLY G 111 67.57 38.34 -1.31
CA GLY G 111 68.56 38.96 -2.20
C GLY G 111 68.13 40.21 -2.93
N LYS G 112 66.83 40.48 -3.00
CA LYS G 112 66.39 41.65 -3.76
C LYS G 112 66.88 42.97 -3.13
N PRO G 113 67.07 43.98 -3.97
CA PRO G 113 67.55 45.28 -3.45
C PRO G 113 66.60 45.79 -2.39
N TYR G 114 67.21 46.28 -1.32
CA TYR G 114 66.45 46.85 -0.21
C TYR G 114 65.54 47.99 -0.62
N VAL G 115 65.97 48.86 -1.53
CA VAL G 115 65.14 49.94 -2.01
C VAL G 115 63.82 49.39 -2.57
N ILE G 116 63.93 48.29 -3.33
CA ILE G 116 62.76 47.66 -3.95
C ILE G 116 61.93 46.91 -2.92
N SER G 117 62.54 46.13 -2.03
CA SER G 117 61.82 45.59 -0.85
C SER G 117 60.98 46.64 -0.14
N TYR G 118 61.56 47.83 0.06
CA TYR G 118 60.89 48.86 0.83
C TYR G 118 59.79 49.49 0.01
N LEU G 119 60.10 49.95 -1.19
CA LEU G 119 59.18 50.79 -1.96
C LEU G 119 58.18 50.00 -2.78
N VAL G 120 58.54 48.77 -3.14
CA VAL G 120 57.70 47.93 -3.96
C VAL G 120 57.06 46.82 -3.14
N ASP G 121 57.80 45.81 -2.70
CA ASP G 121 57.19 44.67 -2.00
C ASP G 121 56.36 45.10 -0.80
N LEU G 122 56.93 45.87 0.11
CA LEU G 122 56.21 46.21 1.33
C LEU G 122 54.99 47.10 1.01
N ASP G 123 55.12 48.01 0.07
CA ASP G 123 53.96 48.83 -0.37
C ASP G 123 52.85 47.95 -0.90
N MET G 124 53.20 47.00 -1.77
N MET G 124 53.21 46.98 -1.73
CA MET G 124 52.18 46.10 -2.33
CA MET G 124 52.19 46.11 -2.32
C MET G 124 51.55 45.20 -1.27
C MET G 124 51.57 45.16 -1.30
N VAL G 125 52.32 44.78 -0.29
CA VAL G 125 51.78 43.98 0.83
C VAL G 125 50.70 44.77 1.55
N LEU G 126 51.03 46.01 1.89
CA LEU G 126 50.07 46.86 2.61
C LEU G 126 48.84 47.10 1.76
N LYS G 127 49.01 47.35 0.47
CA LYS G 127 47.88 47.64 -0.41
C LYS G 127 47.00 46.41 -0.56
N CYS G 128 47.61 45.22 -0.59
CA CYS G 128 46.82 44.02 -0.78
C CYS G 128 45.99 43.69 0.46
N LEU G 129 46.61 43.76 1.63
CA LEU G 129 45.90 43.53 2.87
C LEU G 129 44.79 44.53 3.08
N ARG G 130 45.07 45.80 2.79
CA ARG G 130 44.05 46.84 3.00
C ARG G 130 42.93 46.70 1.96
N TYR G 131 43.24 46.31 0.73
CA TYR G 131 42.21 46.02 -0.25
C TYR G 131 41.26 44.93 0.24
N TYR G 132 41.82 43.78 0.62
CA TYR G 132 40.99 42.67 1.05
C TYR G 132 40.25 42.92 2.36
N ALA G 133 40.82 43.74 3.24
CA ALA G 133 40.08 44.14 4.42
C ALA G 133 38.71 44.70 4.04
N GLY G 134 38.68 45.50 2.97
CA GLY G 134 37.47 46.13 2.46
C GLY G 134 36.46 45.14 1.92
N TRP G 135 36.91 43.97 1.46
CA TRP G 135 36.00 42.94 0.94
C TRP G 135 35.31 42.14 2.03
N ALA G 136 35.83 42.18 3.26
CA ALA G 136 35.39 41.19 4.23
C ALA G 136 33.87 41.11 4.43
N ASP G 137 33.19 42.25 4.33
CA ASP G 137 31.75 42.34 4.57
C ASP G 137 30.94 42.75 3.34
N LYS G 138 31.47 42.49 2.14
CA LYS G 138 30.83 42.92 0.90
C LYS G 138 30.67 41.82 -0.15
N TYR G 139 31.09 40.59 0.15
CA TYR G 139 30.98 39.51 -0.86
C TYR G 139 29.66 38.74 -0.76
N HIS G 140 28.62 39.39 -1.22
CA HIS G 140 27.24 39.01 -0.95
C HIS G 140 26.87 37.73 -1.67
N GLY G 141 26.03 36.92 -1.03
CA GLY G 141 25.28 35.90 -1.76
C GLY G 141 24.07 36.52 -2.43
N LYS G 142 23.16 35.66 -2.89
CA LYS G 142 22.07 36.14 -3.76
C LYS G 142 20.72 35.73 -3.23
N THR G 143 19.70 36.52 -3.53
CA THR G 143 18.28 36.06 -3.42
C THR G 143 17.78 35.89 -4.83
N ILE G 144 17.09 34.77 -5.03
CA ILE G 144 16.97 34.23 -6.39
C ILE G 144 15.52 33.93 -6.72
N PRO G 145 15.01 34.47 -7.84
CA PRO G 145 13.56 34.31 -8.15
C PRO G 145 13.24 32.98 -8.80
N ILE G 146 13.52 31.89 -8.08
CA ILE G 146 13.22 30.56 -8.55
C ILE G 146 11.73 30.34 -8.86
N ASP G 147 11.45 29.41 -9.77
CA ASP G 147 10.09 29.04 -10.04
C ASP G 147 9.44 28.40 -8.80
N GLY G 148 8.13 28.57 -8.72
CA GLY G 148 7.30 27.95 -7.65
C GLY G 148 7.25 28.74 -6.36
N ASP G 149 6.51 28.15 -5.42
CA ASP G 149 6.24 28.81 -4.14
C ASP G 149 7.39 28.56 -3.16
N PHE G 150 8.52 29.22 -3.46
CA PHE G 150 9.75 29.07 -2.67
C PHE G 150 10.45 30.41 -2.54
N PHE G 151 11.20 30.53 -1.46
CA PHE G 151 12.24 31.54 -1.28
C PHE G 151 13.56 30.85 -1.38
N SER G 152 14.39 31.24 -2.34
CA SER G 152 15.68 30.61 -2.54
C SER G 152 16.76 31.69 -2.48
N TYR G 153 17.83 31.34 -1.78
CA TYR G 153 18.97 32.24 -1.61
C TYR G 153 20.26 31.46 -1.50
N THR G 154 21.37 32.15 -1.68
CA THR G 154 22.67 31.53 -1.40
C THR G 154 23.42 32.20 -0.26
N ARG G 155 24.06 31.36 0.54
CA ARG G 155 25.09 31.79 1.51
C ARG G 155 26.45 31.63 0.89
N HIS G 156 27.30 32.67 0.99
CA HIS G 156 28.70 32.52 0.67
C HIS G 156 29.41 32.20 1.96
N GLU G 157 29.77 30.93 2.12
CA GLU G 157 30.41 30.45 3.35
C GLU G 157 31.89 30.28 3.06
N PRO G 158 32.73 30.16 4.12
CA PRO G 158 34.13 29.90 3.82
C PRO G 158 34.32 28.46 3.31
N VAL G 159 35.32 28.25 2.48
CA VAL G 159 35.61 26.89 2.03
CA VAL G 159 35.62 26.87 2.06
C VAL G 159 36.12 26.02 3.19
N GLY G 160 36.83 26.63 4.14
CA GLY G 160 37.22 25.95 5.36
C GLY G 160 38.71 25.99 5.62
N VAL G 161 39.35 24.83 5.80
CA VAL G 161 40.79 24.76 6.05
C VAL G 161 41.54 24.82 4.72
N CYS G 162 42.28 25.90 4.58
CA CYS G 162 42.96 26.19 3.33
C CYS G 162 44.46 25.96 3.48
N GLY G 163 44.99 25.05 2.68
CA GLY G 163 46.42 24.84 2.57
C GLY G 163 46.98 25.82 1.54
N GLN G 164 48.03 26.57 1.89
CA GLN G 164 48.56 27.61 1.01
C GLN G 164 50.06 27.42 0.97
N ILE G 165 50.59 27.20 -0.23
CA ILE G 165 52.00 26.88 -0.42
C ILE G 165 52.55 28.00 -1.27
N ILE G 166 53.53 28.73 -0.76
CA ILE G 166 53.99 29.91 -1.48
C ILE G 166 55.50 29.87 -1.74
N PRO G 167 55.91 30.56 -2.80
CA PRO G 167 57.29 30.50 -3.27
C PRO G 167 58.16 31.58 -2.67
N TRP G 168 59.39 31.62 -3.16
CA TRP G 168 60.45 32.43 -2.57
C TRP G 168 60.70 33.72 -3.31
N ASN G 169 60.05 33.95 -4.45
CA ASN G 169 60.43 35.12 -5.26
C ASN G 169 59.97 36.47 -4.68
N PHE G 170 58.77 36.46 -4.13
CA PHE G 170 58.19 37.63 -3.43
C PHE G 170 57.61 37.11 -2.11
N PRO G 171 58.47 36.82 -1.11
CA PRO G 171 58.00 36.07 0.04
C PRO G 171 56.86 36.78 0.77
N LEU G 172 57.04 38.05 1.09
CA LEU G 172 55.99 38.73 1.88
C LEU G 172 54.74 38.98 1.01
N LEU G 173 54.98 39.34 -0.25
CA LEU G 173 53.86 39.70 -1.15
C LEU G 173 53.01 38.48 -1.42
N MET G 174 53.64 37.34 -1.69
CA MET G 174 52.87 36.12 -1.91
C MET G 174 52.10 35.71 -0.67
N GLN G 175 52.69 35.89 0.51
CA GLN G 175 51.95 35.61 1.74
C GLN G 175 50.67 36.47 1.79
N ALA G 176 50.81 37.74 1.46
CA ALA G 176 49.65 38.65 1.51
C ALA G 176 48.61 38.33 0.46
N TRP G 177 49.03 37.92 -0.73
CA TRP G 177 48.08 37.58 -1.79
C TRP G 177 47.25 36.38 -1.37
N LYS G 178 47.80 35.52 -0.51
CA LYS G 178 47.09 34.34 -0.03
C LYS G 178 46.26 34.67 1.22
N LEU G 179 46.85 35.35 2.19
CA LEU G 179 46.13 35.63 3.44
C LEU G 179 44.96 36.59 3.24
N GLY G 180 45.14 37.61 2.41
CA GLY G 180 44.11 38.65 2.26
C GLY G 180 42.75 38.04 1.95
N PRO G 181 42.64 37.31 0.82
CA PRO G 181 41.33 36.79 0.45
C PRO G 181 40.83 35.68 1.34
N ALA G 182 41.73 34.82 1.81
CA ALA G 182 41.29 33.73 2.69
C ALA G 182 40.70 34.24 4.00
N LEU G 183 41.39 35.19 4.61
CA LEU G 183 40.92 35.75 5.87
C LEU G 183 39.72 36.66 5.67
N ALA G 184 39.70 37.41 4.57
CA ALA G 184 38.54 38.29 4.35
C ALA G 184 37.26 37.48 4.31
N THR G 185 37.33 36.24 3.79
CA THR G 185 36.14 35.41 3.61
C THR G 185 35.96 34.42 4.78
N GLY G 186 36.79 34.52 5.82
CA GLY G 186 36.55 33.77 7.04
C GLY G 186 37.08 32.33 7.07
N ASN G 187 38.02 32.03 6.20
CA ASN G 187 38.70 30.72 6.20
C ASN G 187 39.76 30.68 7.28
N VAL G 188 40.33 29.50 7.47
CA VAL G 188 41.52 29.30 8.32
C VAL G 188 42.60 28.71 7.43
N VAL G 189 43.85 28.92 7.81
CA VAL G 189 44.98 28.69 6.92
C VAL G 189 46.07 27.82 7.56
N VAL G 190 46.59 26.89 6.76
CA VAL G 190 47.85 26.20 7.05
C VAL G 190 48.76 26.56 5.89
N MET G 191 49.79 27.35 6.16
CA MET G 191 50.65 27.88 5.13
C MET G 191 52.05 27.30 5.20
N LYS G 192 52.52 26.86 4.05
CA LYS G 192 53.89 26.36 3.92
C LYS G 192 54.68 27.41 3.18
N VAL G 193 55.70 27.98 3.87
CA VAL G 193 56.56 28.96 3.24
C VAL G 193 57.80 28.34 2.65
N ALA G 194 58.44 29.06 1.73
CA ALA G 194 59.60 28.51 1.00
C ALA G 194 60.81 28.35 1.92
N GLU G 195 61.48 27.22 1.82
CA GLU G 195 62.69 27.01 2.61
C GLU G 195 63.79 28.02 2.32
N GLN G 196 63.81 28.56 1.13
CA GLN G 196 64.78 29.57 0.73
C GLN G 196 64.53 30.92 1.41
N THR G 197 63.28 31.17 1.81
CA THR G 197 62.89 32.49 2.32
C THR G 197 61.81 32.39 3.40
N PRO G 198 62.05 31.68 4.51
CA PRO G 198 61.00 31.51 5.52
C PRO G 198 60.82 32.67 6.47
N LEU G 199 61.84 33.51 6.63
CA LEU G 199 61.93 34.35 7.83
C LEU G 199 60.90 35.49 7.91
N THR G 200 60.72 36.22 6.83
CA THR G 200 59.77 37.33 6.88
C THR G 200 58.35 36.88 7.17
N ALA G 201 57.92 35.75 6.60
CA ALA G 201 56.57 35.26 6.85
C ALA G 201 56.36 34.81 8.28
N LEU G 202 57.41 34.27 8.92
CA LEU G 202 57.33 33.92 10.33
C LEU G 202 57.24 35.16 11.22
N TYR G 203 57.97 36.22 10.89
CA TYR G 203 57.81 37.45 11.66
C TYR G 203 56.37 37.98 11.51
N VAL G 204 55.83 37.92 10.29
CA VAL G 204 54.43 38.35 10.12
C VAL G 204 53.47 37.53 11.00
N ALA G 205 53.73 36.24 11.21
CA ALA G 205 52.94 35.45 12.17
C ALA G 205 52.91 36.08 13.56
N ASN G 206 54.04 36.59 14.03
CA ASN G 206 54.02 37.31 15.31
C ASN G 206 53.07 38.51 15.27
N LEU G 207 53.04 39.19 14.13
CA LEU G 207 52.12 40.33 13.91
C LEU G 207 50.65 39.91 13.81
N ILE G 208 50.40 38.71 13.26
CA ILE G 208 49.06 38.16 13.25
C ILE G 208 48.55 37.93 14.66
N LYS G 209 49.36 37.34 15.54
CA LYS G 209 49.01 37.20 16.97
C LYS G 209 48.77 38.58 17.56
N GLU G 210 49.73 39.47 17.34
CA GLU G 210 49.63 40.82 17.93
C GLU G 210 48.35 41.55 17.50
N ALA G 211 47.95 41.32 16.25
CA ALA G 211 46.76 42.00 15.68
C ALA G 211 45.47 41.51 16.30
N GLY G 212 45.49 40.32 16.90
CA GLY G 212 44.32 39.78 17.57
C GLY G 212 43.60 38.67 16.83
N PHE G 213 44.21 38.10 15.79
CA PHE G 213 43.53 36.95 15.17
C PHE G 213 43.41 35.78 16.17
N PRO G 214 42.27 35.09 16.23
CA PRO G 214 42.17 33.95 17.14
C PRO G 214 43.18 32.84 16.85
N PRO G 215 43.62 32.11 17.89
CA PRO G 215 44.57 31.05 17.67
C PRO G 215 44.04 30.02 16.71
N GLY G 216 44.90 29.56 15.80
CA GLY G 216 44.50 28.50 14.87
C GLY G 216 44.03 29.05 13.55
N VAL G 217 43.78 30.35 13.48
CA VAL G 217 43.24 30.93 12.24
C VAL G 217 44.32 31.00 11.17
N VAL G 218 45.55 31.33 11.53
CA VAL G 218 46.70 31.20 10.62
C VAL G 218 47.80 30.38 11.29
N ASN G 219 48.25 29.34 10.59
CA ASN G 219 49.31 28.47 11.11
C ASN G 219 50.34 28.38 10.03
N ILE G 220 51.62 28.45 10.40
CA ILE G 220 52.65 28.46 9.38
C ILE G 220 53.67 27.39 9.68
N VAL G 221 53.94 26.55 8.69
CA VAL G 221 54.85 25.41 8.83
C VAL G 221 55.97 25.60 7.79
N PRO G 222 57.15 26.10 8.22
CA PRO G 222 58.31 26.07 7.34
C PRO G 222 58.81 24.63 7.22
N GLY G 223 59.43 24.35 6.09
CA GLY G 223 59.86 22.99 5.77
C GLY G 223 60.03 22.81 4.27
N PHE G 224 60.27 21.58 3.83
CA PHE G 224 60.55 21.34 2.44
C PHE G 224 59.27 20.95 1.70
N GLY G 225 59.40 20.91 0.38
CA GLY G 225 58.26 20.68 -0.52
C GLY G 225 57.75 19.26 -0.46
N PRO G 226 58.62 18.28 -0.74
CA PRO G 226 58.17 16.88 -0.76
C PRO G 226 57.77 16.33 0.59
N THR G 227 58.03 17.09 1.65
CA THR G 227 57.63 16.67 2.98
C THR G 227 56.41 17.51 3.46
N ALA G 228 56.65 18.75 3.88
CA ALA G 228 55.55 19.58 4.40
C ALA G 228 54.52 19.96 3.32
N GLY G 229 55.01 20.35 2.16
CA GLY G 229 54.12 20.72 1.06
C GLY G 229 53.26 19.53 0.63
N ALA G 230 53.87 18.36 0.49
CA ALA G 230 53.11 17.20 0.04
C ALA G 230 52.10 16.80 1.11
N ALA G 231 52.46 16.95 2.38
CA ALA G 231 51.54 16.61 3.43
C ALA G 231 50.25 17.45 3.39
N ILE G 232 50.44 18.74 3.06
CA ILE G 232 49.25 19.63 2.92
C ILE G 232 48.39 19.20 1.73
N ALA G 233 49.04 18.96 0.58
CA ALA G 233 48.35 18.59 -0.67
C ALA G 233 47.55 17.32 -0.55
N SER G 234 48.07 16.37 0.23
CA SER G 234 47.42 15.07 0.42
CA SER G 234 47.41 15.06 0.40
C SER G 234 46.59 14.94 1.68
N HIS G 235 46.49 16.02 2.45
CA HIS G 235 45.81 15.87 3.73
C HIS G 235 44.33 15.61 3.61
N GLU G 236 43.82 14.69 4.42
CA GLU G 236 42.42 14.32 4.36
C GLU G 236 41.44 15.33 4.96
N ASP G 237 41.93 16.33 5.69
CA ASP G 237 41.05 17.30 6.33
C ASP G 237 41.36 18.72 5.87
N VAL G 238 42.12 18.89 4.77
CA VAL G 238 42.31 20.19 4.14
C VAL G 238 41.30 20.31 3.01
N ASP G 239 40.51 21.38 3.03
CA ASP G 239 39.40 21.52 2.09
C ASP G 239 39.80 22.12 0.75
N LYS G 240 40.89 22.86 0.72
CA LYS G 240 41.25 23.64 -0.45
C LYS G 240 42.75 23.86 -0.37
N VAL G 241 43.43 23.73 -1.53
CA VAL G 241 44.86 24.06 -1.62
C VAL G 241 45.07 25.13 -2.67
N ALA G 242 45.92 26.09 -2.32
CA ALA G 242 46.37 27.07 -3.27
C ALA G 242 47.89 26.97 -3.37
N PHE G 243 48.40 26.79 -4.58
CA PHE G 243 49.85 26.61 -4.78
C PHE G 243 50.38 27.57 -5.81
N THR G 244 51.50 28.23 -5.49
CA THR G 244 52.21 29.04 -6.46
C THR G 244 53.60 28.47 -6.57
N GLY G 245 54.02 28.20 -7.80
CA GLY G 245 55.28 27.50 -8.05
C GLY G 245 55.39 27.03 -9.48
N SER G 246 56.24 26.03 -9.69
CA SER G 246 56.49 25.54 -11.05
C SER G 246 55.31 24.74 -11.59
N THR G 247 55.17 24.77 -12.91
CA THR G 247 54.16 23.95 -13.57
C THR G 247 54.28 22.47 -13.22
N GLU G 248 55.51 21.95 -13.21
CA GLU G 248 55.80 20.58 -12.76
C GLU G 248 55.27 20.21 -11.39
N ILE G 249 55.46 21.10 -10.42
CA ILE G 249 54.94 20.79 -9.09
C ILE G 249 53.42 21.01 -9.00
N GLY G 250 52.91 21.94 -9.80
CA GLY G 250 51.46 22.08 -9.90
C GLY G 250 50.78 20.76 -10.26
N ARG G 251 51.37 19.97 -11.16
CA ARG G 251 50.79 18.65 -11.49
C ARG G 251 50.73 17.72 -10.29
N VAL G 252 51.80 17.73 -9.52
CA VAL G 252 51.88 16.95 -8.28
C VAL G 252 50.75 17.33 -7.29
N ILE G 253 50.52 18.64 -7.15
CA ILE G 253 49.44 19.15 -6.29
C ILE G 253 48.05 18.65 -6.76
N GLN G 254 47.78 18.74 -8.07
N GLN G 254 47.79 18.73 -8.06
CA GLN G 254 46.46 18.40 -8.61
CA GLN G 254 46.48 18.39 -8.59
C GLN G 254 46.23 16.90 -8.49
C GLN G 254 46.24 16.90 -8.43
N VAL G 255 47.28 16.11 -8.67
CA VAL G 255 47.19 14.67 -8.50
C VAL G 255 46.97 14.27 -7.04
N ALA G 256 47.65 14.98 -6.13
CA ALA G 256 47.49 14.74 -4.70
C ALA G 256 46.09 15.05 -4.24
N ALA G 257 45.49 16.11 -4.78
CA ALA G 257 44.11 16.41 -4.47
C ALA G 257 43.13 15.34 -4.94
N GLY G 258 43.28 14.89 -6.19
CA GLY G 258 42.42 13.81 -6.70
C GLY G 258 42.58 12.50 -5.96
N SER G 259 43.81 12.23 -5.53
CA SER G 259 44.14 10.96 -4.87
C SER G 259 43.80 10.94 -3.40
N SER G 260 43.52 12.10 -2.80
CA SER G 260 43.21 12.15 -1.39
C SER G 260 41.71 12.40 -1.21
N ASN G 261 41.32 13.63 -0.90
CA ASN G 261 39.94 13.93 -0.54
C ASN G 261 39.19 14.85 -1.51
N LEU G 262 39.70 15.04 -2.72
CA LEU G 262 39.01 15.88 -3.70
C LEU G 262 38.92 17.33 -3.24
N LYS G 263 39.93 17.76 -2.47
CA LYS G 263 40.03 19.17 -2.09
C LYS G 263 40.07 20.05 -3.35
N ARG G 264 39.56 21.28 -3.19
CA ARG G 264 39.54 22.21 -4.30
C ARG G 264 40.94 22.78 -4.52
N VAL G 265 41.31 23.02 -5.76
CA VAL G 265 42.66 23.41 -6.12
C VAL G 265 42.67 24.67 -6.99
N THR G 266 43.55 25.62 -6.65
CA THR G 266 43.97 26.66 -7.58
C THR G 266 45.50 26.71 -7.66
N LEU G 267 45.98 27.12 -8.84
CA LEU G 267 47.44 27.03 -9.17
C LEU G 267 47.87 28.28 -9.91
N GLU G 268 49.00 28.86 -9.50
CA GLU G 268 49.63 29.99 -10.14
C GLU G 268 51.02 29.48 -10.46
N LEU G 269 51.26 29.27 -11.74
CA LEU G 269 52.44 28.58 -12.20
C LEU G 269 53.34 29.50 -13.02
N GLY G 270 54.20 28.91 -13.82
CA GLY G 270 55.18 29.74 -14.51
C GLY G 270 54.67 30.28 -15.80
N GLY G 271 55.59 30.89 -16.53
CA GLY G 271 55.26 31.37 -17.84
C GLY G 271 56.45 31.48 -18.78
N LYS G 272 56.13 31.90 -19.99
CA LYS G 272 57.15 32.36 -20.95
C LYS G 272 56.55 33.47 -21.74
N SER G 273 56.26 34.55 -21.02
CA SER G 273 55.32 35.55 -21.55
C SER G 273 55.91 36.40 -22.66
N PRO G 274 55.14 36.65 -23.74
CA PRO G 274 55.58 37.46 -24.87
C PRO G 274 55.35 38.95 -24.67
N ASN G 275 56.33 39.76 -25.01
CA ASN G 275 56.25 41.20 -24.94
C ASN G 275 56.48 41.68 -26.36
N ILE G 276 55.44 42.20 -26.98
CA ILE G 276 55.39 42.46 -28.41
C ILE G 276 55.52 43.94 -28.71
N ILE G 277 56.60 44.32 -29.39
CA ILE G 277 56.89 45.71 -29.74
C ILE G 277 56.61 45.96 -31.20
N MET G 278 55.53 46.69 -31.47
CA MET G 278 55.18 47.02 -32.83
C MET G 278 56.04 48.18 -33.34
N SER G 279 56.16 48.32 -34.66
CA SER G 279 57.06 49.34 -35.18
C SER G 279 56.68 50.77 -34.83
N ASP G 280 55.40 50.98 -34.52
CA ASP G 280 54.94 52.29 -34.11
C ASP G 280 55.00 52.59 -32.61
N ALA G 281 55.62 51.71 -31.83
CA ALA G 281 55.80 51.94 -30.40
C ALA G 281 56.69 53.14 -30.15
N ASP G 282 56.53 53.78 -29.00
CA ASP G 282 57.50 54.75 -28.48
CA ASP G 282 57.54 54.74 -28.56
C ASP G 282 58.78 53.97 -28.14
N MET G 283 59.88 54.19 -28.87
CA MET G 283 61.10 53.41 -28.70
C MET G 283 61.70 53.49 -27.31
N ASP G 284 61.93 54.68 -26.79
CA ASP G 284 62.65 54.73 -25.53
C ASP G 284 61.83 54.10 -24.38
N TRP G 285 60.54 54.39 -24.38
CA TRP G 285 59.63 53.75 -23.46
C TRP G 285 59.62 52.21 -23.59
N ALA G 286 59.49 51.74 -24.82
CA ALA G 286 59.47 50.30 -25.08
C ALA G 286 60.75 49.57 -24.63
N VAL G 287 61.91 50.19 -24.89
CA VAL G 287 63.17 49.60 -24.45
C VAL G 287 63.26 49.55 -22.92
N GLU G 288 62.91 50.65 -22.24
CA GLU G 288 62.96 50.64 -20.80
C GLU G 288 61.98 49.65 -20.18
N GLN G 289 60.78 49.62 -20.72
CA GLN G 289 59.77 48.71 -20.18
CA GLN G 289 59.78 48.69 -20.16
C GLN G 289 60.09 47.23 -20.48
N ALA G 290 60.73 46.95 -21.62
CA ALA G 290 61.12 45.56 -21.96
C ALA G 290 62.25 45.07 -21.09
N HIS G 291 63.14 46.01 -20.71
CA HIS G 291 64.18 45.75 -19.76
C HIS G 291 63.56 45.38 -18.42
N PHE G 292 62.69 46.25 -17.90
CA PHE G 292 62.04 45.97 -16.62
C PHE G 292 61.27 44.65 -16.70
N ALA G 293 60.54 44.48 -17.80
CA ALA G 293 59.69 43.31 -18.01
C ALA G 293 60.44 42.00 -17.78
N LEU G 294 61.70 41.99 -18.21
CA LEU G 294 62.51 40.78 -18.10
C LEU G 294 63.30 40.73 -16.79
N PHE G 295 64.00 41.83 -16.48
CA PHE G 295 65.00 41.84 -15.43
C PHE G 295 64.45 42.08 -14.01
N PHE G 296 63.20 42.55 -13.91
CA PHE G 296 62.67 42.84 -12.58
C PHE G 296 62.87 41.68 -11.61
N ASN G 297 63.27 41.97 -10.37
CA ASN G 297 63.42 40.96 -9.34
C ASN G 297 64.38 39.82 -9.71
N GLN G 298 65.51 40.20 -10.28
CA GLN G 298 66.56 39.24 -10.65
C GLN G 298 66.03 38.25 -11.69
N GLY G 299 65.02 38.71 -12.43
CA GLY G 299 64.39 37.85 -13.43
C GLY G 299 63.44 36.79 -12.84
N GLN G 300 63.25 36.79 -11.52
CA GLN G 300 62.51 35.79 -10.76
C GLN G 300 61.05 36.21 -10.64
N CYS G 301 60.35 36.24 -11.78
N CYS G 301 60.38 36.38 -11.79
CA CYS G 301 58.97 36.67 -11.80
CA CYS G 301 58.94 36.69 -11.83
C CYS G 301 58.25 35.74 -12.77
C CYS G 301 58.30 35.66 -12.72
N CSO G 302 57.19 35.09 -12.28
CA CSO G 302 56.29 34.22 -13.01
CA CSO G 302 56.48 34.13 -13.12
CB CSO G 302 54.99 34.11 -12.18
CB CSO G 302 55.29 33.46 -12.43
SG CSO G 302 54.13 35.71 -11.84
SG CSO G 302 55.66 32.99 -10.74
C CSO G 302 55.99 34.74 -14.42
O CSO G 302 55.95 34.02 -15.41
OD CSO G 302 54.83 36.53 -10.40
OD CSO G 302 56.50 31.51 -11.07
N CYS G 303 55.68 36.02 -14.44
CA CYS G 303 55.21 36.71 -15.63
C CYS G 303 56.24 37.50 -16.42
N ALA G 304 57.51 37.19 -16.20
CA ALA G 304 58.59 37.91 -16.88
C ALA G 304 58.38 37.89 -18.38
N GLY G 305 58.64 39.03 -19.02
CA GLY G 305 58.59 39.15 -20.47
C GLY G 305 59.82 38.54 -21.10
N SER G 306 59.81 37.21 -21.15
CA SER G 306 60.99 36.45 -21.57
C SER G 306 61.02 36.06 -23.04
N ARG G 307 60.04 36.50 -23.84
CA ARG G 307 60.13 36.47 -25.30
C ARG G 307 59.82 37.87 -25.74
N THR G 308 60.85 38.65 -26.06
CA THR G 308 60.64 40.02 -26.52
C THR G 308 60.58 40.02 -28.03
N PHE G 309 59.37 40.12 -28.58
CA PHE G 309 59.18 40.08 -30.02
C PHE G 309 59.25 41.50 -30.55
N VAL G 310 60.13 41.75 -31.53
CA VAL G 310 60.29 43.12 -32.00
C VAL G 310 60.13 43.17 -33.52
N GLN G 311 59.30 44.10 -34.02
CA GLN G 311 58.98 44.16 -35.44
CA GLN G 311 58.97 44.16 -35.44
C GLN G 311 60.24 44.50 -36.23
N GLU G 312 60.40 43.86 -37.39
CA GLU G 312 61.69 43.92 -38.09
C GLU G 312 62.21 45.33 -38.42
N ASP G 313 61.34 46.29 -38.70
CA ASP G 313 61.83 47.64 -39.08
C ASP G 313 62.52 48.38 -37.93
N ILE G 314 62.22 47.99 -36.69
CA ILE G 314 62.85 48.63 -35.52
C ILE G 314 63.75 47.68 -34.73
N TYR G 315 63.92 46.44 -35.20
CA TYR G 315 64.68 45.43 -34.49
C TYR G 315 66.13 45.83 -34.18
N ASP G 316 66.88 46.27 -35.19
CA ASP G 316 68.30 46.57 -34.98
C ASP G 316 68.50 47.63 -33.90
N GLU G 317 67.71 48.71 -34.00
CA GLU G 317 67.78 49.80 -33.04
C GLU G 317 67.36 49.35 -31.63
N PHE G 318 66.28 48.59 -31.57
CA PHE G 318 65.78 48.11 -30.30
C PHE G 318 66.82 47.26 -29.62
N VAL G 319 67.48 46.39 -30.39
CA VAL G 319 68.50 45.51 -29.82
C VAL G 319 69.70 46.31 -29.31
N GLU G 320 70.14 47.28 -30.10
CA GLU G 320 71.29 48.11 -29.69
C GLU G 320 71.00 48.80 -28.36
N ARG G 321 69.81 49.39 -28.29
CA ARG G 321 69.39 50.09 -27.07
C ARG G 321 69.20 49.15 -25.87
N SER G 322 68.69 47.95 -26.13
CA SER G 322 68.48 46.99 -25.09
C SER G 322 69.79 46.49 -24.49
N VAL G 323 70.78 46.27 -25.38
CA VAL G 323 72.09 45.82 -24.90
C VAL G 323 72.76 46.93 -24.08
N ALA G 324 72.65 48.17 -24.54
CA ALA G 324 73.21 49.30 -23.76
C ALA G 324 72.57 49.34 -22.36
N ARG G 325 71.26 49.18 -22.30
CA ARG G 325 70.60 49.22 -21.01
C ARG G 325 70.97 48.05 -20.10
N ALA G 326 71.12 46.84 -20.66
CA ALA G 326 71.53 45.71 -19.87
C ALA G 326 72.95 45.88 -19.32
N LYS G 327 73.85 46.41 -20.15
CA LYS G 327 75.23 46.64 -19.72
C LYS G 327 75.32 47.70 -18.63
N SER G 328 74.38 48.63 -18.62
CA SER G 328 74.33 49.70 -17.59
C SER G 328 73.75 49.26 -16.25
N ARG G 329 73.05 48.12 -16.23
CA ARG G 329 72.33 47.68 -15.04
C ARG G 329 73.28 47.28 -13.93
N VAL G 330 73.15 47.89 -12.76
CA VAL G 330 74.12 47.68 -11.66
C VAL G 330 73.82 46.47 -10.80
N VAL G 331 74.75 45.52 -10.79
CA VAL G 331 74.69 44.32 -9.98
C VAL G 331 75.58 44.53 -8.77
N GLY G 332 75.07 44.23 -7.58
CA GLY G 332 75.88 44.40 -6.38
C GLY G 332 75.14 44.11 -5.09
N ASN G 333 75.73 44.54 -3.97
CA ASN G 333 75.18 44.30 -2.65
C ASN G 333 73.81 44.93 -2.60
N PRO G 334 72.78 44.10 -2.31
CA PRO G 334 71.43 44.64 -2.37
C PRO G 334 71.09 45.71 -1.32
N PHE G 335 71.94 45.90 -0.30
CA PHE G 335 71.74 47.03 0.62
C PHE G 335 72.33 48.34 0.14
N ASP G 336 73.15 48.31 -0.90
CA ASP G 336 73.65 49.57 -1.45
C ASP G 336 72.63 50.24 -2.34
N SER G 337 72.39 51.53 -2.10
CA SER G 337 71.38 52.29 -2.81
C SER G 337 71.51 52.30 -4.31
N LYS G 338 72.74 52.13 -4.81
CA LYS G 338 73.03 52.10 -6.23
C LYS G 338 72.61 50.81 -6.95
N THR G 339 72.39 49.75 -6.18
CA THR G 339 72.24 48.40 -6.75
C THR G 339 70.86 48.23 -7.36
N GLU G 340 70.85 47.79 -8.62
CA GLU G 340 69.58 47.55 -9.32
C GLU G 340 69.24 46.07 -9.31
N GLN G 341 70.26 45.22 -9.19
CA GLN G 341 70.07 43.77 -9.21
C GLN G 341 70.90 43.10 -8.12
N GLY G 342 70.27 42.32 -7.25
CA GLY G 342 70.95 41.51 -6.27
C GLY G 342 71.31 40.14 -6.81
N PRO G 343 71.63 39.20 -5.91
CA PRO G 343 71.96 37.83 -6.34
C PRO G 343 70.65 37.08 -6.64
N GLN G 344 70.81 35.95 -7.33
CA GLN G 344 69.73 34.96 -7.38
C GLN G 344 69.48 34.33 -6.02
N VAL G 345 68.37 33.63 -5.83
CA VAL G 345 67.95 33.26 -4.48
C VAL G 345 68.83 32.23 -3.74
N ASP G 346 69.47 31.35 -4.52
CA ASP G 346 70.18 30.19 -3.94
C ASP G 346 71.08 29.57 -4.99
N GLU G 347 71.87 28.60 -4.51
CA GLU G 347 72.83 27.95 -5.35
C GLU G 347 72.15 27.12 -6.44
N THR G 348 71.06 26.43 -6.11
CA THR G 348 70.31 25.65 -7.09
C THR G 348 69.87 26.53 -8.26
N GLN G 349 69.30 27.69 -7.94
CA GLN G 349 68.89 28.57 -9.04
C GLN G 349 70.06 29.17 -9.82
N PHE G 350 71.11 29.58 -9.12
CA PHE G 350 72.33 30.09 -9.73
C PHE G 350 72.83 29.11 -10.81
N LYS G 351 72.94 27.85 -10.41
CA LYS G 351 73.44 26.79 -11.32
C LYS G 351 72.50 26.58 -12.50
N LYS G 352 71.19 26.60 -12.23
CA LYS G 352 70.19 26.40 -13.30
CA LYS G 352 70.23 26.37 -13.31
C LYS G 352 70.29 27.51 -14.34
N ILE G 353 70.46 28.74 -13.87
CA ILE G 353 70.51 29.86 -14.79
C ILE G 353 71.79 29.85 -15.64
N LEU G 354 72.93 29.58 -14.99
CA LEU G 354 74.17 29.33 -15.76
C LEU G 354 73.97 28.25 -16.79
N GLY G 355 73.26 27.18 -16.41
CA GLY G 355 72.97 26.07 -17.32
C GLY G 355 72.15 26.50 -18.51
N TYR G 356 71.14 27.34 -18.27
CA TYR G 356 70.38 27.88 -19.39
C TYR G 356 71.17 28.80 -20.30
N ILE G 357 72.07 29.59 -19.72
CA ILE G 357 72.91 30.44 -20.56
C ILE G 357 73.83 29.54 -21.44
N ASN G 358 74.34 28.47 -20.84
CA ASN G 358 75.13 27.48 -21.62
C ASN G 358 74.32 26.91 -22.78
N THR G 359 73.08 26.52 -22.47
CA THR G 359 72.19 25.99 -23.51
C THR G 359 71.93 27.01 -24.61
N GLY G 360 71.70 28.25 -24.22
CA GLY G 360 71.47 29.31 -25.22
C GLY G 360 72.65 29.46 -26.17
N LYS G 361 73.85 29.39 -25.58
CA LYS G 361 75.06 29.43 -26.43
C LYS G 361 75.19 28.20 -27.34
N GLN G 362 74.94 27.04 -26.75
CA GLN G 362 75.10 25.75 -27.46
C GLN G 362 74.17 25.67 -28.64
N GLU G 363 72.95 26.23 -28.49
CA GLU G 363 71.93 26.14 -29.56
CA GLU G 363 71.88 26.16 -29.51
C GLU G 363 71.99 27.28 -30.55
N GLY G 364 73.01 28.13 -30.44
CA GLY G 364 73.35 29.10 -31.50
C GLY G 364 72.61 30.43 -31.44
N ALA G 365 72.04 30.79 -30.30
CA ALA G 365 71.56 32.18 -30.14
C ALA G 365 72.78 33.06 -29.87
N LYS G 366 72.72 34.29 -30.38
CA LYS G 366 73.82 35.22 -30.28
C LYS G 366 73.89 35.85 -28.92
N LEU G 367 74.93 35.56 -28.15
CA LEU G 367 75.16 36.27 -26.88
C LEU G 367 75.60 37.68 -27.15
N LEU G 368 74.80 38.68 -26.73
CA LEU G 368 75.10 40.08 -27.02
C LEU G 368 75.74 40.83 -25.87
N CYS G 369 75.52 40.35 -24.67
CA CYS G 369 76.17 40.88 -23.48
C CYS G 369 75.98 39.95 -22.30
N GLY G 370 76.77 40.13 -21.25
CA GLY G 370 76.67 39.31 -20.06
C GLY G 370 77.08 37.88 -20.31
N GLY G 371 76.37 36.95 -19.65
CA GLY G 371 76.59 35.54 -19.85
C GLY G 371 77.35 34.82 -18.77
N GLY G 372 77.87 35.58 -17.82
CA GLY G 372 78.68 35.00 -16.78
C GLY G 372 78.34 35.45 -15.39
N ILE G 373 79.18 35.01 -14.48
CA ILE G 373 79.08 35.28 -13.05
C ILE G 373 79.44 36.74 -12.87
N ALA G 374 78.80 37.41 -11.91
CA ALA G 374 79.05 38.84 -11.71
C ALA G 374 79.80 39.15 -10.41
N ALA G 375 80.07 38.15 -9.58
CA ALA G 375 80.89 38.34 -8.34
C ALA G 375 81.57 37.04 -7.88
N ASP G 376 82.59 37.09 -7.00
CA ASP G 376 83.26 35.89 -6.45
C ASP G 376 82.54 35.03 -5.43
N ARG G 377 81.68 35.64 -4.61
CA ARG G 377 80.89 34.88 -3.67
C ARG G 377 79.45 35.39 -3.81
N GLY G 378 78.50 34.56 -3.38
N GLY G 378 78.47 34.60 -3.40
CA GLY G 378 77.10 34.88 -3.52
CA GLY G 378 77.11 35.03 -3.60
C GLY G 378 76.61 34.26 -4.82
C GLY G 378 76.70 34.74 -5.03
N TYR G 379 75.40 34.60 -5.23
CA TYR G 379 74.84 34.07 -6.45
C TYR G 379 74.52 35.15 -7.49
N PHE G 380 75.50 35.97 -7.88
CA PHE G 380 75.31 37.06 -8.80
C PHE G 380 75.60 36.67 -10.24
N ILE G 381 74.69 37.00 -11.15
CA ILE G 381 74.79 36.69 -12.58
C ILE G 381 74.66 37.97 -13.41
N GLN G 382 75.54 38.16 -14.39
CA GLN G 382 75.46 39.31 -15.26
C GLN G 382 74.13 39.38 -16.04
N PRO G 383 73.54 40.58 -16.16
CA PRO G 383 72.43 40.77 -17.10
C PRO G 383 72.83 40.30 -18.50
N THR G 384 72.08 39.34 -19.01
CA THR G 384 72.46 38.62 -20.23
C THR G 384 71.39 38.81 -21.30
N VAL G 385 71.80 39.11 -22.51
CA VAL G 385 70.88 39.30 -23.64
C VAL G 385 71.30 38.41 -24.79
N PHE G 386 70.34 37.64 -25.30
CA PHE G 386 70.47 36.83 -26.52
C PHE G 386 69.68 37.44 -27.65
N GLY G 387 70.29 37.63 -28.82
CA GLY G 387 69.60 38.13 -30.00
C GLY G 387 69.28 37.07 -31.06
N ASP G 388 68.38 37.44 -31.98
CA ASP G 388 67.96 36.59 -33.10
C ASP G 388 67.51 35.24 -32.58
N VAL G 389 66.77 35.24 -31.48
CA VAL G 389 66.31 34.00 -30.90
C VAL G 389 65.21 33.41 -31.77
N GLN G 390 65.21 32.08 -31.88
CA GLN G 390 64.27 31.38 -32.74
C GLN G 390 63.34 30.59 -31.83
N ASP G 391 62.09 30.46 -32.32
CA ASP G 391 61.05 29.87 -31.50
C ASP G 391 61.33 28.47 -30.98
N GLY G 392 62.09 27.69 -31.76
CA GLY G 392 62.38 26.34 -31.34
C GLY G 392 63.51 26.14 -30.34
N MET G 393 64.22 27.21 -30.04
CA MET G 393 65.31 27.12 -29.08
C MET G 393 64.81 26.90 -27.67
N THR G 394 65.53 26.10 -26.87
CA THR G 394 65.20 25.89 -25.46
C THR G 394 65.02 27.22 -24.69
N ILE G 395 65.90 28.19 -24.93
CA ILE G 395 65.75 29.47 -24.22
C ILE G 395 64.54 30.27 -24.68
N ALA G 396 63.92 29.92 -25.78
CA ALA G 396 62.65 30.55 -26.22
C ALA G 396 61.45 29.79 -25.68
N LYS G 397 61.66 28.64 -25.06
CA LYS G 397 60.54 27.75 -24.70
C LYS G 397 60.40 27.59 -23.19
N GLU G 398 61.51 27.39 -22.51
CA GLU G 398 61.50 27.06 -21.10
C GLU G 398 61.74 28.29 -20.23
N GLU G 399 61.04 28.34 -19.10
CA GLU G 399 61.19 29.43 -18.12
C GLU G 399 62.57 29.36 -17.45
N ILE G 400 63.33 30.45 -17.59
CA ILE G 400 64.70 30.54 -17.08
C ILE G 400 64.74 31.07 -15.64
N PHE G 401 63.90 32.06 -15.37
CA PHE G 401 63.75 32.60 -14.03
C PHE G 401 65.04 33.27 -13.53
N GLY G 402 65.71 33.92 -14.46
CA GLY G 402 66.90 34.70 -14.18
C GLY G 402 67.11 35.82 -15.18
N PRO G 403 68.23 36.55 -15.05
CA PRO G 403 68.45 37.76 -15.81
C PRO G 403 68.95 37.44 -17.22
N VAL G 404 68.10 36.77 -18.00
CA VAL G 404 68.44 36.29 -19.33
C VAL G 404 67.28 36.65 -20.27
N MET G 405 67.57 37.58 -21.18
CA MET G 405 66.60 38.18 -22.12
C MET G 405 66.71 37.55 -23.51
N GLN G 406 65.57 37.24 -24.15
CA GLN G 406 65.53 36.70 -25.50
C GLN G 406 64.84 37.73 -26.39
N ILE G 407 65.48 38.12 -27.49
CA ILE G 407 64.90 39.06 -28.46
C ILE G 407 64.69 38.34 -29.78
N LEU G 408 63.44 38.38 -30.27
CA LEU G 408 63.01 37.69 -31.48
C LEU G 408 62.50 38.72 -32.45
N LYS G 409 62.71 38.47 -33.75
CA LYS G 409 62.25 39.34 -34.80
C LYS G 409 60.97 38.79 -35.44
N PHE G 410 60.05 39.69 -35.80
CA PHE G 410 58.83 39.29 -36.54
C PHE G 410 58.49 40.34 -37.58
N LYS G 411 57.67 39.95 -38.53
CA LYS G 411 57.23 40.86 -39.56
C LYS G 411 55.81 41.39 -39.42
N THR G 412 54.83 40.48 -39.30
CA THR G 412 53.43 40.89 -39.32
C THR G 412 52.71 40.61 -38.01
N ILE G 413 51.61 41.37 -37.83
CA ILE G 413 50.82 41.25 -36.61
C ILE G 413 50.14 39.87 -36.56
N GLU G 414 49.75 39.34 -37.72
CA GLU G 414 49.17 37.99 -37.76
C GLU G 414 50.20 36.92 -37.37
N GLU G 415 51.41 37.08 -37.89
CA GLU G 415 52.49 36.17 -37.57
C GLU G 415 52.76 36.18 -36.06
N VAL G 416 52.88 37.38 -35.48
CA VAL G 416 53.29 37.46 -34.08
C VAL G 416 52.22 36.90 -33.13
N VAL G 417 50.94 37.06 -33.44
CA VAL G 417 49.88 36.42 -32.65
C VAL G 417 50.08 34.91 -32.56
N GLY G 418 50.32 34.28 -33.71
CA GLY G 418 50.49 32.83 -33.75
C GLY G 418 51.71 32.42 -32.95
N ARG G 419 52.80 33.16 -33.10
CA ARG G 419 54.02 32.78 -32.43
C ARG G 419 53.91 33.00 -30.92
N ALA G 420 53.31 34.14 -30.54
CA ALA G 420 53.14 34.43 -29.12
C ALA G 420 52.27 33.38 -28.45
N ASN G 421 51.25 32.93 -29.17
CA ASN G 421 50.30 31.97 -28.61
C ASN G 421 50.75 30.53 -28.70
N ASN G 422 51.81 30.27 -29.48
CA ASN G 422 52.31 28.89 -29.59
C ASN G 422 53.21 28.55 -28.41
N SER G 423 52.55 28.28 -27.28
CA SER G 423 53.20 28.03 -26.01
C SER G 423 52.17 27.26 -25.21
N THR G 424 52.64 26.37 -24.34
CA THR G 424 51.76 25.78 -23.35
C THR G 424 51.59 26.67 -22.12
N TYR G 425 52.33 27.79 -22.08
CA TYR G 425 52.18 28.78 -21.02
C TYR G 425 51.24 29.91 -21.51
N GLY G 426 50.70 30.67 -20.57
CA GLY G 426 49.74 31.74 -20.89
C GLY G 426 49.51 32.64 -19.69
N LEU G 427 50.56 33.01 -18.98
CA LEU G 427 50.36 33.81 -17.78
C LEU G 427 50.10 35.27 -18.10
N ALA G 428 50.95 35.86 -18.92
CA ALA G 428 50.87 37.28 -19.25
C ALA G 428 51.37 37.50 -20.66
N ALA G 429 51.15 38.73 -21.13
CA ALA G 429 51.66 39.18 -22.39
C ALA G 429 51.62 40.67 -22.38
N ALA G 430 52.30 41.31 -23.33
CA ALA G 430 52.17 42.74 -23.46
C ALA G 430 52.28 43.17 -24.93
N VAL G 431 51.77 44.37 -25.18
N VAL G 431 51.75 44.35 -25.22
CA VAL G 431 51.75 45.00 -26.49
CA VAL G 431 51.85 44.96 -26.53
C VAL G 431 52.24 46.44 -26.33
C VAL G 431 52.14 46.44 -26.45
N PHE G 432 53.14 46.87 -27.21
CA PHE G 432 53.57 48.26 -27.28
C PHE G 432 53.30 48.79 -28.66
N THR G 433 52.38 49.75 -28.70
CA THR G 433 51.90 50.34 -29.95
C THR G 433 51.16 51.65 -29.62
N LYS G 434 51.16 52.60 -30.55
CA LYS G 434 50.34 53.80 -30.42
C LYS G 434 48.98 53.66 -31.06
N ASP G 435 48.75 52.57 -31.81
CA ASP G 435 47.56 52.43 -32.63
C ASP G 435 46.43 51.77 -31.85
N LEU G 436 45.27 52.43 -31.84
CA LEU G 436 44.09 51.91 -31.15
C LEU G 436 43.69 50.52 -31.64
N ASP G 437 43.58 50.37 -32.95
CA ASP G 437 43.13 49.09 -33.51
C ASP G 437 44.15 47.96 -33.26
N LYS G 438 45.45 48.24 -33.39
CA LYS G 438 46.45 47.20 -33.09
C LYS G 438 46.36 46.75 -31.64
N ALA G 439 46.18 47.70 -30.73
CA ALA G 439 46.08 47.39 -29.31
C ALA G 439 44.88 46.48 -29.03
N ASN G 440 43.74 46.85 -29.61
CA ASN G 440 42.53 46.07 -29.33
C ASN G 440 42.59 44.72 -30.03
N TYR G 441 43.13 44.65 -31.24
CA TYR G 441 43.28 43.37 -31.95
C TYR G 441 44.15 42.42 -31.10
N LEU G 442 45.30 42.93 -30.64
CA LEU G 442 46.23 42.07 -29.92
C LEU G 442 45.78 41.68 -28.55
N SER G 443 45.16 42.60 -27.81
CA SER G 443 44.76 42.27 -26.46
C SER G 443 43.64 41.22 -26.50
N GLN G 444 42.77 41.28 -27.51
CA GLN G 444 41.80 40.19 -27.68
C GLN G 444 42.44 38.85 -28.09
N ALA G 445 43.40 38.90 -29.01
CA ALA G 445 43.93 37.66 -29.62
C ALA G 445 44.90 36.93 -28.75
N LEU G 446 45.58 37.61 -27.84
CA LEU G 446 46.62 36.93 -27.07
C LEU G 446 46.00 36.03 -26.01
N GLN G 447 46.49 34.80 -25.92
CA GLN G 447 45.95 33.80 -25.00
C GLN G 447 46.72 33.85 -23.70
N ALA G 448 46.39 34.85 -22.88
CA ALA G 448 47.11 35.11 -21.64
C ALA G 448 46.19 35.74 -20.57
N GLY G 449 46.51 35.47 -19.33
CA GLY G 449 45.63 35.92 -18.25
C GLY G 449 45.67 37.41 -18.01
N THR G 450 46.81 38.07 -18.26
CA THR G 450 46.91 39.54 -18.23
C THR G 450 47.59 39.97 -19.51
N VAL G 451 47.01 40.97 -20.15
CA VAL G 451 47.66 41.64 -21.26
C VAL G 451 47.90 43.09 -20.87
N TRP G 452 49.16 43.51 -20.80
CA TRP G 452 49.50 44.90 -20.58
C TRP G 452 49.64 45.63 -21.91
N VAL G 453 49.15 46.85 -21.98
CA VAL G 453 49.32 47.65 -23.16
C VAL G 453 50.11 48.90 -22.85
N ASN G 454 51.27 49.03 -23.50
CA ASN G 454 52.24 50.09 -23.22
C ASN G 454 52.75 50.17 -21.78
N CYS G 455 52.79 49.02 -21.11
CA CYS G 455 53.34 48.93 -19.77
C CYS G 455 53.61 47.42 -19.53
N TYR G 456 54.11 47.10 -18.35
CA TYR G 456 54.46 45.75 -17.95
C TYR G 456 54.47 45.66 -16.44
N ASP G 457 54.09 44.50 -15.91
CA ASP G 457 54.19 44.19 -14.47
C ASP G 457 53.46 45.27 -13.69
N VAL G 458 52.31 45.70 -14.23
CA VAL G 458 51.44 46.61 -13.49
C VAL G 458 50.43 45.75 -12.75
N PHE G 459 50.68 45.57 -11.46
CA PHE G 459 49.81 44.79 -10.60
C PHE G 459 49.00 45.76 -9.78
N GLY G 460 47.76 45.40 -9.54
CA GLY G 460 46.98 46.22 -8.61
C GLY G 460 46.15 45.21 -7.90
N ALA G 461 45.96 45.44 -6.60
CA ALA G 461 45.15 44.57 -5.80
C ALA G 461 43.74 44.42 -6.36
N GLN G 462 43.29 45.44 -7.12
CA GLN G 462 41.93 45.46 -7.66
C GLN G 462 41.77 44.56 -8.88
N SER G 463 42.83 44.25 -9.63
CA SER G 463 42.72 43.53 -10.91
C SER G 463 43.26 42.10 -10.80
N PRO G 464 42.50 41.13 -11.30
CA PRO G 464 42.92 39.73 -11.16
C PRO G 464 44.12 39.36 -12.00
N PHE G 465 44.77 38.28 -11.56
CA PHE G 465 45.98 37.80 -12.19
C PHE G 465 45.97 36.27 -12.11
N GLY G 466 46.29 35.63 -13.22
CA GLY G 466 46.51 34.19 -13.21
C GLY G 466 46.60 33.64 -14.60
N GLY G 467 46.75 32.31 -14.71
CA GLY G 467 47.15 31.78 -15.99
C GLY G 467 46.07 31.20 -16.86
N TYR G 468 46.30 31.28 -18.16
CA TYR G 468 45.70 30.40 -19.17
C TYR G 468 46.58 29.15 -19.29
N LYS G 469 46.04 28.10 -19.87
CA LYS G 469 46.80 26.92 -20.26
C LYS G 469 47.51 26.36 -19.03
N MET G 470 48.79 26.01 -19.17
N MET G 470 48.80 26.05 -19.18
CA MET G 470 49.46 25.36 -18.04
CA MET G 470 49.56 25.39 -18.13
C MET G 470 50.16 26.35 -17.11
C MET G 470 50.31 26.39 -17.23
N SER G 471 49.88 27.64 -17.30
CA SER G 471 50.30 28.66 -16.35
C SER G 471 49.45 28.71 -15.08
N GLY G 472 48.41 27.90 -15.02
CA GLY G 472 47.66 27.81 -13.78
C GLY G 472 46.17 27.80 -14.03
N SER G 473 45.43 27.86 -12.93
CA SER G 473 43.97 27.92 -12.99
C SER G 473 43.49 28.73 -11.80
N GLY G 474 42.37 29.41 -12.01
CA GLY G 474 41.86 30.34 -11.05
C GLY G 474 42.59 31.67 -11.15
N ARG G 475 42.07 32.63 -10.38
CA ARG G 475 42.67 33.96 -10.34
C ARG G 475 42.89 34.43 -8.91
N GLU G 476 43.97 35.19 -8.73
CA GLU G 476 44.20 35.92 -7.49
C GLU G 476 44.04 37.41 -7.72
N LEU G 477 43.85 38.15 -6.63
CA LEU G 477 43.61 39.60 -6.61
C LEU G 477 42.20 39.91 -7.10
N GLY G 478 41.79 41.15 -6.85
CA GLY G 478 40.46 41.56 -7.26
C GLY G 478 39.33 40.84 -6.53
N GLU G 479 38.12 41.08 -7.01
CA GLU G 479 36.96 40.34 -6.50
C GLU G 479 37.08 38.86 -6.81
N TYR G 480 37.73 38.58 -7.94
CA TYR G 480 37.88 37.19 -8.40
C TYR G 480 38.65 36.36 -7.41
N GLY G 481 39.61 36.99 -6.72
CA GLY G 481 40.39 36.28 -5.72
C GLY G 481 39.62 35.69 -4.57
N LEU G 482 38.38 36.10 -4.39
CA LEU G 482 37.54 35.57 -3.33
C LEU G 482 36.81 34.28 -3.74
N GLN G 483 36.68 34.02 -5.04
N GLN G 483 36.68 34.02 -5.03
CA GLN G 483 35.81 32.94 -5.51
CA GLN G 483 35.81 32.93 -5.48
C GLN G 483 36.29 31.56 -5.03
C GLN G 483 36.30 31.59 -4.94
N ALA G 484 37.59 31.35 -5.03
CA ALA G 484 38.16 30.04 -4.62
C ALA G 484 38.13 29.82 -3.12
N TYR G 485 37.81 30.88 -2.39
CA TYR G 485 37.79 30.81 -0.92
C TYR G 485 36.37 30.79 -0.37
N THR G 486 35.40 30.61 -1.27
CA THR G 486 34.00 30.58 -0.92
C THR G 486 33.39 29.22 -1.31
N GLU G 487 32.58 28.68 -0.40
CA GLU G 487 31.73 27.52 -0.73
C GLU G 487 30.30 28.01 -0.74
N VAL G 488 29.58 27.73 -1.83
CA VAL G 488 28.23 28.29 -2.02
C VAL G 488 27.18 27.29 -1.55
N LYS G 489 26.30 27.75 -0.66
CA LYS G 489 25.17 26.94 -0.20
C LYS G 489 23.88 27.58 -0.67
N THR G 490 23.04 26.81 -1.34
CA THR G 490 21.69 27.25 -1.68
C THR G 490 20.74 26.81 -0.58
N VAL G 491 19.88 27.72 -0.11
CA VAL G 491 18.83 27.37 0.82
C VAL G 491 17.53 27.70 0.11
N THR G 492 16.67 26.69 -0.03
CA THR G 492 15.40 26.87 -0.75
C THR G 492 14.27 26.42 0.19
N VAL G 493 13.40 27.38 0.48
CA VAL G 493 12.42 27.30 1.57
C VAL G 493 11.01 27.38 0.97
N LYS G 494 10.15 26.41 1.29
CA LYS G 494 8.76 26.47 0.91
C LYS G 494 8.11 27.68 1.59
N VAL G 495 7.37 28.48 0.81
CA VAL G 495 6.59 29.58 1.36
C VAL G 495 5.12 29.44 1.01
N PRO G 496 4.23 30.11 1.77
CA PRO G 496 2.81 29.95 1.45
C PRO G 496 2.40 30.35 0.05
N GLN G 497 2.87 31.49 -0.43
CA GLN G 497 2.52 31.91 -1.79
C GLN G 497 3.56 32.92 -2.27
N LYS G 498 4.39 32.51 -3.21
CA LYS G 498 5.42 33.40 -3.80
C LYS G 498 4.78 34.51 -4.61
N ASN G 499 5.21 35.74 -4.35
CA ASN G 499 4.88 36.88 -5.22
C ASN G 499 6.13 37.62 -5.62
N SER G 500 6.08 38.30 -6.74
CA SER G 500 7.26 39.10 -7.18
C SER G 500 7.55 40.21 -6.15
N ALA H 7 -2.47 17.28 -18.51
CA ALA H 7 -2.71 16.42 -19.72
C ALA H 7 -1.37 15.98 -20.25
N VAL H 8 -1.22 14.68 -20.50
CA VAL H 8 0.01 14.20 -21.13
C VAL H 8 -0.41 13.54 -22.44
N PRO H 9 0.23 13.86 -23.57
CA PRO H 9 -0.09 13.22 -24.84
C PRO H 9 0.17 11.72 -24.78
N ALA H 10 -0.62 10.95 -25.52
CA ALA H 10 -0.43 9.51 -25.60
C ALA H 10 0.95 9.20 -26.14
N PRO H 11 1.74 8.38 -25.40
CA PRO H 11 3.08 8.04 -25.84
C PRO H 11 3.09 7.04 -27.01
N ASN H 12 4.10 7.15 -27.86
CA ASN H 12 4.46 6.00 -28.72
C ASN H 12 5.31 5.10 -27.81
N GLN H 13 4.80 3.91 -27.52
CA GLN H 13 5.45 3.00 -26.59
C GLN H 13 6.62 2.25 -27.21
N GLN H 14 6.79 2.40 -28.52
CA GLN H 14 7.87 1.75 -29.25
C GLN H 14 8.49 2.78 -30.21
N PRO H 15 9.04 3.86 -29.64
CA PRO H 15 9.51 4.94 -30.49
C PRO H 15 10.68 4.52 -31.34
N GLU H 16 10.70 5.01 -32.57
CA GLU H 16 11.77 4.64 -33.49
C GLU H 16 13.07 5.37 -33.13
N VAL H 17 14.21 4.70 -33.27
CA VAL H 17 15.53 5.27 -33.07
C VAL H 17 16.13 5.67 -34.42
N PHE H 18 16.53 6.92 -34.52
CA PHE H 18 17.08 7.49 -35.76
C PHE H 18 18.55 7.77 -35.70
N CYS H 19 19.09 7.98 -34.48
CA CYS H 19 20.45 8.48 -34.29
C CYS H 19 21.18 7.52 -33.33
N ASN H 20 22.28 6.94 -33.80
CA ASN H 20 22.98 5.91 -33.02
C ASN H 20 24.47 5.86 -33.35
N GLN H 21 25.01 6.99 -33.79
CA GLN H 21 26.40 7.08 -34.17
C GLN H 21 27.12 8.20 -33.40
N ILE H 22 28.40 8.37 -33.70
CA ILE H 22 29.21 9.48 -33.14
C ILE H 22 28.90 10.74 -33.93
N PHE H 23 28.69 11.85 -33.20
CA PHE H 23 28.32 13.11 -33.83
C PHE H 23 29.51 14.08 -33.76
N ILE H 24 30.09 14.36 -34.93
CA ILE H 24 31.26 15.28 -35.01
C ILE H 24 31.07 16.17 -36.22
N ASN H 25 31.25 17.48 -36.05
CA ASN H 25 31.08 18.41 -37.15
C ASN H 25 29.72 18.32 -37.83
N ASN H 26 28.70 18.13 -37.00
CA ASN H 26 27.32 18.06 -37.44
C ASN H 26 27.06 16.93 -38.44
N GLU H 27 27.85 15.87 -38.34
N GLU H 27 27.89 15.89 -38.38
CA GLU H 27 27.67 14.70 -39.17
CA GLU H 27 27.72 14.69 -39.18
C GLU H 27 27.86 13.45 -38.33
C GLU H 27 27.76 13.46 -38.28
N TRP H 28 27.28 12.37 -38.82
CA TRP H 28 27.23 11.10 -38.12
C TRP H 28 28.34 10.18 -38.62
N HIS H 29 29.11 9.62 -37.70
CA HIS H 29 30.27 8.78 -38.00
C HIS H 29 30.17 7.45 -37.28
N ASP H 30 30.54 6.37 -37.95
CA ASP H 30 30.87 5.18 -37.19
C ASP H 30 32.14 5.40 -36.35
N ALA H 31 32.36 4.51 -35.37
CA ALA H 31 33.63 4.46 -34.67
C ALA H 31 34.73 4.07 -35.63
N VAL H 32 35.93 4.60 -35.42
CA VAL H 32 37.07 4.27 -36.28
C VAL H 32 37.24 2.75 -36.33
N SER H 33 37.03 2.08 -35.21
CA SER H 33 37.10 0.61 -35.15
C SER H 33 35.92 -0.14 -35.79
N ARG H 34 34.85 0.58 -36.10
CA ARG H 34 33.58 0.02 -36.57
C ARG H 34 32.81 -0.79 -35.52
N LYS H 35 33.30 -0.78 -34.28
CA LYS H 35 32.62 -1.51 -33.20
C LYS H 35 31.34 -0.77 -32.79
N THR H 36 30.37 -1.54 -32.32
CA THR H 36 29.13 -0.99 -31.76
C THR H 36 28.85 -1.74 -30.46
N PHE H 37 28.03 -1.14 -29.59
CA PHE H 37 27.57 -1.81 -28.38
C PHE H 37 26.04 -1.70 -28.31
N PRO H 38 25.39 -2.67 -27.65
CA PRO H 38 23.95 -2.62 -27.52
C PRO H 38 23.52 -1.68 -26.38
N THR H 39 22.42 -0.98 -26.61
CA THR H 39 21.70 -0.39 -25.50
C THR H 39 20.37 -1.13 -25.30
N VAL H 40 19.99 -1.31 -24.04
CA VAL H 40 18.93 -2.22 -23.62
C VAL H 40 17.82 -1.46 -22.93
N ASN H 41 16.60 -1.91 -23.16
CA ASN H 41 15.40 -1.42 -22.47
C ASN H 41 15.29 -2.11 -21.14
N PRO H 42 15.48 -1.39 -20.03
CA PRO H 42 15.53 -2.04 -18.72
C PRO H 42 14.22 -2.59 -18.23
N SER H 43 13.11 -2.25 -18.87
CA SER H 43 11.83 -2.82 -18.51
C SER H 43 11.67 -4.25 -19.04
N THR H 44 12.41 -4.60 -20.09
CA THR H 44 12.30 -5.94 -20.71
C THR H 44 13.61 -6.72 -20.84
N GLY H 45 14.77 -6.05 -20.72
CA GLY H 45 16.04 -6.68 -21.07
C GLY H 45 16.34 -6.81 -22.56
N GLU H 46 15.48 -6.27 -23.40
CA GLU H 46 15.64 -6.42 -24.84
C GLU H 46 16.50 -5.32 -25.41
N VAL H 47 17.37 -5.66 -26.35
CA VAL H 47 18.20 -4.69 -27.06
C VAL H 47 17.32 -3.74 -27.82
N ILE H 48 17.54 -2.43 -27.65
CA ILE H 48 16.85 -1.46 -28.49
C ILE H 48 17.50 -1.30 -29.85
N CYS H 49 18.81 -1.07 -29.81
CA CYS H 49 19.63 -0.96 -31.00
C CYS H 49 21.10 -1.01 -30.62
N GLN H 50 21.95 -1.08 -31.65
CA GLN H 50 23.41 -0.91 -31.49
C GLN H 50 23.76 0.56 -31.60
N VAL H 51 24.86 0.92 -30.93
CA VAL H 51 25.34 2.31 -30.91
C VAL H 51 26.85 2.31 -31.20
N ALA H 52 27.32 3.28 -31.97
CA ALA H 52 28.78 3.38 -32.20
C ALA H 52 29.58 3.40 -30.92
N GLU H 53 30.63 2.58 -30.86
CA GLU H 53 31.43 2.44 -29.66
C GLU H 53 32.68 3.28 -29.78
N GLY H 54 32.56 4.55 -29.35
CA GLY H 54 33.69 5.48 -29.43
C GLY H 54 34.81 5.18 -28.47
N ASP H 55 36.02 5.44 -28.93
CA ASP H 55 37.23 5.23 -28.11
C ASP H 55 38.14 6.44 -28.34
N LYS H 56 39.39 6.34 -27.92
CA LYS H 56 40.35 7.42 -27.95
C LYS H 56 40.49 8.05 -29.32
N GLU H 57 40.51 7.24 -30.38
CA GLU H 57 40.65 7.82 -31.71
C GLU H 57 39.44 8.66 -32.10
N ASP H 58 38.27 8.25 -31.64
CA ASP H 58 37.06 9.02 -31.93
C ASP H 58 37.02 10.32 -31.11
N VAL H 59 37.40 10.24 -29.84
CA VAL H 59 37.55 11.43 -29.03
C VAL H 59 38.56 12.38 -29.66
N ASP H 60 39.66 11.85 -30.21
CA ASP H 60 40.67 12.72 -30.84
C ASP H 60 40.09 13.50 -32.04
N LYS H 61 39.28 12.83 -32.88
CA LYS H 61 38.60 13.49 -33.98
C LYS H 61 37.68 14.56 -33.44
N ALA H 62 36.94 14.23 -32.38
CA ALA H 62 35.98 15.21 -31.83
C ALA H 62 36.72 16.45 -31.27
N VAL H 63 37.82 16.23 -30.54
CA VAL H 63 38.59 17.34 -29.99
C VAL H 63 39.14 18.25 -31.10
N LYS H 64 39.66 17.65 -32.17
CA LYS H 64 40.13 18.46 -33.27
C LYS H 64 39.05 19.30 -33.92
N ALA H 65 37.85 18.71 -34.08
CA ALA H 65 36.73 19.46 -34.65
C ALA H 65 36.32 20.61 -33.74
N ALA H 66 36.32 20.35 -32.44
CA ALA H 66 36.00 21.38 -31.44
C ALA H 66 37.03 22.49 -31.47
N ARG H 67 38.30 22.12 -31.50
CA ARG H 67 39.34 23.13 -31.51
C ARG H 67 39.26 23.99 -32.79
N ALA H 68 38.93 23.38 -33.92
CA ALA H 68 38.78 24.16 -35.14
C ALA H 68 37.61 25.14 -35.04
N ALA H 69 36.51 24.68 -34.46
CA ALA H 69 35.33 25.53 -34.32
C ALA H 69 35.59 26.69 -33.35
N PHE H 70 36.59 26.54 -32.47
CA PHE H 70 36.96 27.56 -31.49
C PHE H 70 38.03 28.54 -31.98
N GLN H 71 38.56 28.36 -33.19
CA GLN H 71 39.60 29.27 -33.69
C GLN H 71 39.14 30.70 -33.78
N LEU H 72 39.99 31.61 -33.34
CA LEU H 72 39.69 33.04 -33.48
C LEU H 72 39.26 33.31 -34.94
N GLY H 73 38.16 34.02 -35.12
CA GLY H 73 37.67 34.35 -36.42
C GLY H 73 36.68 33.34 -36.98
N SER H 74 36.42 32.27 -36.26
CA SER H 74 35.44 31.28 -36.71
C SER H 74 34.02 31.80 -36.58
N PRO H 75 33.06 31.15 -37.24
CA PRO H 75 31.69 31.58 -37.11
C PRO H 75 31.22 31.58 -35.65
N TRP H 76 31.60 30.56 -34.89
CA TRP H 76 31.17 30.51 -33.49
C TRP H 76 31.85 31.57 -32.62
N ARG H 77 33.11 31.88 -32.89
CA ARG H 77 33.80 32.93 -32.11
C ARG H 77 33.32 34.32 -32.44
N ARG H 78 32.97 34.56 -33.71
CA ARG H 78 32.54 35.88 -34.12
C ARG H 78 31.07 36.16 -33.85
N MET H 79 30.29 35.10 -33.63
CA MET H 79 28.82 35.23 -33.44
C MET H 79 28.54 36.18 -32.27
N ASP H 80 27.56 37.04 -32.47
CA ASP H 80 27.12 37.89 -31.36
C ASP H 80 26.70 37.00 -30.19
N ALA H 81 27.02 37.45 -28.98
CA ALA H 81 26.55 36.76 -27.78
C ALA H 81 25.03 36.60 -27.80
N SER H 82 24.30 37.64 -28.19
CA SER H 82 22.84 37.54 -28.25
C SER H 82 22.40 36.45 -29.21
N HIS H 83 23.21 36.20 -30.24
CA HIS H 83 22.84 35.18 -31.21
C HIS H 83 23.06 33.77 -30.66
N ARG H 84 24.08 33.58 -29.84
CA ARG H 84 24.19 32.32 -29.10
C ARG H 84 22.91 32.08 -28.29
N GLY H 85 22.38 33.14 -27.69
CA GLY H 85 21.09 33.06 -27.00
C GLY H 85 19.96 32.63 -27.90
N ARG H 86 19.91 33.21 -29.10
CA ARG H 86 18.87 32.86 -30.07
C ARG H 86 18.97 31.39 -30.45
N LEU H 87 20.21 30.89 -30.62
CA LEU H 87 20.38 29.48 -30.98
C LEU H 87 19.95 28.55 -29.85
N LEU H 88 20.29 28.89 -28.60
CA LEU H 88 19.80 28.09 -27.48
C LEU H 88 18.27 28.08 -27.40
N ASN H 89 17.63 29.23 -27.63
CA ASN H 89 16.19 29.30 -27.64
C ASN H 89 15.59 28.47 -28.79
N ARG H 90 16.27 28.48 -29.92
CA ARG H 90 15.80 27.65 -31.06
C ARG H 90 15.90 26.17 -30.73
N LEU H 91 17.02 25.75 -30.13
CA LEU H 91 17.18 24.37 -29.69
C LEU H 91 16.05 23.97 -28.73
N ALA H 92 15.77 24.83 -27.74
CA ALA H 92 14.68 24.53 -26.83
C ALA H 92 13.36 24.39 -27.58
N ASP H 93 13.10 25.26 -28.55
CA ASP H 93 11.83 25.18 -29.31
C ASP H 93 11.77 23.85 -30.06
N LEU H 94 12.90 23.35 -30.56
CA LEU H 94 12.92 22.09 -31.33
C LEU H 94 12.67 20.92 -30.39
N ILE H 95 13.28 20.96 -29.21
CA ILE H 95 13.04 19.95 -28.16
C ILE H 95 11.57 19.95 -27.75
N GLU H 96 10.98 21.15 -27.63
CA GLU H 96 9.55 21.23 -27.31
C GLU H 96 8.69 20.63 -28.42
N ARG H 97 9.03 20.93 -29.66
CA ARG H 97 8.30 20.35 -30.78
C ARG H 97 8.31 18.82 -30.65
N ASP H 98 9.45 18.26 -30.25
CA ASP H 98 9.65 16.81 -30.24
C ASP H 98 9.54 16.24 -28.82
N ARG H 99 8.79 16.95 -27.96
CA ARG H 99 8.71 16.58 -26.53
C ARG H 99 8.12 15.19 -26.28
N THR H 100 7.04 14.86 -27.01
CA THR H 100 6.39 13.57 -26.79
C THR H 100 7.31 12.41 -27.20
N TYR H 101 7.97 12.56 -28.35
CA TYR H 101 8.94 11.61 -28.83
C TYR H 101 10.11 11.44 -27.87
N LEU H 102 10.69 12.58 -27.47
CA LEU H 102 11.86 12.49 -26.59
C LEU H 102 11.51 11.91 -25.22
N ALA H 103 10.34 12.26 -24.69
CA ALA H 103 9.90 11.66 -23.39
C ALA H 103 9.77 10.15 -23.48
N ALA H 104 9.18 9.69 -24.57
CA ALA H 104 9.05 8.24 -24.79
C ALA H 104 10.37 7.54 -24.96
N LEU H 105 11.27 8.14 -25.74
CA LEU H 105 12.58 7.59 -25.94
C LEU H 105 13.39 7.56 -24.63
N GLU H 106 13.22 8.61 -23.82
CA GLU H 106 13.89 8.64 -22.53
C GLU H 106 13.44 7.50 -21.65
N THR H 107 12.13 7.29 -21.59
CA THR H 107 11.58 6.16 -20.84
C THR H 107 12.05 4.81 -21.36
N LEU H 108 12.05 4.66 -22.69
CA LEU H 108 12.45 3.39 -23.31
C LEU H 108 13.84 3.00 -22.87
N ASP H 109 14.78 3.96 -22.91
CA ASP H 109 16.20 3.65 -22.71
C ASP H 109 16.60 3.68 -21.21
N ASN H 110 15.92 4.49 -20.40
CA ASN H 110 16.29 4.66 -18.98
C ASN H 110 15.41 3.91 -17.97
N GLY H 111 14.11 3.80 -18.25
CA GLY H 111 13.18 3.05 -17.39
C GLY H 111 12.19 3.97 -16.66
N LYS H 112 12.46 5.28 -16.59
CA LYS H 112 11.59 6.15 -15.77
C LYS H 112 10.20 6.27 -16.40
N PRO H 113 9.19 6.51 -15.55
CA PRO H 113 7.83 6.60 -16.10
C PRO H 113 7.68 7.70 -17.13
N TYR H 114 6.97 7.38 -18.20
CA TYR H 114 6.73 8.35 -19.27
C TYR H 114 6.07 9.64 -18.80
N VAL H 115 5.09 9.56 -17.90
CA VAL H 115 4.47 10.77 -17.36
C VAL H 115 5.53 11.67 -16.72
N ILE H 116 6.49 11.07 -16.01
CA ILE H 116 7.58 11.84 -15.38
C ILE H 116 8.55 12.34 -16.42
N SER H 117 8.94 11.52 -17.38
CA SER H 117 9.79 12.04 -18.48
C SER H 117 9.18 13.27 -19.10
N TYR H 118 7.88 13.21 -19.35
CA TYR H 118 7.19 14.27 -20.06
C TYR H 118 7.03 15.53 -19.23
N LEU H 119 6.49 15.39 -18.02
CA LEU H 119 6.12 16.56 -17.21
C LEU H 119 7.27 17.10 -16.38
N VAL H 120 8.25 16.25 -16.10
CA VAL H 120 9.40 16.61 -15.24
C VAL H 120 10.65 16.77 -16.09
N ASP H 121 11.25 15.70 -16.59
CA ASP H 121 12.55 15.83 -17.22
C ASP H 121 12.50 16.78 -18.41
N LEU H 122 11.54 16.61 -19.33
CA LEU H 122 11.50 17.45 -20.51
C LEU H 122 11.21 18.92 -20.16
N ASP H 123 10.34 19.13 -19.20
CA ASP H 123 10.06 20.50 -18.75
C ASP H 123 11.32 21.15 -18.18
N MET H 124 12.06 20.40 -17.37
N MET H 124 12.08 20.39 -17.41
CA MET H 124 13.30 20.92 -16.79
CA MET H 124 13.28 20.95 -16.80
C MET H 124 14.37 21.20 -17.86
C MET H 124 14.42 21.15 -17.82
N VAL H 125 14.44 20.34 -18.87
CA VAL H 125 15.39 20.57 -19.99
C VAL H 125 15.08 21.90 -20.69
N LEU H 126 13.80 22.10 -20.99
CA LEU H 126 13.35 23.32 -21.67
C LEU H 126 13.69 24.52 -20.80
N LYS H 127 13.38 24.45 -19.51
CA LYS H 127 13.62 25.55 -18.61
C LYS H 127 15.11 25.85 -18.46
N CYS H 128 15.95 24.82 -18.45
CA CYS H 128 17.36 25.03 -18.27
C CYS H 128 17.94 25.72 -19.53
N LEU H 129 17.64 25.19 -20.71
CA LEU H 129 18.11 25.81 -21.95
C LEU H 129 17.63 27.25 -22.13
N ARG H 130 16.36 27.51 -21.83
CA ARG H 130 15.82 28.85 -21.94
C ARG H 130 16.41 29.81 -20.90
N TYR H 131 16.69 29.30 -19.70
CA TYR H 131 17.37 30.13 -18.69
C TYR H 131 18.76 30.54 -19.19
N TYR H 132 19.54 29.58 -19.66
CA TYR H 132 20.89 29.92 -20.10
C TYR H 132 20.93 30.70 -21.38
N ALA H 133 19.96 30.51 -22.26
CA ALA H 133 19.85 31.41 -23.43
C ALA H 133 19.91 32.86 -22.98
N GLY H 134 19.20 33.18 -21.88
CA GLY H 134 19.10 34.55 -21.40
C GLY H 134 20.43 35.06 -20.85
N TRP H 135 21.33 34.17 -20.42
CA TRP H 135 22.64 34.60 -19.87
C TRP H 135 23.65 34.91 -20.97
N ALA H 136 23.39 34.52 -22.21
CA ALA H 136 24.45 34.57 -23.21
C ALA H 136 25.11 35.90 -23.37
N ASP H 137 24.32 36.96 -23.24
CA ASP H 137 24.85 38.30 -23.46
C ASP H 137 24.82 39.17 -22.21
N LYS H 138 24.85 38.52 -21.04
CA LYS H 138 24.74 39.25 -19.76
C LYS H 138 25.82 38.96 -18.76
N TYR H 139 26.79 38.11 -19.06
CA TYR H 139 27.80 37.78 -18.04
C TYR H 139 29.00 38.68 -18.19
N HIS H 140 28.85 39.89 -17.69
CA HIS H 140 29.79 40.96 -17.98
C HIS H 140 31.12 40.76 -17.23
N GLY H 141 32.18 41.25 -17.88
CA GLY H 141 33.41 41.51 -17.16
C GLY H 141 33.34 42.86 -16.47
N LYS H 142 34.49 43.34 -16.00
CA LYS H 142 34.52 44.49 -15.10
C LYS H 142 35.43 45.58 -15.63
N THR H 143 35.12 46.82 -15.32
CA THR H 143 36.12 47.92 -15.40
C THR H 143 36.53 48.26 -13.98
N ILE H 144 37.83 48.44 -13.73
CA ILE H 144 38.40 48.32 -12.41
C ILE H 144 39.26 49.53 -12.09
N PRO H 145 39.00 50.19 -10.96
CA PRO H 145 39.73 51.45 -10.66
C PRO H 145 41.07 51.19 -10.03
N ILE H 146 41.96 50.57 -10.78
CA ILE H 146 43.31 50.28 -10.33
C ILE H 146 44.11 51.57 -10.05
N ASP H 147 45.11 51.45 -9.15
CA ASP H 147 46.00 52.57 -8.84
C ASP H 147 46.81 52.96 -10.07
N GLY H 148 47.19 54.24 -10.14
CA GLY H 148 48.08 54.70 -11.21
C GLY H 148 47.35 55.11 -12.48
N ASP H 149 48.13 55.54 -13.47
CA ASP H 149 47.62 56.06 -14.71
C ASP H 149 47.35 54.94 -15.69
N PHE H 150 46.29 54.16 -15.39
CA PHE H 150 45.93 52.95 -16.16
C PHE H 150 44.43 52.84 -16.27
N PHE H 151 44.00 52.25 -17.37
CA PHE H 151 42.65 51.75 -17.55
C PHE H 151 42.79 50.23 -17.46
N SER H 152 42.12 49.59 -16.52
CA SER H 152 42.15 48.15 -16.36
C SER H 152 40.73 47.57 -16.42
N TYR H 153 40.59 46.47 -17.14
CA TYR H 153 39.31 45.81 -17.33
C TYR H 153 39.47 44.33 -17.50
N THR H 154 38.39 43.58 -17.28
CA THR H 154 38.46 42.16 -17.58
C THR H 154 37.55 41.80 -18.71
N ARG H 155 38.00 40.86 -19.52
CA ARG H 155 37.17 40.13 -20.48
C ARG H 155 36.82 38.79 -19.90
N HIS H 156 35.55 38.42 -20.00
CA HIS H 156 35.12 37.07 -19.69
C HIS H 156 35.08 36.34 -21.03
N GLU H 157 36.09 35.48 -21.21
CA GLU H 157 36.29 34.73 -22.43
C GLU H 157 35.84 33.30 -22.16
N PRO H 158 35.61 32.51 -23.23
CA PRO H 158 35.28 31.11 -23.00
C PRO H 158 36.51 30.35 -22.58
N VAL H 159 36.30 29.32 -21.76
N VAL H 159 36.34 29.32 -21.77
CA VAL H 159 37.41 28.47 -21.29
CA VAL H 159 37.51 28.50 -21.41
C VAL H 159 37.99 27.61 -22.42
C VAL H 159 38.08 27.79 -22.62
N GLY H 160 37.20 27.30 -23.48
CA GLY H 160 37.68 26.68 -24.72
C GLY H 160 36.97 25.36 -25.04
N VAL H 161 37.78 24.33 -25.24
CA VAL H 161 37.27 22.99 -25.52
C VAL H 161 36.95 22.33 -24.19
N CYS H 162 35.66 22.06 -24.02
CA CYS H 162 35.14 21.51 -22.77
C CYS H 162 34.69 20.06 -22.93
N GLY H 163 35.32 19.18 -22.15
CA GLY H 163 34.92 17.78 -22.14
C GLY H 163 33.83 17.65 -21.09
N GLN H 164 32.74 16.99 -21.43
CA GLN H 164 31.60 16.87 -20.54
C GLN H 164 31.16 15.43 -20.49
N ILE H 165 31.22 14.84 -19.30
CA ILE H 165 30.88 13.42 -19.14
C ILE H 165 29.63 13.35 -18.27
N ILE H 166 28.56 12.79 -18.83
CA ILE H 166 27.29 12.76 -18.11
C ILE H 166 26.77 11.36 -17.85
N PRO H 167 26.03 11.21 -16.76
CA PRO H 167 25.52 9.93 -16.32
C PRO H 167 24.18 9.55 -16.94
N TRP H 168 23.68 8.41 -16.48
CA TRP H 168 22.46 7.82 -17.01
C TRP H 168 21.18 8.07 -16.24
N ASN H 169 21.25 8.70 -15.08
CA ASN H 169 20.07 8.86 -14.28
C ASN H 169 19.04 9.85 -14.81
N PHE H 170 19.50 10.99 -15.35
CA PHE H 170 18.65 11.96 -16.00
C PHE H 170 19.33 12.33 -17.31
N PRO H 171 19.21 11.45 -18.31
CA PRO H 171 20.08 11.64 -19.50
C PRO H 171 19.89 12.97 -20.22
N LEU H 172 18.65 13.35 -20.55
CA LEU H 172 18.43 14.63 -21.20
C LEU H 172 18.70 15.82 -20.29
N LEU H 173 18.30 15.74 -19.03
CA LEU H 173 18.47 16.89 -18.18
C LEU H 173 19.93 17.14 -17.91
N MET H 174 20.71 16.09 -17.65
CA MET H 174 22.15 16.31 -17.45
C MET H 174 22.83 16.88 -18.69
N GLN H 175 22.42 16.44 -19.88
CA GLN H 175 22.92 17.03 -21.09
C GLN H 175 22.64 18.52 -21.10
N ALA H 176 21.41 18.93 -20.74
CA ALA H 176 21.07 20.36 -20.76
C ALA H 176 21.82 21.16 -19.70
N TRP H 177 21.98 20.56 -18.51
CA TRP H 177 22.74 21.26 -17.46
C TRP H 177 24.16 21.58 -17.89
N LYS H 178 24.71 20.72 -18.76
CA LYS H 178 26.07 20.91 -19.28
C LYS H 178 26.12 21.85 -20.50
N LEU H 179 25.23 21.63 -21.46
CA LEU H 179 25.28 22.40 -22.71
C LEU H 179 24.85 23.84 -22.48
N GLY H 180 23.87 24.05 -21.62
CA GLY H 180 23.36 25.43 -21.42
C GLY H 180 24.44 26.44 -21.07
N PRO H 181 25.14 26.22 -19.97
CA PRO H 181 26.13 27.22 -19.59
C PRO H 181 27.34 27.26 -20.54
N ALA H 182 27.76 26.09 -21.04
CA ALA H 182 28.92 26.03 -21.92
C ALA H 182 28.66 26.82 -23.21
N LEU H 183 27.49 26.61 -23.81
CA LEU H 183 27.17 27.27 -25.07
C LEU H 183 26.83 28.74 -24.83
N ALA H 184 26.13 29.07 -23.71
CA ALA H 184 25.81 30.45 -23.44
C ALA H 184 27.08 31.30 -23.40
N THR H 185 28.17 30.72 -22.91
CA THR H 185 29.45 31.46 -22.74
C THR H 185 30.42 31.26 -23.91
N GLY H 186 29.98 30.61 -24.99
CA GLY H 186 30.78 30.53 -26.23
C GLY H 186 31.84 29.45 -26.27
N ASN H 187 31.75 28.47 -25.40
CA ASN H 187 32.64 27.32 -25.45
C ASN H 187 32.24 26.33 -26.54
N VAL H 188 33.12 25.36 -26.77
CA VAL H 188 32.79 24.22 -27.64
C VAL H 188 32.91 22.96 -26.80
N VAL H 189 32.24 21.88 -27.21
CA VAL H 189 32.00 20.76 -26.32
C VAL H 189 32.34 19.42 -27.00
N VAL H 190 32.99 18.55 -26.24
CA VAL H 190 33.09 17.13 -26.58
C VAL H 190 32.44 16.40 -25.44
N MET H 191 31.32 15.78 -25.72
CA MET H 191 30.46 15.19 -24.68
C MET H 191 30.47 13.67 -24.78
N LYS H 192 30.66 13.01 -23.64
CA LYS H 192 30.56 11.53 -23.57
C LYS H 192 29.27 11.23 -22.81
N VAL H 193 28.37 10.49 -23.44
CA VAL H 193 27.12 10.10 -22.82
C VAL H 193 27.20 8.67 -22.25
N ALA H 194 26.30 8.35 -21.33
CA ALA H 194 26.36 7.03 -20.66
C ALA H 194 25.94 5.90 -21.60
N GLU H 195 26.67 4.78 -21.54
CA GLU H 195 26.38 3.64 -22.40
C GLU H 195 25.01 3.09 -22.13
N GLN H 196 24.47 3.29 -20.91
CA GLN H 196 23.14 2.79 -20.61
C GLN H 196 22.04 3.61 -21.29
N THR H 197 22.33 4.86 -21.61
CA THR H 197 21.30 5.83 -22.04
C THR H 197 21.85 6.81 -23.09
N PRO H 198 22.38 6.31 -24.21
CA PRO H 198 22.98 7.26 -25.15
C PRO H 198 21.97 7.93 -26.11
N LEU H 199 20.81 7.33 -26.24
CA LEU H 199 19.96 7.61 -27.42
C LEU H 199 19.35 9.01 -27.42
N THR H 200 18.80 9.46 -26.29
CA THR H 200 18.12 10.76 -26.33
C THR H 200 19.12 11.90 -26.63
N ALA H 201 20.34 11.83 -26.07
CA ALA H 201 21.37 12.83 -26.29
C ALA H 201 21.77 12.91 -27.75
N LEU H 202 21.81 11.74 -28.40
CA LEU H 202 22.15 11.70 -29.83
C LEU H 202 21.03 12.32 -30.70
N TYR H 203 19.76 12.07 -30.34
CA TYR H 203 18.67 12.75 -31.04
C TYR H 203 18.77 14.28 -30.85
N VAL H 204 19.12 14.72 -29.64
CA VAL H 204 19.28 16.16 -29.38
C VAL H 204 20.43 16.69 -30.27
N ALA H 205 21.49 15.93 -30.51
CA ALA H 205 22.54 16.41 -31.43
C ALA H 205 21.99 16.68 -32.83
N ASN H 206 21.06 15.84 -33.31
CA ASN H 206 20.36 16.11 -34.56
C ASN H 206 19.66 17.48 -34.50
N LEU H 207 19.04 17.76 -33.37
CA LEU H 207 18.37 19.06 -33.17
C LEU H 207 19.35 20.23 -33.08
N ILE H 208 20.54 19.99 -32.54
CA ILE H 208 21.59 21.01 -32.50
C ILE H 208 22.00 21.41 -33.91
N LYS H 209 22.15 20.40 -34.77
CA LYS H 209 22.39 20.65 -36.21
C LYS H 209 21.22 21.45 -36.82
N GLU H 210 20.00 20.98 -36.59
CA GLU H 210 18.83 21.64 -37.14
C GLU H 210 18.68 23.08 -36.67
N ALA H 211 19.04 23.33 -35.41
CA ALA H 211 18.97 24.69 -34.85
C ALA H 211 19.95 25.67 -35.44
N GLY H 212 21.02 25.16 -36.05
CA GLY H 212 21.97 26.06 -36.72
C GLY H 212 23.29 26.30 -36.01
N PHE H 213 23.61 25.50 -35.01
CA PHE H 213 24.92 25.67 -34.37
C PHE H 213 26.02 25.27 -35.38
N PRO H 214 27.09 26.06 -35.44
CA PRO H 214 28.15 25.73 -36.40
C PRO H 214 28.72 24.35 -36.14
N PRO H 215 29.19 23.66 -37.20
CA PRO H 215 29.81 22.36 -37.03
C PRO H 215 30.99 22.39 -36.07
N GLY H 216 31.06 21.40 -35.19
CA GLY H 216 32.20 21.28 -34.26
C GLY H 216 31.93 21.95 -32.92
N VAL H 217 30.86 22.74 -32.84
CA VAL H 217 30.55 23.38 -31.56
C VAL H 217 30.06 22.38 -30.52
N VAL H 218 29.28 21.38 -30.93
CA VAL H 218 28.94 20.27 -30.02
C VAL H 218 29.23 18.95 -30.71
N ASN H 219 30.01 18.12 -30.05
CA ASN H 219 30.37 16.80 -30.61
C ASN H 219 30.05 15.80 -29.54
N ILE H 220 29.48 14.66 -29.92
CA ILE H 220 29.07 13.67 -28.90
C ILE H 220 29.68 12.31 -29.28
N VAL H 221 30.36 11.72 -28.31
CA VAL H 221 31.00 10.41 -28.51
C VAL H 221 30.41 9.45 -27.51
N PRO H 222 29.46 8.60 -27.94
CA PRO H 222 29.07 7.49 -27.08
C PRO H 222 30.19 6.48 -26.98
N GLY H 223 30.20 5.73 -25.87
CA GLY H 223 31.21 4.70 -25.65
C GLY H 223 31.29 4.42 -24.17
N PHE H 224 32.34 3.73 -23.76
CA PHE H 224 32.54 3.35 -22.37
C PHE H 224 33.40 4.31 -21.56
N GLY H 225 33.39 4.17 -20.25
CA GLY H 225 34.17 5.09 -19.38
C GLY H 225 35.68 4.96 -19.52
N PRO H 226 36.17 3.74 -19.36
CA PRO H 226 37.60 3.55 -19.31
C PRO H 226 38.28 3.85 -20.67
N THR H 227 37.46 4.01 -21.70
CA THR H 227 37.96 4.22 -23.03
C THR H 227 37.66 5.70 -23.40
N ALA H 228 36.41 6.02 -23.73
CA ALA H 228 36.09 7.37 -24.23
C ALA H 228 36.17 8.43 -23.14
N GLY H 229 35.63 8.10 -21.95
CA GLY H 229 35.71 9.03 -20.84
C GLY H 229 37.12 9.38 -20.43
N ALA H 230 37.95 8.35 -20.29
CA ALA H 230 39.34 8.51 -19.92
C ALA H 230 40.10 9.32 -20.93
N ALA H 231 39.81 9.10 -22.21
CA ALA H 231 40.46 9.82 -23.27
C ALA H 231 40.18 11.31 -23.19
N ILE H 232 38.94 11.66 -22.86
CA ILE H 232 38.59 13.07 -22.68
C ILE H 232 39.33 13.64 -21.46
N ALA H 233 39.32 12.92 -20.35
CA ALA H 233 39.94 13.40 -19.11
C ALA H 233 41.45 13.63 -19.23
N SER H 234 42.11 12.79 -20.02
CA SER H 234 43.57 12.86 -20.23
CA SER H 234 43.57 12.85 -20.23
C SER H 234 43.99 13.64 -21.47
N HIS H 235 43.04 14.21 -22.20
CA HIS H 235 43.41 14.77 -23.49
C HIS H 235 44.22 16.05 -23.38
N GLU H 236 45.28 16.16 -24.18
CA GLU H 236 46.20 17.29 -24.04
C GLU H 236 45.65 18.60 -24.59
N ASP H 237 44.54 18.55 -25.32
CA ASP H 237 43.98 19.76 -25.92
C ASP H 237 42.55 20.03 -25.46
N VAL H 238 42.10 19.35 -24.40
CA VAL H 238 40.85 19.70 -23.73
C VAL H 238 41.17 20.66 -22.59
N ASP H 239 40.47 21.80 -22.54
CA ASP H 239 40.82 22.86 -21.59
C ASP H 239 40.14 22.69 -20.25
N LYS H 240 39.02 21.99 -20.21
CA LYS H 240 38.17 21.93 -19.01
C LYS H 240 37.36 20.66 -19.09
N VAL H 241 37.20 19.98 -17.96
CA VAL H 241 36.35 18.79 -17.91
C VAL H 241 35.32 18.98 -16.81
N ALA H 242 34.08 18.61 -17.11
CA ALA H 242 32.98 18.57 -16.14
C ALA H 242 32.50 17.12 -16.14
N PHE H 243 32.49 16.50 -14.96
CA PHE H 243 32.11 15.12 -14.81
C PHE H 243 31.02 15.01 -13.76
N THR H 244 29.96 14.26 -14.07
CA THR H 244 28.96 13.88 -13.08
C THR H 244 28.91 12.37 -13.03
N GLY H 245 28.99 11.82 -11.82
CA GLY H 245 29.08 10.38 -11.62
C GLY H 245 29.53 10.07 -10.21
N SER H 246 30.16 8.91 -10.02
CA SER H 246 30.44 8.43 -8.67
C SER H 246 31.63 9.21 -8.13
N THR H 247 31.68 9.32 -6.80
CA THR H 247 32.84 9.89 -6.14
C THR H 247 34.12 9.17 -6.55
N GLU H 248 34.05 7.83 -6.65
CA GLU H 248 35.19 7.01 -7.10
C GLU H 248 35.79 7.49 -8.43
N ILE H 249 34.96 7.63 -9.47
CA ILE H 249 35.44 8.04 -10.77
C ILE H 249 35.85 9.52 -10.79
N GLY H 250 35.22 10.32 -9.95
CA GLY H 250 35.66 11.71 -9.78
C GLY H 250 37.11 11.82 -9.42
N ARG H 251 37.59 10.94 -8.55
CA ARG H 251 39.01 10.90 -8.25
C ARG H 251 39.84 10.61 -9.48
N VAL H 252 39.38 9.64 -10.28
CA VAL H 252 40.09 9.29 -11.51
C VAL H 252 40.22 10.49 -12.47
N ILE H 253 39.13 11.25 -12.61
CA ILE H 253 39.12 12.46 -13.44
C ILE H 253 40.11 13.53 -12.95
N GLN H 254 40.14 13.79 -11.64
N GLN H 254 40.15 13.79 -11.65
CA GLN H 254 40.99 14.84 -11.08
CA GLN H 254 41.03 14.83 -11.13
C GLN H 254 42.48 14.46 -11.14
C GLN H 254 42.48 14.42 -11.36
N VAL H 255 42.78 13.17 -11.04
CA VAL H 255 44.13 12.66 -11.26
C VAL H 255 44.55 12.77 -12.73
N ALA H 256 43.64 12.41 -13.64
CA ALA H 256 43.94 12.52 -15.09
C ALA H 256 44.22 13.96 -15.51
N ALA H 257 43.46 14.91 -14.95
CA ALA H 257 43.63 16.30 -15.33
C ALA H 257 45.00 16.78 -14.89
N GLY H 258 45.41 16.37 -13.70
CA GLY H 258 46.67 16.78 -13.14
C GLY H 258 47.85 16.15 -13.84
N SER H 259 47.67 14.90 -14.25
CA SER H 259 48.74 14.15 -14.94
CA SER H 259 48.75 14.17 -14.93
C SER H 259 48.89 14.53 -16.40
N SER H 260 47.87 15.18 -16.98
CA SER H 260 47.93 15.54 -18.39
C SER H 260 48.28 17.02 -18.54
N ASN H 261 47.31 17.88 -18.76
CA ASN H 261 47.59 19.26 -19.12
C ASN H 261 47.07 20.31 -18.13
N LEU H 262 46.76 19.90 -16.92
CA LEU H 262 46.23 20.84 -15.93
C LEU H 262 44.90 21.50 -16.35
N LYS H 263 44.11 20.78 -17.14
CA LYS H 263 42.76 21.20 -17.44
C LYS H 263 41.97 21.53 -16.16
N ARG H 264 41.06 22.48 -16.26
CA ARG H 264 40.20 22.86 -15.14
C ARG H 264 39.13 21.78 -14.95
N VAL H 265 38.78 21.51 -13.69
CA VAL H 265 37.89 20.40 -13.39
C VAL H 265 36.75 20.86 -12.51
N THR H 266 35.52 20.45 -12.82
CA THR H 266 34.43 20.49 -11.85
C THR H 266 33.79 19.11 -11.80
N LEU H 267 33.20 18.77 -10.65
CA LEU H 267 32.71 17.42 -10.39
C LEU H 267 31.40 17.53 -9.66
N GLU H 268 30.41 16.72 -10.06
CA GLU H 268 29.14 16.60 -9.33
C GLU H 268 29.07 15.11 -9.03
N LEU H 269 29.15 14.74 -7.76
CA LEU H 269 29.34 13.36 -7.38
C LEU H 269 28.16 12.85 -6.54
N GLY H 270 28.42 11.80 -5.77
CA GLY H 270 27.32 11.16 -5.04
C GLY H 270 26.98 11.87 -3.74
N GLY H 271 26.04 11.27 -3.04
CA GLY H 271 25.68 11.76 -1.72
C GLY H 271 25.09 10.72 -0.79
N LYS H 272 24.90 11.12 0.48
CA LYS H 272 24.09 10.35 1.42
C LYS H 272 23.31 11.35 2.25
N SER H 273 22.43 12.07 1.57
CA SER H 273 21.88 13.32 2.10
C SER H 273 20.87 13.09 3.23
N PRO H 274 20.99 13.85 4.31
CA PRO H 274 20.09 13.72 5.43
C PRO H 274 18.84 14.55 5.30
N ASN H 275 17.70 13.97 5.64
CA ASN H 275 16.43 14.67 5.59
C ASN H 275 15.91 14.63 7.02
N ILE H 276 15.83 15.80 7.65
CA ILE H 276 15.64 15.87 9.12
C ILE H 276 14.22 16.31 9.40
N ILE H 277 13.46 15.45 10.12
CA ILE H 277 12.06 15.73 10.42
C ILE H 277 11.97 16.05 11.92
N MET H 278 11.74 17.34 12.21
CA MET H 278 11.59 17.78 13.60
C MET H 278 10.18 17.44 14.08
N SER H 279 10.01 17.36 15.40
CA SER H 279 8.73 16.95 15.96
C SER H 279 7.58 17.91 15.65
N ASP H 280 7.92 19.16 15.32
CA ASP H 280 6.91 20.14 14.99
C ASP H 280 6.60 20.21 13.50
N ALA H 281 7.13 19.29 12.71
CA ALA H 281 6.83 19.33 11.26
C ALA H 281 5.35 19.05 11.01
N ASP H 282 4.83 19.49 9.86
CA ASP H 282 3.54 19.02 9.33
C ASP H 282 3.73 17.55 8.95
N MET H 283 3.06 16.65 9.67
CA MET H 283 3.31 15.20 9.52
C MET H 283 2.98 14.71 8.11
N ASP H 284 1.80 15.05 7.63
CA ASP H 284 1.36 14.50 6.34
C ASP H 284 2.29 14.96 5.23
N TRP H 285 2.64 16.25 5.26
CA TRP H 285 3.55 16.83 4.25
C TRP H 285 4.94 16.19 4.38
N ALA H 286 5.46 16.03 5.58
CA ALA H 286 6.79 15.47 5.77
C ALA H 286 6.87 14.03 5.32
N VAL H 287 5.80 13.25 5.53
CA VAL H 287 5.81 11.87 5.10
C VAL H 287 5.84 11.79 3.57
N GLU H 288 4.99 12.57 2.91
CA GLU H 288 4.94 12.56 1.47
C GLU H 288 6.26 13.07 0.87
N GLN H 289 6.83 14.11 1.47
CA GLN H 289 8.07 14.62 0.91
C GLN H 289 9.25 13.75 1.17
N ALA H 290 9.25 13.04 2.31
CA ALA H 290 10.33 12.12 2.61
C ALA H 290 10.30 10.92 1.67
N HIS H 291 9.10 10.52 1.29
CA HIS H 291 8.92 9.45 0.30
C HIS H 291 9.50 9.89 -1.03
N PHE H 292 9.05 11.04 -1.50
CA PHE H 292 9.56 11.59 -2.76
C PHE H 292 11.10 11.73 -2.71
N ALA H 293 11.60 12.28 -1.60
CA ALA H 293 13.01 12.57 -1.44
C ALA H 293 13.88 11.36 -1.66
N LEU H 294 13.37 10.20 -1.22
CA LEU H 294 14.14 8.96 -1.35
C LEU H 294 13.84 8.26 -2.69
N PHE H 295 12.56 8.13 -3.01
CA PHE H 295 12.16 7.24 -4.11
C PHE H 295 12.15 7.87 -5.49
N PHE H 296 12.23 9.20 -5.57
CA PHE H 296 12.16 9.84 -6.89
C PHE H 296 13.15 9.18 -7.87
N ASN H 297 12.70 8.97 -9.11
CA ASN H 297 13.57 8.45 -10.16
C ASN H 297 14.16 7.09 -9.85
N GLN H 298 13.34 6.20 -9.29
CA GLN H 298 13.78 4.86 -8.95
C GLN H 298 14.90 4.88 -7.92
N GLY H 299 14.97 5.96 -7.11
CA GLY H 299 16.04 6.14 -6.14
C GLY H 299 17.35 6.60 -6.73
N GLN H 300 17.34 6.84 -8.05
CA GLN H 300 18.56 7.09 -8.82
C GLN H 300 18.84 8.58 -8.92
N CYS H 301 19.10 9.20 -7.76
N CYS H 301 19.01 9.21 -7.75
CA CYS H 301 19.27 10.64 -7.70
CA CYS H 301 19.25 10.65 -7.63
C CYS H 301 20.39 10.93 -6.73
C CYS H 301 20.45 10.85 -6.75
N CSO H 302 21.40 11.65 -7.22
CA CSO H 302 22.59 12.04 -6.48
CA CSO H 302 22.59 11.86 -6.39
CB CSO H 302 23.26 13.20 -7.27
CB CSO H 302 23.68 12.69 -7.09
SG CSO H 302 22.21 14.68 -7.65
SG CSO H 302 23.99 12.17 -8.80
C CSO H 302 22.28 12.51 -5.05
O CSO H 302 22.98 12.23 -4.08
OD CSO H 302 21.06 14.33 -8.98
OD CSO H 302 24.96 10.78 -8.40
N CYS H 303 21.23 13.32 -5.01
CA CYS H 303 20.86 14.02 -3.80
C CYS H 303 19.72 13.37 -3.04
N ALA H 304 19.46 12.09 -3.27
CA ALA H 304 18.37 11.38 -2.59
C ALA H 304 18.48 11.56 -1.09
N GLY H 305 17.34 11.78 -0.46
CA GLY H 305 17.31 11.84 1.00
C GLY H 305 17.31 10.45 1.63
N SER H 306 18.50 9.90 1.68
CA SER H 306 18.73 8.49 2.02
C SER H 306 19.10 8.27 3.47
N ARG H 307 19.15 9.34 4.28
CA ARG H 307 19.13 9.21 5.75
C ARG H 307 17.98 10.05 6.26
N THR H 308 16.86 9.43 6.57
CA THR H 308 15.69 10.18 7.05
C THR H 308 15.76 10.15 8.58
N PHE H 309 16.16 11.26 9.16
CA PHE H 309 16.26 11.41 10.62
C PHE H 309 14.94 11.93 11.15
N VAL H 310 14.34 11.21 12.10
CA VAL H 310 13.04 11.53 12.61
C VAL H 310 13.07 11.64 14.16
N GLN H 311 12.55 12.75 14.67
CA GLN H 311 12.68 13.00 16.10
CA GLN H 311 12.64 13.02 16.11
C GLN H 311 11.82 11.97 16.84
N GLU H 312 12.29 11.56 18.02
CA GLU H 312 11.74 10.35 18.67
C GLU H 312 10.26 10.42 18.99
N ASP H 313 9.75 11.60 19.35
CA ASP H 313 8.31 11.72 19.69
C ASP H 313 7.35 11.51 18.54
N ILE H 314 7.85 11.62 17.29
CA ILE H 314 7.01 11.42 16.12
C ILE H 314 7.43 10.21 15.29
N TYR H 315 8.44 9.49 15.77
CA TYR H 315 9.05 8.40 15.01
C TYR H 315 8.02 7.30 14.66
N ASP H 316 7.29 6.81 15.65
CA ASP H 316 6.43 5.66 15.39
C ASP H 316 5.36 5.99 14.38
N GLU H 317 4.76 7.16 14.50
CA GLU H 317 3.73 7.61 13.56
C GLU H 317 4.32 7.82 12.17
N PHE H 318 5.46 8.49 12.14
CA PHE H 318 6.09 8.77 10.84
C PHE H 318 6.37 7.47 10.13
N VAL H 319 6.87 6.48 10.86
CA VAL H 319 7.24 5.21 10.27
C VAL H 319 6.00 4.45 9.77
N GLU H 320 4.94 4.35 10.56
CA GLU H 320 3.76 3.64 10.02
C GLU H 320 3.21 4.30 8.78
N ARG H 321 3.17 5.64 8.77
CA ARG H 321 2.66 6.36 7.62
C ARG H 321 3.59 6.12 6.39
N SER H 322 4.90 6.13 6.65
CA SER H 322 5.91 5.92 5.60
C SER H 322 5.82 4.52 4.99
N VAL H 323 5.57 3.51 5.83
CA VAL H 323 5.46 2.16 5.32
C VAL H 323 4.19 2.04 4.47
N ALA H 324 3.07 2.59 4.93
CA ALA H 324 1.86 2.59 4.12
C ALA H 324 2.11 3.24 2.73
N ARG H 325 2.85 4.35 2.72
CA ARG H 325 3.05 5.05 1.45
C ARG H 325 3.94 4.26 0.51
N ALA H 326 4.97 3.62 1.08
CA ALA H 326 5.85 2.79 0.30
C ALA H 326 5.12 1.55 -0.28
N LYS H 327 4.22 0.96 0.51
CA LYS H 327 3.44 -0.20 -0.03
C LYS H 327 2.49 0.21 -1.13
N SER H 328 2.07 1.48 -1.13
CA SER H 328 1.14 1.97 -2.12
C SER H 328 1.81 2.38 -3.43
N ARG H 329 3.14 2.49 -3.41
CA ARG H 329 3.88 2.92 -4.60
C ARG H 329 3.83 1.87 -5.72
N VAL H 330 3.25 2.27 -6.84
CA VAL H 330 2.98 1.36 -7.97
C VAL H 330 4.24 1.17 -8.81
N VAL H 331 4.71 -0.07 -8.88
CA VAL H 331 5.87 -0.45 -9.66
C VAL H 331 5.33 -1.14 -10.91
N GLY H 332 5.80 -0.75 -12.09
CA GLY H 332 5.34 -1.45 -13.29
C GLY H 332 5.83 -0.87 -14.59
N ASN H 333 5.14 -1.22 -15.66
CA ASN H 333 5.48 -0.73 -16.99
C ASN H 333 5.52 0.80 -16.97
N PRO H 334 6.68 1.38 -17.33
CA PRO H 334 6.73 2.85 -17.20
C PRO H 334 5.86 3.62 -18.20
N PHE H 335 5.37 2.93 -19.22
CA PHE H 335 4.39 3.53 -20.11
C PHE H 335 2.94 3.54 -19.60
N ASP H 336 2.65 2.81 -18.53
CA ASP H 336 1.29 2.82 -17.97
C ASP H 336 1.15 4.06 -17.10
N SER H 337 0.08 4.82 -17.28
CA SER H 337 -0.05 6.11 -16.59
C SER H 337 -0.11 5.96 -15.08
N LYS H 338 -0.49 4.78 -14.58
CA LYS H 338 -0.59 4.60 -13.14
C LYS H 338 0.76 4.26 -12.48
N THR H 339 1.78 3.94 -13.29
CA THR H 339 3.07 3.54 -12.75
C THR H 339 3.84 4.70 -12.10
N GLU H 340 4.23 4.49 -10.87
CA GLU H 340 5.06 5.48 -10.16
C GLU H 340 6.54 5.22 -10.21
N GLN H 341 6.91 3.96 -10.39
CA GLN H 341 8.30 3.51 -10.35
C GLN H 341 8.53 2.50 -11.47
N GLY H 342 9.47 2.80 -12.34
CA GLY H 342 9.94 1.87 -13.36
C GLY H 342 11.04 0.99 -12.86
N PRO H 343 11.74 0.30 -13.77
CA PRO H 343 12.87 -0.53 -13.37
C PRO H 343 14.11 0.29 -13.03
N GLN H 344 15.09 -0.33 -12.41
CA GLN H 344 16.42 0.25 -12.33
C GLN H 344 17.10 0.20 -13.70
N VAL H 345 18.19 0.92 -13.87
CA VAL H 345 18.69 1.21 -15.21
C VAL H 345 19.30 -0.02 -15.93
N ASP H 346 19.85 -0.97 -15.17
CA ASP H 346 20.56 -2.11 -15.76
C ASP H 346 20.77 -3.20 -14.73
N GLU H 347 21.30 -4.33 -15.19
CA GLU H 347 21.46 -5.47 -14.33
C GLU H 347 22.49 -5.25 -13.23
N THR H 348 23.55 -4.51 -13.53
CA THR H 348 24.59 -4.21 -12.55
C THR H 348 23.97 -3.46 -11.39
N GLN H 349 23.20 -2.42 -11.68
CA GLN H 349 22.59 -1.68 -10.60
C GLN H 349 21.56 -2.49 -9.85
N PHE H 350 20.73 -3.23 -10.58
CA PHE H 350 19.78 -4.17 -9.98
C PHE H 350 20.44 -5.05 -8.93
N LYS H 351 21.51 -5.73 -9.31
CA LYS H 351 22.23 -6.62 -8.38
C LYS H 351 22.85 -5.91 -7.20
N LYS H 352 23.42 -4.73 -7.46
CA LYS H 352 24.05 -3.94 -6.43
C LYS H 352 23.01 -3.50 -5.39
N ILE H 353 21.83 -3.11 -5.83
CA ILE H 353 20.80 -2.66 -4.87
C ILE H 353 20.32 -3.84 -4.03
N LEU H 354 20.09 -4.98 -4.70
CA LEU H 354 19.70 -6.18 -3.95
C LEU H 354 20.77 -6.55 -2.90
N GLY H 355 22.04 -6.33 -3.23
CA GLY H 355 23.16 -6.65 -2.35
C GLY H 355 23.11 -5.73 -1.13
N TYR H 356 22.76 -4.47 -1.38
CA TYR H 356 22.61 -3.55 -0.25
C TYR H 356 21.44 -3.89 0.68
N ILE H 357 20.35 -4.36 0.12
CA ILE H 357 19.21 -4.80 0.91
C ILE H 357 19.64 -5.98 1.78
N ASN H 358 20.40 -6.92 1.20
CA ASN H 358 20.91 -8.07 1.97
CA ASN H 358 20.85 -8.04 2.00
C ASN H 358 21.78 -7.60 3.12
N THR H 359 22.66 -6.65 2.82
CA THR H 359 23.54 -6.11 3.84
C THR H 359 22.72 -5.44 4.97
N GLY H 360 21.69 -4.69 4.59
CA GLY H 360 20.86 -4.03 5.61
C GLY H 360 20.22 -5.00 6.56
N LYS H 361 19.73 -6.11 6.01
CA LYS H 361 19.15 -7.17 6.82
C LYS H 361 20.21 -7.82 7.71
N GLN H 362 21.35 -8.15 7.12
CA GLN H 362 22.43 -8.81 7.85
C GLN H 362 22.96 -7.97 9.00
N GLU H 363 23.00 -6.65 8.84
CA GLU H 363 23.57 -5.79 9.88
C GLU H 363 22.56 -5.29 10.91
N GLY H 364 21.34 -5.79 10.84
CA GLY H 364 20.40 -5.59 11.95
C GLY H 364 19.39 -4.47 11.79
N ALA H 365 19.27 -3.88 10.60
CA ALA H 365 18.21 -2.89 10.39
C ALA H 365 16.87 -3.60 10.30
N LYS H 366 15.80 -2.93 10.65
CA LYS H 366 14.51 -3.57 10.68
C LYS H 366 13.86 -3.43 9.30
N LEU H 367 13.70 -4.52 8.56
CA LEU H 367 13.00 -4.48 7.28
C LEU H 367 11.51 -4.33 7.48
N LEU H 368 10.98 -3.18 7.11
CA LEU H 368 9.58 -2.85 7.32
C LEU H 368 8.66 -3.12 6.13
N CYS H 369 9.19 -3.11 4.91
CA CYS H 369 8.43 -3.49 3.75
C CYS H 369 9.41 -3.67 2.58
N GLY H 370 8.92 -4.35 1.54
CA GLY H 370 9.71 -4.63 0.35
C GLY H 370 10.84 -5.59 0.63
N GLY H 371 11.98 -5.36 -0.01
CA GLY H 371 13.16 -6.17 0.25
C GLY H 371 13.54 -7.17 -0.84
N GLY H 372 12.72 -7.24 -1.90
CA GLY H 372 13.01 -8.15 -3.00
C GLY H 372 12.63 -7.63 -4.37
N ILE H 373 12.69 -8.54 -5.33
CA ILE H 373 12.45 -8.24 -6.71
C ILE H 373 10.97 -8.07 -6.91
N ALA H 374 10.57 -7.11 -7.77
CA ALA H 374 9.18 -6.76 -7.94
C ALA H 374 8.53 -7.36 -9.19
N ALA H 375 9.30 -7.99 -10.09
CA ALA H 375 8.73 -8.55 -11.32
C ALA H 375 9.66 -9.59 -11.89
N ASP H 376 9.12 -10.50 -12.71
CA ASP H 376 9.92 -11.61 -13.24
CA ASP H 376 9.92 -11.61 -13.25
C ASP H 376 10.78 -11.21 -14.44
N ARG H 377 10.48 -10.05 -15.01
CA ARG H 377 11.13 -9.57 -16.23
C ARG H 377 11.46 -8.09 -16.03
N GLY H 378 12.64 -7.67 -16.46
CA GLY H 378 13.06 -6.29 -16.22
C GLY H 378 13.59 -6.07 -14.82
N TYR H 379 14.25 -4.94 -14.62
CA TYR H 379 15.02 -4.73 -13.38
C TYR H 379 14.22 -4.04 -12.27
N PHE H 380 13.11 -4.64 -11.88
CA PHE H 380 12.18 -4.00 -10.96
C PHE H 380 12.42 -4.45 -9.51
N ILE H 381 12.51 -3.49 -8.59
CA ILE H 381 12.77 -3.75 -7.17
C ILE H 381 11.65 -3.17 -6.33
N GLN H 382 11.18 -3.95 -5.35
CA GLN H 382 10.13 -3.45 -4.46
C GLN H 382 10.61 -2.23 -3.64
N PRO H 383 9.75 -1.22 -3.48
CA PRO H 383 10.03 -0.12 -2.54
C PRO H 383 10.30 -0.69 -1.16
N THR H 384 11.49 -0.40 -0.63
CA THR H 384 12.02 -1.07 0.57
C THR H 384 12.27 -0.02 1.64
N VAL H 385 11.82 -0.26 2.86
CA VAL H 385 12.04 0.67 3.98
C VAL H 385 12.68 -0.06 5.14
N PHE H 386 13.78 0.49 5.64
CA PHE H 386 14.46 0.02 6.83
C PHE H 386 14.26 0.99 7.97
N GLY H 387 13.91 0.45 9.14
CA GLY H 387 13.78 1.28 10.34
C GLY H 387 14.86 0.96 11.35
N ASP H 388 14.94 1.79 12.38
CA ASP H 388 15.94 1.62 13.43
C ASP H 388 17.35 1.53 12.88
N VAL H 389 17.58 2.30 11.81
CA VAL H 389 18.89 2.40 11.20
C VAL H 389 19.85 3.17 12.11
N GLN H 390 21.09 2.67 12.18
CA GLN H 390 22.13 3.28 12.99
C GLN H 390 23.25 3.81 12.09
N ASP H 391 23.96 4.81 12.57
CA ASP H 391 24.90 5.58 11.77
C ASP H 391 26.03 4.71 11.21
N GLY H 392 26.38 3.66 11.94
CA GLY H 392 27.53 2.82 11.59
C GLY H 392 27.19 1.77 10.55
N MET H 393 25.91 1.60 10.24
CA MET H 393 25.49 0.57 9.30
C MET H 393 25.88 0.93 7.87
N THR H 394 26.23 -0.08 7.07
CA THR H 394 26.58 0.17 5.69
C THR H 394 25.49 0.93 4.93
N ILE H 395 24.23 0.55 5.14
CA ILE H 395 23.13 1.23 4.43
C ILE H 395 22.95 2.68 4.87
N ALA H 396 23.57 3.05 5.98
CA ALA H 396 23.49 4.43 6.43
C ALA H 396 24.69 5.24 5.95
N LYS H 397 25.69 4.57 5.38
CA LYS H 397 26.93 5.21 4.97
C LYS H 397 27.10 5.31 3.47
N GLU H 398 26.84 4.21 2.76
CA GLU H 398 27.11 4.14 1.34
C GLU H 398 25.88 4.48 0.50
N GLU H 399 26.14 5.12 -0.65
CA GLU H 399 25.06 5.46 -1.56
C GLU H 399 24.51 4.20 -2.28
N ILE H 400 23.23 3.95 -2.09
CA ILE H 400 22.55 2.75 -2.61
C ILE H 400 22.02 2.99 -4.04
N PHE H 401 21.50 4.20 -4.30
CA PHE H 401 21.04 4.54 -5.64
C PHE H 401 19.89 3.66 -6.11
N GLY H 402 19.02 3.30 -5.18
CA GLY H 402 17.81 2.54 -5.52
C GLY H 402 16.73 2.80 -4.49
N PRO H 403 15.60 2.09 -4.58
CA PRO H 403 14.40 2.38 -3.82
C PRO H 403 14.47 1.76 -2.41
N VAL H 404 15.44 2.21 -1.65
CA VAL H 404 15.73 1.68 -0.33
C VAL H 404 15.91 2.87 0.63
N MET H 405 14.96 2.97 1.57
CA MET H 405 14.84 4.13 2.47
C MET H 405 15.37 3.71 3.85
N GLN H 406 16.15 4.59 4.47
CA GLN H 406 16.67 4.41 5.84
C GLN H 406 16.02 5.41 6.79
N ILE H 407 15.41 4.93 7.87
CA ILE H 407 14.81 5.80 8.87
C ILE H 407 15.60 5.65 10.18
N LEU H 408 16.15 6.77 10.67
CA LEU H 408 16.94 6.87 11.91
C LEU H 408 16.23 7.75 12.92
N LYS H 409 16.36 7.43 14.20
CA LYS H 409 15.69 8.16 15.27
C LYS H 409 16.72 9.06 15.93
N PHE H 410 16.29 10.28 16.26
CA PHE H 410 17.11 11.17 17.09
C PHE H 410 16.30 11.89 18.16
N LYS H 411 17.02 12.47 19.13
CA LYS H 411 16.37 13.19 20.23
C LYS H 411 16.46 14.71 20.07
N THR H 412 17.68 15.24 19.96
CA THR H 412 17.88 16.71 20.00
C THR H 412 18.42 17.31 18.72
N ILE H 413 18.19 18.61 18.57
CA ILE H 413 18.61 19.35 17.38
C ILE H 413 20.15 19.38 17.30
N GLU H 414 20.83 19.50 18.44
CA GLU H 414 22.28 19.50 18.43
C GLU H 414 22.83 18.13 18.02
N GLU H 415 22.22 17.07 18.55
CA GLU H 415 22.61 15.72 18.21
C GLU H 415 22.47 15.50 16.70
N VAL H 416 21.33 15.91 16.14
CA VAL H 416 21.08 15.58 14.73
C VAL H 416 21.98 16.38 13.79
N VAL H 417 22.36 17.61 14.15
CA VAL H 417 23.37 18.32 13.33
C VAL H 417 24.67 17.54 13.19
N GLY H 418 25.17 17.05 14.33
CA GLY H 418 26.39 16.31 14.31
C GLY H 418 26.31 15.02 13.51
N ARG H 419 25.19 14.30 13.66
CA ARG H 419 25.02 13.06 12.93
C ARG H 419 24.83 13.29 11.42
N ALA H 420 24.04 14.29 11.07
CA ALA H 420 23.85 14.67 9.68
C ALA H 420 25.16 15.08 9.03
N ASN H 421 26.00 15.81 9.73
CA ASN H 421 27.27 16.29 9.18
C ASN H 421 28.43 15.29 9.24
N ASN H 422 28.23 14.17 9.94
CA ASN H 422 29.29 13.15 10.06
C ASN H 422 29.22 12.23 8.86
N SER H 423 29.70 12.74 7.74
CA SER H 423 29.67 12.09 6.45
C SER H 423 30.76 12.73 5.61
N THR H 424 31.37 11.97 4.70
CA THR H 424 32.31 12.56 3.76
C THR H 424 31.57 13.08 2.53
N TYR H 425 30.24 12.90 2.53
CA TYR H 425 29.37 13.47 1.49
C TYR H 425 28.75 14.77 2.01
N GLY H 426 28.22 15.60 1.11
CA GLY H 426 27.63 16.89 1.47
C GLY H 426 26.90 17.52 0.29
N LEU H 427 26.10 16.74 -0.46
CA LEU H 427 25.46 17.27 -1.65
C LEU H 427 24.25 18.08 -1.29
N ALA H 428 23.39 17.52 -0.44
CA ALA H 428 22.12 18.19 -0.09
C ALA H 428 21.72 17.76 1.31
N ALA H 429 20.70 18.45 1.83
CA ALA H 429 20.09 18.12 3.11
C ALA H 429 18.72 18.82 3.13
N ALA H 430 17.86 18.39 4.06
CA ALA H 430 16.60 19.07 4.26
C ALA H 430 16.19 19.05 5.72
N VAL H 431 15.33 20.00 6.02
CA VAL H 431 14.78 20.27 7.34
CA VAL H 431 14.76 20.13 7.34
C VAL H 431 13.29 20.49 7.22
N PHE H 432 12.51 19.75 8.01
CA PHE H 432 11.06 19.90 8.10
C PHE H 432 10.73 20.33 9.51
N THR H 433 10.19 21.54 9.59
CA THR H 433 9.88 22.19 10.89
C THR H 433 8.98 23.37 10.63
N LYS H 434 8.18 23.77 11.61
CA LYS H 434 7.35 24.99 11.49
C LYS H 434 8.07 26.18 12.17
N ASP H 435 9.16 25.92 12.90
CA ASP H 435 9.78 26.95 13.72
C ASP H 435 10.86 27.74 12.96
N LEU H 436 10.72 29.07 12.96
CA LEU H 436 11.68 29.93 12.27
C LEU H 436 13.13 29.71 12.74
N ASP H 437 13.33 29.71 14.06
CA ASP H 437 14.71 29.58 14.58
C ASP H 437 15.34 28.22 14.31
N LYS H 438 14.57 27.14 14.44
CA LYS H 438 15.11 25.82 14.08
C LYS H 438 15.48 25.77 12.60
N ALA H 439 14.66 26.35 11.73
CA ALA H 439 14.95 26.33 10.29
C ALA H 439 16.26 27.07 10.01
N ASN H 440 16.42 28.26 10.61
CA ASN H 440 17.65 29.05 10.38
C ASN H 440 18.87 28.42 11.05
N TYR H 441 18.70 27.88 12.25
CA TYR H 441 19.81 27.13 12.92
C TYR H 441 20.33 26.00 12.03
N LEU H 442 19.40 25.19 11.53
CA LEU H 442 19.82 24.02 10.78
C LEU H 442 20.32 24.38 9.39
N SER H 443 19.69 25.30 8.69
CA SER H 443 20.19 25.59 7.35
C SER H 443 21.59 26.18 7.38
N GLN H 444 21.89 26.95 8.43
CA GLN H 444 23.27 27.40 8.59
C GLN H 444 24.24 26.28 8.96
N ALA H 445 23.83 25.39 9.86
CA ALA H 445 24.76 24.39 10.42
C ALA H 445 25.03 23.22 9.51
N LEU H 446 24.09 22.88 8.63
CA LEU H 446 24.27 21.69 7.81
C LEU H 446 25.31 21.92 6.74
N GLN H 447 26.26 20.98 6.61
CA GLN H 447 27.37 21.10 5.67
C GLN H 447 26.99 20.45 4.35
N ALA H 448 26.21 21.18 3.55
CA ALA H 448 25.67 20.63 2.31
C ALA H 448 25.48 21.74 1.30
N GLY H 449 25.55 21.41 0.01
CA GLY H 449 25.47 22.41 -1.01
C GLY H 449 24.10 23.02 -1.20
N THR H 450 23.05 22.23 -0.98
CA THR H 450 21.67 22.70 -0.96
C THR H 450 21.03 22.22 0.32
N VAL H 451 20.36 23.14 1.00
CA VAL H 451 19.50 22.77 2.13
C VAL H 451 18.06 23.18 1.79
N TRP H 452 17.17 22.19 1.71
CA TRP H 452 15.74 22.43 1.45
C TRP H 452 15.02 22.53 2.80
N VAL H 453 14.12 23.51 2.92
CA VAL H 453 13.32 23.69 4.13
C VAL H 453 11.87 23.46 3.79
N ASN H 454 11.31 22.42 4.41
CA ASN H 454 9.94 21.99 4.16
C ASN H 454 9.65 21.61 2.71
N CYS H 455 10.68 21.13 2.02
CA CYS H 455 10.52 20.64 0.65
C CYS H 455 11.73 19.75 0.36
N TYR H 456 11.79 19.20 -0.87
CA TYR H 456 12.92 18.36 -1.24
C TYR H 456 13.00 18.32 -2.76
N ASP H 457 14.20 18.18 -3.33
CA ASP H 457 14.38 18.06 -4.78
C ASP H 457 13.69 19.18 -5.54
N VAL H 458 13.80 20.39 -4.99
CA VAL H 458 13.37 21.61 -5.66
C VAL H 458 14.56 22.16 -6.41
N PHE H 459 14.56 21.90 -7.70
CA PHE H 459 15.60 22.37 -8.57
C PHE H 459 14.99 23.51 -9.34
N GLY H 460 15.78 24.54 -9.51
CA GLY H 460 15.31 25.56 -10.45
C GLY H 460 16.56 25.97 -11.14
N ALA H 461 16.40 26.29 -12.42
CA ALA H 461 17.55 26.67 -13.20
C ALA H 461 18.27 27.89 -12.65
N GLN H 462 17.51 28.69 -11.87
CA GLN H 462 18.05 29.90 -11.28
C GLN H 462 18.98 29.70 -10.10
N SER H 463 18.85 28.57 -9.40
CA SER H 463 19.58 28.37 -8.15
C SER H 463 20.68 27.32 -8.31
N PRO H 464 21.87 27.58 -7.79
CA PRO H 464 22.98 26.64 -8.01
C PRO H 464 22.83 25.36 -7.21
N PHE H 465 23.54 24.33 -7.68
CA PHE H 465 23.53 23.02 -7.09
C PHE H 465 24.93 22.44 -7.18
N GLY H 466 25.36 21.79 -6.11
CA GLY H 466 26.62 21.04 -6.13
C GLY H 466 27.09 20.69 -4.74
N GLY H 467 28.22 19.99 -4.68
CA GLY H 467 28.63 19.39 -3.43
C GLY H 467 29.57 20.15 -2.53
N TYR H 468 29.40 19.92 -1.25
CA TYR H 468 30.47 20.09 -0.27
C TYR H 468 31.23 18.76 -0.18
N LYS H 469 32.42 18.84 0.40
CA LYS H 469 33.19 17.64 0.76
C LYS H 469 33.42 16.76 -0.47
N MET H 470 33.24 15.44 -0.36
CA MET H 470 33.52 14.59 -1.51
CA MET H 470 33.51 14.54 -1.47
C MET H 470 32.29 14.34 -2.37
N SER H 471 31.30 15.20 -2.23
CA SER H 471 30.18 15.23 -3.18
C SER H 471 30.46 16.07 -4.42
N GLY H 472 31.62 16.71 -4.49
CA GLY H 472 31.98 17.42 -5.70
C GLY H 472 32.60 18.77 -5.43
N SER H 473 32.84 19.48 -6.51
CA SER H 473 33.39 20.83 -6.45
C SER H 473 32.78 21.62 -7.58
N GLY H 474 32.59 22.90 -7.34
CA GLY H 474 31.95 23.74 -8.31
C GLY H 474 30.44 23.62 -8.20
N ARG H 475 29.77 24.50 -8.91
CA ARG H 475 28.32 24.56 -8.92
C ARG H 475 27.80 24.60 -10.35
N GLU H 476 26.67 23.94 -10.53
CA GLU H 476 25.87 23.98 -11.72
C GLU H 476 24.58 24.75 -11.48
N LEU H 477 23.97 25.22 -12.55
CA LEU H 477 22.78 26.06 -12.52
C LEU H 477 23.05 27.45 -11.99
N GLY H 478 22.09 28.34 -12.21
CA GLY H 478 22.26 29.71 -11.74
C GLY H 478 23.35 30.47 -12.50
N GLU H 479 23.62 31.68 -12.01
CA GLU H 479 24.73 32.46 -12.54
C GLU H 479 26.04 31.72 -12.26
N TYR H 480 26.08 31.01 -11.13
CA TYR H 480 27.28 30.31 -10.70
C TYR H 480 27.72 29.25 -11.69
N GLY H 481 26.74 28.66 -12.38
CA GLY H 481 27.04 27.68 -13.44
C GLY H 481 27.87 28.18 -14.60
N LEU H 482 28.01 29.51 -14.73
CA LEU H 482 28.86 30.13 -15.77
C LEU H 482 30.32 30.25 -15.39
N GLN H 483 30.61 30.18 -14.10
N GLN H 483 30.64 30.21 -14.10
CA GLN H 483 31.95 30.52 -13.60
CA GLN H 483 31.99 30.55 -13.66
C GLN H 483 33.02 29.57 -14.13
C GLN H 483 33.01 29.57 -14.23
N ALA H 484 32.68 28.29 -14.19
CA ALA H 484 33.67 27.26 -14.60
C ALA H 484 33.82 27.25 -16.11
N TYR H 485 32.98 27.98 -16.85
CA TYR H 485 33.04 27.99 -18.30
C TYR H 485 33.62 29.31 -18.82
N THR H 486 34.18 30.10 -17.89
CA THR H 486 34.76 31.41 -18.19
C THR H 486 36.25 31.42 -17.85
N GLU H 487 37.05 31.96 -18.79
CA GLU H 487 38.47 32.25 -18.52
C GLU H 487 38.56 33.78 -18.45
N VAL H 488 39.16 34.30 -17.37
CA VAL H 488 39.20 35.73 -17.13
C VAL H 488 40.51 36.30 -17.62
N LYS H 489 40.42 37.32 -18.47
CA LYS H 489 41.61 38.05 -18.95
C LYS H 489 41.56 39.46 -18.41
N THR H 490 42.64 39.88 -17.78
CA THR H 490 42.83 41.30 -17.40
C THR H 490 43.57 42.02 -18.49
N VAL H 491 43.06 43.17 -18.92
CA VAL H 491 43.77 44.08 -19.85
C VAL H 491 44.01 45.37 -19.12
N THR H 492 45.28 45.76 -18.99
CA THR H 492 45.71 46.94 -18.23
C THR H 492 46.52 47.83 -19.17
N VAL H 493 45.94 49.00 -19.42
CA VAL H 493 46.37 49.91 -20.49
C VAL H 493 46.90 51.21 -19.87
N LYS H 494 48.11 51.61 -20.23
CA LYS H 494 48.66 52.91 -19.79
C LYS H 494 47.83 53.99 -20.45
N VAL H 495 47.39 54.97 -19.65
CA VAL H 495 46.66 56.15 -20.17
C VAL H 495 47.38 57.44 -19.78
N PRO H 496 47.13 58.54 -20.53
CA PRO H 496 47.84 59.80 -20.19
C PRO H 496 47.65 60.31 -18.77
N GLN H 497 46.41 60.27 -18.27
CA GLN H 497 46.17 60.73 -16.92
C GLN H 497 44.84 60.18 -16.43
N LYS H 498 44.91 59.27 -15.48
CA LYS H 498 43.70 58.66 -14.93
C LYS H 498 42.96 59.64 -14.04
N ASN H 499 41.63 59.69 -14.24
CA ASN H 499 40.74 60.48 -13.37
C ASN H 499 39.58 59.60 -12.96
N SER H 500 39.01 59.92 -11.81
CA SER H 500 37.79 59.21 -11.37
C SER H 500 36.63 59.37 -12.34
C GAI I . -43.83 -34.90 -4.82
N1 GAI I . -44.99 -35.32 -5.16
N2 GAI I . -43.53 -33.61 -4.80
N3 GAI I . -42.89 -35.81 -4.45
C GAI J . -49.57 -50.13 14.85
N1 GAI J . -49.75 -51.35 14.99
N2 GAI J . -50.60 -49.27 14.90
N3 GAI J . -48.34 -49.65 14.62
C GAI K . -11.69 -25.50 2.98
N1 GAI K . -12.06 -24.35 2.62
N2 GAI K . -10.41 -25.80 3.04
N3 GAI K . -12.60 -26.44 3.31
C1 EDO L . -43.09 -47.96 -3.91
O1 EDO L . -43.72 -47.47 -2.73
C2 EDO L . -41.67 -48.38 -3.54
O2 EDO L . -40.93 -47.24 -3.07
C1 EDO M . -31.95 -45.64 7.32
O1 EDO M . -30.95 -46.47 7.92
C2 EDO M . -31.55 -44.95 6.03
O2 EDO M . -31.90 -43.56 5.99
C1 EDO N . -18.41 -2.44 -19.50
O1 EDO N . -17.63 -3.59 -19.18
C2 EDO N . -17.45 -1.32 -19.89
O2 EDO N . -16.79 -0.81 -18.71
C1 EDO O . -15.88 -19.49 -23.69
O1 EDO O . -15.24 -20.34 -24.65
C2 EDO O . -16.90 -18.66 -24.46
O2 EDO O . -17.86 -19.56 -24.99
C1 EDO P . -20.07 -22.12 28.11
O1 EDO P . -20.09 -23.01 26.99
C2 EDO P . -20.36 -22.84 29.42
O2 EDO P . -19.27 -23.69 29.69
NA NA Q . -65.22 -30.03 26.11
C GAI R . -29.90 -22.48 20.57
N1 GAI R . -31.17 -22.32 20.40
N2 GAI R . -29.14 -21.43 20.87
N3 GAI R . -29.31 -23.66 20.44
C1 EDO S . -18.13 -29.33 21.74
O1 EDO S . -19.30 -29.79 21.05
C2 EDO S . -18.08 -27.81 21.78
O2 EDO S . -18.12 -27.25 20.47
C1 EDO T . -23.04 -39.12 11.42
O1 EDO T . -22.56 -40.45 11.22
C2 EDO T . -23.85 -38.94 12.70
O2 EDO T . -25.06 -38.20 12.52
C1 EDO U . -70.87 -32.39 33.03
O1 EDO U . -70.01 -33.50 32.72
C2 EDO U . -72.28 -32.91 33.25
O2 EDO U . -72.85 -33.49 32.05
C1 EDO V . -56.73 -43.33 38.75
O1 EDO V . -56.50 -43.59 37.37
C2 EDO V . -55.51 -42.59 39.29
O2 EDO V . -54.54 -43.58 39.60
C1 EDO W . -46.96 -45.28 -11.21
O1 EDO W . -46.22 -45.16 -9.98
C2 EDO W . -45.99 -45.60 -12.35
O2 EDO W . -45.73 -47.00 -12.33
NA NA X . -7.35 -67.51 -18.67
C GAI Y . -5.48 -46.80 11.45
N1 GAI Y . -5.43 -47.88 10.81
N2 GAI Y . -6.45 -45.91 11.29
N3 GAI Y . -4.53 -46.50 12.35
C GAI Z . -19.60 -40.45 31.76
N1 GAI Z . -20.01 -40.52 30.56
N2 GAI Z . -19.49 -39.28 32.39
N3 GAI Z . -19.26 -41.57 32.42
C GAI AA . -13.07 -81.58 -24.86
N1 GAI AA . -13.67 -81.90 -25.93
N2 GAI AA . -12.89 -80.28 -24.56
N3 GAI AA . -12.60 -82.51 -24.03
C1 EDO BA . -8.85 -34.84 15.89
O1 EDO BA . -9.26 -35.77 16.88
C2 EDO BA . -10.09 -34.34 15.18
O2 EDO BA . -10.72 -35.36 14.36
C1 EDO CA . -4.64 -67.42 -27.43
O1 EDO CA . -5.61 -66.38 -27.28
C2 EDO CA . -4.82 -68.14 -28.76
O2 EDO CA . -6.07 -68.82 -28.85
C1 EDO DA . -6.00 -49.85 -24.77
O1 EDO DA . -6.49 -49.72 -26.11
C2 EDO DA . -4.80 -50.75 -24.85
O2 EDO DA . -3.78 -49.99 -25.48
C1 EDO EA . -43.33 -65.69 7.09
O1 EDO EA . -42.50 -64.56 6.78
C2 EDO EA . -44.30 -65.44 8.25
O2 EDO EA . -45.34 -64.62 7.76
C1 EDO FA . -9.38 -82.21 -20.49
O1 EDO FA . -9.50 -81.04 -21.32
C2 EDO FA . -10.73 -82.90 -20.40
O2 EDO FA . -11.05 -83.38 -21.70
NA NA GA . -14.93 -65.17 43.31
C GAI HA . -31.41 -64.57 10.58
N1 GAI HA . -31.84 -65.47 9.80
N2 GAI HA . -31.93 -63.34 10.53
N3 GAI HA . -30.41 -64.90 11.41
C GAI IA . -29.93 -52.70 -12.01
N1 GAI IA . -29.16 -53.68 -12.29
N2 GAI IA . -30.91 -52.36 -12.84
N3 GAI IA . -29.80 -52.03 -10.87
C GAI JA . -21.91 -66.20 51.50
N1 GAI JA . -22.86 -66.52 50.75
N2 GAI JA . -21.81 -64.96 51.98
N3 GAI JA . -20.99 -67.12 51.81
C1 EDO KA . -40.59 -57.99 4.05
O1 EDO KA . -39.50 -58.07 3.12
C2 EDO KA . -40.71 -56.57 4.60
O2 EDO KA . -39.52 -56.14 5.25
C1 EDO LA . -16.59 -66.30 52.16
O1 EDO LA . -17.22 -65.05 52.00
C2 EDO LA . -16.17 -66.37 53.63
O2 EDO LA . -15.00 -65.58 53.90
C1 EDO MA . 5.95 -39.50 15.18
O1 EDO MA . 6.24 -40.15 13.93
C2 EDO MA . 5.27 -38.20 14.81
O2 EDO MA . 6.20 -37.42 14.03
NA NA NA . 21.01 72.30 20.09
C GAI OA . 30.90 63.65 -14.09
N1 GAI OA . 31.34 62.46 -13.98
N2 GAI OA . 31.31 64.42 -15.12
N3 GAI OA . 30.06 64.20 -13.20
C GAI PA . 25.21 47.14 -32.62
N1 GAI PA . 26.10 46.68 -33.37
N2 GAI PA . 24.30 47.97 -33.12
N3 GAI PA . 25.18 46.81 -31.34
C1 EDO QA . 38.76 55.54 -20.72
O1 EDO QA . 37.48 55.52 -21.38
C2 EDO QA . 38.96 54.26 -19.91
O2 EDO QA . 37.98 54.13 -18.86
C1 EDO RA . 24.68 75.39 27.86
O1 EDO RA . 25.16 74.06 27.70
C2 EDO RA . 24.41 75.54 29.35
O2 EDO RA . 23.29 74.73 29.73
C1 EDO SA . 30.42 43.64 -14.03
O1 EDO SA . 30.72 42.26 -13.85
C2 EDO SA . 31.02 44.58 -12.97
O2 EDO SA . 30.10 45.55 -12.45
C1 EDO TA . 38.97 67.11 21.12
O1 EDO TA . 39.34 66.78 22.45
C2 EDO TA . 38.95 68.61 21.01
O2 EDO TA . 40.29 69.02 21.27
NA NA UA . 1.42 60.72 -37.92
C GAI VA . 5.97 47.13 -4.20
N1 GAI VA . 6.87 46.24 -4.42
N2 GAI VA . 5.73 48.11 -5.08
N3 GAI VA . 5.22 47.17 -3.08
C GAI WA . 23.80 45.40 13.75
N1 GAI WA . 23.97 45.12 12.53
N2 GAI WA . 23.58 46.65 14.16
N3 GAI WA . 23.85 44.43 14.66
C GAI XA . 5.44 72.86 -47.81
N1 GAI XA . 5.94 73.03 -48.97
N2 GAI XA . 5.03 73.87 -47.04
N3 GAI XA . 5.32 71.62 -47.33
C GAI YA . 18.98 67.04 -51.39
N1 GAI YA . 18.75 68.29 -51.44
N2 GAI YA . 20.10 66.51 -50.87
N3 GAI YA . 18.08 66.18 -51.86
C1 EDO ZA . 11.40 35.91 1.20
O1 EDO ZA . 11.85 36.75 0.11
C2 EDO ZA . 10.30 36.56 2.04
O2 EDO ZA . 10.87 37.71 2.70
C1 EDO AB . -2.96 58.87 -45.63
O1 EDO AB . -1.96 57.84 -45.48
C2 EDO AB . -3.08 59.27 -47.10
O2 EDO AB . -1.88 59.85 -47.61
C1 EDO BB . 24.57 39.54 -4.77
O1 EDO BB . 25.67 38.67 -5.04
C2 EDO BB . 23.34 39.39 -5.65
O2 EDO BB . 22.90 40.55 -6.39
C1 EDO CB . -1.27 42.49 -39.62
O1 EDO CB . -0.69 42.12 -40.89
C2 EDO CB . -2.70 41.98 -39.47
O2 EDO CB . -2.71 40.54 -39.50
C1 EDO DB . 41.80 63.78 -20.04
O1 EDO DB . 40.94 62.63 -19.87
C2 EDO DB . 43.02 63.75 -19.11
O2 EDO DB . 43.85 62.64 -19.43
C1 EDO EB . -6.39 40.31 -9.70
O1 EDO EB . -5.91 41.10 -8.61
C2 EDO EB . -7.84 40.71 -9.99
O2 EDO EB . -7.92 42.03 -10.48
C1 EDO FB . 4.10 75.49 -43.41
O1 EDO FB . 4.18 75.66 -44.83
C2 EDO FB . 2.75 74.88 -43.04
O2 EDO FB . 2.72 73.55 -43.56
NA NA GB . 67.56 32.71 2.05
C GAI HB . 32.06 25.02 5.24
N1 GAI HB . 33.26 24.78 4.90
N2 GAI HB . 31.49 26.19 4.99
N3 GAI HB . 31.31 24.11 5.86
C GAI IB . 10.83 24.58 -8.79
N1 GAI IB . 11.67 25.52 -8.87
N2 GAI IB . 9.56 24.84 -8.47
N3 GAI IB . 11.21 23.31 -9.01
C GAI JB . 76.33 44.43 -15.64
N1 GAI JB . 75.36 44.91 -16.30
N2 GAI JB . 76.67 44.98 -14.48
N3 GAI JB . 77.07 43.38 -16.06
C1 EDO KB . 20.59 30.90 7.50
O1 EDO KB . 20.39 30.06 6.35
C2 EDO KB . 20.61 32.33 6.93
O2 EDO KB . 21.73 32.53 6.08
C1 EDO LB . 74.38 35.91 6.86
O1 EDO LB . 73.55 37.09 6.82
C2 EDO LB . 75.85 36.27 6.73
O2 EDO LB . 76.15 36.76 5.40
C1 EDO MB . 61.06 44.98 14.40
O1 EDO MB . 62.03 46.04 14.39
C2 EDO MB . 61.37 44.05 15.57
O2 EDO MB . 60.81 44.66 16.73
NA NA NB . 19.26 1.55 -21.82
MG MG OB . 29.99 -4.92 -30.41
C GAI PB . 40.51 31.14 -24.61
N1 GAI PB . 41.53 31.46 -25.35
N2 GAI PB . 39.65 32.13 -24.32
N3 GAI PB . 40.33 29.89 -24.18
C GAI QB . 49.70 50.15 -10.25
N1 GAI QB . 49.82 51.32 -10.69
N2 GAI QB . 48.47 49.67 -10.06
N3 GAI QB . 50.78 49.39 -9.97
C1 EDO RB . 39.75 44.00 -26.36
O1 EDO RB . 40.69 43.82 -25.32
C2 EDO RB . 38.46 44.59 -25.83
O2 EDO RB . 37.74 43.58 -25.12
C1 EDO SB . 13.21 -2.73 -26.16
O1 EDO SB . 12.24 -1.79 -26.57
C2 EDO SB . 12.58 -4.09 -25.86
O2 EDO SB . 11.34 -4.03 -25.17
C1 EDO TB . 9.99 12.76 -33.77
O1 EDO TB . 8.99 13.31 -34.62
C2 EDO TB . 11.11 12.17 -34.58
O2 EDO TB . 10.60 11.47 -35.73
C1 EDO UB . 23.83 26.76 14.42
O1 EDO UB . 23.66 27.23 13.07
C2 EDO UB . 24.34 27.89 15.31
O2 EDO UB . 23.18 28.61 15.69
#